data_8X78
#
_entry.id   8X78
#
_cell.length_a   142.588
_cell.length_b   87.671
_cell.length_c   159.239
_cell.angle_alpha   90.00
_cell.angle_beta   115.79
_cell.angle_gamma   90.00
#
_symmetry.space_group_name_H-M   'P 1 21 1'
#
loop_
_entity.id
_entity.type
_entity.pdbx_description
1 polymer 'Glyoxylase, beta-lactamase superfamily II'
2 non-polymer GLYCEROL
3 non-polymer 'ZINC ION'
4 water water
#
_entity_poly.entity_id   1
_entity_poly.type   'polypeptide(L)'
_entity_poly.pdbx_seq_one_letter_code
;MKAIPATPRDTDWSIWSLAYCQVDMAKDFFGGAGIFSNSGTCINPMIYTLLVGGEVGGKQHVVLVDCGFQNDHWLTRYAF
SSWEDPKDVLGRVGFSPEDVDTILVTHMHFDHMGNFEAFPNAKLYIQLDEYTGWSKAVCSSHQHETEEEKEWVFTSFDPA
DLIRAAQGISDGRVKFITGDEEILPGITARLAKDSHTFGSQWFEVNTHNGPFIAAGDIVYWYSNIERMWPPGYHQGNAFN
QIDVYRQMRSVVKNKFERIIPGHDAEIWNRHNTWTAPNGNQIAELNLKDGDTSRRPDTSNQKILFT
;
_entity_poly.pdbx_strand_id   L,K,G,H,I,J,F,E,A,B,C,D
#
loop_
_chem_comp.id
_chem_comp.type
_chem_comp.name
_chem_comp.formula
GOL non-polymer GLYCEROL 'C3 H8 O3'
ZN non-polymer 'ZINC ION' 'Zn 2'
#
# COMPACT_ATOMS: atom_id res chain seq x y z
N ARG A 9 48.00 18.64 43.72
CA ARG A 9 48.11 17.22 43.93
C ARG A 9 48.77 16.97 45.25
N ASP A 10 49.35 18.01 45.82
CA ASP A 10 49.97 17.85 47.12
C ASP A 10 48.99 18.18 48.20
N THR A 11 48.39 17.15 48.73
CA THR A 11 47.45 17.32 49.82
C THR A 11 48.06 16.91 51.16
N ASP A 12 47.54 17.51 52.24
CA ASP A 12 47.95 17.20 53.61
C ASP A 12 46.81 17.56 54.55
N TRP A 13 46.60 16.72 55.56
CA TRP A 13 45.45 16.83 56.45
C TRP A 13 45.83 16.48 57.88
N SER A 14 45.34 17.27 58.83
CA SER A 14 45.33 16.90 60.24
C SER A 14 44.03 16.15 60.52
N ILE A 15 44.11 15.16 61.40
CA ILE A 15 42.98 14.26 61.65
C ILE A 15 42.81 14.07 63.15
N TRP A 16 41.62 14.36 63.65
CA TRP A 16 41.24 14.06 65.02
C TRP A 16 39.94 13.27 65.02
N SER A 17 39.90 12.19 65.79
CA SER A 17 38.69 11.41 66.04
C SER A 17 38.24 11.74 67.44
N LEU A 18 36.99 12.20 67.57
CA LEU A 18 36.48 12.76 68.82
C LEU A 18 35.22 12.01 69.27
N ALA A 19 35.24 11.50 70.51
CA ALA A 19 34.05 10.91 71.11
C ALA A 19 33.10 11.98 71.65
N TYR A 20 31.84 11.88 71.26
CA TYR A 20 30.80 12.78 71.75
C TYR A 20 29.81 12.09 72.66
N CYS A 21 29.89 10.77 72.80
CA CYS A 21 28.93 10.00 73.57
C CYS A 21 29.47 8.58 73.71
N GLN A 22 28.86 7.81 74.62
CA GLN A 22 29.24 6.43 74.84
C GLN A 22 28.00 5.57 74.91
N VAL A 23 28.15 4.31 74.50
CA VAL A 23 27.06 3.33 74.48
C VAL A 23 27.58 2.02 75.08
N ASP A 24 26.79 1.43 75.96
CA ASP A 24 27.06 0.12 76.52
C ASP A 24 26.28 -0.89 75.69
N MET A 25 26.98 -1.87 75.12
CA MET A 25 26.37 -2.71 74.10
C MET A 25 26.93 -4.12 74.18
N ALA A 26 26.09 -5.11 73.90
CA ALA A 26 26.56 -6.49 73.80
C ALA A 26 27.66 -6.57 72.74
N LYS A 27 28.72 -7.33 73.04
CA LYS A 27 29.87 -7.34 72.15
C LYS A 27 29.54 -7.94 70.78
N ASP A 28 28.69 -8.96 70.72
CA ASP A 28 28.40 -9.58 69.42
C ASP A 28 27.77 -8.59 68.45
N PHE A 29 27.07 -7.58 68.97
CA PHE A 29 26.49 -6.53 68.14
C PHE A 29 27.52 -5.93 67.20
N PHE A 30 28.65 -5.47 67.76
CA PHE A 30 29.68 -4.84 66.97
C PHE A 30 30.71 -5.84 66.43
N GLY A 31 30.95 -6.93 67.14
CA GLY A 31 32.10 -7.78 66.88
C GLY A 31 31.77 -9.04 66.12
N GLY A 32 30.52 -9.49 66.21
CA GLY A 32 30.12 -10.62 65.41
C GLY A 32 29.46 -11.76 66.16
N ALA A 33 28.48 -12.40 65.54
CA ALA A 33 27.88 -13.58 66.11
C ALA A 33 28.89 -14.72 66.11
N GLY A 34 28.68 -15.69 66.99
CA GLY A 34 29.60 -16.79 67.12
C GLY A 34 30.83 -16.41 67.91
N ILE A 35 31.75 -15.64 67.33
CA ILE A 35 33.00 -15.37 68.04
C ILE A 35 32.77 -14.51 69.26
N PHE A 36 31.83 -13.56 69.20
CA PHE A 36 31.57 -12.66 70.32
C PHE A 36 30.19 -12.90 70.92
N SER A 37 29.60 -14.05 70.65
CA SER A 37 28.30 -14.37 71.22
C SER A 37 28.43 -14.61 72.71
N ASN A 38 27.43 -14.16 73.47
CA ASN A 38 27.38 -14.37 74.92
C ASN A 38 28.67 -13.92 75.59
N SER A 39 29.19 -12.76 75.18
CA SER A 39 30.42 -12.23 75.76
C SER A 39 30.16 -11.04 76.67
N GLY A 40 28.92 -10.82 77.08
CA GLY A 40 28.64 -9.68 77.92
C GLY A 40 28.60 -8.39 77.13
N THR A 41 28.76 -7.28 77.85
CA THR A 41 28.74 -5.94 77.27
C THR A 41 30.06 -5.22 77.54
N CYS A 42 30.18 -4.05 76.90
CA CYS A 42 31.31 -3.15 77.08
C CYS A 42 30.88 -1.78 76.60
N ILE A 43 31.64 -0.76 76.97
CA ILE A 43 31.37 0.61 76.55
C ILE A 43 32.03 0.81 75.19
N ASN A 44 31.32 1.48 74.29
CA ASN A 44 31.89 1.78 73.00
C ASN A 44 31.66 3.24 72.66
N PRO A 45 32.64 3.90 72.07
CA PRO A 45 32.50 5.32 71.77
C PRO A 45 31.59 5.58 70.58
N MET A 46 30.90 6.70 70.69
CA MET A 46 30.19 7.33 69.58
C MET A 46 31.10 8.46 69.09
N ILE A 47 31.41 8.44 67.80
CA ILE A 47 32.56 9.16 67.28
C ILE A 47 32.16 9.99 66.07
N TYR A 48 32.78 11.15 65.93
CA TYR A 48 32.94 11.77 64.62
C TYR A 48 34.40 12.21 64.47
N THR A 49 34.82 12.45 63.23
CA THR A 49 36.22 12.70 62.91
C THR A 49 36.40 14.06 62.24
N LEU A 50 37.34 14.85 62.73
CA LEU A 50 37.62 16.17 62.17
C LEU A 50 38.85 16.09 61.27
N LEU A 51 38.74 16.63 60.07
CA LEU A 51 39.85 16.73 59.12
C LEU A 51 40.04 18.20 58.74
N VAL A 52 41.26 18.70 58.84
CA VAL A 52 41.54 20.09 58.51
C VAL A 52 42.72 20.11 57.55
N GLY A 53 42.51 20.68 56.37
CA GLY A 53 43.56 20.74 55.39
C GLY A 53 43.00 20.80 53.97
N GLY A 54 43.68 20.09 53.06
CA GLY A 54 43.41 20.20 51.64
C GLY A 54 44.69 20.38 50.84
N GLU A 55 44.61 21.11 49.73
CA GLU A 55 45.79 21.34 48.90
C GLU A 55 46.78 22.26 49.60
N VAL A 56 48.03 21.79 49.72
CA VAL A 56 49.08 22.61 50.32
C VAL A 56 49.20 23.92 49.56
N GLY A 57 49.25 25.03 50.29
CA GLY A 57 49.19 26.33 49.67
C GLY A 57 47.83 26.70 49.13
N GLY A 58 46.77 25.99 49.53
CA GLY A 58 45.44 26.27 49.08
C GLY A 58 44.47 26.51 50.23
N LYS A 59 43.18 26.60 49.91
CA LYS A 59 42.17 26.80 50.94
C LYS A 59 42.17 25.65 51.93
N GLN A 60 42.31 25.99 53.22
CA GLN A 60 42.26 24.98 54.27
C GLN A 60 40.80 24.71 54.63
N HIS A 61 40.31 23.54 54.23
CA HIS A 61 38.97 23.06 54.57
C HIS A 61 38.92 22.56 55.99
N VAL A 62 37.74 22.67 56.60
CA VAL A 62 37.42 22.08 57.90
C VAL A 62 36.26 21.12 57.68
N VAL A 63 36.52 19.83 57.79
CA VAL A 63 35.54 18.81 57.40
C VAL A 63 35.30 17.86 58.57
N LEU A 64 34.05 17.39 58.65
CA LEU A 64 33.64 16.33 59.58
C LEU A 64 33.25 15.10 58.76
N VAL A 65 33.72 13.93 59.18
CA VAL A 65 33.11 12.69 58.74
C VAL A 65 32.06 12.33 59.81
N ASP A 66 30.79 12.47 59.46
CA ASP A 66 29.69 12.23 60.38
C ASP A 66 29.66 13.31 61.45
N CYS A 67 28.54 13.39 62.17
CA CYS A 67 28.34 14.49 63.10
C CYS A 67 27.50 14.09 64.29
N GLY A 68 27.31 12.81 64.55
CA GLY A 68 26.59 12.39 65.74
C GLY A 68 25.09 12.65 65.66
N PHE A 69 24.41 12.30 66.74
CA PHE A 69 22.99 12.56 66.84
C PHE A 69 22.71 13.62 67.91
N GLN A 70 21.45 14.03 67.98
CA GLN A 70 21.06 15.05 68.93
C GLN A 70 20.71 14.42 70.27
N ASN A 71 20.73 15.23 71.33
CA ASN A 71 20.22 14.79 72.63
C ASN A 71 18.71 14.89 72.58
N ASP A 72 18.10 13.85 72.03
CA ASP A 72 16.66 13.80 71.76
C ASP A 72 16.19 12.43 72.22
N HIS A 73 15.08 11.97 71.67
CA HIS A 73 14.53 10.68 72.08
C HIS A 73 15.54 9.53 71.91
N TRP A 74 16.53 9.68 71.03
CA TRP A 74 17.49 8.61 70.81
C TRP A 74 18.32 8.30 72.04
N LEU A 75 18.53 9.30 72.91
CA LEU A 75 19.32 9.03 74.11
C LEU A 75 18.70 7.93 74.97
N THR A 76 17.40 7.69 74.85
CA THR A 76 16.75 6.64 75.62
C THR A 76 16.58 5.29 74.91
N ARG A 77 16.78 5.20 73.61
CA ARG A 77 16.58 3.93 72.93
C ARG A 77 17.81 3.04 72.97
N TYR A 78 18.85 3.42 73.69
CA TYR A 78 20.08 2.66 73.83
C TYR A 78 20.80 3.17 75.08
N ALA A 79 21.85 2.46 75.49
CA ALA A 79 22.47 2.75 76.78
C ALA A 79 23.61 3.76 76.61
N PHE A 80 23.19 4.97 76.25
CA PHE A 80 24.08 6.07 75.97
C PHE A 80 24.45 6.81 77.26
N SER A 81 25.62 7.44 77.24
CA SER A 81 26.01 8.22 78.41
C SER A 81 27.04 9.24 77.97
N SER A 82 27.04 10.39 78.65
CA SER A 82 28.04 11.44 78.46
C SER A 82 27.90 12.11 77.08
N TRP A 83 26.68 12.25 76.61
CA TRP A 83 26.46 12.96 75.35
C TRP A 83 26.94 14.41 75.48
N GLU A 84 27.56 14.93 74.42
CA GLU A 84 28.08 16.28 74.45
C GLU A 84 27.73 17.04 73.18
N ASP A 85 27.55 18.34 73.34
CA ASP A 85 27.21 19.24 72.26
C ASP A 85 28.43 19.42 71.37
N PRO A 86 28.25 19.60 70.06
CA PRO A 86 29.41 19.82 69.18
C PRO A 86 30.26 21.04 69.57
N LYS A 87 29.64 22.06 70.16
CA LYS A 87 30.40 23.21 70.65
C LYS A 87 31.47 22.77 71.64
N ASP A 88 31.14 21.83 72.54
CA ASP A 88 32.08 21.33 73.54
C ASP A 88 33.13 20.42 72.89
N VAL A 89 32.70 19.50 72.01
CA VAL A 89 33.62 18.51 71.44
C VAL A 89 34.65 19.16 70.53
N LEU A 90 34.22 20.02 69.60
CA LEU A 90 35.18 20.62 68.67
C LEU A 90 36.01 21.69 69.36
N GLY A 91 35.45 22.34 70.38
CA GLY A 91 36.21 23.33 71.13
C GLY A 91 37.50 22.76 71.69
N ARG A 92 37.49 21.49 72.08
CA ARG A 92 38.69 20.90 72.66
C ARG A 92 39.83 20.81 71.66
N VAL A 93 39.54 20.78 70.37
CA VAL A 93 40.59 20.74 69.36
C VAL A 93 40.72 22.07 68.64
N GLY A 94 40.05 23.12 69.13
CA GLY A 94 40.29 24.45 68.63
C GLY A 94 39.41 24.88 67.48
N PHE A 95 38.20 24.35 67.38
CA PHE A 95 37.30 24.72 66.30
C PHE A 95 35.89 24.88 66.87
N SER A 96 35.00 25.44 66.05
CA SER A 96 33.60 25.54 66.41
C SER A 96 32.75 25.03 65.27
N PRO A 97 31.50 24.64 65.54
CA PRO A 97 30.66 24.06 64.47
C PRO A 97 30.50 24.96 63.26
N GLU A 98 30.64 26.27 63.46
CA GLU A 98 30.51 27.25 62.39
C GLU A 98 31.67 27.18 61.41
N ASP A 99 32.81 26.65 61.87
CA ASP A 99 33.98 26.44 61.02
C ASP A 99 33.82 25.27 60.06
N VAL A 100 32.95 24.32 60.37
CA VAL A 100 32.81 23.13 59.54
C VAL A 100 32.10 23.51 58.25
N ASP A 101 32.80 23.37 57.12
CA ASP A 101 32.26 23.66 55.79
C ASP A 101 31.77 22.42 55.05
N THR A 102 32.12 21.22 55.50
CA THR A 102 31.71 20.01 54.80
C THR A 102 31.50 18.90 55.82
N ILE A 103 30.38 18.20 55.72
CA ILE A 103 30.15 16.99 56.51
C ILE A 103 30.04 15.83 55.54
N LEU A 104 30.99 14.90 55.63
CA LEU A 104 30.98 13.69 54.82
C LEU A 104 30.23 12.61 55.59
N VAL A 105 29.10 12.15 55.02
CA VAL A 105 28.19 11.26 55.71
C VAL A 105 28.48 9.84 55.24
N THR A 106 28.98 9.00 56.15
CA THR A 106 29.24 7.60 55.81
C THR A 106 27.94 6.87 55.48
N HIS A 107 26.87 7.13 56.24
CA HIS A 107 25.58 6.48 56.04
C HIS A 107 24.54 7.21 56.89
N MET A 108 23.26 6.92 56.63
CA MET A 108 22.18 7.71 57.20
C MET A 108 21.62 7.14 58.51
N HIS A 109 22.37 6.27 59.19
CA HIS A 109 21.96 5.92 60.55
C HIS A 109 21.96 7.19 61.41
N PHE A 110 21.04 7.23 62.38
CA PHE A 110 20.77 8.44 63.15
C PHE A 110 22.03 9.00 63.78
N ASP A 111 22.90 8.13 64.26
CA ASP A 111 24.07 8.59 64.98
C ASP A 111 25.20 9.03 64.06
N HIS A 112 24.98 9.08 62.73
CA HIS A 112 25.99 9.66 61.85
C HIS A 112 25.51 10.88 61.09
N MET A 113 24.21 11.14 61.02
CA MET A 113 23.74 12.34 60.35
C MET A 113 22.71 13.14 61.15
N GLY A 114 22.33 12.68 62.35
CA GLY A 114 21.29 13.29 63.13
C GLY A 114 21.50 14.78 63.36
N ASN A 115 22.64 15.15 63.93
CA ASN A 115 22.88 16.52 64.35
C ASN A 115 23.47 17.42 63.24
N PHE A 116 23.22 17.17 61.95
CA PHE A 116 23.93 17.99 60.97
C PHE A 116 23.43 19.44 60.94
N GLU A 117 22.19 19.69 61.33
CA GLU A 117 21.76 21.08 61.30
C GLU A 117 22.46 21.93 62.35
N ALA A 118 23.22 21.32 63.26
CA ALA A 118 24.01 22.11 64.20
C ALA A 118 25.24 22.74 63.56
N PHE A 119 25.53 22.47 62.28
CA PHE A 119 26.68 23.04 61.57
C PHE A 119 26.11 23.87 60.42
N PRO A 120 25.78 25.13 60.67
CA PRO A 120 24.96 25.89 59.71
C PRO A 120 25.66 26.26 58.41
N ASN A 121 26.98 26.15 58.35
CA ASN A 121 27.73 26.49 57.15
C ASN A 121 28.18 25.27 56.37
N ALA A 122 27.78 24.08 56.80
CA ALA A 122 28.30 22.86 56.23
C ALA A 122 27.41 22.35 55.10
N LYS A 123 28.04 21.89 54.03
CA LYS A 123 27.35 21.12 53.01
C LYS A 123 27.44 19.65 53.38
N LEU A 124 26.36 18.92 53.11
CA LEU A 124 26.25 17.49 53.40
C LEU A 124 26.48 16.68 52.13
N TYR A 125 27.33 15.65 52.22
CA TYR A 125 27.59 14.71 51.13
C TYR A 125 27.06 13.32 51.45
N ILE A 126 26.16 12.82 50.61
CA ILE A 126 25.54 11.52 50.80
C ILE A 126 25.52 10.76 49.47
N GLN A 127 25.70 9.44 49.53
CA GLN A 127 25.57 8.62 48.33
C GLN A 127 24.11 8.60 47.88
N LEU A 128 23.90 8.77 46.57
CA LEU A 128 22.53 8.68 46.07
C LEU A 128 21.87 7.37 46.47
N ASP A 129 22.63 6.26 46.44
CA ASP A 129 22.03 4.97 46.78
C ASP A 129 21.61 4.89 48.26
N GLU A 130 22.35 5.57 49.14
CA GLU A 130 21.94 5.61 50.53
C GLU A 130 20.59 6.31 50.67
N TYR A 131 20.45 7.49 50.08
CA TYR A 131 19.20 8.24 50.15
C TYR A 131 18.05 7.47 49.49
N THR A 132 18.27 6.93 48.28
CA THR A 132 17.18 6.23 47.60
C THR A 132 16.85 4.92 48.31
N GLY A 133 17.89 4.20 48.77
CA GLY A 133 17.62 2.98 49.52
C GLY A 133 16.72 3.20 50.72
N TRP A 134 17.00 4.22 51.52
CA TRP A 134 16.16 4.42 52.70
C TRP A 134 14.76 4.89 52.32
N SER A 135 14.62 5.73 51.28
CA SER A 135 13.29 6.15 50.83
C SER A 135 12.42 4.93 50.51
N LYS A 136 12.98 3.98 49.76
CA LYS A 136 12.25 2.74 49.43
C LYS A 136 11.95 1.92 50.67
N ALA A 137 12.96 1.72 51.52
CA ALA A 137 12.79 0.85 52.67
C ALA A 137 11.75 1.42 53.66
N VAL A 138 11.81 2.72 53.94
CA VAL A 138 10.84 3.32 54.85
C VAL A 138 9.43 3.13 54.30
N CYS A 139 9.27 3.37 53.01
CA CYS A 139 7.98 3.24 52.38
C CYS A 139 7.50 1.80 52.42
N SER A 140 8.39 0.85 52.09
CA SER A 140 8.03 -0.57 52.08
C SER A 140 7.62 -1.05 53.46
N SER A 141 8.29 -0.54 54.50
CA SER A 141 7.98 -1.01 55.84
C SER A 141 6.57 -0.62 56.25
N HIS A 142 6.05 0.49 55.73
CA HIS A 142 4.69 0.83 56.12
C HIS A 142 3.63 -0.06 55.51
N GLN A 143 4.01 -1.10 54.77
CA GLN A 143 3.09 -2.15 54.35
C GLN A 143 2.85 -3.17 55.43
N HIS A 144 3.66 -3.18 56.50
CA HIS A 144 3.37 -4.06 57.62
C HIS A 144 2.27 -3.45 58.49
N GLU A 145 1.38 -4.32 58.97
CA GLU A 145 0.18 -3.91 59.68
C GLU A 145 0.45 -3.56 61.13
N THR A 146 1.54 -4.09 61.71
CA THR A 146 1.93 -3.83 63.08
C THR A 146 3.24 -3.03 63.11
N GLU A 147 3.44 -2.32 64.22
CA GLU A 147 4.67 -1.57 64.44
C GLU A 147 5.82 -2.47 64.88
N GLU A 148 5.51 -3.61 65.51
CA GLU A 148 6.55 -4.56 65.91
C GLU A 148 7.25 -5.17 64.69
N GLU A 149 6.50 -5.36 63.61
CA GLU A 149 7.09 -5.87 62.39
C GLU A 149 7.98 -4.85 61.72
N LYS A 150 7.92 -3.59 62.15
CA LYS A 150 8.78 -2.55 61.62
C LYS A 150 10.02 -2.32 62.48
N GLU A 151 10.17 -2.97 63.64
CA GLU A 151 11.24 -2.54 64.53
C GLU A 151 12.61 -2.63 63.87
N TRP A 152 12.92 -3.74 63.19
CA TRP A 152 14.29 -3.92 62.73
C TRP A 152 14.77 -2.81 61.78
N VAL A 153 13.95 -2.39 60.80
CA VAL A 153 14.50 -1.40 59.88
C VAL A 153 14.83 -0.09 60.62
N PHE A 154 14.06 0.26 61.65
CA PHE A 154 14.23 1.55 62.31
C PHE A 154 15.10 1.49 63.55
N THR A 155 15.78 0.36 63.80
CA THR A 155 16.62 0.28 64.99
C THR A 155 17.68 1.36 65.01
N SER A 156 18.18 1.76 63.84
CA SER A 156 19.21 2.78 63.72
C SER A 156 18.83 3.90 62.77
N PHE A 157 17.56 3.99 62.37
CA PHE A 157 17.16 4.94 61.33
C PHE A 157 15.99 5.80 61.77
N ASP A 158 16.15 7.09 61.62
CA ASP A 158 15.15 8.04 62.06
C ASP A 158 14.45 8.61 60.83
N PRO A 159 13.18 8.30 60.60
CA PRO A 159 12.50 8.87 59.43
C PRO A 159 12.57 10.39 59.41
N ALA A 160 12.75 11.03 60.57
CA ALA A 160 12.97 12.46 60.61
C ALA A 160 14.25 12.87 59.88
N ASP A 161 15.24 11.98 59.79
CA ASP A 161 16.43 12.33 59.05
C ASP A 161 16.18 12.30 57.56
N LEU A 162 15.27 11.43 57.11
CA LEU A 162 14.86 11.46 55.71
C LEU A 162 14.26 12.80 55.36
N ILE A 163 13.43 13.34 56.26
CA ILE A 163 12.81 14.62 55.99
C ILE A 163 13.85 15.73 56.00
N ARG A 164 14.76 15.72 56.97
CA ARG A 164 15.82 16.73 56.99
C ARG A 164 16.68 16.61 55.73
N ALA A 165 16.96 15.38 55.30
CA ALA A 165 17.72 15.19 54.08
C ALA A 165 17.01 15.84 52.89
N ALA A 166 15.70 15.59 52.77
CA ALA A 166 14.96 16.19 51.65
C ALA A 166 14.97 17.71 51.74
N GLN A 167 14.81 18.26 52.96
CA GLN A 167 14.85 19.71 53.17
C GLN A 167 16.19 20.30 52.77
N GLY A 168 17.29 19.63 53.12
CA GLY A 168 18.61 20.11 52.71
C GLY A 168 18.86 20.01 51.22
N ILE A 169 18.29 18.99 50.58
CA ILE A 169 18.40 18.90 49.13
C ILE A 169 17.79 20.13 48.47
N SER A 170 16.56 20.48 48.86
CA SER A 170 15.90 21.65 48.27
C SER A 170 16.56 22.96 48.72
N ASP A 171 17.12 23.01 49.94
CA ASP A 171 17.88 24.17 50.39
C ASP A 171 19.19 24.35 49.64
N GLY A 172 19.66 23.33 48.92
CA GLY A 172 20.98 23.35 48.34
C GLY A 172 22.11 23.03 49.28
N ARG A 173 21.82 22.54 50.49
CA ARG A 173 22.86 22.19 51.46
C ARG A 173 23.25 20.72 51.42
N VAL A 174 22.48 19.88 50.75
CA VAL A 174 22.78 18.47 50.61
C VAL A 174 23.21 18.22 49.18
N LYS A 175 24.33 17.50 48.99
CA LYS A 175 24.84 17.13 47.67
C LYS A 175 24.99 15.62 47.60
N PHE A 176 24.64 15.05 46.45
CA PHE A 176 24.76 13.62 46.25
C PHE A 176 26.12 13.27 45.67
N ILE A 177 26.70 12.20 46.17
CA ILE A 177 27.79 11.51 45.49
C ILE A 177 27.20 10.25 44.86
N THR A 178 27.62 9.95 43.64
CA THR A 178 27.17 8.72 42.98
C THR A 178 28.43 7.95 42.60
N GLY A 179 28.80 7.02 43.47
CA GLY A 179 30.00 6.24 43.26
C GLY A 179 31.24 6.83 43.91
N ASP A 180 32.40 6.63 43.27
CA ASP A 180 33.66 7.14 43.78
C ASP A 180 33.92 8.55 43.23
N GLU A 181 34.52 9.39 44.06
CA GLU A 181 34.74 10.77 43.67
C GLU A 181 35.70 11.42 44.64
N GLU A 182 36.67 12.17 44.11
CA GLU A 182 37.49 13.01 44.96
C GLU A 182 36.72 14.31 45.19
N ILE A 183 36.02 14.39 46.33
CA ILE A 183 35.14 15.52 46.60
C ILE A 183 35.93 16.71 47.12
N LEU A 184 36.94 16.46 47.94
CA LEU A 184 37.88 17.49 48.38
C LEU A 184 39.31 17.10 48.00
N PRO A 185 40.24 18.06 47.96
CA PRO A 185 41.62 17.73 47.55
C PRO A 185 42.26 16.71 48.47
N GLY A 186 42.52 15.50 47.96
CA GLY A 186 43.13 14.45 48.74
C GLY A 186 42.18 13.60 49.55
N ILE A 187 40.88 13.83 49.45
CA ILE A 187 39.86 13.01 50.09
C ILE A 187 38.96 12.49 48.99
N THR A 188 39.01 11.19 48.76
CA THR A 188 38.19 10.54 47.75
C THR A 188 37.16 9.67 48.45
N ALA A 189 35.89 9.88 48.13
CA ALA A 189 34.82 9.05 48.64
C ALA A 189 34.73 7.73 47.88
N ARG A 190 34.50 6.64 48.61
CA ARG A 190 34.38 5.31 48.04
C ARG A 190 33.01 4.72 48.34
N LEU A 191 32.23 4.46 47.29
CA LEU A 191 30.94 3.81 47.45
C LEU A 191 31.13 2.35 47.82
N ALA A 192 30.46 1.91 48.88
CA ALA A 192 30.44 0.51 49.28
C ALA A 192 28.98 0.08 49.27
N LYS A 193 28.45 -0.19 48.08
CA LYS A 193 27.02 -0.49 47.93
C LYS A 193 26.64 -1.74 48.73
N ASP A 194 25.54 -1.63 49.48
CA ASP A 194 24.98 -2.77 50.22
C ASP A 194 26.02 -3.44 51.10
N SER A 195 26.81 -2.63 51.79
CA SER A 195 27.76 -3.17 52.77
C SER A 195 27.16 -3.05 54.16
N HIS A 196 27.45 -1.97 54.90
CA HIS A 196 26.72 -1.72 56.15
C HIS A 196 25.28 -1.30 55.89
N THR A 197 25.06 -0.47 54.86
CA THR A 197 23.74 -0.01 54.47
C THR A 197 23.74 0.12 52.96
N PHE A 198 22.57 0.42 52.39
CA PHE A 198 22.38 0.49 50.94
C PHE A 198 23.50 1.24 50.24
N GLY A 199 23.87 2.40 50.76
CA GLY A 199 24.85 3.24 50.13
C GLY A 199 25.94 3.72 51.07
N SER A 200 26.39 2.85 51.95
CA SER A 200 27.54 3.20 52.78
C SER A 200 28.70 3.66 51.91
N GLN A 201 29.43 4.66 52.40
CA GLN A 201 30.68 5.06 51.76
C GLN A 201 31.77 5.24 52.81
N TRP A 202 33.00 4.93 52.42
CA TRP A 202 34.17 5.20 53.24
C TRP A 202 35.05 6.23 52.54
N PHE A 203 36.03 6.76 53.26
CA PHE A 203 36.80 7.89 52.76
C PHE A 203 38.30 7.63 52.85
N GLU A 204 39.01 7.84 51.75
CA GLU A 204 40.46 7.74 51.69
C GLU A 204 41.05 9.14 51.82
N VAL A 205 41.89 9.37 52.82
CA VAL A 205 42.47 10.71 53.07
C VAL A 205 43.97 10.64 52.84
N ASN A 206 44.46 11.41 51.88
CA ASN A 206 45.88 11.38 51.52
C ASN A 206 46.64 12.52 52.18
N THR A 207 47.60 12.16 53.02
CA THR A 207 48.47 13.13 53.70
C THR A 207 49.93 12.83 53.34
N HIS A 208 50.81 13.71 53.81
CA HIS A 208 52.25 13.51 53.62
C HIS A 208 52.77 12.29 54.37
N ASN A 209 52.06 11.84 55.40
CA ASN A 209 52.41 10.62 56.13
C ASN A 209 51.65 9.39 55.61
N GLY A 210 51.12 9.47 54.38
CA GLY A 210 50.44 8.34 53.79
C GLY A 210 48.93 8.39 53.95
N PRO A 211 48.28 7.30 53.57
CA PRO A 211 46.81 7.28 53.59
C PRO A 211 46.23 6.97 54.97
N PHE A 212 45.05 7.54 55.21
CA PHE A 212 44.21 7.16 56.32
C PHE A 212 42.81 6.88 55.79
N ILE A 213 42.06 6.02 56.45
CA ILE A 213 40.72 5.63 56.01
C ILE A 213 39.70 5.88 57.12
N ALA A 214 38.63 6.62 56.80
CA ALA A 214 37.46 6.77 57.66
C ALA A 214 36.41 5.77 57.23
N ALA A 215 36.22 4.71 58.02
CA ALA A 215 35.47 3.55 57.55
C ALA A 215 33.96 3.60 57.83
N GLY A 216 33.51 4.42 58.76
CA GLY A 216 32.12 4.40 59.13
C GLY A 216 31.80 3.12 59.85
N ASP A 217 30.59 2.61 59.68
CA ASP A 217 30.19 1.39 60.36
C ASP A 217 30.50 0.14 59.59
N ILE A 218 30.98 0.27 58.37
CA ILE A 218 31.48 -0.91 57.68
C ILE A 218 32.45 -1.67 58.57
N VAL A 219 33.32 -0.94 59.26
CA VAL A 219 34.21 -1.50 60.27
C VAL A 219 33.79 -0.93 61.64
N TYR A 220 32.93 -1.66 62.35
CA TYR A 220 32.59 -1.25 63.72
C TYR A 220 33.82 -1.26 64.61
N TRP A 221 34.58 -2.36 64.57
CA TRP A 221 35.68 -2.67 65.46
C TRP A 221 36.86 -3.08 64.58
N TYR A 222 38.08 -2.78 65.03
CA TYR A 222 39.25 -3.28 64.31
C TYR A 222 39.14 -4.77 64.06
N SER A 223 38.58 -5.52 65.03
CA SER A 223 38.49 -6.96 64.88
C SER A 223 37.62 -7.35 63.68
N ASN A 224 36.69 -6.48 63.28
CA ASN A 224 35.94 -6.73 62.04
C ASN A 224 36.89 -6.98 60.88
N ILE A 225 37.86 -6.08 60.72
CA ILE A 225 38.77 -6.14 59.57
C ILE A 225 40.03 -6.97 59.84
N GLU A 226 40.43 -7.13 61.10
CA GLU A 226 41.60 -7.96 61.44
C GLU A 226 41.26 -9.46 61.37
N ARG A 227 40.09 -9.84 61.85
CA ARG A 227 39.61 -11.22 61.79
C ARG A 227 38.75 -11.49 60.55
N MET A 228 38.47 -10.48 59.74
CA MET A 228 37.60 -10.63 58.57
C MET A 228 36.26 -11.23 58.97
N TRP A 229 35.61 -10.60 59.95
CA TRP A 229 34.42 -11.16 60.59
C TRP A 229 33.38 -10.06 60.75
N PRO A 230 32.37 -10.01 59.88
CA PRO A 230 31.39 -8.91 59.92
C PRO A 230 30.53 -8.96 61.18
N PRO A 231 29.89 -7.85 61.56
CA PRO A 231 29.23 -7.78 62.88
C PRO A 231 27.92 -8.58 62.92
N GLY A 232 27.44 -8.76 64.16
CA GLY A 232 26.15 -9.41 64.37
C GLY A 232 24.97 -8.55 63.99
N TYR A 233 25.15 -7.24 63.98
CA TYR A 233 24.15 -6.29 63.52
C TYR A 233 24.72 -5.50 62.35
N HIS A 234 24.04 -5.54 61.22
CA HIS A 234 24.31 -4.67 60.09
C HIS A 234 23.09 -4.73 59.18
N GLN A 235 22.99 -3.79 58.24
CA GLN A 235 21.79 -3.76 57.41
C GLN A 235 22.12 -3.83 55.92
N GLY A 236 23.16 -4.60 55.59
CA GLY A 236 23.59 -4.82 54.22
C GLY A 236 24.08 -6.24 54.00
N ASN A 237 25.17 -6.40 53.24
CA ASN A 237 25.64 -7.71 52.78
C ASN A 237 26.98 -8.06 53.41
N ALA A 238 27.01 -9.18 54.13
CA ALA A 238 28.22 -9.56 54.86
C ALA A 238 29.40 -9.81 53.92
N PHE A 239 29.16 -10.51 52.79
CA PHE A 239 30.26 -10.75 51.87
C PHE A 239 30.72 -9.48 51.18
N ASN A 240 29.81 -8.53 50.95
CA ASN A 240 30.26 -7.24 50.43
C ASN A 240 31.21 -6.57 51.43
N GLN A 241 30.93 -6.68 52.73
CA GLN A 241 31.84 -6.07 53.71
C GLN A 241 33.22 -6.70 53.65
N ILE A 242 33.29 -8.03 53.54
CA ILE A 242 34.57 -8.71 53.35
C ILE A 242 35.35 -8.10 52.19
N ASP A 243 34.68 -7.89 51.05
CA ASP A 243 35.37 -7.31 49.89
C ASP A 243 35.87 -5.90 50.20
N VAL A 244 35.05 -5.10 50.89
CA VAL A 244 35.48 -3.76 51.30
C VAL A 244 36.64 -3.83 52.27
N TYR A 245 36.62 -4.79 53.20
CA TYR A 245 37.78 -4.95 54.07
C TYR A 245 39.04 -5.14 53.25
N ARG A 246 38.96 -5.94 52.18
CA ARG A 246 40.14 -6.18 51.36
C ARG A 246 40.59 -4.90 50.65
N GLN A 247 39.65 -4.10 50.14
CA GLN A 247 40.06 -2.84 49.54
C GLN A 247 40.78 -1.94 50.55
N MET A 248 40.21 -1.83 51.76
CA MET A 248 40.80 -0.96 52.79
C MET A 248 42.19 -1.43 53.18
N ARG A 249 42.35 -2.74 53.41
CA ARG A 249 43.67 -3.27 53.73
C ARG A 249 44.68 -2.92 52.64
N SER A 250 44.27 -2.99 51.37
CA SER A 250 45.17 -2.69 50.27
C SER A 250 45.55 -1.22 50.24
N VAL A 251 44.59 -0.32 50.43
CA VAL A 251 44.89 1.11 50.44
C VAL A 251 45.91 1.43 51.53
N VAL A 252 45.74 0.82 52.71
CA VAL A 252 46.55 1.15 53.87
C VAL A 252 47.74 0.20 54.05
N LYS A 253 48.03 -0.62 53.05
CA LYS A 253 49.15 -1.58 53.12
C LYS A 253 49.14 -2.37 54.44
N ASN A 254 47.95 -2.68 54.92
CA ASN A 254 47.75 -3.49 56.11
C ASN A 254 48.27 -2.85 57.40
N LYS A 255 48.49 -1.53 57.41
CA LYS A 255 48.78 -0.79 58.65
C LYS A 255 47.46 -0.41 59.29
N PHE A 256 46.94 -1.30 60.14
CA PHE A 256 45.56 -1.19 60.61
C PHE A 256 45.31 0.05 61.45
N GLU A 257 46.32 0.59 62.15
CA GLU A 257 46.00 1.77 62.96
C GLU A 257 45.57 2.95 62.09
N ARG A 258 45.80 2.87 60.78
CA ARG A 258 45.44 3.89 59.83
C ARG A 258 43.95 3.88 59.46
N ILE A 259 43.20 2.86 59.92
CA ILE A 259 41.75 2.80 59.68
C ILE A 259 41.01 3.26 60.94
N ILE A 260 40.05 4.16 60.75
CA ILE A 260 39.22 4.69 61.84
C ILE A 260 37.92 3.90 61.90
N PRO A 261 37.75 2.99 62.86
CA PRO A 261 36.48 2.28 62.99
C PRO A 261 35.41 3.18 63.61
N GLY A 262 34.17 2.72 63.52
CA GLY A 262 33.03 3.50 63.97
C GLY A 262 32.80 3.60 65.46
N HIS A 263 33.02 2.50 66.18
CA HIS A 263 32.52 2.32 67.54
C HIS A 263 33.44 1.44 68.36
N ASP A 264 34.75 1.65 68.27
CA ASP A 264 35.71 0.77 68.93
C ASP A 264 36.54 1.59 69.89
N ALA A 265 36.43 1.28 71.19
CA ALA A 265 37.26 1.96 72.19
C ALA A 265 38.74 1.70 71.94
N GLU A 266 39.09 0.65 71.17
CA GLU A 266 40.49 0.31 70.87
C GLU A 266 41.22 1.42 70.12
N ILE A 267 40.51 2.36 69.49
CA ILE A 267 41.21 3.42 68.78
C ILE A 267 42.03 4.31 69.75
N TRP A 268 41.55 4.49 70.98
CA TRP A 268 42.28 5.35 71.92
C TRP A 268 43.61 4.74 72.35
N ASN A 269 43.76 3.43 72.21
CA ASN A 269 45.00 2.72 72.54
C ASN A 269 46.01 2.69 71.40
N ARG A 270 45.65 3.15 70.21
CA ARG A 270 46.52 3.04 69.04
C ARG A 270 47.02 4.38 68.54
N HIS A 271 46.57 5.48 69.14
CA HIS A 271 46.94 6.81 68.72
C HIS A 271 47.11 7.70 69.95
N ASN A 272 47.77 8.83 69.75
CA ASN A 272 47.95 9.83 70.78
C ASN A 272 46.59 10.30 71.31
N THR A 273 46.20 9.81 72.49
CA THR A 273 44.88 10.06 73.05
C THR A 273 44.94 10.60 74.46
N TRP A 274 44.04 11.55 74.76
CA TRP A 274 43.78 12.08 76.09
C TRP A 274 42.27 12.14 76.33
N THR A 275 41.89 12.39 77.59
CA THR A 275 40.51 12.35 78.02
C THR A 275 39.98 13.73 78.39
N ALA A 276 38.66 13.92 78.24
CA ALA A 276 37.96 15.12 78.67
C ALA A 276 37.46 14.96 80.10
N PRO A 277 36.92 16.03 80.70
CA PRO A 277 36.46 15.92 82.10
C PRO A 277 35.46 14.80 82.33
N ASN A 278 34.48 14.64 81.42
CA ASN A 278 33.45 13.63 81.59
C ASN A 278 33.94 12.23 81.19
N GLY A 279 35.02 12.13 80.41
CA GLY A 279 35.61 10.86 80.04
C GLY A 279 35.78 10.68 78.55
N ASN A 280 35.00 11.40 77.75
CA ASN A 280 35.04 11.30 76.30
C ASN A 280 36.44 11.57 75.76
N GLN A 281 36.88 10.74 74.83
CA GLN A 281 38.26 10.70 74.37
C GLN A 281 38.48 11.59 73.16
N ILE A 282 39.73 12.02 72.98
CA ILE A 282 40.13 12.78 71.81
C ILE A 282 41.42 12.20 71.26
N ALA A 283 41.31 11.40 70.21
CA ALA A 283 42.48 10.80 69.59
C ALA A 283 43.02 11.71 68.48
N GLU A 284 44.30 12.04 68.55
CA GLU A 284 44.99 12.81 67.51
C GLU A 284 45.67 11.81 66.57
N LEU A 285 45.12 11.64 65.37
CA LEU A 285 45.63 10.63 64.44
C LEU A 285 46.77 11.14 63.57
N ASN A 286 46.69 12.37 63.07
CA ASN A 286 47.74 12.88 62.20
C ASN A 286 47.79 14.40 62.28
N LEU A 287 49.01 14.94 62.09
CA LEU A 287 49.25 16.38 62.10
C LEU A 287 49.95 16.75 60.79
N LYS A 288 49.32 17.63 60.02
CA LYS A 288 49.88 18.14 58.79
C LYS A 288 51.05 19.08 59.05
N ASP A 289 52.03 19.06 58.13
CA ASP A 289 53.19 19.96 58.17
C ASP A 289 52.87 21.34 58.71
N GLY A 290 53.49 21.70 59.83
CA GLY A 290 53.39 23.02 60.39
C GLY A 290 52.38 23.16 61.51
N ASP A 291 51.63 22.10 61.82
CA ASP A 291 50.64 22.13 62.90
C ASP A 291 51.20 21.61 64.20
N THR A 292 50.81 22.24 65.29
CA THR A 292 51.24 21.82 66.60
C THR A 292 50.14 20.97 67.24
N SER A 293 50.57 20.05 68.10
CA SER A 293 49.64 19.14 68.74
C SER A 293 48.67 19.91 69.64
N ARG A 294 47.51 19.29 69.89
CA ARG A 294 46.49 19.89 70.74
C ARG A 294 46.17 19.01 71.96
N ARG A 295 47.18 18.39 72.57
CA ARG A 295 46.94 17.65 73.82
C ARG A 295 46.68 18.60 74.99
N ASP B 10 -4.79 -31.50 40.93
CA ASP B 10 -3.61 -31.34 40.06
C ASP B 10 -2.34 -31.88 40.71
N THR B 11 -1.98 -31.33 41.85
CA THR B 11 -0.78 -31.77 42.51
C THR B 11 -0.99 -31.80 43.99
N ASP B 12 -0.34 -32.73 44.66
CA ASP B 12 -0.47 -32.86 46.09
C ASP B 12 0.75 -33.57 46.59
N TRP B 13 1.12 -33.30 47.82
CA TRP B 13 2.31 -33.87 48.35
C TRP B 13 2.13 -34.07 49.81
N SER B 14 2.79 -35.07 50.35
CA SER B 14 2.74 -35.30 51.76
C SER B 14 4.08 -34.89 52.28
N ILE B 15 4.16 -34.38 53.49
CA ILE B 15 5.41 -33.84 53.97
C ILE B 15 5.83 -34.21 55.35
N TRP B 16 7.10 -34.56 55.51
CA TRP B 16 7.66 -34.85 56.82
C TRP B 16 8.94 -34.08 56.96
N SER B 17 9.11 -33.43 58.11
CA SER B 17 10.36 -32.79 58.48
C SER B 17 11.06 -33.69 59.50
N LEU B 18 12.29 -34.04 59.21
CA LEU B 18 12.97 -34.99 60.07
C LEU B 18 14.28 -34.49 60.56
N ALA B 19 14.52 -34.67 61.83
CA ALA B 19 15.78 -34.26 62.40
C ALA B 19 16.75 -35.37 62.23
N TYR B 20 18.02 -35.05 62.24
CA TYR B 20 19.04 -36.03 62.01
C TYR B 20 20.16 -35.73 62.92
N CYS B 21 20.03 -34.65 63.65
CA CYS B 21 21.03 -34.26 64.60
C CYS B 21 20.51 -33.08 65.35
N GLN B 22 21.22 -32.66 66.37
CA GLN B 22 20.86 -31.50 67.17
C GLN B 22 22.11 -30.66 67.38
N VAL B 23 21.93 -29.35 67.54
CA VAL B 23 23.05 -28.42 67.74
C VAL B 23 22.74 -27.45 68.87
N ASP B 24 23.71 -27.28 69.76
CA ASP B 24 23.65 -26.30 70.83
C ASP B 24 24.37 -25.03 70.34
N MET B 25 23.66 -23.89 70.35
CA MET B 25 24.13 -22.67 69.71
C MET B 25 23.61 -21.46 70.47
N ALA B 26 24.42 -20.40 70.54
CA ALA B 26 23.94 -19.15 71.12
C ALA B 26 22.69 -18.67 70.40
N LYS B 27 21.71 -18.17 71.18
CA LYS B 27 20.43 -17.79 70.59
C LYS B 27 20.58 -16.64 69.60
N ASP B 28 21.53 -15.74 69.84
CA ASP B 28 21.72 -14.60 68.94
C ASP B 28 22.13 -15.07 67.53
N PHE B 29 22.78 -16.23 67.43
CA PHE B 29 23.15 -16.81 66.14
C PHE B 29 21.97 -16.86 65.18
N PHE B 30 20.86 -17.46 65.62
CA PHE B 30 19.68 -17.69 64.80
C PHE B 30 18.65 -16.56 64.85
N GLY B 31 18.53 -15.85 65.97
CA GLY B 31 17.39 -14.98 66.18
C GLY B 31 17.59 -13.49 65.98
N GLY B 32 18.84 -13.05 66.07
CA GLY B 32 19.17 -11.64 65.92
C GLY B 32 20.13 -11.15 67.00
N ALA B 33 21.02 -10.23 66.60
CA ALA B 33 22.02 -9.68 67.50
C ALA B 33 21.42 -8.78 68.58
N GLY B 34 20.31 -8.10 68.31
CA GLY B 34 19.72 -7.25 69.33
C GLY B 34 18.85 -7.98 70.34
N ILE B 35 17.72 -8.47 69.83
CA ILE B 35 16.66 -9.08 70.63
C ILE B 35 17.08 -10.38 71.31
N PHE B 36 17.98 -11.16 70.71
CA PHE B 36 18.35 -12.45 71.29
C PHE B 36 19.81 -12.49 71.75
N SER B 37 20.45 -11.35 71.91
CA SER B 37 21.84 -11.32 72.38
C SER B 37 21.93 -11.67 73.86
N ASN B 38 22.98 -12.39 74.22
CA ASN B 38 23.24 -12.74 75.61
C ASN B 38 22.02 -13.39 76.26
N SER B 39 21.35 -14.26 75.49
CA SER B 39 20.16 -14.96 75.92
C SER B 39 20.45 -16.41 76.25
N GLY B 40 21.72 -16.74 76.45
CA GLY B 40 22.13 -18.11 76.62
C GLY B 40 22.19 -18.83 75.30
N THR B 41 22.14 -20.15 75.38
CA THR B 41 22.16 -21.07 74.26
C THR B 41 20.90 -21.92 74.27
N CYS B 42 20.71 -22.70 73.23
CA CYS B 42 19.58 -23.63 73.20
C CYS B 42 19.86 -24.72 72.18
N ILE B 43 19.07 -25.76 72.24
CA ILE B 43 19.17 -26.86 71.30
C ILE B 43 18.35 -26.50 70.06
N ASN B 44 18.92 -26.77 68.89
CA ASN B 44 18.23 -26.52 67.65
C ASN B 44 18.36 -27.77 66.79
N PRO B 45 17.29 -28.16 66.10
CA PRO B 45 17.35 -29.38 65.28
C PRO B 45 18.08 -29.15 63.97
N MET B 46 18.81 -30.16 63.53
CA MET B 46 19.33 -30.21 62.16
C MET B 46 18.38 -31.11 61.39
N ILE B 47 17.82 -30.57 60.32
CA ILE B 47 16.62 -31.09 59.71
C ILE B 47 16.80 -31.20 58.20
N TYR B 48 16.21 -32.21 57.61
CA TYR B 48 15.85 -32.16 56.20
C TYR B 48 14.42 -32.63 56.05
N THR B 49 13.81 -32.26 54.93
CA THR B 49 12.36 -32.40 54.74
C THR B 49 12.08 -33.32 53.57
N LEU B 50 11.27 -34.35 53.82
CA LEU B 50 10.94 -35.36 52.82
C LEU B 50 9.56 -35.07 52.24
N LEU B 51 9.47 -35.02 50.91
CA LEU B 51 8.21 -34.82 50.20
C LEU B 51 7.96 -35.99 49.25
N VAL B 52 6.76 -36.56 49.31
CA VAL B 52 6.37 -37.71 48.50
C VAL B 52 5.08 -37.36 47.77
N GLY B 53 5.10 -37.42 46.46
CA GLY B 53 3.92 -37.11 45.68
C GLY B 53 4.31 -36.57 44.31
N GLY B 54 3.58 -35.55 43.88
CA GLY B 54 3.70 -35.03 42.53
C GLY B 54 2.33 -34.88 41.94
N GLU B 55 2.20 -35.04 40.63
CA GLU B 55 0.90 -34.92 40.00
C GLU B 55 0.01 -36.09 40.43
N VAL B 56 -1.30 -35.82 40.53
CA VAL B 56 -2.23 -36.70 41.26
C VAL B 56 -2.22 -38.11 40.67
N GLY B 57 -2.59 -38.24 39.40
CA GLY B 57 -2.56 -39.55 38.77
C GLY B 57 -1.32 -39.67 37.94
N GLY B 58 -0.20 -40.00 38.56
CA GLY B 58 1.05 -40.10 37.83
C GLY B 58 2.23 -40.26 38.77
N LYS B 59 3.42 -40.17 38.17
CA LYS B 59 4.68 -40.48 38.84
C LYS B 59 4.76 -39.91 40.24
N GLN B 60 4.90 -40.81 41.23
CA GLN B 60 5.17 -40.42 42.61
C GLN B 60 6.65 -40.15 42.78
N HIS B 61 7.00 -38.91 43.12
CA HIS B 61 8.38 -38.58 43.42
C HIS B 61 8.65 -38.68 44.92
N VAL B 62 9.88 -39.06 45.25
CA VAL B 62 10.39 -39.10 46.61
C VAL B 62 11.51 -38.07 46.68
N VAL B 63 11.27 -36.96 47.39
CA VAL B 63 12.14 -35.79 47.34
C VAL B 63 12.61 -35.40 48.73
N LEU B 64 13.86 -34.97 48.80
CA LEU B 64 14.44 -34.38 50.01
C LEU B 64 14.76 -32.92 49.76
N VAL B 65 14.33 -32.05 50.66
CA VAL B 65 14.87 -30.70 50.66
C VAL B 65 16.07 -30.70 51.58
N ASP B 66 17.28 -30.61 50.99
CA ASP B 66 18.51 -30.71 51.75
C ASP B 66 18.69 -32.14 52.26
N CYS B 67 19.88 -32.47 52.73
CA CYS B 67 20.14 -33.87 53.09
C CYS B 67 21.11 -33.99 54.25
N GLY B 68 21.33 -32.93 55.00
CA GLY B 68 22.15 -33.01 56.20
C GLY B 68 23.60 -33.20 55.83
N PHE B 69 24.43 -33.30 56.86
CA PHE B 69 25.86 -33.54 56.67
C PHE B 69 26.23 -34.93 57.16
N GLN B 70 27.47 -35.29 56.87
CA GLN B 70 27.98 -36.60 57.27
C GLN B 70 28.65 -36.49 58.63
N ASN B 71 28.85 -37.62 59.27
CA ASN B 71 29.56 -37.69 60.55
C ASN B 71 31.07 -37.71 60.30
N ASP B 72 31.64 -36.52 60.15
CA ASP B 72 33.06 -36.34 59.82
C ASP B 72 33.59 -35.26 60.76
N HIS B 73 34.65 -34.57 60.35
CA HIS B 73 35.23 -33.54 61.20
C HIS B 73 34.21 -32.50 61.63
N TRP B 74 33.10 -32.36 60.88
CA TRP B 74 32.10 -31.37 61.25
C TRP B 74 31.49 -31.63 62.62
N LEU B 75 31.47 -32.89 63.08
CA LEU B 75 30.97 -33.12 64.44
C LEU B 75 31.85 -32.48 65.50
N THR B 76 33.13 -32.24 65.19
CA THR B 76 34.01 -31.56 66.14
C THR B 76 33.97 -30.06 65.98
N ARG B 77 33.41 -29.60 64.88
CA ARG B 77 33.19 -28.18 64.65
C ARG B 77 31.89 -27.84 65.34
N TYR B 78 31.81 -26.66 65.94
CA TYR B 78 30.56 -26.36 66.63
C TYR B 78 30.42 -27.37 67.78
N ALA B 79 29.20 -27.84 68.04
CA ALA B 79 28.93 -28.70 69.20
C ALA B 79 27.64 -29.48 68.98
N PHE B 80 27.71 -30.49 68.12
CA PHE B 80 26.60 -31.33 67.70
C PHE B 80 26.42 -32.50 68.66
N SER B 81 25.22 -33.09 68.62
CA SER B 81 24.93 -34.27 69.42
C SER B 81 23.80 -35.04 68.74
N SER B 82 23.77 -36.35 68.99
CA SER B 82 22.62 -37.18 68.62
C SER B 82 22.49 -37.37 67.10
N TRP B 83 23.64 -37.44 66.42
CA TRP B 83 23.68 -37.63 64.96
C TRP B 83 23.15 -38.99 64.51
N GLU B 84 22.39 -38.98 63.39
CA GLU B 84 21.78 -40.19 62.83
C GLU B 84 21.98 -40.28 61.32
N ASP B 85 22.10 -41.53 60.84
CA ASP B 85 22.27 -41.86 59.42
C ASP B 85 20.97 -41.69 58.63
N PRO B 86 21.06 -41.34 57.34
CA PRO B 86 19.84 -41.30 56.50
C PRO B 86 19.07 -42.61 56.50
N LYS B 87 19.76 -43.74 56.58
CA LYS B 87 19.08 -45.03 56.66
C LYS B 87 18.13 -45.09 57.86
N ASP B 88 18.56 -44.57 59.01
CA ASP B 88 17.71 -44.56 60.22
C ASP B 88 16.61 -43.51 60.11
N VAL B 89 16.97 -42.29 59.72
CA VAL B 89 16.01 -41.18 59.72
C VAL B 89 14.88 -41.44 58.73
N LEU B 90 15.22 -41.87 57.52
CA LEU B 90 14.21 -42.08 56.50
C LEU B 90 13.41 -43.38 56.69
N GLY B 91 14.01 -44.40 57.30
CA GLY B 91 13.27 -45.64 57.54
C GLY B 91 12.03 -45.45 58.40
N ARG B 92 12.10 -44.56 59.39
CA ARG B 92 11.00 -44.41 60.33
C ARG B 92 9.73 -43.91 59.66
N VAL B 93 9.84 -43.35 58.46
CA VAL B 93 8.70 -42.87 57.69
C VAL B 93 8.38 -43.78 56.51
N GLY B 94 9.00 -44.95 56.45
CA GLY B 94 8.64 -45.92 55.43
C GLY B 94 9.42 -45.79 54.14
N PHE B 95 10.65 -45.28 54.20
CA PHE B 95 11.46 -45.10 53.02
C PHE B 95 12.91 -45.45 53.35
N SER B 96 13.73 -45.55 52.32
CA SER B 96 15.16 -45.77 52.46
C SER B 96 15.90 -44.73 51.64
N PRO B 97 17.17 -44.50 51.95
CA PRO B 97 17.94 -43.52 51.16
C PRO B 97 17.95 -43.80 49.67
N GLU B 98 17.80 -45.07 49.27
CA GLU B 98 17.79 -45.41 47.85
C GLU B 98 16.56 -44.93 47.10
N ASP B 99 15.47 -44.61 47.81
CA ASP B 99 14.21 -44.24 47.17
C ASP B 99 14.20 -42.81 46.65
N VAL B 100 15.02 -41.92 47.22
CA VAL B 100 15.00 -40.51 46.87
C VAL B 100 15.61 -40.32 45.49
N ASP B 101 14.81 -39.77 44.57
CA ASP B 101 15.23 -39.52 43.20
C ASP B 101 15.72 -38.09 42.95
N THR B 102 15.45 -37.15 43.86
CA THR B 102 15.87 -35.77 43.70
C THR B 102 16.05 -35.12 45.07
N ILE B 103 17.15 -34.38 45.22
CA ILE B 103 17.44 -33.59 46.41
C ILE B 103 17.48 -32.13 46.03
N LEU B 104 16.61 -31.33 46.66
CA LEU B 104 16.56 -29.89 46.47
C LEU B 104 17.44 -29.19 47.50
N VAL B 105 18.47 -28.47 47.03
CA VAL B 105 19.46 -27.83 47.89
C VAL B 105 19.12 -26.35 48.06
N THR B 106 18.75 -25.96 49.28
CA THR B 106 18.49 -24.55 49.53
C THR B 106 19.76 -23.72 49.39
N HIS B 107 20.90 -24.23 49.84
CA HIS B 107 22.19 -23.54 49.78
C HIS B 107 23.28 -24.55 50.10
N MET B 108 24.53 -24.19 49.80
CA MET B 108 25.63 -25.17 49.82
C MET B 108 26.38 -25.19 51.15
N HIS B 109 25.83 -24.64 52.21
CA HIS B 109 26.42 -24.84 53.52
C HIS B 109 26.46 -26.33 53.82
N PHE B 110 27.45 -26.73 54.62
CA PHE B 110 27.75 -28.14 54.82
C PHE B 110 26.55 -28.93 55.32
N ASP B 111 25.76 -28.36 56.21
CA ASP B 111 24.72 -29.16 56.86
C ASP B 111 23.47 -29.30 56.02
N HIS B 112 23.47 -28.73 54.83
CA HIS B 112 22.33 -28.85 53.96
C HIS B 112 22.64 -29.57 52.65
N MET B 113 23.92 -29.81 52.34
CA MET B 113 24.26 -30.54 51.14
C MET B 113 25.36 -31.55 51.36
N GLY B 114 25.94 -31.63 52.56
CA GLY B 114 27.11 -32.44 52.82
C GLY B 114 26.98 -33.89 52.45
N ASN B 115 26.01 -34.56 53.06
CA ASN B 115 25.88 -36.01 52.93
C ASN B 115 25.14 -36.43 51.65
N PHE B 116 25.20 -35.64 50.58
CA PHE B 116 24.36 -35.96 49.42
C PHE B 116 24.77 -37.25 48.72
N GLU B 117 26.03 -37.66 48.82
CA GLU B 117 26.43 -38.89 48.14
C GLU B 117 25.82 -40.14 48.77
N ALA B 118 25.15 -40.01 49.92
CA ALA B 118 24.42 -41.11 50.55
C ALA B 118 23.11 -41.44 49.85
N PHE B 119 22.70 -40.69 48.82
CA PHE B 119 21.45 -40.95 48.12
C PHE B 119 21.82 -41.21 46.67
N PRO B 120 22.19 -42.46 46.34
CA PRO B 120 22.83 -42.72 45.04
C PRO B 120 21.92 -42.58 43.84
N ASN B 121 20.60 -42.54 44.01
CA ASN B 121 19.73 -42.42 42.84
C ASN B 121 19.21 -41.00 42.67
N ALA B 122 19.69 -40.08 43.48
CA ALA B 122 19.15 -38.72 43.51
C ALA B 122 19.93 -37.77 42.63
N LYS B 123 19.21 -36.94 41.90
CA LYS B 123 19.82 -35.78 41.26
C LYS B 123 19.78 -34.60 42.21
N LEU B 124 20.86 -33.84 42.22
CA LEU B 124 20.99 -32.68 43.09
C LEU B 124 20.66 -31.42 42.31
N TYR B 125 19.80 -30.57 42.88
CA TYR B 125 19.40 -29.31 42.26
C TYR B 125 19.90 -28.13 43.09
N ILE B 126 20.75 -27.29 42.49
CA ILE B 126 21.29 -26.12 43.17
C ILE B 126 21.32 -24.92 42.22
N GLN B 127 21.12 -23.73 42.78
CA GLN B 127 21.17 -22.49 42.00
C GLN B 127 22.56 -22.24 41.42
N LEU B 128 22.60 -21.85 40.14
CA LEU B 128 23.88 -21.52 39.52
C LEU B 128 24.61 -20.43 40.31
N ASP B 129 23.87 -19.42 40.79
CA ASP B 129 24.50 -18.35 41.56
C ASP B 129 25.09 -18.86 42.86
N GLU B 130 24.52 -19.91 43.47
CA GLU B 130 25.13 -20.46 44.68
C GLU B 130 26.51 -21.04 44.36
N TYR B 131 26.59 -21.89 43.34
CA TYR B 131 27.85 -22.53 42.98
C TYR B 131 28.90 -21.51 42.57
N THR B 132 28.50 -20.56 41.74
CA THR B 132 29.42 -19.56 41.24
C THR B 132 29.92 -18.67 42.36
N GLY B 133 28.99 -18.25 43.25
CA GLY B 133 29.37 -17.46 44.40
C GLY B 133 30.39 -18.14 45.28
N TRP B 134 30.17 -19.41 45.61
CA TRP B 134 31.13 -20.09 46.47
C TRP B 134 32.46 -20.33 45.74
N SER B 135 32.42 -20.64 44.44
CA SER B 135 33.66 -20.81 43.68
C SER B 135 34.53 -19.57 43.80
N LYS B 136 33.92 -18.40 43.58
CA LYS B 136 34.60 -17.12 43.68
C LYS B 136 35.09 -16.86 45.10
N ALA B 137 34.21 -17.06 46.07
CA ALA B 137 34.55 -16.72 47.45
C ALA B 137 35.71 -17.57 47.96
N VAL B 138 35.70 -18.88 47.68
CA VAL B 138 36.81 -19.71 48.13
C VAL B 138 38.10 -19.22 47.50
N CYS B 139 38.05 -18.93 46.21
CA CYS B 139 39.26 -18.51 45.53
C CYS B 139 39.76 -17.18 46.07
N SER B 140 38.85 -16.22 46.27
CA SER B 140 39.20 -14.91 46.82
C SER B 140 39.79 -15.01 48.23
N SER B 141 39.30 -15.95 49.05
CA SER B 141 39.79 -16.03 50.41
C SER B 141 41.27 -16.40 50.44
N HIS B 142 41.74 -17.13 49.45
CA HIS B 142 43.15 -17.50 49.43
C HIS B 142 44.06 -16.34 49.08
N GLN B 143 43.52 -15.12 49.00
CA GLN B 143 44.34 -13.91 48.97
C GLN B 143 44.85 -13.54 50.36
N HIS B 144 44.20 -14.04 51.41
CA HIS B 144 44.64 -13.82 52.78
C HIS B 144 45.76 -14.80 53.12
N GLU B 145 46.77 -14.28 53.79
CA GLU B 145 47.97 -15.07 54.07
C GLU B 145 47.78 -16.06 55.20
N THR B 146 46.83 -15.81 56.09
CA THR B 146 46.65 -16.63 57.28
C THR B 146 45.34 -17.40 57.22
N GLU B 147 45.28 -18.50 57.97
CA GLU B 147 44.04 -19.27 58.07
C GLU B 147 43.01 -18.62 58.97
N GLU B 148 43.46 -17.85 59.95
CA GLU B 148 42.54 -17.12 60.84
C GLU B 148 41.72 -16.08 60.11
N GLU B 149 42.30 -15.42 59.10
CA GLU B 149 41.56 -14.45 58.31
C GLU B 149 40.54 -15.07 57.39
N LYS B 150 40.57 -16.40 57.19
CA LYS B 150 39.62 -17.10 56.33
C LYS B 150 38.48 -17.72 57.13
N GLU B 151 38.52 -17.66 58.46
CA GLU B 151 37.64 -18.49 59.26
C GLU B 151 36.17 -18.21 58.93
N TRP B 152 35.81 -16.92 58.80
CA TRP B 152 34.42 -16.56 58.59
C TRP B 152 33.88 -17.10 57.27
N VAL B 153 34.69 -17.04 56.20
CA VAL B 153 34.21 -17.58 54.92
C VAL B 153 33.83 -19.04 55.08
N PHE B 154 34.57 -19.79 55.90
CA PHE B 154 34.39 -21.22 55.99
C PHE B 154 33.60 -21.67 57.21
N THR B 155 32.97 -20.73 57.95
CA THR B 155 32.26 -21.12 59.16
C THR B 155 31.22 -22.20 58.88
N SER B 156 30.61 -22.14 57.69
CA SER B 156 29.56 -23.08 57.33
C SER B 156 29.82 -23.77 55.99
N PHE B 157 31.02 -23.66 55.44
CA PHE B 157 31.26 -24.12 54.07
C PHE B 157 32.46 -25.06 54.03
N ASP B 158 32.27 -26.20 53.40
CA ASP B 158 33.31 -27.21 53.34
C ASP B 158 33.92 -27.21 51.95
N PRO B 159 35.20 -26.84 51.78
CA PRO B 159 35.76 -26.85 50.43
C PRO B 159 35.66 -28.22 49.74
N ALA B 160 35.59 -29.32 50.51
CA ALA B 160 35.39 -30.62 49.88
C ALA B 160 34.02 -30.70 49.20
N ASP B 161 33.04 -29.93 49.66
CA ASP B 161 31.74 -29.92 48.99
C ASP B 161 31.79 -29.16 47.69
N LEU B 162 32.70 -28.20 47.55
CA LEU B 162 32.93 -27.62 46.23
C LEU B 162 33.42 -28.69 45.26
N ILE B 163 34.33 -29.54 45.71
CA ILE B 163 34.87 -30.59 44.84
C ILE B 163 33.82 -31.64 44.55
N ARG B 164 33.08 -32.08 45.58
CA ARG B 164 32.01 -33.06 45.35
C ARG B 164 30.96 -32.50 44.41
N ALA B 165 30.65 -31.21 44.55
CA ALA B 165 29.71 -30.59 43.61
C ALA B 165 30.25 -30.66 42.19
N ALA B 166 31.53 -30.33 41.99
CA ALA B 166 32.14 -30.43 40.66
C ALA B 166 32.15 -31.88 40.17
N GLN B 167 32.46 -32.82 41.06
CA GLN B 167 32.42 -34.23 40.68
C GLN B 167 31.01 -34.61 40.20
N GLY B 168 29.98 -34.10 40.88
CA GLY B 168 28.61 -34.38 40.48
C GLY B 168 28.21 -33.70 39.18
N ILE B 169 28.73 -32.50 38.92
CA ILE B 169 28.49 -31.86 37.64
C ILE B 169 29.02 -32.72 36.51
N SER B 170 30.23 -33.27 36.68
CA SER B 170 30.81 -34.13 35.64
C SER B 170 30.03 -35.42 35.48
N ASP B 171 29.52 -35.97 36.57
CA ASP B 171 28.73 -37.20 36.57
C ASP B 171 27.34 -37.04 35.99
N GLY B 172 26.85 -35.81 35.80
CA GLY B 172 25.45 -35.65 35.47
C GLY B 172 24.53 -35.78 36.67
N ARG B 173 25.08 -35.80 37.87
CA ARG B 173 24.28 -35.94 39.08
C ARG B 173 23.83 -34.60 39.61
N VAL B 174 24.44 -33.50 39.18
CA VAL B 174 24.09 -32.16 39.62
C VAL B 174 23.42 -31.42 38.48
N LYS B 175 22.30 -30.76 38.75
CA LYS B 175 21.63 -29.93 37.76
C LYS B 175 21.51 -28.51 38.31
N PHE B 176 21.74 -27.53 37.43
CA PHE B 176 21.65 -26.13 37.83
C PHE B 176 20.25 -25.60 37.60
N ILE B 177 19.74 -24.89 38.60
CA ILE B 177 18.56 -24.03 38.46
C ILE B 177 19.04 -22.59 38.39
N THR B 178 18.45 -21.80 37.50
CA THR B 178 18.82 -20.39 37.39
C THR B 178 17.55 -19.57 37.57
N GLY B 179 17.29 -19.14 38.80
CA GLY B 179 16.08 -18.38 39.05
C GLY B 179 14.90 -19.22 39.47
N ASP B 180 13.70 -18.81 39.11
CA ASP B 180 12.51 -19.54 39.49
C ASP B 180 12.20 -20.64 38.49
N GLU B 181 11.71 -21.75 39.00
CA GLU B 181 11.43 -22.88 38.12
C GLU B 181 10.56 -23.85 38.88
N GLU B 182 9.52 -24.35 38.22
CA GLU B 182 8.75 -25.48 38.75
C GLU B 182 9.50 -26.74 38.36
N ILE B 183 10.25 -27.32 39.30
CA ILE B 183 11.15 -28.42 38.99
C ILE B 183 10.35 -29.70 38.92
N LEU B 184 9.83 -30.14 40.04
CA LEU B 184 8.92 -31.27 40.11
C LEU B 184 7.48 -30.77 40.11
N PRO B 185 6.52 -31.64 39.81
CA PRO B 185 5.12 -31.21 39.73
C PRO B 185 4.61 -30.61 41.03
N GLY B 186 4.31 -29.32 41.03
CA GLY B 186 3.80 -28.68 42.22
C GLY B 186 4.85 -28.12 43.16
N ILE B 187 6.13 -28.16 42.79
CA ILE B 187 7.20 -27.59 43.59
C ILE B 187 7.91 -26.54 42.75
N THR B 188 7.84 -25.27 43.17
CA THR B 188 8.50 -24.16 42.48
C THR B 188 9.69 -23.71 43.31
N ALA B 189 10.87 -23.71 42.69
CA ALA B 189 12.06 -23.17 43.31
C ALA B 189 12.07 -21.66 43.13
N ARG B 190 12.44 -20.95 44.19
CA ARG B 190 12.48 -19.49 44.21
C ARG B 190 13.88 -19.04 44.57
N LEU B 191 14.57 -18.41 43.62
CA LEU B 191 15.89 -17.85 43.88
C LEU B 191 15.76 -16.62 44.78
N ALA B 192 16.53 -16.62 45.87
CA ALA B 192 16.63 -15.49 46.78
C ALA B 192 18.09 -15.04 46.78
N LYS B 193 18.46 -14.30 45.74
CA LYS B 193 19.86 -13.95 45.53
C LYS B 193 20.40 -13.11 46.69
N ASP B 194 21.59 -13.49 47.17
CA ASP B 194 22.26 -12.75 48.24
C ASP B 194 21.31 -12.59 49.44
N SER B 195 20.65 -13.70 49.82
CA SER B 195 19.80 -13.72 51.02
C SER B 195 20.56 -14.35 52.21
N HIS B 196 20.43 -15.67 52.46
CA HIS B 196 21.33 -16.32 53.45
C HIS B 196 22.73 -16.45 52.86
N THR B 197 22.79 -16.73 51.55
CA THR B 197 24.02 -16.96 50.79
C THR B 197 23.84 -16.45 49.36
N PHE B 198 24.90 -16.57 48.56
CA PHE B 198 24.92 -16.10 47.17
C PHE B 198 23.67 -16.53 46.39
N GLY B 199 23.32 -17.82 46.47
CA GLY B 199 22.17 -18.28 45.73
C GLY B 199 21.19 -19.12 46.53
N SER B 200 20.87 -18.73 47.77
CA SER B 200 19.84 -19.44 48.50
C SER B 200 18.57 -19.53 47.67
N GLN B 201 17.90 -20.67 47.76
CA GLN B 201 16.59 -20.81 47.12
C GLN B 201 15.61 -21.41 48.13
N TRP B 202 14.35 -21.02 48.02
CA TRP B 202 13.31 -21.63 48.81
C TRP B 202 12.32 -22.29 47.88
N PHE B 203 11.45 -23.13 48.44
CA PHE B 203 10.59 -23.98 47.63
C PHE B 203 9.14 -23.82 48.04
N GLU B 204 8.31 -23.53 47.07
CA GLU B 204 6.86 -23.42 47.22
C GLU B 204 6.23 -24.76 46.84
N VAL B 205 5.53 -25.38 47.78
CA VAL B 205 4.95 -26.71 47.61
C VAL B 205 3.43 -26.62 47.62
N ASN B 206 2.80 -27.00 46.52
CA ASN B 206 1.35 -26.91 46.37
C ASN B 206 0.69 -28.26 46.63
N THR B 207 -0.17 -28.32 47.66
CA THR B 207 -0.95 -29.50 48.03
C THR B 207 -2.44 -29.19 48.02
N HIS B 208 -3.27 -30.24 48.21
CA HIS B 208 -4.71 -30.03 48.34
C HIS B 208 -5.09 -29.24 49.57
N ASN B 209 -4.23 -29.19 50.57
CA ASN B 209 -4.47 -28.41 51.77
C ASN B 209 -3.86 -27.02 51.69
N GLY B 210 -3.51 -26.56 50.49
CA GLY B 210 -2.92 -25.26 50.31
C GLY B 210 -1.41 -25.34 50.20
N PRO B 211 -0.75 -24.19 50.16
CA PRO B 211 0.70 -24.16 49.93
C PRO B 211 1.49 -24.38 51.20
N PHE B 212 2.68 -24.95 51.02
CA PHE B 212 3.69 -25.05 52.06
C PHE B 212 5.02 -24.52 51.53
N ILE B 213 5.87 -24.03 52.43
CA ILE B 213 7.15 -23.44 52.04
C ILE B 213 8.28 -24.13 52.78
N ALA B 214 9.26 -24.63 52.03
CA ALA B 214 10.54 -25.08 52.59
C ALA B 214 11.52 -23.92 52.47
N ALA B 215 11.82 -23.29 53.61
CA ALA B 215 12.48 -21.99 53.62
C ALA B 215 14.00 -22.06 53.61
N GLY B 216 14.59 -23.23 53.80
CA GLY B 216 16.04 -23.21 53.95
C GLY B 216 16.42 -22.36 55.16
N ASP B 217 17.62 -21.79 55.11
CA ASP B 217 18.06 -20.95 56.23
C ASP B 217 17.73 -19.48 56.05
N ILE B 218 17.05 -19.11 54.96
CA ILE B 218 16.51 -17.76 54.89
C ILE B 218 15.71 -17.47 56.15
N VAL B 219 14.94 -18.45 56.61
CA VAL B 219 14.23 -18.39 57.88
C VAL B 219 14.81 -19.48 58.78
N TYR B 220 15.78 -19.12 59.62
CA TYR B 220 16.27 -20.02 60.66
C TYR B 220 15.15 -20.39 61.61
N TRP B 221 14.47 -19.37 62.12
CA TRP B 221 13.52 -19.47 63.22
C TRP B 221 12.25 -18.74 62.85
N TYR B 222 11.13 -19.26 63.35
CA TYR B 222 9.88 -18.53 63.19
C TYR B 222 10.03 -17.07 63.61
N SER B 223 10.84 -16.79 64.65
CA SER B 223 10.95 -15.41 65.09
C SER B 223 11.58 -14.52 64.04
N ASN B 224 12.46 -15.05 63.16
CA ASN B 224 12.99 -14.23 62.08
C ASN B 224 11.87 -13.60 61.27
N ILE B 225 10.92 -14.42 60.84
CA ILE B 225 9.90 -13.94 59.92
C ILE B 225 8.68 -13.38 60.66
N GLU B 226 8.42 -13.83 61.88
CA GLU B 226 7.27 -13.30 62.61
C GLU B 226 7.54 -11.89 63.13
N ARG B 227 8.75 -11.65 63.62
CA ARG B 227 9.17 -10.34 64.09
C ARG B 227 9.87 -9.54 62.99
N MET B 228 10.08 -10.11 61.79
CA MET B 228 10.79 -9.40 60.72
C MET B 228 12.15 -8.90 61.19
N TRP B 229 12.94 -9.85 61.71
CA TRP B 229 14.21 -9.56 62.36
C TRP B 229 15.23 -10.61 61.95
N PRO B 230 16.10 -10.30 60.97
CA PRO B 230 17.01 -11.33 60.41
C PRO B 230 18.07 -11.80 61.40
N PRO B 231 18.71 -12.93 61.12
CA PRO B 231 19.57 -13.57 62.12
C PRO B 231 20.87 -12.80 62.33
N GLY B 232 21.57 -13.15 63.43
CA GLY B 232 22.87 -12.55 63.71
C GLY B 232 24.00 -13.12 62.87
N TYR B 233 23.87 -14.36 62.43
CA TYR B 233 24.83 -14.97 61.52
C TYR B 233 24.09 -15.28 60.24
N HIS B 234 24.60 -14.73 59.15
CA HIS B 234 24.19 -15.07 57.79
C HIS B 234 25.30 -14.55 56.90
N GLN B 235 25.31 -15.02 55.64
CA GLN B 235 26.37 -14.64 54.72
C GLN B 235 25.79 -14.00 53.46
N GLY B 236 24.73 -13.21 53.65
CA GLY B 236 24.10 -12.53 52.55
C GLY B 236 23.66 -11.14 52.93
N ASN B 237 22.51 -10.72 52.44
CA ASN B 237 22.06 -9.35 52.60
C ASN B 237 20.80 -9.32 53.48
N ALA B 238 20.89 -8.62 54.62
CA ALA B 238 19.80 -8.62 55.60
C ALA B 238 18.51 -8.03 55.02
N PHE B 239 18.61 -6.94 54.25
CA PHE B 239 17.39 -6.37 53.69
C PHE B 239 16.80 -7.26 52.59
N ASN B 240 17.64 -7.99 51.86
CA ASN B 240 17.10 -8.97 50.91
C ASN B 240 16.28 -10.03 51.66
N GLN B 241 16.73 -10.44 52.84
CA GLN B 241 15.95 -11.39 53.61
C GLN B 241 14.58 -10.81 53.99
N ILE B 242 14.55 -9.54 54.39
CA ILE B 242 13.28 -8.84 54.65
C ILE B 242 12.35 -8.98 53.45
N ASP B 243 12.87 -8.73 52.24
CA ASP B 243 12.02 -8.81 51.06
C ASP B 243 11.47 -10.23 50.89
N VAL B 244 12.31 -11.23 51.12
CA VAL B 244 11.87 -12.62 50.98
C VAL B 244 10.83 -12.96 52.04
N TYR B 245 11.04 -12.52 53.28
CA TYR B 245 10.06 -12.75 54.33
C TYR B 245 8.68 -12.32 53.87
N ARG B 246 8.61 -11.17 53.22
CA ARG B 246 7.33 -10.66 52.75
C ARG B 246 6.76 -11.53 51.63
N GLN B 247 7.58 -11.92 50.67
CA GLN B 247 7.11 -12.82 49.62
C GLN B 247 6.53 -14.10 50.21
N MET B 248 7.22 -14.68 51.19
CA MET B 248 6.75 -15.91 51.83
C MET B 248 5.42 -15.69 52.57
N ARG B 249 5.34 -14.62 53.38
CA ARG B 249 4.10 -14.33 54.10
C ARG B 249 2.92 -14.21 53.15
N SER B 250 3.13 -13.56 52.01
CA SER B 250 2.07 -13.38 51.03
C SER B 250 1.63 -14.72 50.45
N VAL B 251 2.59 -15.59 50.14
CA VAL B 251 2.24 -16.90 49.59
C VAL B 251 1.35 -17.67 50.57
N VAL B 252 1.72 -17.61 51.85
CA VAL B 252 1.06 -18.44 52.84
C VAL B 252 -0.06 -17.69 53.57
N LYS B 253 -0.43 -16.50 53.09
CA LYS B 253 -1.55 -15.77 53.67
C LYS B 253 -1.40 -15.66 55.18
N ASN B 254 -0.16 -15.47 55.64
CA ASN B 254 0.19 -15.26 57.05
C ASN B 254 -0.17 -16.45 57.92
N LYS B 255 -0.38 -17.62 57.31
CA LYS B 255 -0.56 -18.87 58.05
C LYS B 255 0.85 -19.44 58.26
N PHE B 256 1.49 -18.97 59.34
CA PHE B 256 2.93 -19.15 59.52
C PHE B 256 3.34 -20.61 59.71
N GLU B 257 2.46 -21.46 60.21
CA GLU B 257 2.84 -22.84 60.39
C GLU B 257 3.15 -23.53 59.06
N ARG B 258 2.78 -22.92 57.93
CA ARG B 258 3.06 -23.46 56.61
C ARG B 258 4.49 -23.21 56.14
N ILE B 259 5.29 -22.45 56.89
CA ILE B 259 6.69 -22.21 56.54
C ILE B 259 7.54 -23.16 57.36
N ILE B 260 8.46 -23.87 56.70
CA ILE B 260 9.36 -24.79 57.35
C ILE B 260 10.65 -24.04 57.65
N PRO B 261 10.92 -23.69 58.90
CA PRO B 261 12.18 -23.00 59.22
C PRO B 261 13.33 -23.98 59.17
N GLY B 262 14.54 -23.43 59.11
CA GLY B 262 15.72 -24.23 58.96
C GLY B 262 16.14 -24.95 60.22
N HIS B 263 16.11 -24.28 61.36
CA HIS B 263 16.79 -24.82 62.54
C HIS B 263 16.06 -24.43 63.83
N ASP B 264 14.73 -24.60 63.84
CA ASP B 264 13.91 -24.09 64.95
C ASP B 264 13.18 -25.24 65.64
N ALA B 265 13.48 -25.42 66.94
CA ALA B 265 12.77 -26.45 67.70
C ALA B 265 11.28 -26.19 67.77
N GLU B 266 10.85 -24.94 67.52
CA GLU B 266 9.45 -24.56 67.59
C GLU B 266 8.58 -25.33 66.60
N ILE B 267 9.16 -25.87 65.52
CA ILE B 267 8.38 -26.64 64.53
C ILE B 267 7.80 -27.89 65.17
N TRP B 268 8.49 -28.47 66.17
CA TRP B 268 7.93 -29.64 66.85
C TRP B 268 6.72 -29.27 67.69
N ASN B 269 6.63 -28.00 68.12
CA ASN B 269 5.50 -27.51 68.89
C ASN B 269 4.32 -27.10 68.02
N ARG B 270 4.49 -27.11 66.69
CA ARG B 270 3.48 -26.60 65.78
C ARG B 270 2.88 -27.62 64.83
N HIS B 271 3.33 -28.86 64.93
CA HIS B 271 2.84 -29.86 64.01
C HIS B 271 2.81 -31.24 64.63
N ASN B 272 1.97 -32.11 64.08
CA ASN B 272 1.92 -33.49 64.54
C ASN B 272 3.37 -33.79 64.51
N THR B 273 3.89 -34.28 65.61
CA THR B 273 5.30 -34.56 65.70
C THR B 273 5.31 -35.86 66.47
N TRP B 274 6.02 -36.87 65.97
CA TRP B 274 6.18 -38.08 66.74
C TRP B 274 7.44 -37.87 67.49
N THR B 275 8.21 -38.91 67.67
CA THR B 275 9.52 -38.76 68.28
C THR B 275 10.17 -40.08 68.02
N ALA B 276 11.49 -40.10 68.01
CA ALA B 276 12.16 -41.31 67.64
C ALA B 276 12.59 -42.06 68.86
N PRO B 277 13.11 -43.26 68.66
CA PRO B 277 13.64 -43.94 69.83
C PRO B 277 14.51 -42.96 70.55
N ASN B 278 15.31 -42.21 69.80
CA ASN B 278 16.14 -41.20 70.41
C ASN B 278 15.43 -39.86 70.40
N GLY B 279 16.15 -38.80 70.73
CA GLY B 279 15.57 -37.47 70.74
C GLY B 279 15.12 -36.87 69.41
N ASN B 280 15.89 -37.07 68.35
CA ASN B 280 15.56 -36.46 67.08
C ASN B 280 14.10 -36.67 66.77
N GLN B 281 13.44 -35.65 66.25
CA GLN B 281 12.00 -35.73 66.04
C GLN B 281 11.57 -36.03 64.65
N ILE B 282 10.29 -36.27 64.50
CA ILE B 282 9.74 -36.54 63.20
C ILE B 282 8.42 -35.84 63.18
N ALA B 283 8.15 -35.05 62.14
CA ALA B 283 6.95 -34.27 62.17
C ALA B 283 6.17 -34.32 60.90
N GLU B 284 4.92 -34.70 61.01
CA GLU B 284 4.05 -34.69 59.84
C GLU B 284 3.50 -33.29 59.63
N LEU B 285 3.44 -32.86 58.38
CA LEU B 285 2.89 -31.56 58.01
C LEU B 285 1.71 -31.68 57.07
N ASN B 286 1.73 -32.62 56.14
CA ASN B 286 0.61 -32.82 55.24
C ASN B 286 0.61 -34.27 54.85
N LEU B 287 -0.58 -34.84 54.73
CA LEU B 287 -0.76 -36.20 54.23
C LEU B 287 -1.83 -36.05 53.17
N LYS B 288 -1.49 -36.30 51.92
CA LYS B 288 -2.44 -36.09 50.83
C LYS B 288 -3.29 -37.31 50.52
N ASP B 289 -4.46 -37.37 51.13
CA ASP B 289 -5.43 -38.41 50.79
C ASP B 289 -4.96 -39.85 50.71
N GLY B 290 -4.93 -40.54 51.83
CA GLY B 290 -4.60 -41.94 51.78
C GLY B 290 -3.20 -42.23 52.21
N ASP B 291 -2.39 -41.20 52.28
CA ASP B 291 -1.08 -41.44 52.79
C ASP B 291 -1.34 -41.70 54.23
N THR B 292 -1.44 -42.98 54.56
CA THR B 292 -1.79 -43.30 55.91
C THR B 292 -0.82 -42.55 56.77
N SER B 293 -1.34 -41.93 57.80
CA SER B 293 -0.44 -41.24 58.67
C SER B 293 0.57 -42.23 59.13
N ARG B 294 1.81 -41.82 59.10
CA ARG B 294 2.86 -42.68 59.55
C ARG B 294 3.04 -42.50 61.02
N ARG B 295 2.01 -41.98 61.66
CA ARG B 295 2.09 -41.84 63.11
C ARG B 295 1.75 -43.16 63.78
N PRO B 296 2.63 -43.64 64.67
CA PRO B 296 2.40 -44.90 65.36
C PRO B 296 0.96 -45.14 65.83
N ARG C 9 -11.38 -10.55 37.74
CA ARG C 9 -12.31 -9.72 38.50
C ARG C 9 -13.02 -8.73 37.58
N ASP C 10 -14.33 -8.55 37.76
CA ASP C 10 -15.07 -7.55 36.99
C ASP C 10 -15.03 -6.20 37.70
N THR C 11 -14.69 -5.15 36.96
CA THR C 11 -14.52 -3.82 37.51
C THR C 11 -15.44 -2.84 36.80
N ASP C 12 -15.80 -1.76 37.50
CA ASP C 12 -16.64 -0.72 36.92
C ASP C 12 -16.38 0.57 37.68
N TRP C 13 -16.32 1.69 36.95
CA TRP C 13 -15.94 2.96 37.53
C TRP C 13 -16.75 4.10 36.92
N SER C 14 -17.18 5.03 37.77
CA SER C 14 -17.65 6.33 37.31
C SER C 14 -16.49 7.31 37.25
N ILE C 15 -16.52 8.19 36.25
CA ILE C 15 -15.38 9.05 35.94
C ILE C 15 -15.89 10.47 35.68
N TRP C 16 -15.36 11.43 36.42
CA TRP C 16 -15.63 12.85 36.21
C TRP C 16 -14.31 13.60 36.07
N SER C 17 -14.22 14.48 35.08
CA SER C 17 -13.12 15.42 34.98
C SER C 17 -13.59 16.78 35.45
N LEU C 18 -12.91 17.34 36.44
CA LEU C 18 -13.40 18.54 37.13
C LEU C 18 -12.37 19.65 36.98
N ALA C 19 -12.80 20.77 36.42
CA ALA C 19 -11.98 21.96 36.39
C ALA C 19 -11.98 22.61 37.76
N TYR C 20 -10.79 22.95 38.25
CA TYR C 20 -10.64 23.67 39.50
C TYR C 20 -9.89 24.97 39.32
N CYS C 21 -9.63 25.37 38.08
CA CYS C 21 -8.83 26.56 37.79
C CYS C 21 -8.68 26.67 36.28
N GLN C 22 -8.26 27.85 35.83
CA GLN C 22 -8.04 28.07 34.42
C GLN C 22 -6.73 28.82 34.21
N VAL C 23 -6.08 28.56 33.07
CA VAL C 23 -4.80 29.16 32.73
C VAL C 23 -4.88 29.66 31.29
N ASP C 24 -4.44 30.91 31.09
CA ASP C 24 -4.32 31.50 29.75
C ASP C 24 -2.86 31.31 29.32
N MET C 25 -2.66 30.66 28.18
CA MET C 25 -1.31 30.18 27.85
C MET C 25 -1.07 30.21 26.34
N ALA C 26 0.19 30.48 25.98
CA ALA C 26 0.62 30.40 24.59
C ALA C 26 0.33 28.99 24.06
N LYS C 27 -0.19 28.94 22.83
CA LYS C 27 -0.62 27.67 22.26
C LYS C 27 0.58 26.74 22.04
N ASP C 28 1.72 27.30 21.61
CA ASP C 28 2.87 26.41 21.34
C ASP C 28 3.29 25.67 22.61
N PHE C 29 3.06 26.28 23.77
CA PHE C 29 3.34 25.61 25.04
C PHE C 29 2.73 24.21 25.10
N PHE C 30 1.43 24.09 24.84
CA PHE C 30 0.72 22.82 24.94
C PHE C 30 0.70 22.00 23.65
N GLY C 31 0.67 22.67 22.51
CA GLY C 31 0.35 22.01 21.25
C GLY C 31 1.52 21.66 20.35
N GLY C 32 2.65 22.33 20.53
CA GLY C 32 3.85 22.04 19.76
C GLY C 32 4.50 23.27 19.15
N ALA C 33 5.84 23.30 19.16
CA ALA C 33 6.55 24.44 18.58
C ALA C 33 6.40 24.52 17.08
N GLY C 34 5.93 23.47 16.43
CA GLY C 34 5.77 23.59 14.99
C GLY C 34 4.41 24.13 14.61
N ILE C 35 3.40 23.30 14.82
CA ILE C 35 2.05 23.58 14.34
C ILE C 35 1.42 24.76 15.06
N PHE C 36 1.76 25.00 16.32
CA PHE C 36 1.07 26.04 17.08
C PHE C 36 1.96 27.22 17.44
N SER C 37 3.06 27.43 16.72
CA SER C 37 3.92 28.58 16.95
C SER C 37 3.25 29.88 16.56
N ASN C 38 3.47 30.92 17.38
CA ASN C 38 2.93 32.26 17.11
C ASN C 38 1.44 32.23 16.77
N SER C 39 0.69 31.38 17.48
CA SER C 39 -0.73 31.17 17.20
C SER C 39 -1.64 31.85 18.22
N GLY C 40 -1.12 32.82 18.97
CA GLY C 40 -1.89 33.48 20.01
C GLY C 40 -2.01 32.64 21.27
N THR C 41 -2.97 33.01 22.12
CA THR C 41 -3.21 32.32 23.38
C THR C 41 -4.64 31.83 23.47
N CYS C 42 -4.91 31.03 24.52
CA CYS C 42 -6.24 30.54 24.82
C CYS C 42 -6.28 30.09 26.28
N ILE C 43 -7.50 29.90 26.78
CA ILE C 43 -7.74 29.40 28.13
C ILE C 43 -7.73 27.87 28.10
N ASN C 44 -7.09 27.28 29.11
CA ASN C 44 -7.01 25.85 29.26
C ASN C 44 -7.35 25.47 30.69
N PRO C 45 -8.07 24.37 30.87
CA PRO C 45 -8.48 23.96 32.22
C PRO C 45 -7.34 23.33 33.01
N MET C 46 -7.38 23.56 34.31
CA MET C 46 -6.62 22.80 35.28
C MET C 46 -7.60 21.79 35.86
N ILE C 47 -7.24 20.52 35.79
CA ILE C 47 -8.20 19.43 35.90
C ILE C 47 -7.66 18.40 36.89
N TYR C 48 -8.55 17.83 37.69
CA TYR C 48 -8.28 16.54 38.28
C TYR C 48 -9.51 15.67 38.06
N THR C 49 -9.30 14.36 38.13
CA THR C 49 -10.31 13.41 37.69
C THR C 49 -10.73 12.54 38.86
N LEU C 50 -12.04 12.47 39.10
CA LEU C 50 -12.62 11.68 40.16
C LEU C 50 -13.07 10.34 39.59
N LEU C 51 -12.65 9.27 40.24
CA LEU C 51 -13.05 7.92 39.88
C LEU C 51 -13.71 7.29 41.11
N VAL C 52 -14.91 6.75 40.93
CA VAL C 52 -15.64 6.08 42.01
C VAL C 52 -16.11 4.72 41.50
N GLY C 53 -15.68 3.67 42.18
CA GLY C 53 -16.01 2.32 41.78
C GLY C 53 -14.95 1.34 42.27
N GLY C 54 -14.63 0.38 41.41
CA GLY C 54 -13.76 -0.71 41.78
C GLY C 54 -14.37 -2.04 41.41
N GLU C 55 -14.09 -3.07 42.20
CA GLU C 55 -14.71 -4.35 41.94
C GLU C 55 -16.20 -4.26 42.22
N VAL C 56 -17.01 -4.87 41.36
CA VAL C 56 -18.45 -4.90 41.60
C VAL C 56 -18.77 -5.91 42.69
N GLY C 57 -19.61 -5.49 43.64
CA GLY C 57 -19.80 -6.27 44.86
C GLY C 57 -18.61 -6.23 45.81
N GLY C 58 -17.67 -5.32 45.58
CA GLY C 58 -16.51 -5.16 46.43
C GLY C 58 -16.36 -3.71 46.89
N LYS C 59 -15.27 -3.41 47.60
CA LYS C 59 -15.03 -2.06 48.09
C LYS C 59 -15.23 -1.03 46.99
N GLN C 60 -15.94 0.04 47.31
CA GLN C 60 -16.04 1.20 46.44
C GLN C 60 -14.95 2.19 46.80
N HIS C 61 -14.11 2.51 45.83
CA HIS C 61 -13.03 3.47 46.02
C HIS C 61 -13.42 4.85 45.52
N VAL C 62 -12.90 5.87 46.19
CA VAL C 62 -13.03 7.25 45.77
C VAL C 62 -11.62 7.75 45.48
N VAL C 63 -11.29 7.91 44.20
CA VAL C 63 -9.93 8.13 43.77
C VAL C 63 -9.83 9.41 42.99
N LEU C 64 -8.74 10.13 43.22
CA LEU C 64 -8.41 11.29 42.43
C LEU C 64 -7.16 10.96 41.63
N VAL C 65 -7.20 11.20 40.33
CA VAL C 65 -5.99 11.24 39.54
C VAL C 65 -5.53 12.69 39.59
N ASP C 66 -4.43 12.93 40.33
CA ASP C 66 -3.94 14.28 40.56
C ASP C 66 -4.91 15.03 41.47
N CYS C 67 -4.49 16.17 42.03
CA CYS C 67 -5.33 16.83 43.03
C CYS C 67 -5.20 18.35 43.01
N GLY C 68 -4.67 18.93 41.94
CA GLY C 68 -4.56 20.37 41.77
C GLY C 68 -3.44 20.94 42.62
N PHE C 69 -3.29 22.27 42.58
CA PHE C 69 -2.35 22.95 43.47
C PHE C 69 -3.13 23.81 44.47
N GLN C 70 -2.39 24.41 45.40
CA GLN C 70 -3.00 25.20 46.46
C GLN C 70 -3.15 26.66 46.04
N ASN C 71 -3.95 27.39 46.82
CA ASN C 71 -4.07 28.83 46.68
C ASN C 71 -2.87 29.49 47.35
N ASP C 72 -1.75 29.48 46.64
CA ASP C 72 -0.48 29.96 47.19
C ASP C 72 0.23 30.77 46.11
N HIS C 73 1.55 30.90 46.25
CA HIS C 73 2.34 31.72 45.34
C HIS C 73 2.19 31.30 43.87
N TRP C 74 1.83 30.04 43.61
CA TRP C 74 1.76 29.60 42.22
C TRP C 74 0.76 30.42 41.43
N LEU C 75 -0.26 30.95 42.10
CA LEU C 75 -1.25 31.79 41.42
C LEU C 75 -0.64 33.01 40.76
N THR C 76 0.54 33.44 41.20
CA THR C 76 1.23 34.58 40.60
C THR C 76 2.24 34.16 39.52
N ARG C 77 2.58 32.88 39.39
CA ARG C 77 3.61 32.47 38.42
C ARG C 77 3.05 32.13 37.05
N TYR C 78 1.77 32.40 36.80
CA TYR C 78 1.12 32.13 35.53
C TYR C 78 -0.23 32.82 35.54
N ALA C 79 -0.88 32.87 34.38
CA ALA C 79 -2.13 33.62 34.23
C ALA C 79 -3.30 32.71 34.60
N PHE C 80 -3.42 32.46 35.91
CA PHE C 80 -4.46 31.62 36.49
C PHE C 80 -5.72 32.45 36.76
N SER C 81 -6.86 31.77 36.78
CA SER C 81 -8.15 32.40 37.09
C SER C 81 -9.13 31.33 37.55
N SER C 82 -10.11 31.74 38.35
CA SER C 82 -11.24 30.87 38.69
C SER C 82 -10.82 29.70 39.57
N TRP C 83 -9.81 29.87 40.40
CA TRP C 83 -9.42 28.79 41.31
C TRP C 83 -10.52 28.46 42.31
N GLU C 84 -10.74 27.17 42.54
CA GLU C 84 -11.77 26.69 43.47
C GLU C 84 -11.20 25.61 44.38
N ASP C 85 -11.72 25.59 45.60
CA ASP C 85 -11.32 24.65 46.65
C ASP C 85 -11.83 23.24 46.35
N PRO C 86 -11.12 22.23 46.84
CA PRO C 86 -11.65 20.86 46.72
C PRO C 86 -13.02 20.66 47.38
N LYS C 87 -13.33 21.36 48.48
CA LYS C 87 -14.66 21.24 49.07
C LYS C 87 -15.74 21.62 48.07
N ASP C 88 -15.55 22.72 47.35
CA ASP C 88 -16.52 23.18 46.37
C ASP C 88 -16.49 22.36 45.09
N VAL C 89 -15.30 22.05 44.55
CA VAL C 89 -15.22 21.33 43.29
C VAL C 89 -15.82 19.94 43.44
N LEU C 90 -15.46 19.24 44.52
CA LEU C 90 -16.00 17.89 44.74
C LEU C 90 -17.44 17.92 45.27
N GLY C 91 -17.83 18.96 46.01
CA GLY C 91 -19.20 19.03 46.48
C GLY C 91 -20.22 18.98 45.35
N ARG C 92 -19.90 19.61 44.22
CA ARG C 92 -20.85 19.67 43.11
C ARG C 92 -21.12 18.30 42.51
N VAL C 93 -20.27 17.32 42.78
CA VAL C 93 -20.47 15.96 42.32
C VAL C 93 -20.87 15.04 43.45
N GLY C 94 -21.18 15.58 44.63
CA GLY C 94 -21.71 14.76 45.70
C GLY C 94 -20.68 14.07 46.58
N PHE C 95 -19.50 14.68 46.77
CA PHE C 95 -18.42 14.13 47.58
C PHE C 95 -17.74 15.24 48.36
N SER C 96 -16.84 14.84 49.27
CA SER C 96 -16.00 15.74 50.01
C SER C 96 -14.54 15.27 49.98
N PRO C 97 -13.59 16.18 50.26
CA PRO C 97 -12.18 15.76 50.27
C PRO C 97 -11.91 14.65 51.28
N GLU C 98 -12.69 14.56 52.36
CA GLU C 98 -12.49 13.52 53.36
C GLU C 98 -12.79 12.15 52.78
N ASP C 99 -13.71 12.09 51.81
CA ASP C 99 -14.14 10.83 51.24
C ASP C 99 -13.12 10.22 50.28
N VAL C 100 -12.11 11.00 49.88
CA VAL C 100 -11.14 10.57 48.89
C VAL C 100 -10.11 9.69 49.59
N ASP C 101 -10.05 8.41 49.22
CA ASP C 101 -9.11 7.51 49.88
C ASP C 101 -7.80 7.30 49.12
N THR C 102 -7.74 7.68 47.84
CA THR C 102 -6.52 7.47 47.06
C THR C 102 -6.35 8.59 46.06
N ILE C 103 -5.13 9.12 46.00
CA ILE C 103 -4.72 10.06 44.96
C ILE C 103 -3.61 9.38 44.15
N LEU C 104 -3.87 9.16 42.87
CA LEU C 104 -2.89 8.63 41.92
C LEU C 104 -2.22 9.81 41.23
N VAL C 105 -0.90 9.93 41.39
CA VAL C 105 -0.16 11.09 40.93
C VAL C 105 0.48 10.77 39.58
N THR C 106 0.04 11.43 38.50
CA THR C 106 0.68 11.20 37.21
C THR C 106 2.13 11.66 37.24
N HIS C 107 2.41 12.78 37.90
CA HIS C 107 3.75 13.33 37.98
C HIS C 107 3.75 14.41 39.06
N MET C 108 4.94 14.81 39.50
CA MET C 108 5.12 15.65 40.67
C MET C 108 5.19 17.13 40.34
N HIS C 109 4.70 17.55 39.18
CA HIS C 109 4.53 18.98 38.93
C HIS C 109 3.52 19.58 39.91
N PHE C 110 3.70 20.86 40.22
CA PHE C 110 2.93 21.49 41.30
C PHE C 110 1.43 21.36 41.08
N ASP C 111 0.97 21.45 39.84
CA ASP C 111 -0.47 21.43 39.62
C ASP C 111 -1.07 20.03 39.59
N HIS C 112 -0.29 18.97 39.81
CA HIS C 112 -0.92 17.67 39.93
C HIS C 112 -0.71 17.00 41.29
N MET C 113 0.18 17.51 42.12
CA MET C 113 0.32 16.91 43.43
C MET C 113 0.33 17.93 44.55
N GLY C 114 0.43 19.22 44.25
CA GLY C 114 0.29 20.21 45.30
C GLY C 114 -1.07 20.08 45.93
N ASN C 115 -1.20 20.50 47.17
CA ASN C 115 -2.48 20.42 47.84
C ASN C 115 -2.98 19.00 48.08
N PHE C 116 -2.11 17.99 48.09
CA PHE C 116 -2.62 16.65 48.40
C PHE C 116 -3.02 16.54 49.86
N GLU C 117 -2.40 17.36 50.72
CA GLU C 117 -2.70 17.31 52.14
C GLU C 117 -4.09 17.83 52.48
N ALA C 118 -4.81 18.38 51.50
CA ALA C 118 -6.21 18.70 51.68
C ALA C 118 -7.09 17.47 51.67
N PHE C 119 -6.52 16.27 51.48
CA PHE C 119 -7.28 15.02 51.47
C PHE C 119 -6.69 14.17 52.59
N PRO C 120 -7.13 14.37 53.84
CA PRO C 120 -6.40 13.79 54.97
C PRO C 120 -6.47 12.29 55.05
N ASN C 121 -7.38 11.64 54.33
CA ASN C 121 -7.53 10.19 54.38
C ASN C 121 -6.97 9.50 53.15
N ALA C 122 -6.32 10.23 52.26
CA ALA C 122 -5.91 9.67 50.98
C ALA C 122 -4.47 9.20 51.06
N LYS C 123 -4.19 8.04 50.45
CA LYS C 123 -2.83 7.59 50.21
C LYS C 123 -2.36 8.02 48.83
N LEU C 124 -1.09 8.42 48.73
CA LEU C 124 -0.48 8.91 47.51
C LEU C 124 0.35 7.82 46.84
N TYR C 125 0.14 7.63 45.54
CA TYR C 125 0.90 6.68 44.73
C TYR C 125 1.73 7.44 43.69
N ILE C 126 3.05 7.28 43.76
CA ILE C 126 3.99 7.99 42.90
C ILE C 126 4.96 6.96 42.35
N GLN C 127 5.39 7.13 41.10
CA GLN C 127 6.44 6.28 40.55
C GLN C 127 7.75 6.56 41.28
N LEU C 128 8.45 5.50 41.67
CA LEU C 128 9.74 5.70 42.31
C LEU C 128 10.66 6.58 41.47
N ASP C 129 10.70 6.34 40.16
CA ASP C 129 11.59 7.10 39.27
C ASP C 129 11.23 8.58 39.25
N GLU C 130 9.95 8.91 39.41
CA GLU C 130 9.57 10.31 39.48
C GLU C 130 10.19 10.96 40.71
N TYR C 131 10.02 10.30 41.87
CA TYR C 131 10.55 10.85 43.11
C TYR C 131 12.08 10.96 43.06
N THR C 132 12.75 9.88 42.66
CA THR C 132 14.22 9.90 42.65
C THR C 132 14.75 10.84 41.58
N GLY C 133 14.11 10.87 40.42
CA GLY C 133 14.51 11.82 39.38
C GLY C 133 14.51 13.26 39.88
N TRP C 134 13.42 13.67 40.56
CA TRP C 134 13.33 15.05 41.04
C TRP C 134 14.33 15.32 42.17
N SER C 135 14.56 14.34 43.05
CA SER C 135 15.56 14.53 44.09
C SER C 135 16.91 14.90 43.46
N LYS C 136 17.33 14.12 42.44
CA LYS C 136 18.58 14.38 41.72
C LYS C 136 18.53 15.69 40.96
N ALA C 137 17.45 15.96 40.25
CA ALA C 137 17.37 17.18 39.46
C ALA C 137 17.46 18.42 40.35
N VAL C 138 16.72 18.41 41.48
CA VAL C 138 16.77 19.56 42.38
C VAL C 138 18.18 19.73 42.93
N CYS C 139 18.79 18.63 43.36
CA CYS C 139 20.13 18.71 43.91
C CYS C 139 21.14 19.21 42.89
N SER C 140 21.06 18.70 41.65
CA SER C 140 21.96 19.16 40.60
C SER C 140 21.77 20.64 40.28
N SER C 141 20.55 21.14 40.36
CA SER C 141 20.31 22.52 39.95
C SER C 141 21.10 23.50 40.81
N HIS C 142 21.37 23.15 42.05
CA HIS C 142 22.07 24.08 42.93
C HIS C 142 23.54 24.21 42.61
N GLN C 143 24.04 23.62 41.55
CA GLN C 143 25.39 23.94 41.11
C GLN C 143 25.45 25.22 40.30
N HIS C 144 24.30 25.71 39.83
CA HIS C 144 24.23 26.98 39.13
C HIS C 144 24.22 28.15 40.12
N GLU C 145 24.90 29.23 39.77
CA GLU C 145 25.10 30.32 40.72
C GLU C 145 23.89 31.22 40.85
N THR C 146 23.08 31.34 39.81
CA THR C 146 21.91 32.21 39.80
C THR C 146 20.65 31.40 39.64
N GLU C 147 19.53 31.99 40.08
CA GLU C 147 18.23 31.35 39.93
C GLU C 147 17.74 31.36 38.48
N GLU C 148 18.24 32.29 37.67
CA GLU C 148 17.91 32.32 36.25
C GLU C 148 18.33 31.02 35.59
N GLU C 149 19.47 30.49 36.01
CA GLU C 149 19.96 29.22 35.49
C GLU C 149 19.16 28.03 36.01
N LYS C 150 18.39 28.22 37.07
CA LYS C 150 17.54 27.17 37.63
C LYS C 150 16.10 27.29 37.15
N GLU C 151 15.77 28.37 36.44
CA GLU C 151 14.37 28.67 36.20
C GLU C 151 13.66 27.53 35.47
N TRP C 152 14.28 26.99 34.42
CA TRP C 152 13.60 25.96 33.65
C TRP C 152 13.30 24.71 34.47
N VAL C 153 14.26 24.28 35.30
CA VAL C 153 14.06 23.11 36.16
C VAL C 153 12.86 23.28 37.08
N PHE C 154 12.61 24.51 37.55
CA PHE C 154 11.56 24.81 38.52
C PHE C 154 10.32 25.45 37.90
N THR C 155 10.21 25.50 36.57
CA THR C 155 9.05 26.14 35.96
C THR C 155 7.73 25.53 36.43
N SER C 156 7.70 24.22 36.70
CA SER C 156 6.50 23.51 37.16
C SER C 156 6.77 22.68 38.41
N PHE C 157 7.88 22.89 39.09
CA PHE C 157 8.21 22.02 40.20
C PHE C 157 8.45 22.87 41.42
N ASP C 158 7.82 22.48 42.51
CA ASP C 158 7.91 23.20 43.77
C ASP C 158 8.79 22.38 44.71
N PRO C 159 9.99 22.84 45.07
CA PRO C 159 10.83 22.05 45.97
C PRO C 159 10.15 21.69 47.27
N ALA C 160 9.16 22.50 47.70
CA ALA C 160 8.39 22.15 48.87
C ALA C 160 7.62 20.86 48.70
N ASP C 161 7.29 20.49 47.45
CA ASP C 161 6.61 19.22 47.22
C ASP C 161 7.55 18.04 47.42
N LEU C 162 8.84 18.25 47.24
CA LEU C 162 9.82 17.25 47.61
C LEU C 162 9.78 16.98 49.11
N ILE C 163 9.68 18.05 49.92
CA ILE C 163 9.65 17.88 51.36
C ILE C 163 8.36 17.21 51.78
N ARG C 164 7.23 17.64 51.21
CA ARG C 164 5.96 17.00 51.52
C ARG C 164 5.95 15.52 51.17
N ALA C 165 6.54 15.15 50.02
CA ALA C 165 6.61 13.74 49.65
C ALA C 165 7.40 12.93 50.67
N ALA C 166 8.56 13.44 51.11
CA ALA C 166 9.33 12.73 52.12
C ALA C 166 8.53 12.62 53.41
N GLN C 167 7.85 13.69 53.78
CA GLN C 167 7.00 13.66 54.97
C GLN C 167 5.94 12.58 54.83
N GLY C 168 5.32 12.47 53.66
CA GLY C 168 4.35 11.41 53.45
C GLY C 168 4.97 10.03 53.44
N ILE C 169 6.18 9.90 52.90
CA ILE C 169 6.83 8.59 52.92
C ILE C 169 7.02 8.14 54.37
N SER C 170 7.54 9.03 55.21
CA SER C 170 7.78 8.66 56.61
C SER C 170 6.48 8.45 57.37
N ASP C 171 5.45 9.23 57.04
CA ASP C 171 4.14 9.12 57.66
C ASP C 171 3.37 7.86 57.25
N GLY C 172 3.84 7.13 56.22
CA GLY C 172 3.10 6.03 55.65
C GLY C 172 1.97 6.42 54.73
N ARG C 173 1.88 7.68 54.33
CA ARG C 173 0.80 8.08 53.45
C ARG C 173 1.21 8.11 51.96
N VAL C 174 2.51 8.04 51.68
CA VAL C 174 2.98 8.02 50.30
C VAL C 174 3.46 6.61 50.02
N LYS C 175 3.07 6.07 48.87
CA LYS C 175 3.47 4.73 48.46
C LYS C 175 4.09 4.81 47.06
N PHE C 176 5.15 4.02 46.85
CA PHE C 176 5.81 3.98 45.55
C PHE C 176 5.23 2.87 44.68
N ILE C 177 5.01 3.17 43.40
CA ILE C 177 4.84 2.17 42.37
C ILE C 177 6.15 2.14 41.60
N THR C 178 6.59 0.94 41.22
CA THR C 178 7.81 0.75 40.44
C THR C 178 7.40 0.03 39.16
N GLY C 179 7.15 0.78 38.10
CA GLY C 179 6.74 0.18 36.86
C GLY C 179 5.24 0.05 36.72
N ASP C 180 4.79 -1.00 36.05
CA ASP C 180 3.36 -1.22 35.83
C ASP C 180 2.79 -1.99 37.00
N GLU C 181 1.55 -1.67 37.37
CA GLU C 181 0.92 -2.35 38.49
C GLU C 181 -0.56 -2.01 38.49
N GLU C 182 -1.39 -3.04 38.71
CA GLU C 182 -2.80 -2.82 38.97
C GLU C 182 -2.95 -2.48 40.45
N ILE C 183 -3.00 -1.18 40.75
CA ILE C 183 -2.98 -0.70 42.13
C ILE C 183 -4.38 -0.72 42.77
N LEU C 184 -5.42 -0.39 42.00
CA LEU C 184 -6.80 -0.55 42.41
C LEU C 184 -7.51 -1.47 41.41
N PRO C 185 -8.62 -2.11 41.78
CA PRO C 185 -9.27 -3.05 40.86
C PRO C 185 -9.71 -2.38 39.57
N GLY C 186 -9.10 -2.72 38.43
CA GLY C 186 -9.48 -2.08 37.18
C GLY C 186 -8.75 -0.80 36.86
N ILE C 187 -7.75 -0.42 37.66
CA ILE C 187 -6.91 0.73 37.39
C ILE C 187 -5.48 0.23 37.32
N THR C 188 -4.87 0.34 36.16
CA THR C 188 -3.50 -0.10 35.96
C THR C 188 -2.63 1.14 35.77
N ALA C 189 -1.61 1.29 36.61
CA ALA C 189 -0.63 2.35 36.44
C ALA C 189 0.41 1.92 35.41
N ARG C 190 0.74 2.83 34.51
CA ARG C 190 1.70 2.57 33.45
C ARG C 190 2.83 3.57 33.57
N LEU C 191 4.02 3.07 33.88
CA LEU C 191 5.19 3.91 33.91
C LEU C 191 5.57 4.32 32.48
N ALA C 192 5.72 5.62 32.26
CA ALA C 192 6.22 6.19 31.00
C ALA C 192 7.50 6.94 31.34
N LYS C 193 8.57 6.18 31.52
CA LYS C 193 9.83 6.74 32.00
C LYS C 193 10.35 7.80 31.02
N ASP C 194 10.74 8.95 31.56
CA ASP C 194 11.33 10.01 30.75
C ASP C 194 10.43 10.36 29.58
N SER C 195 9.14 10.46 29.84
CA SER C 195 8.20 10.90 28.82
C SER C 195 7.92 12.38 29.04
N HIS C 196 6.86 12.71 29.78
CA HIS C 196 6.67 14.10 30.20
C HIS C 196 7.64 14.50 31.32
N THR C 197 7.94 13.59 32.24
CA THR C 197 8.88 13.81 33.33
C THR C 197 9.57 12.48 33.63
N PHE C 198 10.53 12.51 34.56
CA PHE C 198 11.31 11.32 34.90
C PHE C 198 10.44 10.08 35.06
N GLY C 199 9.39 10.18 35.86
CA GLY C 199 8.58 9.01 36.08
C GLY C 199 7.11 9.28 35.91
N SER C 200 6.74 10.05 34.89
CA SER C 200 5.33 10.21 34.58
C SER C 200 4.70 8.83 34.48
N GLN C 201 3.46 8.72 34.97
CA GLN C 201 2.69 7.50 34.79
C GLN C 201 1.30 7.85 34.30
N TRP C 202 0.72 6.98 33.49
CA TRP C 202 -0.67 7.12 33.09
C TRP C 202 -1.48 5.93 33.59
N PHE C 203 -2.80 6.05 33.57
CA PHE C 203 -3.67 5.09 34.21
C PHE C 203 -4.71 4.54 33.23
N GLU C 204 -4.78 3.23 33.17
CA GLU C 204 -5.78 2.50 32.41
C GLU C 204 -6.95 2.17 33.33
N VAL C 205 -8.13 2.67 33.00
CA VAL C 205 -9.32 2.49 33.82
C VAL C 205 -10.29 1.62 33.03
N ASN C 206 -10.55 0.42 33.55
CA ASN C 206 -11.40 -0.56 32.87
C ASN C 206 -12.80 -0.49 33.45
N THR C 207 -13.77 -0.12 32.63
CA THR C 207 -15.17 -0.03 33.04
C THR C 207 -16.01 -0.96 32.18
N HIS C 208 -17.28 -1.11 32.56
CA HIS C 208 -18.19 -1.92 31.75
C HIS C 208 -18.40 -1.31 30.36
N ASN C 209 -18.13 -0.01 30.19
CA ASN C 209 -18.23 0.64 28.89
C ASN C 209 -16.89 0.71 28.16
N GLY C 210 -15.91 -0.09 28.57
CA GLY C 210 -14.62 -0.11 27.92
C GLY C 210 -13.58 0.73 28.63
N PRO C 211 -12.41 0.87 28.03
CA PRO C 211 -11.28 1.52 28.70
C PRO C 211 -11.30 3.04 28.60
N PHE C 212 -10.79 3.68 29.65
CA PHE C 212 -10.50 5.10 29.68
C PHE C 212 -9.07 5.31 30.15
N ILE C 213 -8.47 6.41 29.70
CA ILE C 213 -7.08 6.71 30.04
C ILE C 213 -7.00 8.09 30.66
N ALA C 214 -6.39 8.14 31.84
CA ALA C 214 -5.97 9.39 32.46
C ALA C 214 -4.49 9.57 32.09
N ALA C 215 -4.22 10.49 31.18
CA ALA C 215 -2.92 10.57 30.52
C ALA C 215 -1.91 11.46 31.24
N GLY C 216 -2.35 12.25 32.23
CA GLY C 216 -1.49 13.26 32.81
C GLY C 216 -1.08 14.26 31.75
N ASP C 217 0.11 14.80 31.92
CA ASP C 217 0.62 15.76 30.94
C ASP C 217 1.37 15.11 29.79
N ILE C 218 1.45 13.78 29.76
CA ILE C 218 1.91 13.11 28.55
C ILE C 218 1.08 13.57 27.36
N VAL C 219 -0.24 13.67 27.55
CA VAL C 219 -1.11 14.27 26.55
C VAL C 219 -1.71 15.56 27.11
N TYR C 220 -1.06 16.70 26.84
CA TYR C 220 -1.64 17.99 27.18
C TYR C 220 -2.98 18.20 26.48
N TRP C 221 -2.98 17.96 25.17
CA TRP C 221 -4.06 18.28 24.26
C TRP C 221 -4.36 17.07 23.39
N TYR C 222 -5.64 16.90 23.03
CA TYR C 222 -5.98 15.87 22.07
C TYR C 222 -5.11 15.98 20.82
N SER C 223 -4.79 17.21 20.40
CA SER C 223 -4.02 17.37 19.17
C SER C 223 -2.64 16.74 19.31
N ASN C 224 -2.10 16.67 20.53
CA ASN C 224 -0.84 15.96 20.73
C ASN C 224 -0.91 14.54 20.22
N ILE C 225 -1.96 13.81 20.61
CA ILE C 225 -1.98 12.39 20.26
C ILE C 225 -2.63 12.14 18.90
N GLU C 226 -3.53 13.02 18.46
CA GLU C 226 -4.15 12.86 17.15
C GLU C 226 -3.20 13.23 16.02
N ARG C 227 -2.42 14.28 16.20
CA ARG C 227 -1.41 14.73 15.25
C ARG C 227 -0.03 14.14 15.52
N MET C 228 0.13 13.34 16.60
CA MET C 228 1.42 12.74 16.93
C MET C 228 2.53 13.80 16.98
N TRP C 229 2.30 14.84 17.77
CA TRP C 229 3.16 16.01 17.80
C TRP C 229 3.33 16.40 19.26
N PRO C 230 4.47 16.05 19.87
CA PRO C 230 4.65 16.29 21.30
C PRO C 230 4.66 17.78 21.59
N PRO C 231 4.42 18.19 22.84
CA PRO C 231 4.21 19.62 23.13
C PRO C 231 5.51 20.40 23.05
N GLY C 232 5.38 21.74 23.05
CA GLY C 232 6.54 22.62 23.06
C GLY C 232 7.22 22.71 24.40
N TYR C 233 6.48 22.50 25.50
CA TYR C 233 7.04 22.45 26.83
C TYR C 233 6.76 21.07 27.41
N HIS C 234 7.83 20.39 27.82
CA HIS C 234 7.76 19.14 28.57
C HIS C 234 9.16 18.95 29.14
N GLN C 235 9.29 18.03 30.08
CA GLN C 235 10.57 17.83 30.74
C GLN C 235 11.07 16.40 30.61
N GLY C 236 10.85 15.79 29.45
CA GLY C 236 11.31 14.44 29.17
C GLY C 236 11.79 14.26 27.75
N ASN C 237 11.46 13.12 27.16
CA ASN C 237 11.97 12.70 25.85
C ASN C 237 10.80 12.71 24.86
N ALA C 238 10.92 13.55 23.83
CA ALA C 238 9.81 13.73 22.91
C ALA C 238 9.49 12.42 22.20
N PHE C 239 10.51 11.65 21.79
CA PHE C 239 10.25 10.37 21.14
C PHE C 239 9.64 9.34 22.09
N ASN C 240 9.97 9.40 23.40
CA ASN C 240 9.27 8.56 24.36
C ASN C 240 7.78 8.85 24.36
N GLN C 241 7.40 10.12 24.27
CA GLN C 241 6.00 10.47 24.20
C GLN C 241 5.36 9.89 22.94
N ILE C 242 6.06 9.96 21.81
CA ILE C 242 5.59 9.29 20.59
C ILE C 242 5.28 7.84 20.90
N ASP C 243 6.19 7.16 21.58
CA ASP C 243 5.95 5.76 21.87
C ASP C 243 4.72 5.60 22.75
N VAL C 244 4.57 6.47 23.76
CA VAL C 244 3.43 6.35 24.67
C VAL C 244 2.11 6.62 23.95
N TYR C 245 2.07 7.64 23.09
CA TYR C 245 0.83 7.93 22.35
C TYR C 245 0.36 6.68 21.62
N ARG C 246 1.30 5.94 21.02
CA ARG C 246 0.95 4.72 20.27
C ARG C 246 0.41 3.64 21.21
N GLN C 247 1.03 3.50 22.39
CA GLN C 247 0.48 2.60 23.40
C GLN C 247 -0.94 3.02 23.79
N MET C 248 -1.14 4.31 24.04
CA MET C 248 -2.46 4.79 24.46
C MET C 248 -3.50 4.58 23.36
N ARG C 249 -3.16 4.93 22.11
CA ARG C 249 -4.08 4.72 21.01
C ARG C 249 -4.52 3.27 20.92
N SER C 250 -3.57 2.35 21.10
CA SER C 250 -3.87 0.92 21.04
C SER C 250 -4.83 0.49 22.14
N VAL C 251 -4.68 1.02 23.35
CA VAL C 251 -5.55 0.63 24.47
C VAL C 251 -7.00 0.97 24.16
N VAL C 252 -7.25 2.17 23.64
CA VAL C 252 -8.61 2.65 23.40
C VAL C 252 -9.04 2.49 21.94
N LYS C 253 -8.27 1.73 21.15
CA LYS C 253 -8.60 1.52 19.73
C LYS C 253 -8.91 2.82 19.02
N ASN C 254 -8.13 3.86 19.33
CA ASN C 254 -8.22 5.15 18.66
C ASN C 254 -9.54 5.84 18.92
N LYS C 255 -10.26 5.45 19.97
CA LYS C 255 -11.44 6.21 20.37
C LYS C 255 -10.94 7.35 21.24
N PHE C 256 -10.56 8.45 20.58
CA PHE C 256 -9.77 9.49 21.23
C PHE C 256 -10.52 10.15 22.37
N GLU C 257 -11.85 10.15 22.32
CA GLU C 257 -12.60 10.74 23.42
C GLU C 257 -12.38 10.01 24.74
N ARG C 258 -11.85 8.79 24.69
CA ARG C 258 -11.59 8.00 25.90
C ARG C 258 -10.32 8.39 26.63
N ILE C 259 -9.49 9.26 26.08
CA ILE C 259 -8.24 9.69 26.72
C ILE C 259 -8.51 11.02 27.42
N ILE C 260 -8.08 11.12 28.67
CA ILE C 260 -8.26 12.38 29.38
C ILE C 260 -6.98 13.20 29.27
N PRO C 261 -6.96 14.25 28.45
CA PRO C 261 -5.77 15.10 28.39
C PRO C 261 -5.65 15.98 29.63
N GLY C 262 -4.45 16.53 29.80
CA GLY C 262 -4.16 17.27 31.02
C GLY C 262 -4.80 18.65 31.06
N HIS C 263 -4.78 19.37 29.94
CA HIS C 263 -5.08 20.81 29.99
C HIS C 263 -5.77 21.29 28.71
N ASP C 264 -6.76 20.55 28.24
CA ASP C 264 -7.35 20.84 26.94
C ASP C 264 -8.82 21.18 27.11
N ALA C 265 -9.16 22.44 26.80
CA ALA C 265 -10.56 22.86 26.84
C ALA C 265 -11.40 22.08 25.86
N GLU C 266 -10.77 21.44 24.88
CA GLU C 266 -11.51 20.62 23.93
C GLU C 266 -12.22 19.47 24.61
N ILE C 267 -11.81 19.10 25.82
CA ILE C 267 -12.46 18.00 26.51
C ILE C 267 -13.92 18.32 26.80
N TRP C 268 -14.25 19.60 27.05
CA TRP C 268 -15.63 19.96 27.31
C TRP C 268 -16.51 19.84 26.08
N ASN C 269 -15.91 19.87 24.90
CA ASN C 269 -16.67 19.72 23.67
C ASN C 269 -16.92 18.26 23.32
N ARG C 270 -16.34 17.34 24.09
CA ARG C 270 -16.38 15.92 23.77
C ARG C 270 -17.13 15.06 24.77
N HIS C 271 -17.64 15.62 25.87
CA HIS C 271 -18.34 14.82 26.85
C HIS C 271 -19.53 15.59 27.38
N ASN C 272 -20.44 14.84 28.01
CA ASN C 272 -21.56 15.43 28.72
C ASN C 272 -21.01 16.40 29.76
N THR C 273 -21.08 17.71 29.50
CA THR C 273 -20.45 18.71 30.34
C THR C 273 -21.45 19.74 30.82
N TRP C 274 -21.32 20.15 32.07
CA TRP C 274 -22.03 21.31 32.60
C TRP C 274 -21.03 22.16 33.38
N THR C 275 -21.40 23.40 33.62
CA THR C 275 -20.50 24.38 34.20
C THR C 275 -20.98 24.76 35.60
N ALA C 276 -20.04 25.16 36.44
CA ALA C 276 -20.32 25.67 37.78
C ALA C 276 -20.57 27.17 37.72
N PRO C 277 -21.04 27.76 38.83
CA PRO C 277 -21.33 29.21 38.82
C PRO C 277 -20.18 30.08 38.32
N ASN C 278 -18.93 29.78 38.67
CA ASN C 278 -17.80 30.59 38.24
C ASN C 278 -17.34 30.30 36.81
N GLY C 279 -17.72 29.16 36.25
CA GLY C 279 -17.40 28.83 34.88
C GLY C 279 -16.65 27.52 34.76
N ASN C 280 -16.00 27.09 35.84
CA ASN C 280 -15.25 25.87 35.82
C ASN C 280 -16.17 24.71 35.45
N GLN C 281 -15.68 23.84 34.59
CA GLN C 281 -16.51 22.82 33.96
C GLN C 281 -16.49 21.54 34.78
N ILE C 282 -17.50 20.71 34.54
CA ILE C 282 -17.59 19.36 35.06
C ILE C 282 -17.92 18.43 33.90
N ALA C 283 -17.17 17.36 33.76
CA ALA C 283 -17.43 16.39 32.71
C ALA C 283 -17.80 15.06 33.34
N GLU C 284 -18.79 14.42 32.76
CA GLU C 284 -19.24 13.10 33.18
C GLU C 284 -18.82 12.11 32.09
N LEU C 285 -17.58 11.62 32.21
CA LEU C 285 -17.03 10.78 31.15
C LEU C 285 -17.73 9.42 31.12
N ASN C 286 -18.03 8.86 32.27
CA ASN C 286 -18.69 7.56 32.32
C ASN C 286 -19.39 7.38 33.65
N LEU C 287 -20.45 6.57 33.62
CA LEU C 287 -21.20 6.23 34.83
C LEU C 287 -21.32 4.72 34.95
N LYS C 288 -20.87 4.17 36.07
CA LYS C 288 -21.00 2.73 36.28
C LYS C 288 -22.47 2.36 36.46
N ASP C 289 -22.82 1.17 35.95
CA ASP C 289 -24.15 0.58 36.07
C ASP C 289 -24.79 0.83 37.42
N GLY C 290 -25.93 1.51 37.42
CA GLY C 290 -26.68 1.77 38.63
C GLY C 290 -26.45 3.13 39.26
N ASP C 291 -25.55 3.94 38.69
CA ASP C 291 -25.28 5.28 39.21
C ASP C 291 -26.10 6.31 38.44
N THR C 292 -26.39 7.44 39.11
CA THR C 292 -27.16 8.54 38.55
C THR C 292 -26.26 9.72 38.19
N SER C 293 -26.70 10.49 37.18
CA SER C 293 -25.99 11.67 36.69
C SER C 293 -25.95 12.77 37.76
N ARG C 294 -25.01 13.69 37.60
CA ARG C 294 -24.83 14.80 38.53
C ARG C 294 -25.14 16.15 37.88
N ARG C 295 -25.84 16.15 36.76
CA ARG C 295 -26.24 17.42 36.16
C ARG C 295 -27.44 17.99 36.92
N PRO C 296 -27.39 19.26 37.33
CA PRO C 296 -28.44 19.93 38.13
C PRO C 296 -29.86 19.74 37.59
N ASP D 10 50.85 20.15 21.32
CA ASP D 10 51.14 19.25 20.22
C ASP D 10 50.00 19.17 19.20
N THR D 11 48.88 19.85 19.46
CA THR D 11 47.72 19.82 18.58
C THR D 11 47.17 21.23 18.38
N ASP D 12 46.88 21.57 17.13
CA ASP D 12 46.40 22.90 16.79
C ASP D 12 45.40 22.78 15.63
N TRP D 13 44.39 23.63 15.65
CA TRP D 13 43.35 23.58 14.63
C TRP D 13 42.95 24.98 14.22
N SER D 14 42.78 25.19 12.91
CA SER D 14 42.07 26.36 12.40
C SER D 14 40.59 26.02 12.27
N ILE D 15 39.74 26.97 12.66
CA ILE D 15 38.29 26.74 12.81
C ILE D 15 37.53 27.86 12.12
N TRP D 16 36.65 27.50 11.20
CA TRP D 16 35.78 28.46 10.53
C TRP D 16 34.35 27.94 10.54
N SER D 17 33.41 28.82 10.84
CA SER D 17 31.98 28.52 10.79
C SER D 17 31.38 29.29 9.62
N LEU D 18 30.80 28.56 8.67
CA LEU D 18 30.34 29.14 7.42
C LEU D 18 28.84 28.94 7.31
N ALA D 19 28.13 30.01 6.98
CA ALA D 19 26.69 29.95 6.77
C ALA D 19 26.44 29.66 5.30
N TYR D 20 25.82 28.52 5.00
CA TYR D 20 25.50 28.13 3.63
C TYR D 20 24.07 28.45 3.23
N CYS D 21 23.30 29.11 4.10
CA CYS D 21 21.87 29.30 3.90
C CYS D 21 21.27 30.03 5.11
N GLN D 22 19.97 30.39 5.04
CA GLN D 22 19.28 31.08 6.11
C GLN D 22 17.84 30.57 6.20
N VAL D 23 17.26 30.68 7.41
CA VAL D 23 15.87 30.31 7.66
C VAL D 23 15.21 31.38 8.48
N ASP D 24 13.97 31.70 8.15
CA ASP D 24 13.13 32.59 8.97
C ASP D 24 12.22 31.69 9.78
N MET D 25 12.42 31.67 11.10
CA MET D 25 11.76 30.70 11.95
C MET D 25 11.24 31.35 13.22
N ALA D 26 10.11 30.84 13.70
CA ALA D 26 9.55 31.26 14.97
C ALA D 26 10.55 31.09 16.11
N LYS D 27 10.54 32.04 17.05
CA LYS D 27 11.58 32.08 18.09
C LYS D 27 11.47 30.93 19.10
N ASP D 28 10.27 30.49 19.45
CA ASP D 28 10.15 29.43 20.47
C ASP D 28 10.68 28.09 19.97
N PHE D 29 10.74 27.90 18.65
CA PHE D 29 11.35 26.73 18.03
C PHE D 29 12.78 26.53 18.52
N PHE D 30 13.62 27.55 18.34
CA PHE D 30 15.03 27.50 18.70
C PHE D 30 15.32 27.89 20.14
N GLY D 31 14.50 28.77 20.72
CA GLY D 31 14.82 29.38 22.00
C GLY D 31 14.08 28.84 23.20
N GLY D 32 12.90 28.25 22.97
CA GLY D 32 12.16 27.58 24.03
C GLY D 32 10.74 28.07 24.23
N ALA D 33 9.80 27.15 24.43
CA ALA D 33 8.46 27.53 24.87
C ALA D 33 8.52 28.24 26.22
N GLY D 34 7.60 29.17 26.42
CA GLY D 34 7.61 29.99 27.63
C GLY D 34 8.36 31.28 27.40
N ILE D 35 9.69 31.26 27.54
CA ILE D 35 10.50 32.47 27.41
C ILE D 35 10.55 33.00 25.99
N PHE D 36 10.13 32.22 25.00
CA PHE D 36 10.05 32.71 23.63
C PHE D 36 8.73 32.35 22.97
N SER D 37 7.74 31.89 23.74
CA SER D 37 6.40 31.70 23.20
C SER D 37 5.88 33.01 22.61
N ASN D 38 5.11 32.89 21.52
CA ASN D 38 4.41 34.02 20.89
C ASN D 38 5.30 35.26 20.76
N SER D 39 6.60 35.06 20.51
CA SER D 39 7.54 36.16 20.46
C SER D 39 7.91 36.57 19.03
N GLY D 40 7.17 36.09 18.03
CA GLY D 40 7.48 36.37 16.65
C GLY D 40 8.49 35.42 16.03
N THR D 41 9.31 35.93 15.11
CA THR D 41 10.24 35.13 14.33
C THR D 41 11.49 35.95 14.04
N CYS D 42 12.47 35.29 13.41
CA CYS D 42 13.73 35.93 13.03
C CYS D 42 14.46 35.06 12.02
N ILE D 43 15.43 35.65 11.33
CA ILE D 43 16.29 34.92 10.40
C ILE D 43 17.39 34.24 11.21
N ASN D 44 17.74 33.01 10.81
CA ASN D 44 18.74 32.24 11.51
C ASN D 44 19.58 31.50 10.50
N PRO D 45 20.86 31.29 10.79
CA PRO D 45 21.78 30.74 9.80
C PRO D 45 21.77 29.23 9.79
N MET D 46 22.17 28.68 8.64
CA MET D 46 22.46 27.27 8.48
C MET D 46 23.95 27.16 8.23
N ILE D 47 24.65 26.46 9.11
CA ILE D 47 26.10 26.46 9.05
C ILE D 47 26.65 25.04 9.07
N TYR D 48 27.83 24.87 8.51
CA TYR D 48 28.72 23.79 8.89
C TYR D 48 30.07 24.40 9.24
N THR D 49 30.93 23.61 9.88
CA THR D 49 32.14 24.14 10.49
C THR D 49 33.36 23.43 9.93
N LEU D 50 34.24 24.20 9.30
CA LEU D 50 35.47 23.68 8.72
C LEU D 50 36.61 23.76 9.74
N LEU D 51 37.26 22.62 9.99
CA LEU D 51 38.45 22.54 10.84
C LEU D 51 39.54 21.85 10.05
N VAL D 52 40.69 22.50 9.92
CA VAL D 52 41.80 21.94 9.17
C VAL D 52 43.08 22.08 9.99
N GLY D 53 43.81 20.98 10.14
CA GLY D 53 44.94 20.89 11.03
C GLY D 53 45.00 19.47 11.57
N GLY D 54 45.56 19.33 12.77
CA GLY D 54 45.72 18.01 13.36
C GLY D 54 46.92 18.00 14.27
N GLU D 55 47.65 16.90 14.26
CA GLU D 55 48.86 16.81 15.08
C GLU D 55 49.84 17.85 14.62
N VAL D 56 50.35 18.65 15.55
CA VAL D 56 51.27 19.72 15.19
C VAL D 56 52.44 19.09 14.49
N GLY D 57 52.66 17.81 14.75
CA GLY D 57 53.71 17.11 14.03
C GLY D 57 53.56 17.40 12.56
N GLY D 58 52.38 17.17 11.99
CA GLY D 58 52.17 17.52 10.60
C GLY D 58 50.92 17.14 9.86
N LYS D 59 50.63 15.85 9.72
CA LYS D 59 49.49 15.44 8.91
C LYS D 59 48.30 16.35 9.12
N GLN D 60 47.88 16.99 8.05
CA GLN D 60 46.78 17.91 8.17
C GLN D 60 45.53 17.28 7.63
N HIS D 61 44.47 17.37 8.39
CA HIS D 61 43.22 16.80 7.95
C HIS D 61 42.26 17.91 7.61
N VAL D 62 41.37 17.64 6.66
CA VAL D 62 40.35 18.62 6.29
C VAL D 62 39.08 18.03 6.80
N VAL D 63 38.48 18.64 7.81
CA VAL D 63 37.33 18.03 8.44
C VAL D 63 36.18 19.03 8.49
N LEU D 64 34.99 18.56 8.16
CA LEU D 64 33.78 19.34 8.31
C LEU D 64 32.98 18.76 9.46
N VAL D 65 32.44 19.64 10.29
CA VAL D 65 31.39 19.27 11.24
C VAL D 65 30.07 19.65 10.56
N ASP D 66 29.28 18.63 10.21
CA ASP D 66 28.05 18.83 9.43
C ASP D 66 28.38 19.24 7.99
N CYS D 67 27.42 19.10 7.07
CA CYS D 67 27.74 19.42 5.69
C CYS D 67 26.54 19.98 4.94
N GLY D 68 25.58 20.60 5.63
CA GLY D 68 24.48 21.28 4.97
C GLY D 68 23.52 20.30 4.35
N PHE D 69 22.51 20.84 3.67
CA PHE D 69 21.59 20.05 2.85
C PHE D 69 21.67 20.52 1.40
N GLN D 70 21.39 19.60 0.48
CA GLN D 70 21.35 19.96 -0.93
C GLN D 70 20.24 20.97 -1.20
N ASN D 71 20.34 21.60 -2.36
CA ASN D 71 19.34 22.55 -2.87
C ASN D 71 18.22 21.74 -3.53
N ASP D 72 17.21 21.37 -2.75
CA ASP D 72 16.14 20.51 -3.26
C ASP D 72 14.84 20.89 -2.57
N HIS D 73 13.90 19.94 -2.52
CA HIS D 73 12.56 20.18 -1.97
C HIS D 73 12.61 20.75 -0.56
N TRP D 74 13.69 20.51 0.19
CA TRP D 74 13.82 21.07 1.53
C TRP D 74 13.84 22.60 1.52
N LEU D 75 14.11 23.23 0.37
CA LEU D 75 14.15 24.69 0.33
C LEU D 75 12.75 25.30 0.37
N THR D 76 11.73 24.51 0.08
CA THR D 76 10.36 24.98 0.09
C THR D 76 9.66 24.62 1.37
N ARG D 77 10.21 23.66 2.11
CA ARG D 77 9.58 23.21 3.32
C ARG D 77 9.72 24.19 4.46
N TYR D 78 10.69 25.09 4.35
CA TYR D 78 10.88 26.10 5.38
C TYR D 78 11.21 27.44 4.77
N ALA D 79 11.16 28.50 5.57
CA ALA D 79 11.41 29.84 5.03
C ALA D 79 12.90 30.02 4.73
N PHE D 80 13.39 29.20 3.79
CA PHE D 80 14.80 29.24 3.46
C PHE D 80 15.11 30.37 2.48
N SER D 81 16.38 30.78 2.48
CA SER D 81 16.90 31.73 1.51
C SER D 81 18.41 31.55 1.42
N SER D 82 18.98 32.02 0.32
CA SER D 82 20.43 32.18 0.20
C SER D 82 21.17 30.85 0.17
N TRP D 83 20.54 29.76 -0.27
CA TRP D 83 21.27 28.51 -0.35
C TRP D 83 22.43 28.64 -1.33
N GLU D 84 23.63 28.27 -0.87
CA GLU D 84 24.83 28.30 -1.68
C GLU D 84 25.47 26.93 -1.72
N ASP D 85 26.20 26.67 -2.81
CA ASP D 85 26.85 25.41 -3.02
C ASP D 85 28.06 25.26 -2.09
N PRO D 86 28.48 24.03 -1.81
CA PRO D 86 29.72 23.86 -1.03
C PRO D 86 30.96 24.37 -1.76
N LYS D 87 31.14 24.04 -3.05
CA LYS D 87 32.26 24.61 -3.79
C LYS D 87 32.27 26.12 -3.70
N ASP D 88 31.09 26.74 -3.65
CA ASP D 88 30.99 28.17 -3.43
C ASP D 88 31.52 28.54 -2.06
N VAL D 89 31.02 27.89 -1.02
CA VAL D 89 31.29 28.27 0.36
C VAL D 89 32.69 27.84 0.79
N LEU D 90 33.13 26.65 0.36
CA LEU D 90 34.49 26.20 0.66
C LEU D 90 35.53 27.00 -0.08
N GLY D 91 35.23 27.41 -1.32
CA GLY D 91 36.17 28.21 -2.08
C GLY D 91 36.56 29.49 -1.38
N ARG D 92 35.59 30.16 -0.75
CA ARG D 92 35.84 31.42 -0.07
C ARG D 92 36.80 31.28 1.11
N VAL D 93 37.20 30.05 1.42
CA VAL D 93 38.18 29.81 2.49
C VAL D 93 39.31 28.89 2.01
N GLY D 94 39.36 28.63 0.71
CA GLY D 94 40.53 28.00 0.11
C GLY D 94 40.49 26.51 -0.05
N PHE D 95 39.30 25.92 -0.28
CA PHE D 95 39.19 24.47 -0.30
C PHE D 95 38.15 24.02 -1.33
N SER D 96 38.18 22.72 -1.59
CA SER D 96 37.23 22.15 -2.50
C SER D 96 36.63 20.96 -1.80
N PRO D 97 35.36 20.72 -2.01
CA PRO D 97 34.71 19.57 -1.40
C PRO D 97 35.56 18.32 -1.43
N GLU D 98 36.14 18.03 -2.57
CA GLU D 98 36.93 16.82 -2.70
C GLU D 98 38.15 16.83 -1.80
N ASP D 99 38.48 17.96 -1.22
CA ASP D 99 39.59 18.00 -0.29
C ASP D 99 39.21 17.39 1.06
N VAL D 100 37.96 17.50 1.46
CA VAL D 100 37.59 17.07 2.80
C VAL D 100 37.86 15.61 3.09
N ASP D 101 38.63 15.39 4.14
CA ASP D 101 38.98 14.04 4.51
C ASP D 101 37.92 13.48 5.41
N THR D 102 37.40 14.32 6.29
CA THR D 102 36.44 13.81 7.25
C THR D 102 35.24 14.67 7.56
N ILE D 103 34.07 14.08 7.49
CA ILE D 103 32.83 14.77 7.86
C ILE D 103 32.34 14.20 9.19
N LEU D 104 32.40 15.02 10.24
CA LEU D 104 31.86 14.65 11.54
C LEU D 104 30.39 15.10 11.60
N VAL D 105 29.49 14.13 11.74
CA VAL D 105 28.04 14.38 11.72
C VAL D 105 27.54 14.48 13.16
N THR D 106 27.02 15.65 13.54
CA THR D 106 26.47 15.77 14.89
C THR D 106 25.18 14.98 15.03
N HIS D 107 24.38 14.92 13.96
CA HIS D 107 23.16 14.12 13.97
C HIS D 107 22.63 14.08 12.55
N MET D 108 21.67 13.19 12.31
CA MET D 108 21.27 12.83 10.97
C MET D 108 20.08 13.63 10.46
N HIS D 109 19.78 14.78 11.06
CA HIS D 109 18.75 15.61 10.45
C HIS D 109 19.21 16.06 9.06
N PHE D 110 18.23 16.31 8.18
CA PHE D 110 18.55 16.63 6.80
C PHE D 110 19.62 17.72 6.68
N ASP D 111 19.53 18.77 7.50
CA ASP D 111 20.36 19.95 7.27
C ASP D 111 21.75 19.85 7.89
N HIS D 112 22.14 18.69 8.41
CA HIS D 112 23.52 18.44 8.76
C HIS D 112 24.12 17.29 7.97
N MET D 113 23.33 16.47 7.30
CA MET D 113 23.84 15.29 6.64
C MET D 113 23.44 15.10 5.17
N GLY D 114 22.54 15.94 4.67
CA GLY D 114 22.04 15.79 3.31
C GLY D 114 22.96 15.80 2.11
N ASN D 115 23.93 16.70 2.12
CA ASN D 115 24.84 16.79 1.00
C ASN D 115 26.19 16.15 1.24
N PHE D 116 26.24 15.01 1.88
CA PHE D 116 27.59 14.47 2.13
C PHE D 116 28.19 13.91 0.85
N GLU D 117 27.34 13.46 -0.09
CA GLU D 117 27.85 12.94 -1.36
C GLU D 117 28.56 14.01 -2.19
N ALA D 118 28.36 15.29 -1.90
CA ALA D 118 29.12 16.34 -2.54
C ALA D 118 30.58 16.40 -2.08
N PHE D 119 31.01 15.48 -1.21
CA PHE D 119 32.40 15.41 -0.70
C PHE D 119 32.89 14.00 -0.94
N PRO D 120 33.29 13.67 -2.17
CA PRO D 120 33.53 12.27 -2.54
C PRO D 120 34.66 11.62 -1.78
N ASN D 121 35.55 12.41 -1.17
CA ASN D 121 36.72 11.90 -0.45
C ASN D 121 36.49 11.80 1.06
N ALA D 122 35.35 12.26 1.56
CA ALA D 122 35.16 12.44 3.00
C ALA D 122 34.62 11.17 3.64
N LYS D 123 35.34 10.65 4.63
CA LYS D 123 34.78 9.63 5.51
C LYS D 123 33.74 10.26 6.42
N LEU D 124 32.61 9.57 6.60
CA LEU D 124 31.54 10.03 7.47
C LEU D 124 31.61 9.33 8.81
N TYR D 125 31.62 10.10 9.90
CA TYR D 125 31.59 9.57 11.25
C TYR D 125 30.26 9.94 11.91
N ILE D 126 29.54 8.92 12.35
CA ILE D 126 28.25 9.13 13.00
C ILE D 126 28.08 8.08 14.09
N GLN D 127 27.33 8.45 15.12
CA GLN D 127 27.12 7.58 16.28
C GLN D 127 26.24 6.39 15.89
N LEU D 128 26.61 5.21 16.37
CA LEU D 128 25.80 4.03 16.13
C LEU D 128 24.34 4.28 16.55
N ASP D 129 24.12 4.81 17.75
CA ASP D 129 22.76 5.07 18.25
C ASP D 129 22.01 6.06 17.35
N GLU D 130 22.70 7.06 16.80
CA GLU D 130 22.01 7.98 15.89
C GLU D 130 21.44 7.22 14.70
N TYR D 131 22.29 6.44 14.01
CA TYR D 131 21.85 5.69 12.84
C TYR D 131 20.81 4.64 13.21
N THR D 132 21.05 3.94 14.29
CA THR D 132 20.15 2.87 14.69
C THR D 132 18.79 3.45 15.13
N GLY D 133 18.81 4.55 15.89
CA GLY D 133 17.57 5.17 16.33
C GLY D 133 16.68 5.58 15.18
N TRP D 134 17.25 6.24 14.16
CA TRP D 134 16.44 6.65 13.02
C TRP D 134 15.93 5.45 12.22
N SER D 135 16.73 4.40 12.05
CA SER D 135 16.22 3.21 11.38
C SER D 135 14.98 2.70 12.09
N LYS D 136 15.07 2.56 13.42
CA LYS D 136 13.92 2.18 14.24
C LYS D 136 12.74 3.11 14.01
N ALA D 137 12.98 4.43 14.10
CA ALA D 137 11.88 5.39 14.08
C ALA D 137 11.18 5.40 12.72
N VAL D 138 11.94 5.59 11.64
CA VAL D 138 11.35 5.58 10.30
C VAL D 138 10.44 4.37 10.14
N CYS D 139 10.91 3.20 10.56
CA CYS D 139 10.12 1.99 10.44
C CYS D 139 8.86 2.04 11.32
N SER D 140 9.00 2.52 12.56
CA SER D 140 7.87 2.60 13.48
C SER D 140 6.79 3.53 12.95
N SER D 141 7.19 4.63 12.30
CA SER D 141 6.20 5.61 11.86
C SER D 141 5.25 5.01 10.82
N HIS D 142 5.69 3.99 10.07
CA HIS D 142 4.87 3.49 8.98
C HIS D 142 3.71 2.62 9.42
N GLN D 143 3.57 2.37 10.72
CA GLN D 143 2.32 1.85 11.27
C GLN D 143 1.28 2.95 11.45
N HIS D 144 1.59 4.19 11.09
CA HIS D 144 0.61 5.27 11.10
C HIS D 144 0.00 5.39 9.71
N GLU D 145 -1.33 5.37 9.66
CA GLU D 145 -2.02 5.19 8.39
C GLU D 145 -2.02 6.48 7.58
N THR D 146 -2.28 7.61 8.23
CA THR D 146 -2.30 8.89 7.54
C THR D 146 -0.92 9.56 7.59
N GLU D 147 -0.68 10.44 6.61
CA GLU D 147 0.60 11.15 6.54
C GLU D 147 0.71 12.25 7.59
N GLU D 148 -0.43 12.79 8.06
CA GLU D 148 -0.40 13.84 9.07
C GLU D 148 0.21 13.34 10.37
N GLU D 149 0.05 12.06 10.67
CA GLU D 149 0.55 11.51 11.90
C GLU D 149 2.07 11.36 11.86
N LYS D 150 2.63 11.18 10.66
CA LYS D 150 4.06 11.01 10.43
C LYS D 150 4.82 12.34 10.43
N GLU D 151 4.12 13.46 10.46
CA GLU D 151 4.71 14.75 10.11
C GLU D 151 5.84 15.11 11.06
N TRP D 152 5.64 14.92 12.38
CA TRP D 152 6.61 15.38 13.36
C TRP D 152 7.89 14.57 13.29
N VAL D 153 7.78 13.25 13.10
CA VAL D 153 8.97 12.42 12.98
C VAL D 153 9.87 12.91 11.84
N PHE D 154 9.26 13.39 10.75
CA PHE D 154 10.01 13.77 9.56
C PHE D 154 10.17 15.29 9.42
N THR D 155 9.92 16.06 10.48
CA THR D 155 10.08 17.50 10.32
C THR D 155 11.50 17.85 9.94
N SER D 156 12.47 17.11 10.42
CA SER D 156 13.87 17.42 10.19
C SER D 156 14.63 16.26 9.55
N PHE D 157 13.95 15.17 9.18
CA PHE D 157 14.61 13.95 8.76
C PHE D 157 14.12 13.52 7.39
N ASP D 158 15.06 13.30 6.49
CA ASP D 158 14.73 12.89 5.14
C ASP D 158 14.91 11.39 5.03
N PRO D 159 13.85 10.60 4.80
CA PRO D 159 14.04 9.16 4.59
C PRO D 159 15.06 8.83 3.50
N ALA D 160 15.23 9.70 2.50
CA ALA D 160 16.27 9.43 1.51
C ALA D 160 17.68 9.43 2.11
N ASP D 161 17.88 10.06 3.27
CA ASP D 161 19.19 10.03 3.92
C ASP D 161 19.46 8.69 4.58
N LEU D 162 18.42 7.94 4.93
CA LEU D 162 18.61 6.57 5.38
C LEU D 162 19.18 5.70 4.25
N ILE D 163 18.71 5.93 3.03
CA ILE D 163 19.17 5.12 1.90
C ILE D 163 20.58 5.53 1.49
N ARG D 164 20.90 6.83 1.59
CA ARG D 164 22.28 7.24 1.30
C ARG D 164 23.23 6.63 2.32
N ALA D 165 22.90 6.76 3.60
CA ALA D 165 23.73 6.19 4.66
C ALA D 165 24.02 4.71 4.39
N ALA D 166 22.99 3.92 4.10
CA ALA D 166 23.22 2.52 3.75
C ALA D 166 24.15 2.40 2.55
N GLN D 167 23.90 3.18 1.50
CA GLN D 167 24.81 3.18 0.36
C GLN D 167 26.22 3.56 0.78
N GLY D 168 26.35 4.54 1.68
CA GLY D 168 27.66 4.90 2.18
C GLY D 168 28.32 3.76 2.94
N ILE D 169 27.55 3.06 3.79
CA ILE D 169 28.05 1.88 4.49
C ILE D 169 28.62 0.88 3.49
N SER D 170 27.84 0.56 2.46
CA SER D 170 28.28 -0.39 1.45
C SER D 170 29.56 0.08 0.75
N ASP D 171 29.70 1.40 0.56
CA ASP D 171 30.80 1.97 -0.21
C ASP D 171 32.07 2.16 0.62
N GLY D 172 32.00 2.06 1.93
CA GLY D 172 33.14 2.34 2.78
C GLY D 172 33.32 3.80 3.17
N ARG D 173 32.30 4.64 2.97
CA ARG D 173 32.34 6.08 3.24
C ARG D 173 31.97 6.44 4.67
N VAL D 174 31.38 5.53 5.44
CA VAL D 174 30.81 5.88 6.73
C VAL D 174 31.33 4.92 7.79
N LYS D 175 31.64 5.46 8.97
CA LYS D 175 32.04 4.62 10.09
C LYS D 175 31.32 5.06 11.36
N PHE D 176 31.00 4.10 12.21
CA PHE D 176 30.19 4.32 13.39
C PHE D 176 31.07 4.52 14.62
N ILE D 177 30.87 5.66 15.30
CA ILE D 177 31.39 5.83 16.65
C ILE D 177 30.42 5.15 17.62
N THR D 178 30.96 4.62 18.71
CA THR D 178 30.11 4.01 19.74
C THR D 178 30.63 4.48 21.09
N GLY D 179 30.10 5.60 21.56
CA GLY D 179 30.59 6.27 22.74
C GLY D 179 31.41 7.50 22.40
N ASP D 180 32.21 7.92 23.36
CA ASP D 180 33.23 8.93 23.15
C ASP D 180 34.45 8.31 22.49
N GLU D 181 35.10 9.08 21.63
CA GLU D 181 36.34 8.64 21.00
C GLU D 181 37.02 9.87 20.42
N GLU D 182 38.30 10.03 20.72
CA GLU D 182 39.11 11.04 20.05
C GLU D 182 39.31 10.58 18.61
N ILE D 183 38.53 11.14 17.70
CA ILE D 183 38.45 10.59 16.35
C ILE D 183 39.65 11.02 15.50
N LEU D 184 40.12 12.25 15.68
CA LEU D 184 41.28 12.80 15.01
C LEU D 184 42.08 13.57 16.04
N PRO D 185 43.42 13.62 15.88
CA PRO D 185 44.26 14.30 16.88
C PRO D 185 43.74 15.67 17.32
N GLY D 186 43.25 15.74 18.55
CA GLY D 186 42.74 16.99 19.12
C GLY D 186 41.24 17.19 18.97
N ILE D 187 40.52 16.21 18.44
CA ILE D 187 39.07 16.27 18.27
C ILE D 187 38.51 15.05 18.97
N THR D 188 37.76 15.28 20.05
CA THR D 188 37.10 14.24 20.81
C THR D 188 35.62 14.28 20.50
N ALA D 189 35.06 13.15 20.10
CA ALA D 189 33.64 13.03 19.88
C ALA D 189 32.97 12.64 21.19
N ARG D 190 31.85 13.30 21.49
CA ARG D 190 31.14 13.16 22.76
C ARG D 190 29.73 12.65 22.50
N LEU D 191 29.45 11.39 22.85
CA LEU D 191 28.10 10.87 22.68
C LEU D 191 27.15 11.51 23.69
N ALA D 192 26.10 12.14 23.20
CA ALA D 192 25.05 12.72 24.03
C ALA D 192 23.75 11.98 23.72
N LYS D 193 23.65 10.75 24.18
CA LYS D 193 22.49 9.93 23.87
C LYS D 193 21.20 10.64 24.28
N ASP D 194 20.23 10.66 23.37
CA ASP D 194 18.92 11.25 23.64
C ASP D 194 19.02 12.72 24.07
N SER D 195 19.80 13.51 23.33
CA SER D 195 19.81 14.95 23.53
C SER D 195 18.95 15.65 22.48
N HIS D 196 19.53 16.23 21.41
CA HIS D 196 18.71 16.69 20.28
C HIS D 196 18.07 15.49 19.60
N THR D 197 18.82 14.39 19.47
CA THR D 197 18.34 13.20 18.78
C THR D 197 18.88 11.96 19.47
N PHE D 198 18.42 10.82 19.00
CA PHE D 198 18.79 9.52 19.57
C PHE D 198 20.28 9.44 19.91
N GLY D 199 21.13 9.80 18.96
CA GLY D 199 22.56 9.77 19.22
C GLY D 199 23.28 10.99 18.72
N SER D 200 22.77 12.17 19.04
CA SER D 200 23.54 13.38 18.77
C SER D 200 24.90 13.28 19.44
N GLN D 201 25.87 14.00 18.88
CA GLN D 201 27.19 14.10 19.47
C GLN D 201 27.73 15.49 19.25
N TRP D 202 28.62 15.90 20.14
CA TRP D 202 29.32 17.18 20.03
C TRP D 202 30.83 16.92 20.01
N PHE D 203 31.59 17.94 19.66
CA PHE D 203 33.01 17.73 19.44
C PHE D 203 33.81 18.76 20.20
N GLU D 204 34.91 18.28 20.76
CA GLU D 204 35.76 19.03 21.66
C GLU D 204 37.11 19.20 20.98
N VAL D 205 37.35 20.39 20.42
CA VAL D 205 38.53 20.67 19.62
C VAL D 205 39.59 21.30 20.51
N ASN D 206 40.71 20.60 20.68
CA ASN D 206 41.84 21.05 21.50
C ASN D 206 42.80 21.83 20.62
N THR D 207 42.67 23.15 20.62
CA THR D 207 43.60 24.02 19.91
C THR D 207 44.53 24.69 20.92
N HIS D 208 45.68 25.14 20.42
CA HIS D 208 46.65 25.82 21.29
C HIS D 208 46.02 27.01 21.99
N ASN D 209 44.97 27.59 21.41
CA ASN D 209 44.23 28.70 22.00
C ASN D 209 42.94 28.22 22.68
N GLY D 210 43.10 27.31 23.64
CA GLY D 210 41.98 26.88 24.45
C GLY D 210 41.10 25.86 23.76
N PRO D 211 39.93 25.59 24.35
CA PRO D 211 39.06 24.53 23.83
C PRO D 211 37.90 25.08 23.03
N PHE D 212 37.41 24.31 22.07
CA PHE D 212 36.27 24.71 21.26
C PHE D 212 35.29 23.56 21.14
N ILE D 213 34.01 23.92 21.09
CA ILE D 213 32.92 22.95 21.09
C ILE D 213 32.02 23.24 19.91
N ALA D 214 31.98 22.31 18.96
CA ALA D 214 30.92 22.30 17.96
C ALA D 214 29.73 21.58 18.58
N ALA D 215 28.68 22.34 18.92
CA ALA D 215 27.59 21.80 19.72
C ALA D 215 26.56 21.03 18.92
N GLY D 216 26.57 21.14 17.60
CA GLY D 216 25.46 20.56 16.86
C GLY D 216 24.19 21.31 17.21
N ASP D 217 23.08 20.58 17.28
CA ASP D 217 21.79 21.16 17.61
C ASP D 217 21.41 20.93 19.07
N ILE D 218 22.28 20.31 19.86
CA ILE D 218 22.09 20.33 21.31
C ILE D 218 21.95 21.76 21.79
N VAL D 219 22.71 22.67 21.20
CA VAL D 219 22.63 24.10 21.48
C VAL D 219 22.22 24.78 20.18
N TYR D 220 20.91 24.93 19.96
CA TYR D 220 20.42 25.78 18.87
C TYR D 220 20.95 27.20 19.00
N TRP D 221 20.73 27.81 20.15
CA TRP D 221 21.02 29.21 20.42
C TRP D 221 21.94 29.32 21.62
N TYR D 222 22.73 30.39 21.67
CA TYR D 222 23.52 30.64 22.88
C TYR D 222 22.62 30.69 24.11
N SER D 223 21.37 31.10 23.94
CA SER D 223 20.49 31.29 25.07
C SER D 223 19.97 29.97 25.61
N ASN D 224 20.06 28.88 24.85
CA ASN D 224 19.75 27.58 25.41
C ASN D 224 20.71 27.24 26.55
N ILE D 225 22.01 27.48 26.34
CA ILE D 225 23.00 27.14 27.34
C ILE D 225 23.11 28.25 28.39
N GLU D 226 22.93 29.51 28.01
CA GLU D 226 23.09 30.59 28.97
C GLU D 226 21.90 30.66 29.93
N ARG D 227 20.69 30.57 29.39
CA ARG D 227 19.45 30.51 30.17
C ARG D 227 19.10 29.10 30.65
N MET D 228 19.96 28.11 30.41
CA MET D 228 19.71 26.72 30.81
C MET D 228 18.29 26.29 30.45
N TRP D 229 17.91 26.54 29.19
CA TRP D 229 16.52 26.41 28.77
C TRP D 229 16.43 25.67 27.43
N PRO D 230 16.02 24.40 27.45
CA PRO D 230 15.97 23.62 26.21
C PRO D 230 14.97 24.20 25.24
N PRO D 231 15.17 23.98 23.93
CA PRO D 231 14.32 24.61 22.91
C PRO D 231 12.92 24.03 22.88
N GLY D 232 12.04 24.72 22.14
CA GLY D 232 10.65 24.28 22.03
C GLY D 232 10.42 23.15 21.05
N TYR D 233 11.30 23.00 20.07
CA TYR D 233 11.33 21.85 19.18
C TYR D 233 12.64 21.13 19.40
N HIS D 234 12.56 19.83 19.62
CA HIS D 234 13.74 18.96 19.60
C HIS D 234 13.21 17.53 19.59
N GLN D 235 14.10 16.57 19.47
CA GLN D 235 13.62 15.20 19.33
C GLN D 235 14.37 14.25 20.26
N GLY D 236 14.77 14.75 21.44
CA GLY D 236 15.30 13.94 22.51
C GLY D 236 14.84 14.36 23.90
N ASN D 237 15.76 14.37 24.86
CA ASN D 237 15.40 14.48 26.27
C ASN D 237 15.78 15.85 26.82
N ALA D 238 14.77 16.62 27.22
CA ALA D 238 15.00 17.96 27.76
C ALA D 238 16.02 17.95 28.89
N PHE D 239 15.84 17.07 29.88
CA PHE D 239 16.79 17.05 30.99
C PHE D 239 18.16 16.55 30.56
N ASN D 240 18.24 15.63 29.58
CA ASN D 240 19.54 15.25 29.02
C ASN D 240 20.27 16.46 28.44
N GLN D 241 19.54 17.33 27.76
CA GLN D 241 20.19 18.53 27.24
C GLN D 241 20.71 19.39 28.37
N ILE D 242 19.95 19.53 29.46
CA ILE D 242 20.41 20.28 30.62
C ILE D 242 21.75 19.73 31.09
N ASP D 243 21.88 18.40 31.15
CA ASP D 243 23.13 17.80 31.62
C ASP D 243 24.26 17.94 30.58
N VAL D 244 23.95 17.97 29.29
CA VAL D 244 25.04 18.25 28.35
C VAL D 244 25.43 19.72 28.42
N TYR D 245 24.46 20.60 28.69
CA TYR D 245 24.80 22.02 28.85
C TYR D 245 25.84 22.18 29.95
N ARG D 246 25.74 21.39 31.01
CA ARG D 246 26.69 21.48 32.12
C ARG D 246 28.04 20.87 31.73
N GLN D 247 28.02 19.76 30.99
CA GLN D 247 29.28 19.18 30.52
C GLN D 247 30.04 20.13 29.61
N MET D 248 29.31 20.86 28.75
CA MET D 248 29.91 21.86 27.87
C MET D 248 30.42 23.07 28.66
N ARG D 249 29.56 23.66 29.49
CA ARG D 249 29.97 24.77 30.34
C ARG D 249 31.28 24.46 31.04
N SER D 250 31.42 23.24 31.55
CA SER D 250 32.63 22.86 32.25
C SER D 250 33.84 22.79 31.31
N VAL D 251 33.63 22.30 30.08
CA VAL D 251 34.76 22.13 29.17
C VAL D 251 35.34 23.48 28.73
N VAL D 252 34.54 24.54 28.73
CA VAL D 252 34.98 25.84 28.24
C VAL D 252 34.98 26.88 29.34
N LYS D 253 34.90 26.46 30.60
CA LYS D 253 34.94 27.37 31.76
C LYS D 253 33.92 28.51 31.60
N ASN D 254 32.75 28.17 31.08
CA ASN D 254 31.63 29.11 30.93
C ASN D 254 31.95 30.27 30.01
N LYS D 255 32.98 30.13 29.15
CA LYS D 255 33.22 31.09 28.08
C LYS D 255 32.37 30.66 26.89
N PHE D 256 31.20 31.30 26.75
CA PHE D 256 30.18 30.76 25.86
C PHE D 256 30.59 30.88 24.39
N GLU D 257 31.39 31.88 24.03
CA GLU D 257 31.77 32.05 22.62
C GLU D 257 32.52 30.83 22.08
N ARG D 258 33.27 30.13 22.93
CA ARG D 258 33.97 28.91 22.53
C ARG D 258 33.02 27.78 22.18
N ILE D 259 31.73 27.93 22.44
CA ILE D 259 30.71 26.99 21.96
C ILE D 259 30.11 27.58 20.70
N ILE D 260 29.99 26.77 19.67
CA ILE D 260 29.33 27.22 18.45
C ILE D 260 27.94 26.59 18.41
N PRO D 261 26.88 27.39 18.46
CA PRO D 261 25.53 26.85 18.36
C PRO D 261 25.21 26.43 16.94
N GLY D 262 24.05 25.78 16.79
CA GLY D 262 23.62 25.27 15.52
C GLY D 262 23.02 26.32 14.59
N HIS D 263 22.11 27.15 15.09
CA HIS D 263 21.36 28.07 14.22
C HIS D 263 21.08 29.42 14.89
N ASP D 264 22.13 30.04 15.43
CA ASP D 264 22.00 31.34 16.09
C ASP D 264 22.77 32.39 15.30
N ALA D 265 22.06 33.43 14.85
CA ALA D 265 22.72 34.55 14.20
C ALA D 265 23.60 35.35 15.15
N GLU D 266 23.51 35.08 16.46
CA GLU D 266 24.37 35.79 17.41
C GLU D 266 25.84 35.40 17.25
N ILE D 267 26.11 34.22 16.69
CA ILE D 267 27.51 33.79 16.54
C ILE D 267 28.29 34.77 15.68
N TRP D 268 27.64 35.36 14.67
CA TRP D 268 28.29 36.41 13.89
C TRP D 268 28.62 37.61 14.75
N ASN D 269 27.84 37.85 15.81
CA ASN D 269 28.02 39.04 16.63
C ASN D 269 29.27 38.95 17.50
N ARG D 270 29.68 37.74 17.88
CA ARG D 270 30.76 37.57 18.85
C ARG D 270 31.95 36.81 18.26
N HIS D 271 32.20 36.96 16.98
CA HIS D 271 33.33 36.30 16.36
C HIS D 271 33.62 37.05 15.08
N ASN D 272 34.88 37.13 14.66
CA ASN D 272 35.19 37.96 13.49
C ASN D 272 34.42 37.51 12.29
N THR D 273 33.53 38.37 11.81
CA THR D 273 32.67 38.00 10.72
C THR D 273 32.70 38.98 9.57
N TRP D 274 32.57 38.48 8.35
CA TRP D 274 32.51 39.35 7.20
C TRP D 274 31.53 38.78 6.20
N THR D 275 30.53 39.57 5.85
CA THR D 275 29.51 39.08 4.94
C THR D 275 30.09 38.65 3.63
N ALA D 276 29.33 37.87 2.89
CA ALA D 276 29.76 37.43 1.57
C ALA D 276 28.85 38.07 0.53
N PRO D 277 28.96 37.68 -0.76
CA PRO D 277 28.10 38.32 -1.77
C PRO D 277 26.61 38.24 -1.45
N ASN D 278 26.10 37.03 -1.20
CA ASN D 278 24.69 36.95 -0.83
C ASN D 278 24.44 37.26 0.64
N GLY D 279 25.49 37.53 1.43
CA GLY D 279 25.35 37.89 2.82
C GLY D 279 25.66 36.76 3.79
N ASN D 280 25.49 35.51 3.36
CA ASN D 280 25.86 34.36 4.16
C ASN D 280 27.18 34.63 4.88
N GLN D 281 27.14 34.64 6.20
CA GLN D 281 28.31 35.02 6.94
C GLN D 281 29.42 34.03 6.96
N ILE D 282 30.53 34.45 7.55
CA ILE D 282 31.66 33.57 7.70
C ILE D 282 32.37 34.08 8.92
N ALA D 283 32.68 33.19 9.85
CA ALA D 283 33.40 33.64 11.00
C ALA D 283 34.61 32.77 11.26
N GLU D 284 35.70 33.40 11.65
CA GLU D 284 36.91 32.65 11.95
C GLU D 284 37.04 32.66 13.44
N LEU D 285 37.12 31.49 14.03
CA LEU D 285 37.13 31.42 15.47
C LEU D 285 38.53 31.19 15.96
N ASN D 286 39.30 30.46 15.20
CA ASN D 286 40.67 30.20 15.58
C ASN D 286 41.52 29.85 14.39
N LEU D 287 42.58 30.60 14.16
CA LEU D 287 43.52 30.22 13.11
C LEU D 287 44.75 29.72 13.82
N LYS D 288 45.18 28.51 13.48
CA LYS D 288 46.34 27.95 14.15
C LYS D 288 47.58 28.71 13.79
N ASP D 289 48.35 29.13 14.78
CA ASP D 289 49.56 29.88 14.52
C ASP D 289 50.28 29.24 13.36
N GLY D 290 50.74 30.06 12.42
CA GLY D 290 51.36 29.51 11.23
C GLY D 290 50.31 29.37 10.16
N ASP D 291 49.12 29.89 10.42
CA ASP D 291 48.04 29.80 9.46
C ASP D 291 47.65 31.17 9.01
N THR D 292 47.21 31.26 7.78
CA THR D 292 46.86 32.55 7.23
C THR D 292 45.39 32.80 7.42
N SER D 293 45.05 34.04 7.69
CA SER D 293 43.67 34.38 7.95
C SER D 293 42.85 34.40 6.70
N ARG D 294 41.81 35.21 6.72
CA ARG D 294 41.01 35.36 5.55
C ARG D 294 40.29 36.65 5.81
N ARG D 295 39.93 37.35 4.74
CA ARG D 295 39.33 38.66 4.91
C ARG D 295 38.71 38.82 6.30
N ASP E 10 -6.70 -20.38 18.21
CA ASP E 10 -6.96 -21.54 17.36
C ASP E 10 -6.41 -21.34 15.94
N THR E 11 -5.25 -21.93 15.64
CA THR E 11 -4.53 -21.67 14.40
C THR E 11 -4.27 -22.95 13.58
N ASP E 12 -4.11 -22.75 12.27
CA ASP E 12 -3.78 -23.86 11.39
C ASP E 12 -3.10 -23.33 10.14
N TRP E 13 -2.11 -24.08 9.65
CA TRP E 13 -1.29 -23.63 8.53
C TRP E 13 -0.95 -24.82 7.63
N SER E 14 -1.02 -24.58 6.32
CA SER E 14 -0.42 -25.50 5.36
C SER E 14 1.03 -25.08 5.15
N ILE E 15 1.90 -26.08 4.96
CA ILE E 15 3.35 -25.84 4.92
C ILE E 15 3.95 -26.62 3.76
N TRP E 16 4.61 -25.91 2.84
CA TRP E 16 5.39 -26.51 1.78
C TRP E 16 6.79 -25.92 1.81
N SER E 17 7.79 -26.79 1.67
CA SER E 17 9.17 -26.35 1.48
C SER E 17 9.50 -26.52 0.00
N LEU E 18 9.95 -25.45 -0.64
CA LEU E 18 10.13 -25.44 -2.08
C LEU E 18 11.60 -25.15 -2.37
N ALA E 19 12.27 -26.11 -3.01
CA ALA E 19 13.62 -25.89 -3.49
C ALA E 19 13.55 -25.08 -4.79
N TYR E 20 14.37 -24.02 -4.87
CA TYR E 20 14.46 -23.19 -6.04
C TYR E 20 15.85 -23.21 -6.66
N CYS E 21 16.77 -24.01 -6.11
CA CYS E 21 18.15 -24.02 -6.56
C CYS E 21 18.88 -25.13 -5.81
N GLN E 22 20.06 -25.50 -6.32
CA GLN E 22 20.89 -26.52 -5.68
C GLN E 22 22.34 -26.03 -5.65
N VAL E 23 23.08 -26.50 -4.64
CA VAL E 23 24.48 -26.10 -4.41
C VAL E 23 25.32 -27.34 -4.10
N ASP E 24 26.48 -27.46 -4.75
CA ASP E 24 27.47 -28.49 -4.45
C ASP E 24 28.50 -27.91 -3.48
N MET E 25 28.64 -28.53 -2.31
CA MET E 25 29.40 -27.87 -1.27
C MET E 25 30.10 -28.92 -0.42
N ALA E 26 31.29 -28.57 0.08
CA ALA E 26 31.98 -29.42 1.03
C ALA E 26 31.09 -29.74 2.22
N LYS E 27 31.18 -31.00 2.67
CA LYS E 27 30.30 -31.49 3.72
C LYS E 27 30.58 -30.75 5.04
N ASP E 28 31.85 -30.44 5.34
CA ASP E 28 32.17 -29.76 6.60
C ASP E 28 31.54 -28.38 6.67
N PHE E 29 31.36 -27.73 5.52
CA PHE E 29 30.72 -26.41 5.51
C PHE E 29 29.40 -26.45 6.27
N PHE E 30 28.53 -27.41 5.92
CA PHE E 30 27.21 -27.53 6.53
C PHE E 30 27.19 -28.40 7.79
N GLY E 31 28.05 -29.42 7.84
CA GLY E 31 27.93 -30.48 8.82
C GLY E 31 28.87 -30.45 10.00
N GLY E 32 29.98 -29.73 9.86
CA GLY E 32 30.93 -29.61 10.95
C GLY E 32 32.38 -29.86 10.57
N ALA E 33 33.28 -29.09 11.17
CA ALA E 33 34.71 -29.23 10.93
C ALA E 33 35.24 -30.54 11.48
N GLY E 34 34.63 -31.08 12.53
CA GLY E 34 35.15 -32.36 12.99
C GLY E 34 34.70 -33.56 12.17
N ILE E 35 33.41 -33.86 12.31
CA ILE E 35 32.80 -35.08 11.82
C ILE E 35 32.82 -35.16 10.30
N PHE E 36 32.68 -34.03 9.62
CA PHE E 36 32.56 -34.03 8.17
C PHE E 36 33.80 -33.44 7.49
N SER E 37 34.91 -33.39 8.20
CA SER E 37 36.16 -32.89 7.63
C SER E 37 36.68 -33.84 6.57
N ASN E 38 37.24 -33.25 5.52
CA ASN E 38 37.84 -34.03 4.43
C ASN E 38 36.89 -35.12 3.96
N SER E 39 35.60 -34.78 3.88
CA SER E 39 34.58 -35.73 3.47
C SER E 39 34.07 -35.48 2.05
N GLY E 40 34.72 -34.61 1.29
CA GLY E 40 34.26 -34.32 -0.06
C GLY E 40 33.04 -33.40 -0.07
N THR E 41 32.32 -33.43 -1.21
CA THR E 41 31.15 -32.58 -1.35
C THR E 41 29.90 -33.39 -1.68
N CYS E 42 28.76 -32.70 -1.67
CA CYS E 42 27.49 -33.30 -2.04
C CYS E 42 26.57 -32.16 -2.49
N ILE E 43 25.47 -32.53 -3.15
CA ILE E 43 24.48 -31.54 -3.58
C ILE E 43 23.56 -31.23 -2.40
N ASN E 44 23.22 -29.94 -2.21
CA ASN E 44 22.34 -29.46 -1.15
C ASN E 44 21.27 -28.51 -1.68
N PRO E 45 20.03 -28.63 -1.22
CA PRO E 45 18.96 -27.78 -1.74
C PRO E 45 19.00 -26.36 -1.17
N MET E 46 18.61 -25.40 -2.00
CA MET E 46 18.27 -24.03 -1.57
C MET E 46 16.75 -23.90 -1.50
N ILE E 47 16.25 -23.48 -0.33
CA ILE E 47 14.87 -23.73 0.07
C ILE E 47 14.25 -22.43 0.59
N TYR E 48 12.99 -22.20 0.26
CA TYR E 48 12.14 -21.32 1.06
C TYR E 48 10.79 -22.00 1.26
N THR E 49 10.08 -21.58 2.29
CA THR E 49 8.91 -22.33 2.77
C THR E 49 7.66 -21.48 2.68
N LEU E 50 6.61 -22.06 2.09
CA LEU E 50 5.33 -21.41 1.90
C LEU E 50 4.38 -21.80 3.03
N LEU E 51 3.79 -20.81 3.68
CA LEU E 51 2.83 -21.01 4.76
C LEU E 51 1.53 -20.29 4.40
N VAL E 52 0.43 -21.03 4.47
CA VAL E 52 -0.89 -20.50 4.14
C VAL E 52 -1.83 -20.88 5.26
N GLY E 53 -2.41 -19.89 5.91
CA GLY E 53 -3.32 -20.16 7.01
C GLY E 53 -3.38 -18.98 7.99
N GLY E 54 -3.45 -19.32 9.27
CA GLY E 54 -3.66 -18.35 10.33
C GLY E 54 -4.73 -18.79 11.30
N GLU E 55 -5.46 -17.83 11.88
CA GLU E 55 -6.53 -18.16 12.81
C GLU E 55 -7.67 -18.84 12.04
N VAL E 56 -8.19 -19.96 12.57
CA VAL E 56 -9.33 -20.60 11.90
C VAL E 56 -10.53 -19.66 11.98
N GLY E 57 -11.14 -19.42 10.82
CA GLY E 57 -12.17 -18.41 10.74
C GLY E 57 -11.67 -17.00 10.56
N GLY E 58 -10.40 -16.82 10.18
CA GLY E 58 -9.82 -15.52 9.99
C GLY E 58 -9.19 -15.34 8.62
N LYS E 59 -8.61 -14.14 8.42
CA LYS E 59 -7.89 -13.79 7.21
C LYS E 59 -6.77 -14.79 6.99
N GLN E 60 -6.89 -15.69 6.02
CA GLN E 60 -5.82 -16.64 5.75
C GLN E 60 -4.70 -15.91 5.00
N HIS E 61 -3.51 -15.94 5.61
CA HIS E 61 -2.33 -15.25 5.11
C HIS E 61 -1.52 -16.20 4.24
N VAL E 62 -0.82 -15.62 3.25
CA VAL E 62 0.15 -16.39 2.46
C VAL E 62 1.52 -15.78 2.75
N VAL E 63 2.39 -16.58 3.38
CA VAL E 63 3.64 -16.14 3.98
C VAL E 63 4.79 -16.96 3.40
N LEU E 64 5.94 -16.30 3.22
CA LEU E 64 7.19 -16.95 2.87
C LEU E 64 8.18 -16.80 4.00
N VAL E 65 8.78 -17.91 4.41
CA VAL E 65 9.97 -17.86 5.25
C VAL E 65 11.18 -17.84 4.32
N ASP E 66 11.84 -16.70 4.22
CA ASP E 66 12.96 -16.52 3.30
C ASP E 66 12.41 -16.49 1.90
N CYS E 67 13.21 -16.06 0.93
CA CYS E 67 12.69 -15.94 -0.43
C CYS E 67 13.76 -16.16 -1.49
N GLY E 68 14.93 -16.68 -1.14
CA GLY E 68 15.97 -16.95 -2.10
C GLY E 68 16.71 -15.69 -2.54
N PHE E 69 17.65 -15.89 -3.47
CA PHE E 69 18.42 -14.83 -4.13
C PHE E 69 18.08 -14.77 -5.62
N GLN E 70 18.60 -13.74 -6.27
CA GLN E 70 18.33 -13.52 -7.69
C GLN E 70 19.39 -14.21 -8.55
N ASN E 71 19.08 -14.36 -9.82
CA ASN E 71 20.04 -14.89 -10.78
C ASN E 71 21.00 -13.76 -11.21
N ASP E 72 22.00 -13.55 -10.38
CA ASP E 72 22.96 -12.45 -10.58
C ASP E 72 24.36 -13.01 -10.27
N HIS E 73 25.29 -12.13 -9.88
CA HIS E 73 26.68 -12.56 -9.70
C HIS E 73 26.81 -13.75 -8.74
N TRP E 74 25.87 -13.91 -7.80
CA TRP E 74 25.98 -15.00 -6.82
C TRP E 74 25.95 -16.38 -7.47
N LEU E 75 25.32 -16.52 -8.64
CA LEU E 75 25.29 -17.80 -9.33
C LEU E 75 26.69 -18.29 -9.65
N THR E 76 27.67 -17.37 -9.75
CA THR E 76 29.06 -17.72 -9.98
C THR E 76 29.91 -17.79 -8.71
N ARG E 77 29.39 -17.39 -7.54
CA ARG E 77 30.22 -17.40 -6.34
C ARG E 77 30.26 -18.76 -5.65
N TYR E 78 29.57 -19.75 -6.20
CA TYR E 78 29.46 -21.08 -5.62
C TYR E 78 28.92 -22.00 -6.71
N ALA E 79 28.97 -23.30 -6.44
CA ALA E 79 28.62 -24.29 -7.44
C ALA E 79 27.11 -24.53 -7.42
N PHE E 80 26.40 -23.51 -7.89
CA PHE E 80 24.94 -23.50 -7.99
C PHE E 80 24.47 -24.11 -9.30
N SER E 81 23.26 -24.64 -9.27
CA SER E 81 22.63 -25.20 -10.47
C SER E 81 21.12 -25.21 -10.26
N SER E 82 20.38 -25.19 -11.38
CA SER E 82 18.93 -25.39 -11.39
C SER E 82 18.20 -24.20 -10.75
N TRP E 83 18.71 -22.99 -10.96
CA TRP E 83 18.01 -21.83 -10.44
C TRP E 83 16.66 -21.69 -11.15
N GLU E 84 15.61 -21.39 -10.37
CA GLU E 84 14.25 -21.19 -10.87
C GLU E 84 13.64 -19.96 -10.21
N ASP E 85 12.80 -19.28 -10.99
CA ASP E 85 12.15 -18.04 -10.59
C ASP E 85 11.05 -18.31 -9.55
N PRO E 86 10.77 -17.34 -8.68
CA PRO E 86 9.60 -17.50 -7.79
C PRO E 86 8.30 -17.73 -8.54
N LYS E 87 8.15 -17.15 -9.74
CA LYS E 87 6.94 -17.40 -10.52
C LYS E 87 6.77 -18.88 -10.82
N ASP E 88 7.86 -19.58 -11.19
CA ASP E 88 7.78 -20.99 -11.50
C ASP E 88 7.66 -21.87 -10.25
N VAL E 89 8.49 -21.63 -9.22
CA VAL E 89 8.50 -22.50 -8.05
C VAL E 89 7.17 -22.42 -7.30
N LEU E 90 6.66 -21.20 -7.11
CA LEU E 90 5.38 -21.02 -6.43
C LEU E 90 4.22 -21.41 -7.35
N GLY E 91 4.40 -21.25 -8.66
CA GLY E 91 3.36 -21.67 -9.59
C GLY E 91 2.99 -23.13 -9.42
N ARG E 92 3.97 -23.98 -9.07
CA ARG E 92 3.70 -25.42 -8.94
C ARG E 92 2.80 -25.77 -7.76
N VAL E 93 2.68 -24.90 -6.74
CA VAL E 93 1.83 -25.17 -5.60
C VAL E 93 0.58 -24.29 -5.61
N GLY E 94 0.30 -23.62 -6.73
CA GLY E 94 -0.94 -22.89 -6.91
C GLY E 94 -0.92 -21.44 -6.46
N PHE E 95 0.23 -20.78 -6.47
CA PHE E 95 0.35 -19.38 -6.08
C PHE E 95 1.31 -18.67 -7.03
N SER E 96 1.32 -17.35 -6.92
CA SER E 96 2.24 -16.50 -7.65
C SER E 96 2.86 -15.51 -6.67
N PRO E 97 3.98 -14.90 -7.05
CA PRO E 97 4.66 -13.98 -6.11
C PRO E 97 3.78 -12.86 -5.59
N GLU E 98 2.76 -12.48 -6.34
CA GLU E 98 1.87 -11.38 -5.98
C GLU E 98 0.97 -11.71 -4.82
N ASP E 99 0.76 -12.99 -4.54
CA ASP E 99 -0.11 -13.41 -3.45
C ASP E 99 0.57 -13.28 -2.09
N VAL E 100 1.89 -13.30 -2.05
CA VAL E 100 2.61 -13.33 -0.79
C VAL E 100 2.61 -11.92 -0.19
N ASP E 101 1.96 -11.79 0.98
CA ASP E 101 1.87 -10.55 1.72
C ASP E 101 2.88 -10.45 2.86
N THR E 102 3.56 -11.54 3.22
CA THR E 102 4.49 -11.51 4.34
C THR E 102 5.68 -12.42 4.04
N ILE E 103 6.89 -11.91 4.21
CA ILE E 103 8.12 -12.71 4.15
C ILE E 103 8.82 -12.61 5.51
N LEU E 104 8.94 -13.74 6.19
CA LEU E 104 9.66 -13.81 7.44
C LEU E 104 11.11 -14.18 7.14
N VAL E 105 12.04 -13.30 7.52
CA VAL E 105 13.45 -13.42 7.17
C VAL E 105 14.22 -14.00 8.34
N THR E 106 14.77 -15.19 8.18
CA THR E 106 15.59 -15.78 9.23
C THR E 106 16.85 -14.97 9.49
N HIS E 107 17.48 -14.47 8.43
CA HIS E 107 18.72 -13.69 8.52
C HIS E 107 18.96 -13.03 7.17
N MET E 108 19.93 -12.10 7.13
CA MET E 108 20.16 -11.27 5.97
C MET E 108 21.23 -11.82 5.01
N HIS E 109 21.56 -13.11 5.11
CA HIS E 109 22.40 -13.72 4.08
C HIS E 109 21.71 -13.67 2.72
N PHE E 110 22.54 -13.58 1.66
CA PHE E 110 22.03 -13.31 0.32
C PHE E 110 20.99 -14.34 -0.11
N ASP E 111 21.18 -15.60 0.26
CA ASP E 111 20.27 -16.64 -0.22
C ASP E 111 18.98 -16.74 0.59
N HIS E 112 18.75 -15.85 1.56
CA HIS E 112 17.48 -15.84 2.27
C HIS E 112 16.69 -14.55 2.15
N MET E 113 17.30 -13.48 1.65
CA MET E 113 16.60 -12.22 1.47
C MET E 113 16.89 -11.57 0.12
N GLY E 114 17.79 -12.16 -0.67
CA GLY E 114 18.27 -11.52 -1.89
C GLY E 114 17.19 -11.16 -2.89
N ASN E 115 16.12 -11.94 -2.94
CA ASN E 115 15.12 -11.79 -3.99
C ASN E 115 13.79 -11.27 -3.46
N PHE E 116 13.79 -10.54 -2.33
CA PHE E 116 12.48 -10.19 -1.75
C PHE E 116 11.73 -9.21 -2.63
N GLU E 117 12.43 -8.41 -3.44
CA GLU E 117 11.71 -7.48 -4.29
C GLU E 117 10.95 -8.17 -5.42
N ALA E 118 11.14 -9.47 -5.62
CA ALA E 118 10.28 -10.16 -6.58
C ALA E 118 8.87 -10.35 -6.05
N PHE E 119 8.61 -9.95 -4.80
CA PHE E 119 7.31 -10.13 -4.16
C PHE E 119 6.79 -8.74 -3.84
N PRO E 120 6.12 -8.08 -4.78
CA PRO E 120 5.88 -6.63 -4.65
C PRO E 120 4.88 -6.25 -3.56
N ASN E 121 4.07 -7.19 -3.07
CA ASN E 121 3.07 -6.92 -2.04
C ASN E 121 3.43 -7.46 -0.66
N ALA E 122 4.64 -7.98 -0.50
CA ALA E 122 5.02 -8.63 0.74
C ALA E 122 5.72 -7.63 1.67
N LYS E 123 5.37 -7.70 2.96
CA LYS E 123 6.08 -6.97 4.00
C LYS E 123 7.22 -7.85 4.49
N LEU E 124 8.38 -7.24 4.73
CA LEU E 124 9.56 -7.97 5.18
C LEU E 124 9.73 -7.75 6.69
N TYR E 125 9.91 -8.86 7.42
CA TYR E 125 10.10 -8.84 8.86
C TYR E 125 11.51 -9.30 9.20
N ILE E 126 12.28 -8.44 9.86
CA ILE E 126 13.67 -8.73 10.20
C ILE E 126 13.91 -8.36 11.66
N GLN E 127 14.77 -9.15 12.32
CA GLN E 127 15.20 -8.79 13.66
C GLN E 127 16.03 -7.51 13.62
N LEU E 128 15.73 -6.58 14.53
CA LEU E 128 16.50 -5.35 14.62
C LEU E 128 18.00 -5.64 14.83
N ASP E 129 18.33 -6.65 15.64
CA ASP E 129 19.74 -6.95 15.91
C ASP E 129 20.46 -7.44 14.66
N GLU E 130 19.73 -8.14 13.78
CA GLU E 130 20.30 -8.56 12.50
C GLU E 130 20.66 -7.35 11.65
N TYR E 131 19.71 -6.42 11.51
CA TYR E 131 19.95 -5.25 10.67
C TYR E 131 21.09 -4.40 11.21
N THR E 132 21.06 -4.10 12.52
CA THR E 132 22.12 -3.27 13.09
C THR E 132 23.43 -4.06 13.13
N GLY E 133 23.35 -5.36 13.43
CA GLY E 133 24.55 -6.19 13.38
C GLY E 133 25.27 -6.11 12.04
N TRP E 134 24.55 -6.29 10.93
CA TRP E 134 25.21 -6.25 9.63
C TRP E 134 25.64 -4.84 9.27
N SER E 135 24.85 -3.83 9.66
CA SER E 135 25.28 -2.45 9.44
C SER E 135 26.64 -2.20 10.09
N LYS E 136 26.80 -2.60 11.36
CA LYS E 136 28.05 -2.38 12.08
C LYS E 136 29.20 -3.18 11.47
N ALA E 137 28.96 -4.48 11.20
CA ALA E 137 30.01 -5.33 10.68
C ALA E 137 30.48 -4.85 9.31
N VAL E 138 29.55 -4.41 8.46
CA VAL E 138 29.95 -3.92 7.14
C VAL E 138 30.88 -2.73 7.29
N CYS E 139 30.53 -1.79 8.18
CA CYS E 139 31.36 -0.61 8.39
C CYS E 139 32.73 -0.96 8.97
N SER E 140 32.74 -1.86 9.95
CA SER E 140 34.01 -2.27 10.56
C SER E 140 34.91 -2.91 9.52
N SER E 141 34.32 -3.66 8.58
CA SER E 141 35.12 -4.40 7.61
C SER E 141 35.92 -3.47 6.72
N HIS E 142 35.38 -2.31 6.44
CA HIS E 142 36.10 -1.41 5.56
C HIS E 142 37.26 -0.71 6.23
N GLN E 143 37.59 -1.06 7.47
CA GLN E 143 38.83 -0.52 8.00
C GLN E 143 40.06 -1.28 7.51
N HIS E 144 39.89 -2.47 6.94
CA HIS E 144 41.01 -3.21 6.38
C HIS E 144 41.39 -2.65 5.02
N GLU E 145 42.70 -2.56 4.77
CA GLU E 145 43.18 -1.90 3.56
C GLU E 145 43.05 -2.75 2.31
N THR E 146 43.00 -4.07 2.43
CA THR E 146 42.89 -4.95 1.27
C THR E 146 41.55 -5.68 1.29
N GLU E 147 41.10 -6.11 0.10
CA GLU E 147 39.82 -6.80 -0.03
C GLU E 147 39.88 -8.25 0.45
N GLU E 148 41.06 -8.89 0.40
CA GLU E 148 41.17 -10.26 0.91
C GLU E 148 40.89 -10.33 2.41
N GLU E 149 41.22 -9.27 3.16
CA GLU E 149 40.90 -9.24 4.58
C GLU E 149 39.41 -9.06 4.86
N LYS E 150 38.61 -8.67 3.88
CA LYS E 150 37.18 -8.51 4.03
C LYS E 150 36.39 -9.73 3.55
N GLU E 151 37.07 -10.71 2.97
CA GLU E 151 36.37 -11.78 2.26
C GLU E 151 35.44 -12.57 3.18
N TRP E 152 35.93 -12.96 4.37
CA TRP E 152 35.10 -13.80 5.25
C TRP E 152 33.79 -13.11 5.64
N VAL E 153 33.82 -11.80 5.90
CA VAL E 153 32.60 -11.09 6.27
C VAL E 153 31.55 -11.17 5.16
N PHE E 154 31.99 -11.14 3.91
CA PHE E 154 31.08 -11.05 2.77
C PHE E 154 30.83 -12.39 2.08
N THR E 155 31.27 -13.52 2.67
CA THR E 155 31.07 -14.81 2.00
C THR E 155 29.59 -15.10 1.75
N SER E 156 28.70 -14.64 2.66
CA SER E 156 27.27 -14.86 2.49
C SER E 156 26.48 -13.56 2.59
N PHE E 157 27.15 -12.42 2.53
CA PHE E 157 26.45 -11.17 2.72
C PHE E 157 26.80 -10.22 1.60
N ASP E 158 25.76 -9.67 0.98
CA ASP E 158 25.82 -8.74 -0.14
C ASP E 158 25.48 -7.35 0.35
N PRO E 159 26.40 -6.38 0.29
CA PRO E 159 26.04 -5.01 0.69
C PRO E 159 24.83 -4.43 -0.06
N ALA E 160 24.52 -4.94 -1.27
CA ALA E 160 23.33 -4.47 -1.98
C ALA E 160 22.05 -4.81 -1.23
N ASP E 161 22.05 -5.89 -0.44
CA ASP E 161 20.88 -6.19 0.37
C ASP E 161 20.73 -5.21 1.52
N LEU E 162 21.85 -4.64 2.01
CA LEU E 162 21.77 -3.58 3.00
C LEU E 162 21.08 -2.35 2.43
N ILE E 163 21.40 -1.99 1.19
CA ILE E 163 20.77 -0.83 0.54
C ILE E 163 19.31 -1.13 0.23
N ARG E 164 19.03 -2.34 -0.30
CA ARG E 164 17.64 -2.71 -0.55
C ARG E 164 16.82 -2.70 0.74
N ALA E 165 17.44 -3.12 1.84
CA ALA E 165 16.77 -3.10 3.15
C ALA E 165 16.44 -1.67 3.60
N ALA E 166 17.41 -0.75 3.51
CA ALA E 166 17.16 0.64 3.90
C ALA E 166 16.07 1.27 3.02
N GLN E 167 16.07 0.99 1.72
CA GLN E 167 15.04 1.52 0.83
C GLN E 167 13.67 1.03 1.26
N GLY E 168 13.56 -0.25 1.62
CA GLY E 168 12.29 -0.77 2.09
C GLY E 168 11.87 -0.16 3.40
N ILE E 169 12.85 0.21 4.23
CA ILE E 169 12.55 0.89 5.49
C ILE E 169 11.79 2.18 5.21
N SER E 170 12.35 3.02 4.31
CA SER E 170 11.73 4.29 3.96
C SER E 170 10.44 4.10 3.19
N ASP E 171 10.36 3.06 2.37
CA ASP E 171 9.15 2.77 1.62
C ASP E 171 8.03 2.26 2.53
N GLY E 172 8.35 1.83 3.74
CA GLY E 172 7.41 1.16 4.63
C GLY E 172 7.20 -0.33 4.39
N ARG E 173 8.05 -1.00 3.62
CA ARG E 173 7.81 -2.41 3.38
C ARG E 173 8.53 -3.36 4.34
N VAL E 174 9.49 -2.88 5.12
CA VAL E 174 10.21 -3.72 6.08
C VAL E 174 9.81 -3.33 7.50
N LYS E 175 9.65 -4.35 8.35
CA LYS E 175 9.28 -4.15 9.74
C LYS E 175 10.33 -4.81 10.64
N PHE E 176 10.65 -4.17 11.75
CA PHE E 176 11.59 -4.73 12.72
C PHE E 176 10.85 -5.55 13.75
N ILE E 177 11.41 -6.71 14.08
CA ILE E 177 11.05 -7.47 15.27
C ILE E 177 12.18 -7.29 16.27
N THR E 178 11.84 -7.13 17.55
CA THR E 178 12.83 -7.00 18.62
C THR E 178 12.57 -8.12 19.61
N GLY E 179 13.25 -9.25 19.46
CA GLY E 179 13.05 -10.38 20.35
C GLY E 179 11.96 -11.32 19.86
N ASP E 180 11.23 -11.94 20.78
CA ASP E 180 10.17 -12.88 20.42
C ASP E 180 8.88 -12.12 20.15
N GLU E 181 8.11 -12.60 19.19
CA GLU E 181 6.86 -11.95 18.85
C GLU E 181 6.00 -12.86 17.99
N GLU E 182 4.72 -12.96 18.33
CA GLU E 182 3.77 -13.65 17.46
C GLU E 182 3.30 -12.64 16.41
N ILE E 183 3.90 -12.69 15.21
CA ILE E 183 3.63 -11.70 14.18
C ILE E 183 2.34 -12.02 13.43
N LEU E 184 2.07 -13.28 13.16
CA LEU E 184 0.80 -13.72 12.61
C LEU E 184 0.20 -14.78 13.52
N PRO E 185 -1.12 -14.99 13.43
CA PRO E 185 -1.76 -15.96 14.34
C PRO E 185 -1.19 -17.37 14.20
N GLY E 186 -0.50 -17.84 15.24
CA GLY E 186 0.12 -19.14 15.23
C GLY E 186 1.56 -19.16 14.74
N ILE E 187 2.15 -18.01 14.46
CA ILE E 187 3.55 -17.93 14.04
C ILE E 187 4.28 -17.03 15.03
N THR E 188 5.21 -17.60 15.77
CA THR E 188 6.04 -16.87 16.72
C THR E 188 7.46 -16.76 16.22
N ALA E 189 7.95 -15.53 16.09
CA ALA E 189 9.35 -15.33 15.79
C ALA E 189 10.15 -15.45 17.08
N ARG E 190 11.27 -16.18 17.01
CA ARG E 190 12.16 -16.41 18.14
C ARG E 190 13.51 -15.85 17.77
N LEU E 191 13.94 -14.79 18.45
CA LEU E 191 15.27 -14.26 18.25
C LEU E 191 16.29 -15.25 18.83
N ALA E 192 17.31 -15.58 18.04
CA ALA E 192 18.42 -16.40 18.51
C ALA E 192 19.67 -15.56 18.29
N LYS E 193 19.92 -14.66 19.25
CA LYS E 193 20.97 -13.67 19.11
C LYS E 193 22.32 -14.34 19.00
N ASP E 194 23.10 -13.94 18.00
CA ASP E 194 24.44 -14.48 17.81
C ASP E 194 24.42 -16.02 17.74
N SER E 195 23.49 -16.54 16.96
CA SER E 195 23.46 -17.98 16.70
C SER E 195 24.14 -18.25 15.35
N HIS E 196 23.38 -18.34 14.26
CA HIS E 196 24.00 -18.35 12.93
C HIS E 196 24.56 -16.97 12.55
N THR E 197 23.87 -15.90 12.95
CA THR E 197 24.25 -14.52 12.67
C THR E 197 23.81 -13.64 13.85
N PHE E 198 24.12 -12.34 13.77
CA PHE E 198 23.79 -11.40 14.83
C PHE E 198 22.36 -11.55 15.34
N GLY E 199 21.38 -11.51 14.44
CA GLY E 199 19.98 -11.54 14.85
C GLY E 199 19.15 -12.56 14.11
N SER E 200 19.73 -13.75 13.87
CA SER E 200 18.97 -14.85 13.30
C SER E 200 17.70 -15.05 14.08
N GLN E 201 16.62 -15.38 13.39
CA GLN E 201 15.39 -15.75 14.06
C GLN E 201 14.83 -17.01 13.43
N TRP E 202 14.21 -17.84 14.26
CA TRP E 202 13.47 -19.00 13.82
C TRP E 202 11.99 -18.82 14.13
N PHE E 203 11.17 -19.65 13.50
CA PHE E 203 9.73 -19.46 13.57
C PHE E 203 9.05 -20.74 13.99
N GLU E 204 8.23 -20.61 15.04
CA GLU E 204 7.39 -21.67 15.56
C GLU E 204 6.02 -21.53 14.93
N VAL E 205 5.59 -22.55 14.18
CA VAL E 205 4.32 -22.56 13.44
C VAL E 205 3.40 -23.57 14.08
N ASN E 206 2.28 -23.12 14.63
CA ASN E 206 1.36 -23.99 15.36
C ASN E 206 0.22 -24.40 14.43
N THR E 207 0.11 -25.71 14.17
CA THR E 207 -0.93 -26.28 13.33
C THR E 207 -1.76 -27.29 14.12
N HIS E 208 -2.87 -27.75 13.52
CA HIS E 208 -3.70 -28.74 14.19
C HIS E 208 -3.00 -30.07 14.40
N ASN E 209 -1.93 -30.35 13.64
CA ASN E 209 -1.12 -31.55 13.82
C ASN E 209 0.10 -31.32 14.73
N GLY E 210 0.13 -30.22 15.46
CA GLY E 210 1.25 -29.91 16.32
C GLY E 210 2.22 -28.93 15.72
N PRO E 211 3.33 -28.68 16.40
CA PRO E 211 4.23 -27.59 15.98
C PRO E 211 5.22 -28.00 14.90
N PHE E 212 5.51 -27.02 14.02
CA PHE E 212 6.59 -27.10 13.05
C PHE E 212 7.48 -25.88 13.21
N ILE E 213 8.77 -26.06 12.88
CA ILE E 213 9.80 -25.03 13.06
C ILE E 213 10.47 -24.76 11.71
N ALA E 214 10.51 -23.49 11.30
CA ALA E 214 11.36 -23.07 10.20
C ALA E 214 12.67 -22.58 10.80
N ALA E 215 13.73 -23.38 10.68
CA ALA E 215 14.93 -23.11 11.47
C ALA E 215 15.88 -22.14 10.81
N GLY E 216 15.66 -21.79 9.55
CA GLY E 216 16.68 -20.99 8.91
C GLY E 216 18.00 -21.75 8.88
N ASP E 217 19.08 -21.02 9.00
CA ASP E 217 20.36 -21.68 8.98
C ASP E 217 20.96 -22.02 10.34
N ILE E 218 20.21 -21.87 11.41
CA ILE E 218 20.71 -22.28 12.69
C ILE E 218 20.85 -23.76 12.54
N VAL E 219 19.91 -24.38 11.85
CA VAL E 219 20.03 -25.80 11.56
C VAL E 219 20.24 -26.05 10.07
N TYR E 220 21.48 -25.98 9.59
CA TYR E 220 21.80 -26.28 8.19
C TYR E 220 21.31 -27.68 7.81
N TRP E 221 21.59 -28.64 8.68
CA TRP E 221 21.38 -30.05 8.40
C TRP E 221 20.70 -30.71 9.59
N TYR E 222 19.85 -31.70 9.32
CA TYR E 222 19.29 -32.49 10.41
C TYR E 222 20.37 -32.96 11.36
N SER E 223 21.55 -33.30 10.84
CA SER E 223 22.60 -33.81 11.71
C SER E 223 23.08 -32.76 12.72
N ASN E 224 22.97 -31.46 12.40
CA ASN E 224 23.33 -30.45 13.41
C ASN E 224 22.56 -30.66 14.69
N ILE E 225 21.24 -30.83 14.60
CA ILE E 225 20.42 -30.91 15.79
C ILE E 225 20.32 -32.36 16.30
N GLU E 226 20.45 -33.35 15.41
CA GLU E 226 20.46 -34.75 15.86
C GLU E 226 21.79 -35.13 16.50
N ARG E 227 22.89 -34.62 15.95
CA ARG E 227 24.22 -34.85 16.50
C ARG E 227 24.64 -33.76 17.49
N MET E 228 23.87 -32.69 17.65
CA MET E 228 24.23 -31.56 18.52
C MET E 228 25.64 -31.06 18.20
N TRP E 229 25.84 -30.76 16.92
CA TRP E 229 27.17 -30.46 16.37
C TRP E 229 27.03 -29.33 15.37
N PRO E 230 27.34 -28.10 15.76
CA PRO E 230 27.12 -26.94 14.86
C PRO E 230 28.04 -26.96 13.66
N PRO E 231 27.71 -26.19 12.62
CA PRO E 231 28.41 -26.34 11.32
C PRO E 231 29.82 -25.78 11.35
N GLY E 232 30.57 -26.11 10.29
CA GLY E 232 31.92 -25.59 10.09
C GLY E 232 31.95 -24.15 9.62
N TYR E 233 30.90 -23.69 8.96
CA TYR E 233 30.80 -22.29 8.59
C TYR E 233 29.58 -21.71 9.29
N HIS E 234 29.79 -20.63 10.04
CA HIS E 234 28.70 -19.85 10.59
C HIS E 234 29.32 -18.55 11.05
N GLN E 235 28.48 -17.57 11.31
CA GLN E 235 28.96 -16.24 11.68
C GLN E 235 28.38 -15.81 13.01
N GLY E 236 28.28 -16.77 13.93
CA GLY E 236 27.77 -16.47 15.24
C GLY E 236 28.50 -17.27 16.30
N ASN E 237 27.75 -17.74 17.28
CA ASN E 237 28.31 -18.36 18.48
C ASN E 237 27.91 -19.84 18.50
N ALA E 238 28.90 -20.74 18.49
CA ALA E 238 28.60 -22.17 18.39
C ALA E 238 27.82 -22.66 19.62
N PHE E 239 28.20 -22.21 20.82
CA PHE E 239 27.44 -22.66 21.99
C PHE E 239 26.03 -22.10 22.04
N ASN E 240 25.79 -20.90 21.49
CA ASN E 240 24.40 -20.43 21.37
C ASN E 240 23.56 -21.36 20.48
N GLN E 241 24.14 -21.83 19.37
CA GLN E 241 23.41 -22.76 18.50
C GLN E 241 23.05 -24.03 19.26
N ILE E 242 24.00 -24.56 20.05
CA ILE E 242 23.71 -25.72 20.91
C ILE E 242 22.45 -25.47 21.73
N ASP E 243 22.38 -24.32 22.41
CA ASP E 243 21.23 -24.00 23.26
C ASP E 243 19.96 -23.82 22.44
N VAL E 244 20.07 -23.20 21.26
CA VAL E 244 18.91 -23.11 20.38
C VAL E 244 18.46 -24.50 19.94
N TYR E 245 19.41 -25.40 19.61
CA TYR E 245 19.03 -26.76 19.26
C TYR E 245 18.16 -27.38 20.34
N ARG E 246 18.53 -27.13 21.59
CA ARG E 246 17.78 -27.67 22.72
C ARG E 246 16.38 -27.08 22.80
N GLN E 247 16.24 -25.77 22.57
CA GLN E 247 14.90 -25.18 22.55
C GLN E 247 14.03 -25.81 21.46
N MET E 248 14.60 -25.97 20.25
CA MET E 248 13.85 -26.53 19.14
C MET E 248 13.41 -27.97 19.43
N ARG E 249 14.35 -28.79 19.88
CA ARG E 249 14.03 -30.17 20.23
C ARG E 249 12.90 -30.23 21.26
N SER E 250 12.91 -29.32 22.23
CA SER E 250 11.86 -29.32 23.23
C SER E 250 10.50 -28.99 22.61
N VAL E 251 10.45 -28.01 21.70
CA VAL E 251 9.19 -27.61 21.09
C VAL E 251 8.57 -28.77 20.31
N VAL E 252 9.36 -29.50 19.55
CA VAL E 252 8.86 -30.58 18.72
C VAL E 252 8.99 -31.93 19.40
N LYS E 253 9.31 -31.95 20.69
CA LYS E 253 9.45 -33.20 21.46
C LYS E 253 10.29 -34.22 20.71
N ASN E 254 11.39 -33.75 20.13
CA ASN E 254 12.40 -34.56 19.44
C ASN E 254 11.89 -35.24 18.17
N LYS E 255 10.79 -34.76 17.60
CA LYS E 255 10.34 -35.20 16.28
C LYS E 255 11.05 -34.37 15.23
N PHE E 256 12.24 -34.83 14.83
CA PHE E 256 13.12 -34.03 13.99
C PHE E 256 12.51 -33.75 12.62
N GLU E 257 11.63 -34.64 12.12
CA GLU E 257 11.02 -34.35 10.82
C GLU E 257 10.15 -33.09 10.87
N ARG E 258 9.83 -32.61 12.07
CA ARG E 258 9.07 -31.39 12.29
C ARG E 258 9.90 -30.11 12.16
N ILE E 259 11.23 -30.21 12.05
CA ILE E 259 12.13 -29.07 11.90
C ILE E 259 12.53 -28.93 10.43
N ILE E 260 12.42 -27.74 9.88
CA ILE E 260 12.80 -27.47 8.49
C ILE E 260 14.23 -26.94 8.44
N PRO E 261 15.20 -27.76 8.05
CA PRO E 261 16.59 -27.30 7.97
C PRO E 261 16.81 -26.44 6.74
N GLY E 262 17.94 -25.73 6.76
CA GLY E 262 18.20 -24.75 5.73
C GLY E 262 18.61 -25.34 4.41
N HIS E 263 19.45 -26.37 4.42
CA HIS E 263 20.13 -26.81 3.19
C HIS E 263 20.37 -28.31 3.20
N ASP E 264 19.36 -29.08 3.58
CA ASP E 264 19.55 -30.50 3.77
C ASP E 264 18.65 -31.26 2.82
N ALA E 265 19.28 -31.96 1.86
CA ALA E 265 18.57 -32.81 0.93
C ALA E 265 17.85 -33.95 1.62
N GLU E 266 18.25 -34.25 2.86
CA GLU E 266 17.60 -35.32 3.59
C GLU E 266 16.13 -35.00 3.86
N ILE E 267 15.73 -33.73 3.71
CA ILE E 267 14.35 -33.32 3.94
C ILE E 267 13.38 -33.96 2.96
N TRP E 268 13.80 -34.21 1.71
CA TRP E 268 12.91 -34.82 0.73
C TRP E 268 12.58 -36.27 1.09
N ASN E 269 13.38 -36.88 1.94
CA ASN E 269 13.18 -38.25 2.40
C ASN E 269 12.22 -38.36 3.59
N ARG E 270 11.76 -37.25 4.16
CA ARG E 270 10.96 -37.28 5.38
C ARG E 270 9.53 -36.79 5.22
N HIS E 271 9.12 -36.39 4.02
CA HIS E 271 7.76 -35.87 3.83
C HIS E 271 7.25 -36.31 2.47
N ASN E 272 5.94 -36.11 2.24
CA ASN E 272 5.46 -36.23 0.87
C ASN E 272 6.21 -35.24 0.01
N THR E 273 7.02 -35.75 -0.92
CA THR E 273 7.80 -34.94 -1.84
C THR E 273 7.65 -35.43 -3.28
N TRP E 274 7.55 -34.47 -4.20
CA TRP E 274 7.61 -34.69 -5.63
C TRP E 274 8.54 -33.64 -6.23
N THR E 275 8.97 -33.88 -7.45
CA THR E 275 10.00 -33.08 -8.13
C THR E 275 9.41 -32.29 -9.28
N ALA E 276 10.07 -31.18 -9.62
CA ALA E 276 9.72 -30.38 -10.78
C ALA E 276 10.44 -30.89 -12.01
N PRO E 277 10.10 -30.37 -13.19
CA PRO E 277 10.80 -30.81 -14.41
C PRO E 277 12.33 -30.71 -14.31
N ASN E 278 12.88 -29.60 -13.76
CA ASN E 278 14.34 -29.44 -13.74
C ASN E 278 15.01 -30.23 -12.61
N GLY E 279 14.24 -30.70 -11.63
CA GLY E 279 14.75 -31.52 -10.54
C GLY E 279 14.44 -30.98 -9.17
N ASN E 280 14.18 -29.68 -9.05
CA ASN E 280 13.92 -29.04 -7.77
C ASN E 280 12.72 -29.66 -7.07
N GLN E 281 12.88 -29.86 -5.77
CA GLN E 281 11.92 -30.65 -5.00
C GLN E 281 10.79 -29.79 -4.43
N ILE E 282 9.69 -30.46 -4.12
CA ILE E 282 8.52 -29.85 -3.51
C ILE E 282 8.15 -30.71 -2.32
N ALA E 283 8.10 -30.11 -1.14
CA ALA E 283 7.81 -30.85 0.08
C ALA E 283 6.51 -30.33 0.70
N GLU E 284 5.54 -31.23 0.82
CA GLU E 284 4.29 -30.96 1.52
C GLU E 284 4.45 -31.45 2.95
N LEU E 285 4.71 -30.51 3.87
CA LEU E 285 4.91 -30.87 5.27
C LEU E 285 3.59 -31.00 6.03
N ASN E 286 2.64 -30.11 5.76
CA ASN E 286 1.38 -30.14 6.49
C ASN E 286 0.29 -29.55 5.63
N LEU E 287 -0.91 -30.06 5.81
CA LEU E 287 -2.12 -29.55 5.17
C LEU E 287 -3.09 -29.28 6.31
N LYS E 288 -3.52 -28.03 6.44
CA LYS E 288 -4.48 -27.69 7.48
C LYS E 288 -5.84 -28.31 7.17
N ASP E 289 -6.56 -28.70 8.22
CA ASP E 289 -7.93 -29.24 8.10
C ASP E 289 -8.71 -28.59 6.96
N GLY E 290 -9.14 -29.40 6.00
CA GLY E 290 -9.96 -28.90 4.91
C GLY E 290 -9.22 -28.59 3.63
N ASP E 291 -7.99 -29.09 3.48
CA ASP E 291 -7.12 -28.84 2.34
C ASP E 291 -6.80 -30.10 1.55
N THR E 292 -6.58 -29.92 0.26
CA THR E 292 -6.27 -31.05 -0.57
C THR E 292 -4.81 -30.99 -0.91
N SER E 293 -4.22 -32.15 -1.10
CA SER E 293 -2.83 -32.20 -1.46
C SER E 293 -2.64 -31.56 -2.81
N ARG E 294 -1.42 -31.11 -3.08
CA ARG E 294 -1.11 -30.54 -4.36
C ARG E 294 -2.35 -30.42 -5.20
N ARG F 9 62.18 1.25 29.13
CA ARG F 9 61.00 0.73 29.80
C ARG F 9 61.39 -0.22 30.94
N ASP F 10 60.55 -0.24 31.97
CA ASP F 10 60.87 -0.86 33.25
C ASP F 10 60.61 -2.36 33.32
N THR F 11 60.01 -2.97 32.30
CA THR F 11 59.84 -4.41 32.30
C THR F 11 60.43 -5.00 31.03
N ASP F 12 60.82 -6.27 31.11
CA ASP F 12 61.43 -6.95 29.98
C ASP F 12 61.23 -8.44 30.17
N TRP F 13 61.00 -9.16 29.06
CA TRP F 13 60.72 -10.60 29.12
C TRP F 13 61.45 -11.32 27.98
N SER F 14 62.04 -12.45 28.33
CA SER F 14 62.50 -13.43 27.36
C SER F 14 61.33 -14.37 27.06
N ILE F 15 61.23 -14.82 25.81
CA ILE F 15 60.06 -15.58 25.35
C ILE F 15 60.51 -16.76 24.50
N TRP F 16 60.10 -17.97 24.89
CA TRP F 16 60.31 -19.17 24.09
C TRP F 16 58.97 -19.87 23.87
N SER F 17 58.72 -20.27 22.63
CA SER F 17 57.60 -21.15 22.32
C SER F 17 58.13 -22.57 22.13
N LEU F 18 57.58 -23.50 22.89
CA LEU F 18 58.11 -24.85 22.97
C LEU F 18 57.01 -25.83 22.55
N ALA F 19 57.29 -26.61 21.51
CA ALA F 19 56.41 -27.70 21.12
C ALA F 19 56.66 -28.89 22.05
N TYR F 20 55.58 -29.42 22.65
CA TYR F 20 55.68 -30.60 23.48
C TYR F 20 55.04 -31.83 22.84
N CYS F 21 54.37 -31.67 21.70
CA CYS F 21 53.64 -32.73 21.03
C CYS F 21 53.30 -32.23 19.62
N GLN F 22 52.89 -33.15 18.74
CA GLN F 22 52.48 -32.84 17.38
C GLN F 22 51.17 -33.55 17.07
N VAL F 23 50.35 -32.93 16.22
CA VAL F 23 49.05 -33.49 15.87
C VAL F 23 48.83 -33.41 14.37
N ASP F 24 48.39 -34.51 13.80
CA ASP F 24 48.02 -34.60 12.40
C ASP F 24 46.54 -34.27 12.32
N MET F 25 46.20 -33.23 11.57
CA MET F 25 44.87 -32.65 11.65
C MET F 25 44.43 -32.09 10.30
N ALA F 26 43.14 -32.25 10.01
CA ALA F 26 42.53 -31.62 8.83
C ALA F 26 42.73 -30.11 8.84
N LYS F 27 43.02 -29.55 7.66
CA LYS F 27 43.36 -28.13 7.54
C LYS F 27 42.20 -27.19 7.87
N ASP F 28 40.97 -27.55 7.47
CA ASP F 28 39.81 -26.69 7.72
C ASP F 28 39.57 -26.47 9.21
N PHE F 29 39.96 -27.45 10.04
CA PHE F 29 39.83 -27.34 11.50
C PHE F 29 40.47 -26.04 12.00
N PHE F 30 41.73 -25.81 11.64
CA PHE F 30 42.47 -24.64 12.11
C PHE F 30 42.30 -23.41 11.22
N GLY F 31 42.12 -23.58 9.91
CA GLY F 31 42.25 -22.46 9.00
C GLY F 31 40.96 -21.87 8.48
N GLY F 32 39.88 -22.64 8.50
CA GLY F 32 38.57 -22.17 8.09
C GLY F 32 37.87 -23.11 7.11
N ALA F 33 36.55 -23.20 7.24
CA ALA F 33 35.74 -24.01 6.35
C ALA F 33 35.72 -23.47 4.92
N GLY F 34 35.95 -22.18 4.72
CA GLY F 34 35.95 -21.76 3.33
C GLY F 34 37.17 -22.24 2.56
N ILE F 35 38.32 -21.62 2.85
CA ILE F 35 39.54 -21.84 2.09
C ILE F 35 40.08 -23.24 2.23
N PHE F 36 39.92 -23.86 3.40
CA PHE F 36 40.67 -25.07 3.69
C PHE F 36 39.81 -26.33 3.74
N SER F 37 38.60 -26.27 3.20
CA SER F 37 37.77 -27.46 3.11
C SER F 37 38.39 -28.44 2.12
N ASN F 38 38.24 -29.74 2.42
CA ASN F 38 38.71 -30.84 1.56
C ASN F 38 40.14 -30.60 1.07
N SER F 39 40.95 -29.97 1.92
CA SER F 39 42.31 -29.57 1.57
C SER F 39 43.36 -30.48 2.20
N GLY F 40 42.96 -31.66 2.68
CA GLY F 40 43.84 -32.59 3.32
C GLY F 40 44.18 -32.24 4.76
N THR F 41 45.25 -32.86 5.24
CA THR F 41 45.75 -32.71 6.59
C THR F 41 47.20 -32.21 6.57
N CYS F 42 47.68 -31.85 7.76
CA CYS F 42 49.06 -31.44 7.96
C CYS F 42 49.41 -31.63 9.45
N ILE F 43 50.70 -31.56 9.75
CA ILE F 43 51.20 -31.68 11.12
C ILE F 43 51.16 -30.30 11.77
N ASN F 44 50.66 -30.22 13.01
CA ASN F 44 50.56 -28.96 13.73
C ASN F 44 51.16 -29.11 15.11
N PRO F 45 51.92 -28.13 15.59
CA PRO F 45 52.55 -28.26 16.91
C PRO F 45 51.55 -28.07 18.04
N MET F 46 51.78 -28.79 19.13
CA MET F 46 51.15 -28.51 20.42
C MET F 46 52.17 -27.78 21.27
N ILE F 47 51.80 -26.59 21.76
CA ILE F 47 52.77 -25.61 22.20
C ILE F 47 52.34 -25.05 23.57
N TYR F 48 53.30 -24.78 24.44
CA TYR F 48 53.13 -23.79 25.50
C TYR F 48 54.35 -22.87 25.47
N THR F 49 54.19 -21.68 26.06
CA THR F 49 55.16 -20.60 25.92
C THR F 49 55.75 -20.21 27.27
N LEU F 50 57.08 -20.15 27.31
CA LEU F 50 57.83 -19.83 28.51
C LEU F 50 58.22 -18.36 28.47
N LEU F 51 57.88 -17.63 29.55
CA LEU F 51 58.21 -16.23 29.72
C LEU F 51 59.05 -16.10 30.98
N VAL F 52 60.21 -15.45 30.87
CA VAL F 52 61.14 -15.27 31.98
C VAL F 52 61.50 -13.79 32.02
N GLY F 53 61.24 -13.14 33.14
CA GLY F 53 61.52 -11.72 33.25
C GLY F 53 60.62 -11.07 34.30
N GLY F 54 60.17 -9.86 33.98
CA GLY F 54 59.47 -9.03 34.96
C GLY F 54 60.08 -7.64 35.00
N GLU F 55 60.12 -7.05 36.18
CA GLU F 55 60.75 -5.75 36.37
C GLU F 55 62.24 -5.87 36.09
N VAL F 56 62.77 -4.92 35.31
CA VAL F 56 64.18 -5.01 34.95
C VAL F 56 65.02 -4.87 36.21
N GLY F 57 65.89 -5.84 36.45
CA GLY F 57 66.70 -5.95 37.66
C GLY F 57 65.98 -6.38 38.93
N GLY F 58 64.72 -6.83 38.84
CA GLY F 58 63.96 -7.29 39.99
C GLY F 58 63.62 -8.76 39.83
N LYS F 59 62.62 -9.26 40.53
CA LYS F 59 62.38 -10.71 40.50
C LYS F 59 62.24 -11.20 39.07
N GLN F 60 63.02 -12.23 38.73
CA GLN F 60 62.92 -12.93 37.46
C GLN F 60 61.81 -13.97 37.59
N HIS F 61 60.61 -13.67 37.09
CA HIS F 61 59.56 -14.67 37.10
C HIS F 61 59.77 -15.71 36.01
N VAL F 62 59.34 -16.93 36.31
CA VAL F 62 59.28 -18.01 35.35
C VAL F 62 57.81 -18.34 35.13
N VAL F 63 57.30 -18.05 33.92
CA VAL F 63 55.89 -18.09 33.59
C VAL F 63 55.67 -18.99 32.38
N LEU F 64 54.59 -19.77 32.44
CA LEU F 64 54.12 -20.56 31.32
C LEU F 64 52.77 -20.00 30.89
N VAL F 65 52.62 -19.72 29.59
CA VAL F 65 51.30 -19.52 29.03
C VAL F 65 50.82 -20.89 28.56
N ASP F 66 49.84 -21.44 29.28
CA ASP F 66 49.34 -22.79 29.02
C ASP F 66 50.37 -23.84 29.42
N CYS F 67 49.97 -25.12 29.51
CA CYS F 67 50.90 -26.13 29.97
C CYS F 67 50.68 -27.51 29.35
N GLY F 68 49.94 -27.61 28.23
CA GLY F 68 49.74 -28.87 27.51
C GLY F 68 48.81 -29.81 28.27
N PHE F 69 48.58 -30.98 27.68
CA PHE F 69 47.77 -32.02 28.32
C PHE F 69 48.64 -33.15 28.82
N GLN F 70 48.02 -34.06 29.55
CA GLN F 70 48.71 -35.21 30.15
C GLN F 70 48.76 -36.37 29.19
N ASN F 71 49.62 -37.34 29.53
CA ASN F 71 49.73 -38.62 28.86
C ASN F 71 48.60 -39.53 29.31
N ASP F 72 47.41 -39.31 28.77
CA ASP F 72 46.22 -40.05 29.18
C ASP F 72 45.45 -40.42 27.92
N HIS F 73 44.16 -40.74 28.08
CA HIS F 73 43.33 -41.19 26.96
C HIS F 73 43.30 -40.20 25.81
N TRP F 74 43.60 -38.92 26.07
CA TRP F 74 43.57 -37.95 24.99
C TRP F 74 44.56 -38.31 23.87
N LEU F 75 45.62 -39.07 24.19
CA LEU F 75 46.61 -39.44 23.16
C LEU F 75 45.99 -40.26 22.03
N THR F 76 44.89 -40.97 22.28
CA THR F 76 44.20 -41.77 21.27
C THR F 76 43.01 -41.07 20.59
N ARG F 77 42.54 -39.93 21.08
CA ARG F 77 41.38 -39.31 20.45
C ARG F 77 41.74 -38.38 19.30
N TYR F 78 43.02 -38.33 18.92
CA TYR F 78 43.50 -37.48 17.83
C TYR F 78 44.84 -38.05 17.39
N ALA F 79 45.34 -37.56 16.27
CA ALA F 79 46.54 -38.15 15.68
C ALA F 79 47.78 -37.47 16.26
N PHE F 80 48.01 -37.77 17.53
CA PHE F 80 49.10 -37.21 18.30
C PHE F 80 50.37 -38.04 18.14
N SER F 81 51.51 -37.37 18.28
CA SER F 81 52.75 -38.10 18.27
C SER F 81 53.78 -37.24 18.97
N SER F 82 54.79 -37.89 19.53
CA SER F 82 55.97 -37.21 20.01
C SER F 82 55.68 -36.38 21.27
N TRP F 83 54.75 -36.85 22.10
CA TRP F 83 54.46 -36.17 23.36
C TRP F 83 55.70 -36.23 24.25
N GLU F 84 56.06 -35.10 24.83
CA GLU F 84 57.24 -35.04 25.68
C GLU F 84 56.89 -34.43 27.03
N ASP F 85 57.56 -34.92 28.06
CA ASP F 85 57.35 -34.51 29.44
C ASP F 85 57.87 -33.09 29.67
N PRO F 86 57.23 -32.32 30.54
CA PRO F 86 57.75 -30.96 30.86
C PRO F 86 59.20 -30.95 31.34
N LYS F 87 59.68 -32.00 32.02
CA LYS F 87 61.08 -32.04 32.44
C LYS F 87 62.01 -31.95 31.24
N ASP F 88 61.69 -32.67 30.16
CA ASP F 88 62.50 -32.65 28.94
C ASP F 88 62.28 -31.36 28.13
N VAL F 89 61.02 -30.91 27.97
CA VAL F 89 60.76 -29.72 27.17
C VAL F 89 61.42 -28.49 27.80
N LEU F 90 61.20 -28.27 29.09
CA LEU F 90 61.80 -27.12 29.75
C LEU F 90 63.30 -27.31 29.99
N GLY F 91 63.74 -28.55 30.17
CA GLY F 91 65.15 -28.79 30.35
C GLY F 91 66.01 -28.25 29.22
N ARG F 92 65.49 -28.31 27.98
CA ARG F 92 66.28 -27.87 26.84
C ARG F 92 66.53 -26.36 26.83
N VAL F 93 65.72 -25.57 27.54
CA VAL F 93 65.98 -24.14 27.65
C VAL F 93 66.49 -23.75 29.03
N GLY F 94 66.87 -24.73 29.85
CA GLY F 94 67.54 -24.44 31.11
C GLY F 94 66.65 -24.21 32.32
N PHE F 95 65.46 -24.79 32.34
CA PHE F 95 64.53 -24.65 33.46
C PHE F 95 63.95 -26.03 33.77
N SER F 96 63.26 -26.13 34.90
CA SER F 96 62.54 -27.34 35.27
C SER F 96 61.11 -26.98 35.63
N PRO F 97 60.20 -27.95 35.62
CA PRO F 97 58.81 -27.63 35.98
C PRO F 97 58.65 -27.04 37.38
N GLU F 98 59.54 -27.37 38.31
CA GLU F 98 59.45 -26.77 39.64
C GLU F 98 59.78 -25.28 39.64
N ASP F 99 60.43 -24.78 38.59
CA ASP F 99 60.74 -23.35 38.55
C ASP F 99 59.52 -22.51 38.21
N VAL F 100 58.53 -23.09 37.53
CA VAL F 100 57.40 -22.33 37.02
C VAL F 100 56.56 -21.84 38.20
N ASP F 101 56.50 -20.52 38.38
CA ASP F 101 55.69 -20.03 39.49
C ASP F 101 54.29 -19.62 39.06
N THR F 102 54.04 -19.50 37.76
CA THR F 102 52.75 -19.01 37.30
C THR F 102 52.38 -19.72 36.01
N ILE F 103 51.15 -20.19 35.91
CA ILE F 103 50.61 -20.70 34.66
C ILE F 103 49.44 -19.82 34.27
N LEU F 104 49.58 -19.14 33.12
CA LEU F 104 48.52 -18.31 32.56
C LEU F 104 47.70 -19.17 31.60
N VAL F 105 46.42 -19.34 31.89
CA VAL F 105 45.57 -20.27 31.16
C VAL F 105 44.76 -19.49 30.15
N THR F 106 45.04 -19.71 28.86
CA THR F 106 44.24 -19.06 27.84
C THR F 106 42.81 -19.55 27.89
N HIS F 107 42.60 -20.85 28.09
CA HIS F 107 41.26 -21.42 28.13
C HIS F 107 41.39 -22.84 28.65
N MET F 108 40.27 -23.44 29.02
CA MET F 108 40.28 -24.71 29.75
C MET F 108 40.18 -25.95 28.85
N HIS F 109 40.45 -25.82 27.56
CA HIS F 109 40.56 -27.02 26.74
C HIS F 109 41.70 -27.89 27.25
N PHE F 110 41.54 -29.21 27.05
CA PHE F 110 42.44 -30.19 27.66
C PHE F 110 43.89 -29.91 27.33
N ASP F 111 44.17 -29.48 26.13
CA ASP F 111 45.56 -29.32 25.73
C ASP F 111 46.18 -28.02 26.20
N HIS F 112 45.46 -27.21 26.99
CA HIS F 112 46.07 -26.01 27.56
C HIS F 112 46.16 -26.00 29.06
N MET F 113 45.44 -26.87 29.76
CA MET F 113 45.50 -26.93 31.21
C MET F 113 45.56 -28.35 31.74
N GLY F 114 45.51 -29.37 30.87
CA GLY F 114 45.43 -30.74 31.34
C GLY F 114 46.54 -31.07 32.33
N ASN F 115 47.76 -30.69 32.00
CA ASN F 115 48.94 -31.11 32.76
C ASN F 115 49.38 -30.12 33.84
N PHE F 116 48.51 -29.26 34.39
CA PHE F 116 49.06 -28.22 35.27
C PHE F 116 49.64 -28.78 36.56
N GLU F 117 49.20 -29.97 36.99
CA GLU F 117 49.75 -30.53 38.22
C GLU F 117 51.18 -31.05 38.08
N ALA F 118 51.74 -31.11 36.87
CA ALA F 118 53.16 -31.41 36.76
C ALA F 118 54.04 -30.21 37.14
N PHE F 119 53.44 -29.08 37.50
CA PHE F 119 54.16 -27.87 37.92
C PHE F 119 53.76 -27.58 39.37
N PRO F 120 54.42 -28.21 40.34
CA PRO F 120 53.88 -28.24 41.71
C PRO F 120 53.89 -26.89 42.41
N ASN F 121 54.67 -25.92 41.95
CA ASN F 121 54.77 -24.62 42.62
C ASN F 121 54.03 -23.51 41.89
N ALA F 122 53.17 -23.88 40.95
CA ALA F 122 52.51 -22.90 40.13
C ALA F 122 51.09 -22.55 40.45
N LYS F 123 50.80 -21.27 40.34
CA LYS F 123 49.45 -20.83 40.51
C LYS F 123 48.88 -20.69 39.12
N LEU F 124 47.63 -21.08 38.97
CA LEU F 124 46.94 -20.94 37.71
C LEU F 124 46.03 -19.73 37.69
N TYR F 125 46.09 -18.95 36.62
CA TYR F 125 45.20 -17.83 36.45
C TYR F 125 44.20 -18.14 35.34
N ILE F 126 42.93 -18.12 35.66
CA ILE F 126 41.87 -18.48 34.72
C ILE F 126 40.79 -17.40 34.80
N GLN F 127 40.19 -17.09 33.65
CA GLN F 127 39.08 -16.15 33.62
C GLN F 127 37.86 -16.76 34.30
N LEU F 128 37.22 -15.97 35.18
CA LEU F 128 36.02 -16.46 35.85
C LEU F 128 34.97 -16.96 34.85
N ASP F 129 34.78 -16.23 33.74
CA ASP F 129 33.76 -16.60 32.75
C ASP F 129 34.10 -17.92 32.07
N GLU F 130 35.39 -18.24 31.94
CA GLU F 130 35.80 -19.51 31.40
C GLU F 130 35.35 -20.64 32.31
N TYR F 131 35.63 -20.52 33.61
CA TYR F 131 35.27 -21.55 34.57
C TYR F 131 33.75 -21.70 34.70
N THR F 132 33.03 -20.58 34.81
CA THR F 132 31.58 -20.68 34.98
C THR F 132 30.93 -21.15 33.68
N GLY F 133 31.45 -20.69 32.54
CA GLY F 133 30.96 -21.19 31.25
C GLY F 133 31.05 -22.70 31.13
N TRP F 134 32.20 -23.28 31.47
CA TRP F 134 32.32 -24.73 31.35
C TRP F 134 31.48 -25.46 32.39
N SER F 135 31.40 -24.93 33.62
CA SER F 135 30.54 -25.55 34.62
C SER F 135 29.11 -25.65 34.12
N LYS F 136 28.56 -24.55 33.60
CA LYS F 136 27.22 -24.60 33.05
C LYS F 136 27.10 -25.57 31.88
N ALA F 137 28.06 -25.48 30.94
CA ALA F 137 27.95 -26.26 29.71
C ALA F 137 27.97 -27.74 30.01
N VAL F 138 28.87 -28.18 30.89
CA VAL F 138 28.95 -29.60 31.24
C VAL F 138 27.66 -30.08 31.87
N CYS F 139 27.12 -29.29 32.81
CA CYS F 139 25.90 -29.67 33.51
C CYS F 139 24.70 -29.74 32.57
N SER F 140 24.57 -28.77 31.65
CA SER F 140 23.50 -28.80 30.66
C SER F 140 23.59 -30.01 29.74
N SER F 141 24.81 -30.47 29.43
CA SER F 141 24.97 -31.52 28.43
C SER F 141 24.34 -32.83 28.88
N HIS F 142 24.29 -33.09 30.18
CA HIS F 142 23.72 -34.34 30.66
C HIS F 142 22.25 -34.42 30.54
N GLN F 143 21.60 -33.48 29.88
CA GLN F 143 20.18 -33.67 29.59
C GLN F 143 19.95 -34.54 28.36
N HIS F 144 20.99 -34.76 27.54
CA HIS F 144 20.87 -35.63 26.36
C HIS F 144 20.98 -37.10 26.75
N GLU F 145 20.18 -37.95 26.09
CA GLU F 145 20.06 -39.34 26.53
C GLU F 145 21.25 -40.19 26.10
N THR F 146 21.93 -39.79 25.03
CA THR F 146 23.04 -40.56 24.48
C THR F 146 24.33 -39.77 24.63
N GLU F 147 25.45 -40.50 24.69
CA GLU F 147 26.75 -39.83 24.79
C GLU F 147 27.13 -39.18 23.46
N GLU F 148 26.55 -39.64 22.36
CA GLU F 148 26.79 -39.05 21.04
C GLU F 148 26.28 -37.62 20.94
N GLU F 149 25.16 -37.31 21.60
CA GLU F 149 24.65 -35.95 21.57
C GLU F 149 25.50 -34.98 22.39
N LYS F 150 26.41 -35.48 23.24
CA LYS F 150 27.30 -34.64 24.03
C LYS F 150 28.66 -34.47 23.40
N GLU F 151 28.91 -35.18 22.29
CA GLU F 151 30.26 -35.34 21.78
C GLU F 151 30.92 -34.01 21.43
N TRP F 152 30.21 -33.10 20.75
CA TRP F 152 30.81 -31.81 20.39
C TRP F 152 31.20 -31.00 21.63
N VAL F 153 30.37 -31.00 22.66
CA VAL F 153 30.71 -30.25 23.88
C VAL F 153 32.05 -30.73 24.43
N PHE F 154 32.35 -32.04 24.31
CA PHE F 154 33.54 -32.62 24.92
C PHE F 154 34.69 -32.89 23.95
N THR F 155 34.63 -32.36 22.72
CA THR F 155 35.69 -32.62 21.76
C THR F 155 37.06 -32.14 22.26
N SER F 156 37.09 -31.04 23.02
CA SER F 156 38.35 -30.50 23.53
C SER F 156 38.30 -30.26 25.03
N PHE F 157 37.29 -30.76 25.73
CA PHE F 157 37.13 -30.48 27.15
C PHE F 157 36.97 -31.79 27.91
N ASP F 158 37.72 -31.91 28.99
CA ASP F 158 37.73 -33.09 29.83
C ASP F 158 37.00 -32.75 31.12
N PRO F 159 35.87 -33.37 31.44
CA PRO F 159 35.21 -33.08 32.74
C PRO F 159 36.14 -33.33 33.91
N ALA F 160 37.15 -34.19 33.76
CA ALA F 160 38.12 -34.34 34.83
C ALA F 160 38.87 -33.04 35.09
N ASP F 161 39.03 -32.19 34.08
CA ASP F 161 39.64 -30.88 34.34
C ASP F 161 38.72 -29.95 35.12
N LEU F 162 37.39 -30.16 35.07
CA LEU F 162 36.54 -29.45 36.00
C LEU F 162 36.86 -29.80 37.44
N ILE F 163 37.06 -31.10 37.71
CA ILE F 163 37.32 -31.51 39.07
C ILE F 163 38.70 -31.02 39.51
N ARG F 164 39.72 -31.16 38.66
CA ARG F 164 41.03 -30.66 39.03
C ARG F 164 41.00 -29.17 39.31
N ALA F 165 40.26 -28.40 38.50
CA ALA F 165 40.15 -26.97 38.76
C ALA F 165 39.50 -26.69 40.11
N ALA F 166 38.39 -27.37 40.41
CA ALA F 166 37.75 -27.15 41.71
C ALA F 166 38.72 -27.50 42.85
N GLN F 167 39.48 -28.59 42.70
CA GLN F 167 40.51 -28.93 43.69
C GLN F 167 41.57 -27.85 43.81
N GLY F 168 42.04 -27.28 42.69
CA GLY F 168 43.01 -26.20 42.77
C GLY F 168 42.44 -24.96 43.40
N ILE F 169 41.16 -24.68 43.13
CA ILE F 169 40.46 -23.58 43.79
C ILE F 169 40.47 -23.77 45.30
N SER F 170 40.12 -24.97 45.76
CA SER F 170 40.05 -25.24 47.18
C SER F 170 41.43 -25.21 47.85
N ASP F 171 42.48 -25.64 47.14
CA ASP F 171 43.88 -25.62 47.59
C ASP F 171 44.52 -24.23 47.59
N GLY F 172 43.95 -23.25 46.92
CA GLY F 172 44.62 -21.96 46.80
C GLY F 172 45.58 -21.84 45.62
N ARG F 173 45.51 -22.77 44.70
CA ARG F 173 46.38 -22.76 43.53
C ARG F 173 45.76 -22.05 42.34
N VAL F 174 44.44 -21.96 42.30
CA VAL F 174 43.74 -21.32 41.19
C VAL F 174 43.29 -19.91 41.55
N LYS F 175 43.57 -18.96 40.69
CA LYS F 175 43.19 -17.57 40.90
C LYS F 175 42.32 -17.14 39.73
N PHE F 176 41.20 -16.46 40.03
CA PHE F 176 40.33 -15.97 38.99
C PHE F 176 40.72 -14.57 38.59
N ILE F 177 40.77 -14.34 37.29
CA ILE F 177 40.82 -13.02 36.69
C ILE F 177 39.43 -12.74 36.16
N THR F 178 38.96 -11.50 36.32
CA THR F 178 37.67 -11.09 35.80
C THR F 178 37.90 -9.85 34.94
N GLY F 179 38.03 -10.04 33.63
CA GLY F 179 38.31 -8.93 32.73
C GLY F 179 39.79 -8.73 32.49
N ASP F 180 40.21 -7.49 32.28
CA ASP F 180 41.59 -7.16 31.99
C ASP F 180 42.37 -6.92 33.29
N GLU F 181 43.62 -7.35 33.31
CA GLU F 181 44.42 -7.19 34.51
C GLU F 181 45.89 -7.37 34.20
N GLU F 182 46.73 -6.49 34.73
CA GLU F 182 48.18 -6.69 34.65
C GLU F 182 48.57 -7.64 35.77
N ILE F 183 48.75 -8.92 35.42
CA ILE F 183 48.90 -10.00 36.39
C ILE F 183 50.32 -10.04 36.96
N LEU F 184 51.30 -9.85 36.11
CA LEU F 184 52.71 -9.73 36.44
C LEU F 184 53.23 -8.45 35.82
N PRO F 185 54.38 -7.93 36.29
CA PRO F 185 54.88 -6.67 35.73
C PRO F 185 55.17 -6.79 34.23
N GLY F 186 54.42 -6.04 33.41
CA GLY F 186 54.57 -6.08 31.98
C GLY F 186 53.75 -7.13 31.24
N ILE F 187 52.89 -7.88 31.94
CA ILE F 187 51.99 -8.85 31.32
C ILE F 187 50.56 -8.50 31.68
N THR F 188 49.76 -8.16 30.67
CA THR F 188 48.36 -7.84 30.89
C THR F 188 47.47 -8.92 30.26
N ALA F 189 46.61 -9.51 31.07
CA ALA F 189 45.58 -10.42 30.59
C ALA F 189 44.42 -9.63 29.99
N ARG F 190 43.94 -10.10 28.83
CA ARG F 190 42.83 -9.50 28.09
C ARG F 190 41.74 -10.53 27.92
N LEU F 191 40.60 -10.28 28.53
CA LEU F 191 39.43 -11.14 28.35
C LEU F 191 38.89 -10.99 26.95
N ALA F 192 38.68 -12.12 26.27
CA ALA F 192 38.02 -12.12 24.97
C ALA F 192 36.79 -13.00 25.15
N LYS F 193 35.75 -12.42 25.76
CA LYS F 193 34.55 -13.18 26.11
C LYS F 193 33.91 -13.81 24.88
N ASP F 194 33.60 -15.11 24.96
CA ASP F 194 32.95 -15.81 23.86
C ASP F 194 33.75 -15.69 22.55
N SER F 195 35.07 -15.94 22.62
CA SER F 195 35.89 -15.95 21.40
C SER F 195 36.18 -17.38 20.91
N HIS F 196 37.33 -18.00 21.28
CA HIS F 196 37.51 -19.44 21.08
C HIS F 196 36.56 -20.17 22.01
N THR F 197 36.41 -19.67 23.24
CA THR F 197 35.58 -20.29 24.28
C THR F 197 34.95 -19.19 25.13
N PHE F 198 34.15 -19.61 26.12
CA PHE F 198 33.44 -18.71 27.04
C PHE F 198 34.32 -17.61 27.60
N GLY F 199 35.47 -17.97 28.17
CA GLY F 199 36.33 -16.97 28.81
C GLY F 199 37.79 -17.03 28.37
N SER F 200 38.02 -17.22 27.07
CA SER F 200 39.36 -17.14 26.52
C SER F 200 39.98 -15.80 26.87
N GLN F 201 41.27 -15.82 27.17
CA GLN F 201 42.03 -14.59 27.37
C GLN F 201 43.37 -14.71 26.66
N TRP F 202 43.84 -13.59 26.16
CA TRP F 202 45.16 -13.49 25.60
C TRP F 202 46.00 -12.54 26.44
N PHE F 203 47.31 -12.57 26.18
CA PHE F 203 48.27 -11.87 27.04
C PHE F 203 49.17 -10.99 26.19
N GLU F 204 49.27 -9.72 26.59
CA GLU F 204 50.24 -8.80 26.00
C GLU F 204 51.48 -8.85 26.86
N VAL F 205 52.62 -9.14 26.26
CA VAL F 205 53.88 -9.20 26.98
C VAL F 205 54.73 -8.03 26.50
N ASN F 206 55.14 -7.17 27.43
CA ASN F 206 55.93 -5.99 27.09
C ASN F 206 57.41 -6.37 27.14
N THR F 207 58.10 -6.11 26.05
CA THR F 207 59.52 -6.37 25.98
C THR F 207 60.16 -5.10 25.50
N HIS F 208 61.47 -5.00 25.62
CA HIS F 208 62.18 -3.84 25.14
C HIS F 208 62.19 -3.77 23.62
N ASN F 209 61.93 -4.88 22.95
CA ASN F 209 61.77 -4.85 21.51
C ASN F 209 60.31 -4.66 21.07
N GLY F 210 59.45 -4.24 22.00
CA GLY F 210 58.04 -4.02 21.74
C GLY F 210 57.18 -5.18 22.20
N PRO F 211 55.88 -5.11 21.95
CA PRO F 211 54.96 -6.08 22.55
C PRO F 211 54.84 -7.38 21.77
N PHE F 212 54.65 -8.45 22.53
CA PHE F 212 54.30 -9.75 21.99
C PHE F 212 52.96 -10.14 22.56
N ILE F 213 52.24 -10.97 21.82
CA ILE F 213 50.90 -11.42 22.18
C ILE F 213 50.90 -12.93 22.23
N ALA F 214 50.47 -13.50 23.36
CA ALA F 214 50.16 -14.92 23.45
C ALA F 214 48.68 -15.06 23.20
N ALA F 215 48.31 -15.57 22.02
CA ALA F 215 46.92 -15.48 21.58
C ALA F 215 46.06 -16.65 22.05
N GLY F 216 46.67 -17.71 22.61
CA GLY F 216 45.86 -18.90 22.84
C GLY F 216 45.34 -19.43 21.51
N ASP F 217 44.15 -20.03 21.55
CA ASP F 217 43.55 -20.56 20.33
C ASP F 217 42.62 -19.58 19.64
N ILE F 218 42.50 -18.35 20.15
CA ILE F 218 41.83 -17.32 19.38
C ILE F 218 42.47 -17.24 18.00
N VAL F 219 43.79 -17.34 17.95
CA VAL F 219 44.55 -17.44 16.70
C VAL F 219 45.23 -18.81 16.63
N TYR F 220 44.56 -19.78 15.99
CA TYR F 220 45.17 -21.08 15.72
C TYR F 220 46.40 -20.94 14.83
N TRP F 221 46.23 -20.22 13.73
CA TRP F 221 47.18 -20.12 12.63
C TRP F 221 47.36 -18.66 12.26
N TYR F 222 48.57 -18.30 11.83
CA TYR F 222 48.78 -16.95 11.33
C TYR F 222 47.72 -16.58 10.30
N SER F 223 47.31 -17.54 9.48
CA SER F 223 46.37 -17.21 8.42
C SER F 223 45.03 -16.69 8.97
N ASN F 224 44.60 -17.13 10.16
CA ASN F 224 43.35 -16.60 10.75
C ASN F 224 43.37 -15.08 10.82
N ILE F 225 44.44 -14.52 11.36
CA ILE F 225 44.51 -13.09 11.58
C ILE F 225 45.06 -12.33 10.37
N GLU F 226 45.86 -12.97 9.52
CA GLU F 226 46.37 -12.27 8.33
C GLU F 226 45.26 -12.10 7.29
N ARG F 227 44.48 -13.15 7.07
CA ARG F 227 43.35 -13.23 6.15
C ARG F 227 42.03 -12.84 6.80
N MET F 228 42.01 -12.62 8.12
CA MET F 228 40.79 -12.31 8.88
C MET F 228 39.70 -13.36 8.68
N TRP F 229 40.04 -14.61 8.97
CA TRP F 229 39.17 -15.74 8.61
C TRP F 229 39.18 -16.74 9.75
N PRO F 230 38.15 -16.73 10.60
CA PRO F 230 38.17 -17.56 11.80
C PRO F 230 38.12 -19.05 11.45
N PRO F 231 38.48 -19.90 12.39
CA PRO F 231 38.68 -21.33 12.08
C PRO F 231 37.36 -22.05 11.88
N GLY F 232 37.45 -23.27 11.35
CA GLY F 232 36.29 -24.12 11.19
C GLY F 232 35.82 -24.80 12.45
N TYR F 233 36.72 -25.01 13.42
CA TYR F 233 36.33 -25.51 14.73
C TYR F 233 36.70 -24.46 15.77
N HIS F 234 35.70 -24.04 16.55
CA HIS F 234 35.86 -23.21 17.72
C HIS F 234 34.56 -23.32 18.51
N GLN F 235 34.57 -22.86 19.75
CA GLN F 235 33.41 -23.00 20.61
C GLN F 235 32.98 -21.64 21.15
N GLY F 236 33.05 -20.63 20.29
CA GLY F 236 32.64 -19.30 20.65
C GLY F 236 32.00 -18.56 19.50
N ASN F 237 32.30 -17.29 19.39
CA ASN F 237 31.62 -16.42 18.42
C ASN F 237 32.62 -15.98 17.36
N ALA F 238 32.32 -16.31 16.11
CA ALA F 238 33.24 -16.02 15.02
C ALA F 238 33.46 -14.52 14.83
N PHE F 239 32.39 -13.73 14.87
CA PHE F 239 32.57 -12.28 14.74
C PHE F 239 33.29 -11.68 15.94
N ASN F 240 33.16 -12.28 17.14
CA ASN F 240 33.98 -11.83 18.26
C ASN F 240 35.45 -12.04 17.99
N GLN F 241 35.80 -13.18 17.41
CA GLN F 241 37.20 -13.41 17.03
C GLN F 241 37.66 -12.36 16.03
N ILE F 242 36.82 -12.03 15.03
CA ILE F 242 37.14 -10.93 14.12
C ILE F 242 37.50 -9.67 14.90
N ASP F 243 36.70 -9.31 15.90
CA ASP F 243 36.98 -8.09 16.66
C ASP F 243 38.29 -8.20 17.46
N VAL F 244 38.56 -9.36 18.07
CA VAL F 244 39.83 -9.53 18.79
C VAL F 244 41.04 -9.46 17.85
N TYR F 245 40.92 -10.03 16.65
CA TYR F 245 42.01 -9.94 15.66
C TYR F 245 42.42 -8.49 15.43
N ARG F 246 41.41 -7.62 15.34
CA ARG F 246 41.66 -6.21 15.12
C ARG F 246 42.36 -5.57 16.31
N GLN F 247 41.95 -5.93 17.53
CA GLN F 247 42.66 -5.48 18.73
C GLN F 247 44.11 -5.94 18.74
N MET F 248 44.33 -7.21 18.42
CA MET F 248 45.69 -7.76 18.39
C MET F 248 46.55 -7.10 17.31
N ARG F 249 46.01 -6.99 16.09
CA ARG F 249 46.78 -6.35 15.01
C ARG F 249 47.20 -4.95 15.43
N SER F 250 46.30 -4.24 16.10
CA SER F 250 46.58 -2.89 16.53
C SER F 250 47.69 -2.86 17.59
N VAL F 251 47.65 -3.76 18.58
CA VAL F 251 48.68 -3.78 19.62
C VAL F 251 50.07 -4.02 19.01
N VAL F 252 50.17 -4.95 18.07
CA VAL F 252 51.49 -5.27 17.54
C VAL F 252 51.76 -4.45 16.28
N LYS F 253 50.89 -3.48 15.97
CA LYS F 253 51.05 -2.64 14.78
C LYS F 253 51.30 -3.48 13.53
N ASN F 254 50.54 -4.58 13.41
CA ASN F 254 50.55 -5.49 12.26
C ASN F 254 51.86 -6.23 12.08
N LYS F 255 52.69 -6.34 13.11
CA LYS F 255 53.85 -7.24 13.07
C LYS F 255 53.35 -8.62 13.46
N PHE F 256 52.90 -9.38 12.47
CA PHE F 256 52.17 -10.62 12.72
C PHE F 256 53.03 -11.65 13.46
N GLU F 257 54.36 -11.62 13.25
CA GLU F 257 55.25 -12.53 13.99
C GLU F 257 55.29 -12.25 15.49
N ARG F 258 54.80 -11.10 15.93
CA ARG F 258 54.73 -10.84 17.36
C ARG F 258 53.55 -11.57 17.99
N ILE F 259 52.67 -12.19 17.19
CA ILE F 259 51.54 -12.94 17.72
C ILE F 259 51.87 -14.42 17.72
N ILE F 260 51.66 -15.07 18.87
CA ILE F 260 51.93 -16.49 19.05
C ILE F 260 50.63 -17.26 18.83
N PRO F 261 50.48 -17.91 17.69
CA PRO F 261 49.27 -18.71 17.44
C PRO F 261 49.32 -20.03 18.20
N GLY F 262 48.16 -20.66 18.30
CA GLY F 262 48.04 -21.84 19.13
C GLY F 262 48.68 -23.08 18.53
N HIS F 263 48.55 -23.27 17.21
CA HIS F 263 48.85 -24.56 16.58
C HIS F 263 49.37 -24.43 15.14
N ASP F 264 50.32 -23.53 14.90
CA ASP F 264 50.78 -23.24 13.56
C ASP F 264 52.25 -23.58 13.40
N ALA F 265 52.56 -24.54 12.54
CA ALA F 265 53.94 -24.86 12.25
C ALA F 265 54.66 -23.67 11.60
N GLU F 266 53.92 -22.71 11.07
CA GLU F 266 54.54 -21.55 10.47
C GLU F 266 55.38 -20.76 11.49
N ILE F 267 55.12 -20.94 12.79
CA ILE F 267 55.87 -20.20 13.80
C ILE F 267 57.36 -20.56 13.76
N TRP F 268 57.70 -21.79 13.38
CA TRP F 268 59.10 -22.20 13.27
C TRP F 268 59.83 -21.52 12.12
N ASN F 269 59.10 -20.97 11.15
CA ASN F 269 59.68 -20.23 10.03
C ASN F 269 59.89 -18.75 10.31
N ARG F 270 59.34 -18.24 11.41
CA ARG F 270 59.35 -16.82 11.64
C ARG F 270 60.25 -16.43 12.79
N HIS F 271 60.85 -17.41 13.47
CA HIS F 271 61.70 -17.14 14.62
C HIS F 271 62.89 -18.07 14.58
N ASN F 272 63.92 -17.69 15.32
CA ASN F 272 65.13 -18.48 15.49
C ASN F 272 64.75 -19.79 16.21
N THR F 273 64.82 -20.89 15.47
CA THR F 273 64.29 -22.18 15.89
C THR F 273 65.32 -23.26 15.66
N TRP F 274 65.40 -24.19 16.59
CA TRP F 274 66.15 -25.42 16.45
C TRP F 274 65.26 -26.54 16.97
N THR F 275 65.67 -27.78 16.74
CA THR F 275 64.82 -28.92 17.07
C THR F 275 65.49 -29.86 18.06
N ALA F 276 64.65 -30.59 18.80
CA ALA F 276 65.08 -31.65 19.70
C ALA F 276 65.27 -32.93 18.91
N PRO F 277 65.83 -33.99 19.55
CA PRO F 277 66.04 -35.25 18.82
C PRO F 277 64.79 -35.78 18.14
N ASN F 278 63.63 -35.64 18.78
CA ASN F 278 62.39 -36.18 18.24
C ASN F 278 61.72 -35.27 17.22
N GLY F 279 62.27 -34.08 16.96
CA GLY F 279 61.67 -33.17 16.00
C GLY F 279 60.92 -32.00 16.65
N ASN F 280 60.52 -32.12 17.91
CA ASN F 280 59.80 -31.02 18.56
C ASN F 280 60.66 -29.75 18.56
N GLN F 281 60.02 -28.64 18.24
CA GLN F 281 60.76 -27.41 17.96
C GLN F 281 60.91 -26.53 19.21
N ILE F 282 61.91 -25.65 19.17
CA ILE F 282 62.10 -24.60 20.16
C ILE F 282 62.28 -23.31 19.40
N ALA F 283 61.45 -22.31 19.70
CA ALA F 283 61.53 -21.03 19.04
C ALA F 283 61.91 -20.00 20.10
N GLU F 284 63.03 -19.32 19.89
CA GLU F 284 63.48 -18.24 20.77
C GLU F 284 62.90 -16.95 20.20
N LEU F 285 61.74 -16.53 20.72
CA LEU F 285 61.05 -15.37 20.18
C LEU F 285 61.71 -14.07 20.64
N ASN F 286 62.15 -14.01 21.89
CA ASN F 286 62.73 -12.76 22.36
C ASN F 286 63.66 -13.06 23.53
N LEU F 287 64.75 -12.32 23.59
CA LEU F 287 65.67 -12.46 24.68
C LEU F 287 65.75 -11.08 25.27
N LYS F 288 65.41 -10.98 26.54
CA LYS F 288 65.50 -9.72 27.20
C LYS F 288 66.94 -9.31 27.31
N ASP F 289 67.16 -8.04 27.58
CA ASP F 289 68.51 -7.53 27.69
C ASP F 289 69.32 -8.19 28.78
N GLY F 290 70.53 -8.62 28.44
CA GLY F 290 71.39 -9.27 29.40
C GLY F 290 71.28 -10.77 29.35
N ASP F 291 70.32 -11.25 28.59
CA ASP F 291 70.08 -12.68 28.54
C ASP F 291 70.85 -13.28 27.37
N THR F 292 71.29 -14.51 27.54
CA THR F 292 72.03 -15.23 26.52
C THR F 292 71.14 -16.27 25.85
N SER F 293 71.40 -16.52 24.56
CA SER F 293 70.58 -17.43 23.77
C SER F 293 70.68 -18.86 24.29
N ARG F 294 69.64 -19.66 24.03
CA ARG F 294 69.67 -21.06 24.47
C ARG F 294 69.94 -22.02 23.30
N ARG F 295 70.25 -21.51 22.10
CA ARG F 295 70.54 -22.39 20.98
C ARG F 295 71.84 -23.15 21.24
N PRO F 296 71.84 -24.49 21.13
CA PRO F 296 72.99 -25.35 21.44
C PRO F 296 74.24 -24.97 20.66
N ARG G 9 -23.06 33.05 -51.84
CA ARG G 9 -22.35 32.80 -53.11
C ARG G 9 -23.26 32.59 -54.30
N ASP G 10 -23.14 33.49 -55.27
CA ASP G 10 -23.93 33.50 -56.50
C ASP G 10 -23.36 32.49 -57.51
N THR G 11 -24.08 31.41 -57.77
CA THR G 11 -23.61 30.36 -58.67
C THR G 11 -24.60 30.16 -59.82
N ASP G 12 -24.07 29.72 -60.97
CA ASP G 12 -24.88 29.49 -62.16
C ASP G 12 -24.17 28.46 -63.03
N TRP G 13 -24.95 27.58 -63.67
CA TRP G 13 -24.40 26.45 -64.42
C TRP G 13 -25.24 26.16 -65.66
N SER G 14 -24.58 25.89 -66.78
CA SER G 14 -25.24 25.28 -67.92
C SER G 14 -25.13 23.76 -67.79
N ILE G 15 -26.17 23.05 -68.26
CA ILE G 15 -26.33 21.62 -68.00
C ILE G 15 -26.76 20.92 -69.29
N TRP G 16 -25.98 19.92 -69.71
CA TRP G 16 -26.35 19.08 -70.85
C TRP G 16 -26.26 17.62 -70.43
N SER G 17 -27.28 16.84 -70.75
CA SER G 17 -27.21 15.39 -70.60
C SER G 17 -26.98 14.77 -71.98
N LEU G 18 -25.94 13.95 -72.10
CA LEU G 18 -25.43 13.47 -73.38
C LEU G 18 -25.47 11.95 -73.40
N ALA G 19 -26.18 11.38 -74.37
CA ALA G 19 -26.11 9.95 -74.60
C ALA G 19 -24.83 9.62 -75.36
N TYR G 20 -24.08 8.65 -74.85
CA TYR G 20 -22.88 8.15 -75.52
C TYR G 20 -23.05 6.70 -75.99
N CYS G 21 -24.21 6.09 -75.76
CA CYS G 21 -24.46 4.68 -76.07
C CYS G 21 -25.93 4.39 -75.75
N GLN G 22 -26.41 3.23 -76.19
CA GLN G 22 -27.78 2.79 -75.94
C GLN G 22 -27.76 1.31 -75.56
N VAL G 23 -28.77 0.90 -74.79
CA VAL G 23 -28.90 -0.48 -74.35
C VAL G 23 -30.34 -0.94 -74.54
N ASP G 24 -30.50 -2.14 -75.11
CA ASP G 24 -31.80 -2.81 -75.25
C ASP G 24 -31.97 -3.68 -74.02
N MET G 25 -33.02 -3.44 -73.22
CA MET G 25 -33.08 -4.04 -71.88
C MET G 25 -34.52 -4.32 -71.44
N ALA G 26 -34.71 -5.43 -70.73
CA ALA G 26 -36.02 -5.70 -70.14
C ALA G 26 -36.47 -4.53 -69.26
N LYS G 27 -37.77 -4.19 -69.34
CA LYS G 27 -38.27 -3.03 -68.61
C LYS G 27 -38.20 -3.22 -67.09
N ASP G 28 -38.47 -4.44 -66.60
CA ASP G 28 -38.49 -4.63 -65.15
C ASP G 28 -37.12 -4.33 -64.54
N PHE G 29 -36.05 -4.52 -65.31
CA PHE G 29 -34.71 -4.17 -64.85
C PHE G 29 -34.67 -2.73 -64.32
N PHE G 30 -35.09 -1.76 -65.13
CA PHE G 30 -35.07 -0.36 -64.74
C PHE G 30 -36.32 0.11 -64.01
N GLY G 31 -37.49 -0.47 -64.28
CA GLY G 31 -38.73 0.11 -63.80
C GLY G 31 -39.34 -0.59 -62.61
N GLY G 32 -38.99 -1.86 -62.38
CA GLY G 32 -39.47 -2.54 -61.21
C GLY G 32 -40.10 -3.88 -61.53
N ALA G 33 -39.88 -4.87 -60.67
CA ALA G 33 -40.46 -6.19 -60.91
C ALA G 33 -41.97 -6.19 -60.83
N GLY G 34 -42.58 -5.32 -60.03
CA GLY G 34 -44.03 -5.42 -60.01
C GLY G 34 -44.70 -4.93 -61.27
N ILE G 35 -44.66 -3.62 -61.43
CA ILE G 35 -45.39 -2.91 -62.49
C ILE G 35 -44.87 -3.21 -63.89
N PHE G 36 -43.59 -3.52 -64.06
CA PHE G 36 -43.04 -3.68 -65.41
C PHE G 36 -42.63 -5.10 -65.74
N SER G 37 -43.11 -6.10 -65.01
CA SER G 37 -42.73 -7.47 -65.32
C SER G 37 -43.31 -7.93 -66.65
N ASN G 38 -42.53 -8.69 -67.41
CA ASN G 38 -42.99 -9.27 -68.67
C ASN G 38 -43.55 -8.19 -69.59
N SER G 39 -42.85 -7.07 -69.66
CA SER G 39 -43.25 -5.92 -70.46
C SER G 39 -42.44 -5.79 -71.74
N GLY G 40 -41.69 -6.83 -72.11
CA GLY G 40 -40.84 -6.68 -73.27
C GLY G 40 -39.61 -5.85 -72.94
N THR G 41 -38.98 -5.35 -74.00
CA THR G 41 -37.77 -4.55 -73.84
C THR G 41 -37.99 -3.18 -74.46
N CYS G 42 -36.99 -2.32 -74.26
CA CYS G 42 -36.97 -1.01 -74.87
C CYS G 42 -35.54 -0.51 -74.87
N ILE G 43 -35.28 0.51 -75.70
CA ILE G 43 -33.97 1.11 -75.81
C ILE G 43 -33.83 2.12 -74.67
N ASN G 44 -32.67 2.12 -74.01
CA ASN G 44 -32.41 3.04 -72.93
C ASN G 44 -31.05 3.68 -73.17
N PRO G 45 -30.95 4.98 -72.91
CA PRO G 45 -29.68 5.68 -73.11
C PRO G 45 -28.67 5.39 -72.02
N MET G 46 -27.40 5.43 -72.43
CA MET G 46 -26.25 5.53 -71.52
C MET G 46 -25.79 6.98 -71.55
N ILE G 47 -25.70 7.60 -70.38
CA ILE G 47 -25.68 9.06 -70.28
C ILE G 47 -24.56 9.50 -69.36
N TYR G 48 -23.88 10.60 -69.70
CA TYR G 48 -23.19 11.39 -68.69
C TYR G 48 -23.56 12.86 -68.91
N THR G 49 -23.37 13.66 -67.87
CA THR G 49 -23.90 15.01 -67.82
C THR G 49 -22.78 16.04 -67.72
N LEU G 50 -22.83 17.05 -68.57
CA LEU G 50 -21.83 18.11 -68.61
C LEU G 50 -22.37 19.36 -67.91
N LEU G 51 -21.60 19.91 -66.96
CA LEU G 51 -21.94 21.16 -66.31
C LEU G 51 -20.79 22.16 -66.45
N VAL G 52 -21.13 23.36 -66.91
CA VAL G 52 -20.14 24.41 -67.14
C VAL G 52 -20.63 25.65 -66.42
N GLY G 53 -19.81 26.16 -65.52
CA GLY G 53 -20.18 27.29 -64.73
C GLY G 53 -19.44 27.25 -63.40
N GLY G 54 -20.16 27.64 -62.35
CA GLY G 54 -19.58 27.81 -61.02
C GLY G 54 -19.95 29.17 -60.44
N GLU G 55 -19.07 29.75 -59.63
CA GLU G 55 -19.36 31.06 -59.07
C GLU G 55 -19.36 32.13 -60.16
N VAL G 56 -20.31 33.06 -60.07
CA VAL G 56 -20.47 34.06 -61.12
C VAL G 56 -19.35 35.09 -61.00
N GLY G 57 -18.67 35.33 -62.12
CA GLY G 57 -17.43 36.09 -62.18
C GLY G 57 -16.17 35.30 -61.84
N GLY G 58 -16.29 34.04 -61.45
CA GLY G 58 -15.16 33.25 -61.05
C GLY G 58 -14.73 32.25 -62.10
N LYS G 59 -13.97 31.25 -61.66
CA LYS G 59 -13.50 30.21 -62.56
C LYS G 59 -14.68 29.55 -63.23
N GLN G 60 -14.60 29.42 -64.55
CA GLN G 60 -15.52 28.57 -65.28
C GLN G 60 -15.00 27.15 -65.19
N HIS G 61 -15.63 26.33 -64.35
CA HIS G 61 -15.37 24.90 -64.34
C HIS G 61 -16.09 24.19 -65.48
N VAL G 62 -15.46 23.13 -65.98
CA VAL G 62 -16.07 22.20 -66.92
C VAL G 62 -16.10 20.84 -66.22
N VAL G 63 -17.31 20.36 -65.88
CA VAL G 63 -17.53 19.22 -65.00
C VAL G 63 -18.39 18.18 -65.68
N LEU G 64 -18.06 16.91 -65.46
CA LEU G 64 -18.82 15.76 -65.91
C LEU G 64 -19.39 15.01 -64.71
N VAL G 65 -20.69 14.72 -64.73
CA VAL G 65 -21.26 13.77 -63.79
C VAL G 65 -21.24 12.42 -64.48
N ASP G 66 -20.30 11.55 -64.06
CA ASP G 66 -20.03 10.27 -64.68
C ASP G 66 -19.38 10.44 -66.06
N CYS G 67 -18.81 9.36 -66.61
CA CYS G 67 -18.03 9.51 -67.84
C CYS G 67 -18.11 8.28 -68.74
N GLY G 68 -19.08 7.40 -68.55
CA GLY G 68 -19.28 6.28 -69.45
C GLY G 68 -18.22 5.22 -69.28
N PHE G 69 -18.34 4.16 -70.10
CA PHE G 69 -17.38 3.08 -70.13
C PHE G 69 -16.63 3.10 -71.45
N GLN G 70 -15.62 2.25 -71.56
CA GLN G 70 -14.77 2.21 -72.74
C GLN G 70 -15.34 1.28 -73.79
N ASN G 71 -14.81 1.42 -75.00
CA ASN G 71 -15.11 0.53 -76.10
C ASN G 71 -14.30 -0.75 -75.93
N ASP G 72 -14.74 -1.60 -75.01
CA ASP G 72 -13.98 -2.78 -74.61
C ASP G 72 -14.93 -3.98 -74.50
N HIS G 73 -14.51 -4.98 -73.74
CA HIS G 73 -15.30 -6.20 -73.62
C HIS G 73 -16.74 -5.95 -73.13
N TRP G 74 -17.00 -4.85 -72.39
CA TRP G 74 -18.36 -4.60 -71.90
C TRP G 74 -19.36 -4.44 -73.04
N LEU G 75 -18.92 -4.00 -74.21
CA LEU G 75 -19.86 -3.85 -75.32
C LEU G 75 -20.57 -5.14 -75.67
N THR G 76 -20.01 -6.28 -75.32
CA THR G 76 -20.66 -7.54 -75.62
C THR G 76 -21.42 -8.12 -74.41
N ARG G 77 -21.29 -7.55 -73.23
CA ARG G 77 -21.99 -8.13 -72.10
C ARG G 77 -23.42 -7.64 -71.92
N TYR G 78 -23.95 -6.90 -72.90
CA TYR G 78 -25.31 -6.38 -72.87
C TYR G 78 -25.64 -5.94 -74.29
N ALA G 79 -26.93 -5.68 -74.54
CA ALA G 79 -27.34 -5.41 -75.92
C ALA G 79 -27.14 -3.92 -76.16
N PHE G 80 -25.86 -3.55 -76.24
CA PHE G 80 -25.39 -2.19 -76.43
C PHE G 80 -25.35 -1.84 -77.91
N SER G 81 -25.52 -0.55 -78.18
CA SER G 81 -25.39 -0.11 -79.56
C SER G 81 -25.05 1.37 -79.55
N SER G 82 -24.38 1.79 -80.63
CA SER G 82 -24.13 3.20 -80.94
C SER G 82 -23.15 3.84 -79.97
N TRP G 83 -22.19 3.06 -79.46
CA TRP G 83 -21.18 3.60 -78.59
C TRP G 83 -20.34 4.67 -79.30
N GLU G 84 -20.07 5.77 -78.59
CA GLU G 84 -19.31 6.90 -79.12
C GLU G 84 -18.25 7.36 -78.14
N ASP G 85 -17.15 7.87 -78.70
CA ASP G 85 -16.03 8.39 -77.92
C ASP G 85 -16.37 9.75 -77.29
N PRO G 86 -15.80 10.07 -76.12
CA PRO G 86 -16.02 11.41 -75.53
C PRO G 86 -15.64 12.55 -76.47
N LYS G 87 -14.63 12.37 -77.31
CA LYS G 87 -14.25 13.41 -78.25
C LYS G 87 -15.43 13.83 -79.12
N ASP G 88 -16.17 12.85 -79.64
CA ASP G 88 -17.32 13.14 -80.49
C ASP G 88 -18.51 13.60 -79.65
N VAL G 89 -18.75 12.96 -78.50
CA VAL G 89 -19.90 13.30 -77.69
C VAL G 89 -19.78 14.72 -77.14
N LEU G 90 -18.61 15.08 -76.62
CA LEU G 90 -18.42 16.43 -76.11
C LEU G 90 -18.23 17.44 -77.23
N GLY G 91 -17.69 17.00 -78.38
CA GLY G 91 -17.49 17.92 -79.49
C GLY G 91 -18.77 18.59 -79.93
N ARG G 92 -19.89 17.87 -79.86
CA ARG G 92 -21.17 18.37 -80.36
C ARG G 92 -21.72 19.54 -79.56
N VAL G 93 -21.28 19.72 -78.31
CA VAL G 93 -21.67 20.84 -77.46
C VAL G 93 -20.52 21.83 -77.26
N GLY G 94 -19.43 21.70 -78.04
CA GLY G 94 -18.36 22.68 -78.04
C GLY G 94 -17.26 22.48 -77.02
N PHE G 95 -17.00 21.25 -76.60
CA PHE G 95 -15.96 20.95 -75.63
C PHE G 95 -15.22 19.70 -76.07
N SER G 96 -14.09 19.44 -75.43
CA SER G 96 -13.29 18.25 -75.64
C SER G 96 -12.87 17.64 -74.31
N PRO G 97 -12.47 16.39 -74.31
CA PRO G 97 -12.11 15.72 -73.03
C PRO G 97 -11.03 16.44 -72.23
N GLU G 98 -10.15 17.22 -72.87
CA GLU G 98 -9.10 17.92 -72.15
C GLU G 98 -9.66 19.03 -71.29
N ASP G 99 -10.83 19.57 -71.68
CA ASP G 99 -11.43 20.70 -70.95
C ASP G 99 -11.97 20.27 -69.60
N VAL G 100 -12.31 18.98 -69.44
CA VAL G 100 -12.97 18.52 -68.21
C VAL G 100 -11.97 18.59 -67.06
N ASP G 101 -12.27 19.40 -66.05
CA ASP G 101 -11.37 19.50 -64.90
C ASP G 101 -11.83 18.67 -63.71
N THR G 102 -13.08 18.20 -63.70
CA THR G 102 -13.64 17.44 -62.57
C THR G 102 -14.61 16.39 -63.08
N ILE G 103 -14.52 15.16 -62.56
CA ILE G 103 -15.55 14.16 -62.81
C ILE G 103 -16.17 13.74 -61.49
N LEU G 104 -17.46 14.00 -61.33
CA LEU G 104 -18.19 13.59 -60.14
C LEU G 104 -18.81 12.23 -60.42
N VAL G 105 -18.41 11.19 -59.68
CA VAL G 105 -18.89 9.84 -59.98
C VAL G 105 -19.99 9.45 -58.98
N THR G 106 -21.19 9.23 -59.51
CA THR G 106 -22.32 8.81 -58.68
C THR G 106 -22.05 7.45 -58.02
N HIS G 107 -21.40 6.53 -58.74
CA HIS G 107 -21.10 5.20 -58.21
C HIS G 107 -20.10 4.49 -59.15
N MET G 108 -19.51 3.43 -58.65
CA MET G 108 -18.38 2.85 -59.35
C MET G 108 -18.76 1.73 -60.32
N HIS G 109 -20.03 1.66 -60.72
CA HIS G 109 -20.38 0.74 -61.81
C HIS G 109 -19.64 1.10 -63.10
N PHE G 110 -19.39 0.08 -63.93
CA PHE G 110 -18.49 0.25 -65.08
C PHE G 110 -18.95 1.38 -66.00
N ASP G 111 -20.25 1.53 -66.21
CA ASP G 111 -20.73 2.51 -67.15
C ASP G 111 -20.79 3.93 -66.60
N HIS G 112 -20.31 4.16 -65.36
CA HIS G 112 -20.22 5.51 -64.84
C HIS G 112 -18.81 5.96 -64.50
N MET G 113 -17.84 5.07 -64.49
CA MET G 113 -16.47 5.47 -64.22
C MET G 113 -15.47 4.77 -65.13
N GLY G 114 -15.93 3.87 -66.00
CA GLY G 114 -15.01 3.07 -66.81
C GLY G 114 -14.02 3.89 -67.62
N ASN G 115 -14.52 4.86 -68.38
CA ASN G 115 -13.67 5.61 -69.28
C ASN G 115 -13.01 6.85 -68.66
N PHE G 116 -12.80 6.90 -67.34
CA PHE G 116 -12.33 8.19 -66.82
C PHE G 116 -10.91 8.53 -67.24
N GLU G 117 -10.08 7.56 -67.58
CA GLU G 117 -8.74 7.93 -68.03
C GLU G 117 -8.73 8.60 -69.38
N ALA G 118 -9.87 8.68 -70.07
CA ALA G 118 -9.90 9.49 -71.28
C ALA G 118 -9.97 10.99 -71.00
N PHE G 119 -9.95 11.42 -69.72
CA PHE G 119 -9.96 12.86 -69.40
C PHE G 119 -8.71 13.20 -68.62
N PRO G 120 -7.60 13.50 -69.31
CA PRO G 120 -6.29 13.54 -68.62
C PRO G 120 -6.15 14.66 -67.59
N ASN G 121 -7.00 15.67 -67.60
CA ASN G 121 -6.90 16.76 -66.64
C ASN G 121 -7.97 16.72 -65.56
N ALA G 122 -8.70 15.65 -65.46
CA ALA G 122 -9.80 15.63 -64.53
C ALA G 122 -9.51 14.97 -63.22
N LYS G 123 -10.10 15.50 -62.16
CA LYS G 123 -9.97 14.89 -60.88
C LYS G 123 -11.27 14.19 -60.61
N LEU G 124 -11.22 13.04 -59.98
CA LEU G 124 -12.40 12.25 -59.71
C LEU G 124 -12.82 12.34 -58.28
N TYR G 125 -14.12 12.44 -58.06
CA TYR G 125 -14.63 12.51 -56.72
C TYR G 125 -15.52 11.31 -56.46
N ILE G 126 -15.16 10.51 -55.45
CA ILE G 126 -15.92 9.33 -55.13
C ILE G 126 -16.18 9.22 -53.64
N GLN G 127 -17.34 8.73 -53.27
CA GLN G 127 -17.64 8.48 -51.87
C GLN G 127 -16.71 7.40 -51.32
N LEU G 128 -16.11 7.66 -50.15
CA LEU G 128 -15.27 6.65 -49.51
C LEU G 128 -16.02 5.33 -49.30
N ASP G 129 -17.30 5.39 -48.88
CA ASP G 129 -18.07 4.16 -48.68
C ASP G 129 -18.25 3.39 -50.00
N GLU G 130 -18.32 4.11 -51.13
CA GLU G 130 -18.39 3.39 -52.40
C GLU G 130 -17.12 2.58 -52.64
N TYR G 131 -15.97 3.24 -52.53
CA TYR G 131 -14.68 2.57 -52.75
C TYR G 131 -14.48 1.41 -51.76
N THR G 132 -14.71 1.67 -50.48
CA THR G 132 -14.48 0.60 -49.51
C THR G 132 -15.53 -0.49 -49.64
N GLY G 133 -16.78 -0.11 -49.89
CA GLY G 133 -17.82 -1.10 -50.13
C GLY G 133 -17.45 -2.08 -51.24
N TRP G 134 -16.97 -1.55 -52.38
CA TRP G 134 -16.58 -2.44 -53.49
C TRP G 134 -15.30 -3.22 -53.17
N SER G 135 -14.35 -2.61 -52.48
CA SER G 135 -13.15 -3.37 -52.09
C SER G 135 -13.53 -4.61 -51.31
N LYS G 136 -14.40 -4.44 -50.31
CA LYS G 136 -14.86 -5.55 -49.49
C LYS G 136 -15.69 -6.55 -50.31
N ALA G 137 -16.61 -6.06 -51.14
CA ALA G 137 -17.47 -6.97 -51.89
C ALA G 137 -16.64 -7.83 -52.86
N VAL G 138 -15.70 -7.24 -53.58
CA VAL G 138 -14.89 -8.00 -54.51
C VAL G 138 -14.11 -9.07 -53.75
N CYS G 139 -13.51 -8.68 -52.65
CA CYS G 139 -12.71 -9.63 -51.90
C CYS G 139 -13.58 -10.79 -51.37
N SER G 140 -14.77 -10.46 -50.87
CA SER G 140 -15.65 -11.50 -50.32
C SER G 140 -16.13 -12.49 -51.37
N SER G 141 -16.38 -12.00 -52.60
CA SER G 141 -16.91 -12.86 -53.65
C SER G 141 -15.94 -13.98 -54.01
N HIS G 142 -14.63 -13.78 -53.80
CA HIS G 142 -13.71 -14.89 -54.13
C HIS G 142 -13.75 -16.02 -53.17
N GLN G 143 -14.66 -16.04 -52.19
CA GLN G 143 -14.91 -17.23 -51.39
C GLN G 143 -15.80 -18.24 -52.10
N HIS G 144 -16.47 -17.85 -53.18
CA HIS G 144 -17.25 -18.79 -53.97
C HIS G 144 -16.35 -19.50 -54.99
N GLU G 145 -16.53 -20.81 -55.12
CA GLU G 145 -15.67 -21.64 -55.95
C GLU G 145 -15.98 -21.54 -57.44
N THR G 146 -17.17 -21.08 -57.80
CA THR G 146 -17.57 -21.03 -59.19
C THR G 146 -17.75 -19.59 -59.66
N GLU G 147 -17.68 -19.42 -60.98
CA GLU G 147 -17.91 -18.10 -61.57
C GLU G 147 -19.39 -17.76 -61.61
N GLU G 148 -20.26 -18.77 -61.71
CA GLU G 148 -21.69 -18.52 -61.69
C GLU G 148 -22.11 -17.94 -60.36
N GLU G 149 -21.48 -18.38 -59.28
CA GLU G 149 -21.83 -17.84 -57.98
C GLU G 149 -21.38 -16.40 -57.81
N LYS G 150 -20.50 -15.89 -58.68
CA LYS G 150 -20.06 -14.50 -58.64
C LYS G 150 -20.76 -13.58 -59.67
N GLU G 151 -21.67 -14.09 -60.51
CA GLU G 151 -22.14 -13.26 -61.62
C GLU G 151 -22.88 -12.01 -61.12
N TRP G 152 -23.78 -12.14 -60.14
CA TRP G 152 -24.55 -10.97 -59.72
C TRP G 152 -23.66 -9.86 -59.16
N VAL G 153 -22.66 -10.23 -58.37
CA VAL G 153 -21.76 -9.23 -57.80
C VAL G 153 -21.08 -8.42 -58.91
N PHE G 154 -20.71 -9.07 -60.01
CA PHE G 154 -19.96 -8.41 -61.08
C PHE G 154 -20.84 -8.04 -62.27
N THR G 155 -22.15 -8.12 -62.12
CA THR G 155 -23.06 -7.83 -63.21
C THR G 155 -22.81 -6.44 -63.81
N SER G 156 -22.44 -5.47 -62.96
CA SER G 156 -22.19 -4.09 -63.37
C SER G 156 -20.86 -3.58 -62.85
N PHE G 157 -19.99 -4.45 -62.38
CA PHE G 157 -18.78 -3.99 -61.74
C PHE G 157 -17.56 -4.63 -62.39
N ASP G 158 -16.58 -3.81 -62.68
CA ASP G 158 -15.34 -4.22 -63.32
C ASP G 158 -14.20 -4.13 -62.31
N PRO G 159 -13.62 -5.26 -61.88
CA PRO G 159 -12.49 -5.16 -60.95
C PRO G 159 -11.36 -4.32 -61.49
N ALA G 160 -11.25 -4.16 -62.81
CA ALA G 160 -10.24 -3.24 -63.34
C ALA G 160 -10.49 -1.81 -62.86
N ASP G 161 -11.74 -1.46 -62.57
CA ASP G 161 -12.00 -0.11 -62.08
C ASP G 161 -11.53 0.06 -60.63
N LEU G 162 -11.45 -1.01 -59.84
CA LEU G 162 -10.81 -0.92 -58.54
C LEU G 162 -9.36 -0.51 -58.66
N ILE G 163 -8.64 -1.15 -59.58
CA ILE G 163 -7.22 -0.91 -59.79
C ILE G 163 -7.00 0.52 -60.29
N ARG G 164 -7.81 0.95 -61.25
CA ARG G 164 -7.72 2.32 -61.75
C ARG G 164 -7.98 3.33 -60.65
N ALA G 165 -8.94 3.05 -59.79
CA ALA G 165 -9.21 3.95 -58.67
C ALA G 165 -7.99 4.03 -57.74
N ALA G 166 -7.43 2.89 -57.35
CA ALA G 166 -6.24 2.92 -56.49
C ALA G 166 -5.08 3.66 -57.17
N GLN G 167 -4.89 3.42 -58.47
CA GLN G 167 -3.88 4.15 -59.22
C GLN G 167 -4.13 5.65 -59.18
N GLY G 168 -5.38 6.07 -59.38
CA GLY G 168 -5.69 7.48 -59.30
C GLY G 168 -5.50 8.04 -57.90
N ILE G 169 -5.77 7.25 -56.88
CA ILE G 169 -5.53 7.72 -55.51
C ILE G 169 -4.06 8.05 -55.32
N SER G 170 -3.18 7.11 -55.68
CA SER G 170 -1.75 7.36 -55.51
C SER G 170 -1.25 8.46 -56.44
N ASP G 171 -1.89 8.62 -57.61
CA ASP G 171 -1.54 9.71 -58.52
C ASP G 171 -1.98 11.08 -58.00
N GLY G 172 -2.88 11.14 -57.01
CA GLY G 172 -3.47 12.40 -56.64
C GLY G 172 -4.59 12.87 -57.55
N ARG G 173 -5.09 12.00 -58.43
CA ARG G 173 -6.18 12.33 -59.34
C ARG G 173 -7.54 11.96 -58.79
N VAL G 174 -7.61 11.09 -57.78
CA VAL G 174 -8.86 10.66 -57.18
C VAL G 174 -8.95 11.29 -55.80
N LYS G 175 -10.12 11.81 -55.46
CA LYS G 175 -10.42 12.39 -54.16
C LYS G 175 -11.68 11.78 -53.58
N PHE G 176 -11.64 11.50 -52.29
CA PHE G 176 -12.79 10.94 -51.57
C PHE G 176 -13.65 12.06 -51.00
N ILE G 177 -14.94 11.90 -51.13
CA ILE G 177 -15.93 12.65 -50.36
C ILE G 177 -16.46 11.70 -49.29
N THR G 178 -16.66 12.21 -48.07
CA THR G 178 -17.21 11.40 -46.98
C THR G 178 -18.47 12.10 -46.48
N GLY G 179 -19.62 11.69 -47.02
CA GLY G 179 -20.89 12.33 -46.68
C GLY G 179 -21.22 13.46 -47.63
N ASP G 180 -21.90 14.48 -47.12
CA ASP G 180 -22.33 15.64 -47.91
C ASP G 180 -21.22 16.67 -47.96
N GLU G 181 -21.09 17.33 -49.12
CA GLU G 181 -20.06 18.35 -49.28
C GLU G 181 -20.33 19.16 -50.53
N GLU G 182 -20.17 20.49 -50.41
CA GLU G 182 -20.21 21.37 -51.58
C GLU G 182 -18.82 21.37 -52.21
N ILE G 183 -18.64 20.54 -53.24
CA ILE G 183 -17.31 20.30 -53.82
C ILE G 183 -16.93 21.38 -54.81
N LEU G 184 -17.88 21.87 -55.60
CA LEU G 184 -17.72 23.02 -56.48
C LEU G 184 -18.79 24.06 -56.12
N PRO G 185 -18.60 25.36 -56.51
CA PRO G 185 -19.56 26.40 -56.10
C PRO G 185 -20.97 26.13 -56.61
N GLY G 186 -21.90 25.87 -55.71
CA GLY G 186 -23.25 25.58 -56.12
C GLY G 186 -23.54 24.13 -56.43
N ILE G 187 -22.59 23.22 -56.24
CA ILE G 187 -22.79 21.78 -56.44
C ILE G 187 -22.51 21.06 -55.13
N THR G 188 -23.53 20.43 -54.58
CA THR G 188 -23.42 19.71 -53.32
C THR G 188 -23.56 18.21 -53.53
N ALA G 189 -22.58 17.45 -53.06
CA ALA G 189 -22.66 16.00 -53.09
C ALA G 189 -23.47 15.49 -51.89
N ARG G 190 -24.35 14.52 -52.14
CA ARG G 190 -25.20 13.93 -51.12
C ARG G 190 -24.96 12.44 -51.12
N LEU G 191 -24.40 11.94 -50.01
CA LEU G 191 -24.21 10.51 -49.85
C LEU G 191 -25.57 9.85 -49.66
N ALA G 192 -25.82 8.79 -50.42
CA ALA G 192 -27.03 7.98 -50.25
C ALA G 192 -26.51 6.59 -49.96
N LYS G 193 -26.10 6.36 -48.71
CA LYS G 193 -25.43 5.12 -48.34
C LYS G 193 -26.36 3.94 -48.59
N ASP G 194 -25.84 2.90 -49.26
CA ASP G 194 -26.59 1.68 -49.55
C ASP G 194 -27.91 1.99 -50.27
N SER G 195 -27.84 2.85 -51.29
CA SER G 195 -29.03 3.13 -52.08
C SER G 195 -29.00 2.29 -53.38
N HIS G 196 -28.48 2.81 -54.52
CA HIS G 196 -28.19 1.97 -55.70
C HIS G 196 -27.03 1.04 -55.39
N THR G 197 -26.04 1.56 -54.67
CA THR G 197 -24.82 0.86 -54.28
C THR G 197 -24.40 1.31 -52.89
N PHE G 198 -23.27 0.75 -52.43
CA PHE G 198 -22.75 1.03 -51.11
C PHE G 198 -22.70 2.53 -50.83
N GLY G 199 -22.11 3.29 -51.75
CA GLY G 199 -21.90 4.69 -51.50
C GLY G 199 -22.31 5.56 -52.67
N SER G 200 -23.44 5.23 -53.30
CA SER G 200 -23.98 6.09 -54.34
C SER G 200 -24.10 7.52 -53.82
N GLN G 201 -23.83 8.50 -54.68
CA GLN G 201 -24.07 9.89 -54.32
C GLN G 201 -24.79 10.61 -55.45
N TRP G 202 -25.67 11.55 -55.08
CA TRP G 202 -26.33 12.40 -56.04
C TRP G 202 -25.89 13.85 -55.80
N PHE G 203 -26.15 14.72 -56.80
CA PHE G 203 -25.61 16.07 -56.80
C PHE G 203 -26.72 17.08 -57.00
N GLU G 204 -26.75 18.11 -56.11
CA GLU G 204 -27.62 19.27 -56.23
C GLU G 204 -26.86 20.40 -56.91
N VAL G 205 -27.40 20.88 -58.04
CA VAL G 205 -26.79 21.94 -58.81
C VAL G 205 -27.69 23.16 -58.69
N ASN G 206 -27.18 24.23 -58.10
CA ASN G 206 -27.97 25.45 -57.90
C ASN G 206 -27.66 26.43 -59.01
N THR G 207 -28.66 26.77 -59.78
CA THR G 207 -28.53 27.73 -60.87
C THR G 207 -29.46 28.91 -60.65
N HIS G 208 -29.32 29.93 -61.50
CA HIS G 208 -30.23 31.05 -61.45
C HIS G 208 -31.66 30.63 -61.79
N ASN G 209 -31.83 29.49 -62.48
CA ASN G 209 -33.16 28.96 -62.76
C ASN G 209 -33.60 27.91 -61.73
N GLY G 210 -32.97 27.86 -60.55
CA GLY G 210 -33.35 26.91 -59.53
C GLY G 210 -32.46 25.69 -59.50
N PRO G 211 -32.85 24.69 -58.71
CA PRO G 211 -32.03 23.49 -58.54
C PRO G 211 -32.25 22.41 -59.59
N PHE G 212 -31.16 21.68 -59.88
CA PHE G 212 -31.20 20.44 -60.66
C PHE G 212 -30.49 19.34 -59.87
N ILE G 213 -30.91 18.11 -60.11
CA ILE G 213 -30.38 16.95 -59.41
C ILE G 213 -29.85 15.98 -60.43
N ALA G 214 -28.58 15.62 -60.29
CA ALA G 214 -28.01 14.51 -61.05
C ALA G 214 -28.14 13.30 -60.14
N ALA G 215 -29.07 12.40 -60.47
CA ALA G 215 -29.45 11.35 -59.53
C ALA G 215 -28.60 10.10 -59.65
N GLY G 216 -27.80 10.00 -60.70
CA GLY G 216 -27.18 8.71 -60.90
C GLY G 216 -28.24 7.67 -61.11
N ASP G 217 -27.93 6.44 -60.71
CA ASP G 217 -28.86 5.34 -60.88
C ASP G 217 -29.78 5.10 -59.70
N ILE G 218 -29.70 5.95 -58.66
CA ILE G 218 -30.72 5.89 -57.63
C ILE G 218 -32.08 6.02 -58.28
N VAL G 219 -32.18 6.90 -59.27
CA VAL G 219 -33.35 7.08 -60.12
C VAL G 219 -32.95 6.65 -61.53
N TYR G 220 -33.21 5.38 -61.84
CA TYR G 220 -33.03 4.90 -63.21
C TYR G 220 -33.94 5.65 -64.16
N TRP G 221 -35.21 5.72 -63.82
CA TRP G 221 -36.29 6.21 -64.67
C TRP G 221 -37.14 7.14 -63.85
N TYR G 222 -37.69 8.16 -64.52
CA TYR G 222 -38.62 9.03 -63.83
C TYR G 222 -39.67 8.21 -63.10
N SER G 223 -40.07 7.07 -63.67
CA SER G 223 -41.14 6.33 -63.02
C SER G 223 -40.72 5.82 -61.64
N ASN G 224 -39.43 5.56 -61.40
CA ASN G 224 -39.01 5.17 -60.06
C ASN G 224 -39.44 6.17 -59.01
N ILE G 225 -39.16 7.46 -59.26
CA ILE G 225 -39.40 8.48 -58.26
C ILE G 225 -40.83 9.04 -58.34
N GLU G 226 -41.47 8.97 -59.52
CA GLU G 226 -42.85 9.45 -59.69
C GLU G 226 -43.87 8.45 -59.12
N ARG G 227 -43.66 7.16 -59.33
CA ARG G 227 -44.49 6.12 -58.74
C ARG G 227 -43.95 5.64 -57.40
N MET G 228 -42.78 6.14 -56.97
CA MET G 228 -42.14 5.67 -55.74
C MET G 228 -41.99 4.15 -55.77
N TRP G 229 -41.36 3.65 -56.83
CA TRP G 229 -41.28 2.21 -57.08
C TRP G 229 -39.86 1.88 -57.52
N PRO G 230 -39.04 1.40 -56.60
CA PRO G 230 -37.62 1.18 -56.93
C PRO G 230 -37.48 0.06 -57.96
N PRO G 231 -36.35 0.02 -58.66
CA PRO G 231 -36.21 -0.86 -59.83
C PRO G 231 -36.04 -2.33 -59.47
N GLY G 232 -36.17 -3.17 -60.50
CA GLY G 232 -36.01 -4.60 -60.32
C GLY G 232 -34.57 -5.04 -60.14
N TYR G 233 -33.62 -4.26 -60.66
CA TYR G 233 -32.19 -4.52 -60.47
C TYR G 233 -31.53 -3.34 -59.76
N HIS G 234 -30.91 -3.62 -58.64
CA HIS G 234 -30.08 -2.64 -57.96
C HIS G 234 -29.26 -3.42 -56.97
N GLN G 235 -28.24 -2.79 -56.42
CA GLN G 235 -27.35 -3.48 -55.52
C GLN G 235 -27.29 -2.78 -54.16
N GLY G 236 -28.43 -2.27 -53.70
CA GLY G 236 -28.51 -1.63 -52.39
C GLY G 236 -29.82 -1.89 -51.66
N ASN G 237 -30.35 -0.88 -51.00
CA ASN G 237 -31.51 -1.05 -50.13
C ASN G 237 -32.69 -0.30 -50.74
N ALA G 238 -33.76 -1.04 -51.03
CA ALA G 238 -34.93 -0.47 -51.69
C ALA G 238 -35.61 0.59 -50.82
N PHE G 239 -35.69 0.37 -49.51
CA PHE G 239 -36.29 1.41 -48.67
C PHE G 239 -35.39 2.65 -48.52
N ASN G 240 -34.05 2.47 -48.55
CA ASN G 240 -33.18 3.65 -48.59
C ASN G 240 -33.45 4.47 -49.85
N GLN G 241 -33.69 3.79 -50.97
CA GLN G 241 -34.01 4.52 -52.21
C GLN G 241 -35.31 5.30 -52.06
N ILE G 242 -36.33 4.68 -51.45
CA ILE G 242 -37.57 5.39 -51.15
C ILE G 242 -37.30 6.70 -50.39
N ASP G 243 -36.48 6.62 -49.35
CA ASP G 243 -36.20 7.82 -48.56
C ASP G 243 -35.46 8.87 -49.38
N VAL G 244 -34.51 8.43 -50.23
CA VAL G 244 -33.78 9.36 -51.09
C VAL G 244 -34.74 10.04 -52.08
N TYR G 245 -35.70 9.29 -52.62
CA TYR G 245 -36.66 9.90 -53.53
C TYR G 245 -37.36 11.07 -52.85
N ARG G 246 -37.74 10.90 -51.58
CA ARG G 246 -38.42 11.96 -50.86
C ARG G 246 -37.52 13.17 -50.65
N GLN G 247 -36.22 12.95 -50.35
CA GLN G 247 -35.28 14.07 -50.25
C GLN G 247 -35.17 14.81 -51.58
N MET G 248 -35.08 14.06 -52.69
CA MET G 248 -34.97 14.67 -54.02
C MET G 248 -36.23 15.44 -54.37
N ARG G 249 -37.40 14.84 -54.16
CA ARG G 249 -38.64 15.55 -54.46
C ARG G 249 -38.70 16.87 -53.72
N SER G 250 -38.32 16.86 -52.45
CA SER G 250 -38.39 18.10 -51.68
C SER G 250 -37.43 19.14 -52.24
N VAL G 251 -36.24 18.73 -52.69
CA VAL G 251 -35.28 19.69 -53.26
C VAL G 251 -35.86 20.38 -54.48
N VAL G 252 -36.47 19.62 -55.39
CA VAL G 252 -36.99 20.19 -56.63
C VAL G 252 -38.48 20.51 -56.54
N LYS G 253 -39.05 20.49 -55.33
CA LYS G 253 -40.45 20.84 -55.16
C LYS G 253 -41.35 20.04 -56.11
N ASN G 254 -41.01 18.77 -56.33
CA ASN G 254 -41.81 17.86 -57.16
C ASN G 254 -41.89 18.31 -58.61
N LYS G 255 -40.97 19.18 -59.04
CA LYS G 255 -40.81 19.54 -60.46
C LYS G 255 -39.88 18.49 -61.06
N PHE G 256 -40.48 17.38 -61.51
CA PHE G 256 -39.72 16.17 -61.80
C PHE G 256 -38.71 16.31 -62.93
N GLU G 257 -38.97 17.18 -63.93
CA GLU G 257 -37.99 17.29 -65.02
C GLU G 257 -36.66 17.87 -64.55
N ARG G 258 -36.60 18.40 -63.32
CA ARG G 258 -35.34 18.90 -62.76
C ARG G 258 -34.42 17.77 -62.30
N ILE G 259 -34.89 16.52 -62.30
CA ILE G 259 -34.10 15.36 -61.91
C ILE G 259 -33.60 14.66 -63.17
N ILE G 260 -32.30 14.40 -63.23
CA ILE G 260 -31.68 13.70 -64.35
C ILE G 260 -31.61 12.21 -63.99
N PRO G 261 -32.42 11.36 -64.59
CA PRO G 261 -32.31 9.93 -64.32
C PRO G 261 -31.15 9.30 -65.07
N GLY G 262 -30.78 8.10 -64.61
CA GLY G 262 -29.57 7.46 -65.11
C GLY G 262 -29.73 6.88 -66.52
N HIS G 263 -30.92 6.32 -66.83
CA HIS G 263 -31.11 5.50 -68.01
C HIS G 263 -32.53 5.61 -68.58
N ASP G 264 -33.08 6.82 -68.68
CA ASP G 264 -34.48 6.99 -69.08
C ASP G 264 -34.59 7.79 -70.37
N ALA G 265 -35.07 7.14 -71.44
CA ALA G 265 -35.31 7.79 -72.72
C ALA G 265 -36.32 8.93 -72.61
N GLU G 266 -37.15 8.90 -71.57
CA GLU G 266 -38.11 9.96 -71.30
C GLU G 266 -37.45 11.32 -71.07
N ILE G 267 -36.17 11.36 -70.70
CA ILE G 267 -35.51 12.64 -70.52
C ILE G 267 -35.52 13.46 -71.82
N TRP G 268 -35.47 12.80 -73.00
CA TRP G 268 -35.48 13.55 -74.26
C TRP G 268 -36.83 14.19 -74.54
N ASN G 269 -37.91 13.71 -73.91
CA ASN G 269 -39.25 14.27 -74.09
C ASN G 269 -39.56 15.43 -73.15
N ARG G 270 -38.69 15.70 -72.18
CA ARG G 270 -38.95 16.69 -71.14
C ARG G 270 -38.04 17.91 -71.22
N HIS G 271 -37.09 17.93 -72.15
CA HIS G 271 -36.15 19.03 -72.27
C HIS G 271 -35.91 19.30 -73.75
N ASN G 272 -35.38 20.48 -74.06
CA ASN G 272 -34.95 20.77 -75.43
C ASN G 272 -33.85 19.80 -75.83
N THR G 273 -34.14 19.01 -76.86
CA THR G 273 -33.26 17.92 -77.25
C THR G 273 -33.15 17.86 -78.75
N TRP G 274 -31.96 17.52 -79.22
CA TRP G 274 -31.71 17.20 -80.62
C TRP G 274 -30.88 15.92 -80.67
N THR G 275 -30.77 15.36 -81.85
CA THR G 275 -30.11 14.07 -82.05
C THR G 275 -28.87 14.20 -82.92
N ALA G 276 -27.91 13.31 -82.69
CA ALA G 276 -26.70 13.17 -83.50
C ALA G 276 -26.97 12.25 -84.67
N PRO G 277 -26.06 12.16 -85.65
CA PRO G 277 -26.33 11.28 -86.81
C PRO G 277 -26.68 9.84 -86.41
N ASN G 278 -25.96 9.25 -85.45
CA ASN G 278 -26.20 7.86 -85.08
C ASN G 278 -27.44 7.66 -84.21
N GLY G 279 -27.99 8.73 -83.64
CA GLY G 279 -29.19 8.63 -82.84
C GLY G 279 -29.01 9.12 -81.41
N ASN G 280 -27.78 9.16 -80.92
CA ASN G 280 -27.52 9.62 -79.55
C ASN G 280 -28.01 11.04 -79.36
N GLN G 281 -28.65 11.28 -78.24
CA GLN G 281 -29.36 12.52 -77.98
C GLN G 281 -28.51 13.48 -77.14
N ILE G 282 -28.89 14.75 -77.20
CA ILE G 282 -28.35 15.83 -76.38
C ILE G 282 -29.54 16.56 -75.82
N ALA G 283 -29.65 16.66 -74.51
CA ALA G 283 -30.70 17.44 -73.88
C ALA G 283 -30.05 18.64 -73.20
N GLU G 284 -30.52 19.83 -73.55
CA GLU G 284 -29.98 21.06 -72.98
C GLU G 284 -30.87 21.40 -71.79
N LEU G 285 -30.50 20.90 -70.60
CA LEU G 285 -31.38 21.08 -69.45
C LEU G 285 -31.45 22.53 -69.01
N ASN G 286 -30.32 23.24 -69.02
CA ASN G 286 -30.29 24.62 -68.56
C ASN G 286 -29.14 25.37 -69.20
N LEU G 287 -29.35 26.68 -69.41
CA LEU G 287 -28.33 27.58 -69.92
C LEU G 287 -28.20 28.72 -68.94
N LYS G 288 -27.01 28.89 -68.36
CA LYS G 288 -26.83 29.99 -67.43
C LYS G 288 -26.84 31.33 -68.17
N ASP G 289 -27.28 32.36 -67.48
CA ASP G 289 -27.24 33.74 -67.97
C ASP G 289 -26.00 34.01 -68.82
N GLY G 290 -26.22 34.42 -70.07
CA GLY G 290 -25.15 34.83 -70.96
C GLY G 290 -24.62 33.75 -71.89
N ASP G 291 -25.12 32.53 -71.75
CA ASP G 291 -24.72 31.40 -72.56
C ASP G 291 -25.74 31.22 -73.69
N THR G 292 -25.24 30.84 -74.87
CA THR G 292 -26.13 30.60 -76.02
C THR G 292 -26.34 29.10 -76.23
N SER G 293 -27.50 28.76 -76.78
CA SER G 293 -27.84 27.35 -76.98
C SER G 293 -26.90 26.68 -77.99
N ARG G 294 -26.78 25.36 -77.85
CA ARG G 294 -25.97 24.57 -78.75
C ARG G 294 -26.80 23.86 -79.82
N ARG G 295 -28.11 24.09 -79.86
CA ARG G 295 -28.97 23.37 -80.79
C ARG G 295 -28.53 23.61 -82.23
N PRO G 296 -28.24 22.58 -83.01
CA PRO G 296 -27.89 22.78 -84.43
C PRO G 296 -29.09 23.29 -85.21
N ASP G 297 -28.80 24.06 -86.26
CA ASP G 297 -29.87 24.82 -86.91
C ASP G 297 -30.79 23.97 -87.81
N THR G 298 -30.44 22.72 -88.13
CA THR G 298 -31.43 21.86 -88.82
C THR G 298 -32.32 21.10 -87.83
N SER G 299 -31.98 21.08 -86.55
CA SER G 299 -32.79 20.36 -85.56
C SER G 299 -34.21 20.94 -85.38
N ARG H 9 -28.11 -28.66 -26.19
CA ARG H 9 -29.03 -29.63 -25.68
C ARG H 9 -29.25 -30.67 -26.74
N ASP H 10 -29.84 -31.80 -26.38
CA ASP H 10 -30.18 -32.80 -27.38
C ASP H 10 -31.60 -32.58 -27.85
N THR H 11 -31.74 -32.10 -29.06
CA THR H 11 -33.06 -31.79 -29.59
C THR H 11 -33.35 -32.58 -30.87
N ASP H 12 -34.65 -32.72 -31.17
CA ASP H 12 -35.10 -33.40 -32.38
C ASP H 12 -36.45 -32.83 -32.80
N TRP H 13 -36.66 -32.70 -34.11
CA TRP H 13 -37.87 -32.06 -34.64
C TRP H 13 -38.35 -32.77 -35.90
N SER H 14 -39.66 -33.01 -35.97
CA SER H 14 -40.31 -33.36 -37.22
C SER H 14 -40.72 -32.09 -37.94
N ILE H 15 -40.61 -32.09 -39.27
CA ILE H 15 -40.78 -30.88 -40.06
C ILE H 15 -41.65 -31.19 -41.27
N TRP H 16 -42.75 -30.46 -41.43
CA TRP H 16 -43.59 -30.55 -42.62
C TRP H 16 -43.76 -29.16 -43.20
N SER H 17 -43.57 -29.02 -44.51
CA SER H 17 -43.88 -27.76 -45.20
C SER H 17 -45.21 -27.94 -45.92
N LEU H 18 -46.16 -27.05 -45.65
CA LEU H 18 -47.54 -27.23 -46.08
C LEU H 18 -47.97 -26.06 -46.94
N ALA H 19 -48.41 -26.33 -48.16
CA ALA H 19 -49.00 -25.29 -48.99
C ALA H 19 -50.44 -25.03 -48.56
N TYR H 20 -50.82 -23.76 -48.48
CA TYR H 20 -52.18 -23.42 -48.15
C TYR H 20 -52.85 -22.64 -49.26
N CYS H 21 -52.13 -22.36 -50.34
CA CYS H 21 -52.59 -21.50 -51.42
C CYS H 21 -51.54 -21.56 -52.52
N GLN H 22 -51.90 -21.05 -53.70
CA GLN H 22 -50.98 -20.96 -54.84
C GLN H 22 -51.11 -19.59 -55.47
N VAL H 23 -50.02 -19.12 -56.08
CA VAL H 23 -49.97 -17.82 -56.73
C VAL H 23 -49.27 -17.97 -58.07
N ASP H 24 -49.87 -17.40 -59.11
CA ASP H 24 -49.28 -17.33 -60.45
C ASP H 24 -48.56 -15.99 -60.60
N MET H 25 -47.26 -16.02 -60.86
CA MET H 25 -46.45 -14.81 -60.73
C MET H 25 -45.34 -14.77 -61.75
N ALA H 26 -45.03 -13.57 -62.25
CA ALA H 26 -43.89 -13.37 -63.14
C ALA H 26 -42.62 -13.90 -62.49
N LYS H 27 -41.80 -14.61 -63.29
CA LYS H 27 -40.61 -15.27 -62.74
C LYS H 27 -39.57 -14.28 -62.22
N ASP H 28 -39.41 -13.12 -62.89
CA ASP H 28 -38.41 -12.18 -62.41
C ASP H 28 -38.75 -11.70 -61.00
N PHE H 29 -40.03 -11.65 -60.65
CA PHE H 29 -40.45 -11.29 -59.30
C PHE H 29 -39.70 -12.07 -58.23
N PHE H 30 -39.73 -13.40 -58.32
CA PHE H 30 -39.08 -14.28 -57.35
C PHE H 30 -37.63 -14.60 -57.69
N GLY H 31 -37.27 -14.69 -58.97
CA GLY H 31 -36.00 -15.29 -59.35
C GLY H 31 -34.89 -14.31 -59.69
N GLY H 32 -35.27 -13.08 -60.03
CA GLY H 32 -34.30 -12.02 -60.26
C GLY H 32 -34.48 -11.31 -61.58
N ALA H 33 -34.27 -9.99 -61.59
CA ALA H 33 -34.27 -9.27 -62.85
C ALA H 33 -33.04 -9.70 -63.65
N GLY H 34 -33.16 -9.64 -64.97
CA GLY H 34 -32.12 -10.08 -65.88
C GLY H 34 -32.22 -11.57 -66.16
N ILE H 35 -31.79 -12.43 -65.23
CA ILE H 35 -31.75 -13.86 -65.57
C ILE H 35 -33.16 -14.39 -65.81
N PHE H 36 -34.17 -13.87 -65.12
CA PHE H 36 -35.55 -14.33 -65.29
C PHE H 36 -36.47 -13.25 -65.86
N SER H 37 -35.91 -12.20 -66.46
CA SER H 37 -36.74 -11.18 -67.10
C SER H 37 -37.43 -11.76 -68.32
N ASN H 38 -38.67 -11.31 -68.52
CA ASN H 38 -39.47 -11.67 -69.71
C ASN H 38 -39.51 -13.18 -69.92
N SER H 39 -39.64 -13.93 -68.83
CA SER H 39 -39.68 -15.38 -68.84
C SER H 39 -41.09 -15.91 -68.58
N GLY H 40 -42.12 -15.07 -68.68
CA GLY H 40 -43.48 -15.50 -68.40
C GLY H 40 -43.76 -15.63 -66.91
N THR H 41 -44.80 -16.39 -66.58
CA THR H 41 -45.21 -16.66 -65.22
C THR H 41 -45.18 -18.15 -64.93
N CYS H 42 -45.35 -18.48 -63.64
CA CYS H 42 -45.47 -19.86 -63.20
C CYS H 42 -46.16 -19.86 -61.85
N ILE H 43 -46.58 -21.03 -61.43
CA ILE H 43 -47.27 -21.23 -60.16
C ILE H 43 -46.24 -21.34 -59.04
N ASN H 44 -46.53 -20.68 -57.93
CA ASN H 44 -45.65 -20.73 -56.79
C ASN H 44 -46.50 -21.05 -55.57
N PRO H 45 -46.02 -21.92 -54.68
CA PRO H 45 -46.80 -22.25 -53.47
C PRO H 45 -46.73 -21.14 -52.44
N MET H 46 -47.82 -21.00 -51.67
CA MET H 46 -47.86 -20.22 -50.43
C MET H 46 -47.77 -21.20 -49.26
N ILE H 47 -46.80 -20.99 -48.38
CA ILE H 47 -46.32 -22.07 -47.54
C ILE H 47 -46.25 -21.60 -46.08
N TYR H 48 -46.60 -22.48 -45.15
CA TYR H 48 -46.09 -22.37 -43.80
C TYR H 48 -45.60 -23.73 -43.35
N THR H 49 -44.72 -23.73 -42.35
CA THR H 49 -43.99 -24.93 -41.97
C THR H 49 -44.31 -25.30 -40.53
N LEU H 50 -44.70 -26.56 -40.33
CA LEU H 50 -45.06 -27.11 -39.03
C LEU H 50 -43.88 -27.88 -38.47
N LEU H 51 -43.48 -27.54 -37.24
CA LEU H 51 -42.37 -28.18 -36.53
C LEU H 51 -42.91 -28.75 -35.24
N VAL H 52 -42.66 -30.02 -34.98
CA VAL H 52 -43.14 -30.69 -33.77
C VAL H 52 -41.96 -31.41 -33.13
N GLY H 53 -41.68 -31.08 -31.89
CA GLY H 53 -40.56 -31.67 -31.16
C GLY H 53 -40.04 -30.71 -30.08
N GLY H 54 -38.71 -30.66 -29.96
CA GLY H 54 -38.06 -29.93 -28.88
C GLY H 54 -36.99 -30.77 -28.18
N GLU H 55 -36.77 -30.55 -26.89
CA GLU H 55 -35.79 -31.37 -26.17
C GLU H 55 -36.29 -32.80 -26.00
N VAL H 56 -35.38 -33.76 -26.25
CA VAL H 56 -35.71 -35.16 -26.02
C VAL H 56 -36.07 -35.37 -24.56
N GLY H 57 -37.16 -36.10 -24.33
CA GLY H 57 -37.61 -36.39 -22.99
C GLY H 57 -38.15 -35.16 -22.29
N GLY H 58 -38.39 -34.13 -23.08
CA GLY H 58 -38.89 -32.88 -22.53
C GLY H 58 -40.20 -32.47 -23.17
N LYS H 59 -40.59 -31.22 -22.97
CA LYS H 59 -41.84 -30.70 -23.51
C LYS H 59 -41.89 -30.91 -25.02
N GLN H 60 -43.04 -31.34 -25.52
CA GLN H 60 -43.27 -31.40 -26.96
C GLN H 60 -43.96 -30.10 -27.41
N HIS H 61 -43.26 -29.31 -28.20
CA HIS H 61 -43.84 -28.10 -28.77
C HIS H 61 -44.40 -28.38 -30.16
N VAL H 62 -45.45 -27.65 -30.50
CA VAL H 62 -46.02 -27.63 -31.84
C VAL H 62 -45.82 -26.20 -32.35
N VAL H 63 -44.99 -26.04 -33.39
CA VAL H 63 -44.54 -24.73 -33.83
C VAL H 63 -44.89 -24.53 -35.30
N LEU H 64 -45.29 -23.31 -35.63
CA LEU H 64 -45.49 -22.89 -37.01
C LEU H 64 -44.46 -21.82 -37.32
N VAL H 65 -43.75 -21.97 -38.43
CA VAL H 65 -42.99 -20.88 -39.03
C VAL H 65 -43.92 -20.21 -40.02
N ASP H 66 -44.42 -19.02 -39.66
CA ASP H 66 -45.37 -18.26 -40.46
C ASP H 66 -46.72 -18.97 -40.46
N CYS H 67 -47.77 -18.26 -40.92
CA CYS H 67 -49.11 -18.83 -40.81
C CYS H 67 -50.05 -18.41 -41.93
N GLY H 68 -49.53 -17.94 -43.07
CA GLY H 68 -50.38 -17.66 -44.22
C GLY H 68 -51.26 -16.44 -43.98
N PHE H 69 -52.07 -16.13 -44.98
CA PHE H 69 -52.99 -15.02 -44.88
C PHE H 69 -54.44 -15.50 -44.82
N GLN H 70 -55.35 -14.55 -44.60
CA GLN H 70 -56.75 -14.91 -44.43
C GLN H 70 -57.45 -14.96 -45.78
N ASN H 71 -58.62 -15.58 -45.78
CA ASN H 71 -59.53 -15.60 -46.93
C ASN H 71 -60.22 -14.24 -46.98
N ASP H 72 -59.50 -13.24 -47.47
CA ASP H 72 -60.02 -11.85 -47.44
C ASP H 72 -59.68 -11.14 -48.75
N HIS H 73 -59.68 -9.80 -48.71
CA HIS H 73 -59.46 -8.99 -49.89
C HIS H 73 -58.14 -9.31 -50.56
N TRP H 74 -57.18 -9.88 -49.84
CA TRP H 74 -55.90 -10.21 -50.45
C TRP H 74 -56.04 -11.25 -51.57
N LEU H 75 -57.06 -12.11 -51.52
CA LEU H 75 -57.24 -13.12 -52.56
C LEU H 75 -57.45 -12.49 -53.94
N THR H 76 -57.90 -11.25 -53.99
CA THR H 76 -58.10 -10.50 -55.22
C THR H 76 -56.89 -9.64 -55.58
N ARG H 77 -55.90 -9.50 -54.68
CA ARG H 77 -54.76 -8.63 -54.95
C ARG H 77 -53.63 -9.28 -55.72
N TYR H 78 -53.79 -10.52 -56.18
CA TYR H 78 -52.80 -11.26 -56.94
C TYR H 78 -53.48 -12.51 -57.47
N ALA H 79 -52.79 -13.28 -58.31
CA ALA H 79 -53.42 -14.42 -58.99
C ALA H 79 -53.31 -15.67 -58.10
N PHE H 80 -54.07 -15.61 -57.01
CA PHE H 80 -54.16 -16.67 -56.01
C PHE H 80 -55.24 -17.68 -56.42
N SER H 81 -55.07 -18.92 -55.96
CA SER H 81 -56.02 -19.98 -56.20
C SER H 81 -55.80 -21.03 -55.12
N SER H 82 -56.85 -21.80 -54.83
CA SER H 82 -56.75 -22.96 -53.98
C SER H 82 -56.50 -22.60 -52.49
N TRP H 83 -56.98 -21.43 -52.04
CA TRP H 83 -56.78 -21.07 -50.63
C TRP H 83 -57.50 -22.04 -49.71
N GLU H 84 -56.83 -22.44 -48.63
CA GLU H 84 -57.36 -23.40 -47.67
C GLU H 84 -57.15 -22.92 -46.23
N ASP H 85 -58.11 -23.30 -45.39
CA ASP H 85 -58.12 -22.97 -43.97
C ASP H 85 -57.04 -23.77 -43.20
N PRO H 86 -56.50 -23.21 -42.12
CA PRO H 86 -55.58 -24.00 -41.28
C PRO H 86 -56.20 -25.28 -40.71
N LYS H 87 -57.51 -25.29 -40.46
CA LYS H 87 -58.13 -26.52 -39.98
C LYS H 87 -57.96 -27.65 -41.02
N ASP H 88 -58.11 -27.33 -42.31
CA ASP H 88 -57.94 -28.36 -43.35
C ASP H 88 -56.46 -28.70 -43.58
N VAL H 89 -55.61 -27.67 -43.67
CA VAL H 89 -54.19 -27.87 -43.95
C VAL H 89 -53.51 -28.65 -42.84
N LEU H 90 -53.71 -28.23 -41.58
CA LEU H 90 -53.07 -28.95 -40.49
C LEU H 90 -53.78 -30.28 -40.21
N GLY H 91 -55.07 -30.35 -40.49
CA GLY H 91 -55.76 -31.61 -40.31
C GLY H 91 -55.13 -32.76 -41.07
N ARG H 92 -54.57 -32.49 -42.26
CA ARG H 92 -54.01 -33.58 -43.06
C ARG H 92 -52.76 -34.20 -42.45
N VAL H 93 -52.05 -33.50 -41.58
CA VAL H 93 -50.88 -34.05 -40.90
C VAL H 93 -51.15 -34.29 -39.42
N GLY H 94 -52.43 -34.30 -39.02
CA GLY H 94 -52.80 -34.75 -37.69
C GLY H 94 -52.83 -33.68 -36.60
N PHE H 95 -53.07 -32.42 -36.97
CA PHE H 95 -53.10 -31.34 -35.98
C PHE H 95 -54.29 -30.43 -36.27
N SER H 96 -54.57 -29.56 -35.33
CA SER H 96 -55.57 -28.54 -35.50
C SER H 96 -54.96 -27.21 -35.09
N PRO H 97 -55.51 -26.09 -35.55
CA PRO H 97 -54.89 -24.80 -35.22
C PRO H 97 -54.75 -24.58 -33.71
N GLU H 98 -55.61 -25.20 -32.91
CA GLU H 98 -55.59 -25.03 -31.46
C GLU H 98 -54.38 -25.67 -30.79
N ASP H 99 -53.73 -26.64 -31.45
CA ASP H 99 -52.55 -27.31 -30.91
C ASP H 99 -51.30 -26.44 -30.98
N VAL H 100 -51.31 -25.40 -31.81
CA VAL H 100 -50.11 -24.61 -32.09
C VAL H 100 -49.84 -23.68 -30.90
N ASP H 101 -48.68 -23.86 -30.26
CA ASP H 101 -48.35 -22.97 -29.15
C ASP H 101 -47.42 -21.83 -29.57
N THR H 102 -46.79 -21.88 -30.75
CA THR H 102 -45.83 -20.85 -31.12
C THR H 102 -45.89 -20.59 -32.62
N ILE H 103 -45.94 -19.31 -32.99
CA ILE H 103 -45.81 -18.90 -34.38
C ILE H 103 -44.56 -18.04 -34.49
N LEU H 104 -43.58 -18.53 -35.25
CA LEU H 104 -42.36 -17.77 -35.53
C LEU H 104 -42.55 -17.00 -36.82
N VAL H 105 -42.49 -15.69 -36.75
CA VAL H 105 -42.76 -14.84 -37.90
C VAL H 105 -41.43 -14.41 -38.50
N THR H 106 -41.17 -14.88 -39.74
CA THR H 106 -39.98 -14.48 -40.46
C THR H 106 -40.00 -12.99 -40.75
N HIS H 107 -41.18 -12.45 -41.09
CA HIS H 107 -41.36 -11.05 -41.44
C HIS H 107 -42.85 -10.79 -41.50
N MET H 108 -43.23 -9.51 -41.50
CA MET H 108 -44.62 -9.10 -41.31
C MET H 108 -45.39 -8.89 -42.62
N HIS H 109 -44.92 -9.43 -43.73
CA HIS H 109 -45.76 -9.41 -44.93
C HIS H 109 -47.08 -10.14 -44.67
N PHE H 110 -48.11 -9.71 -45.39
CA PHE H 110 -49.48 -10.18 -45.12
C PHE H 110 -49.58 -11.69 -45.17
N ASP H 111 -48.84 -12.33 -46.09
CA ASP H 111 -48.95 -13.77 -46.34
C ASP H 111 -48.13 -14.62 -45.37
N HIS H 112 -47.45 -14.00 -44.41
CA HIS H 112 -46.78 -14.76 -43.38
C HIS H 112 -47.32 -14.51 -41.98
N MET H 113 -48.14 -13.50 -41.80
CA MET H 113 -48.68 -13.26 -40.47
C MET H 113 -50.17 -12.93 -40.49
N GLY H 114 -50.78 -12.81 -41.66
CA GLY H 114 -52.14 -12.32 -41.78
C GLY H 114 -53.18 -13.11 -41.00
N ASN H 115 -52.91 -14.38 -40.73
CA ASN H 115 -53.89 -15.28 -40.16
C ASN H 115 -53.51 -15.78 -38.77
N PHE H 116 -52.68 -15.04 -38.04
CA PHE H 116 -52.20 -15.60 -36.78
C PHE H 116 -53.33 -15.74 -35.78
N GLU H 117 -54.38 -14.92 -35.89
CA GLU H 117 -55.49 -15.03 -34.95
C GLU H 117 -56.31 -16.30 -35.13
N ALA H 118 -56.06 -17.07 -36.20
CA ALA H 118 -56.71 -18.38 -36.35
C ALA H 118 -56.12 -19.44 -35.43
N PHE H 119 -55.06 -19.12 -34.68
CA PHE H 119 -54.40 -20.06 -33.77
C PHE H 119 -54.50 -19.47 -32.37
N PRO H 120 -55.63 -19.70 -31.68
CA PRO H 120 -55.92 -18.92 -30.46
C PRO H 120 -54.97 -19.18 -29.29
N ASN H 121 -54.14 -20.22 -29.32
CA ASN H 121 -53.22 -20.50 -28.23
C ASN H 121 -51.78 -20.17 -28.54
N ALA H 122 -51.49 -19.58 -29.70
CA ALA H 122 -50.12 -19.41 -30.12
C ALA H 122 -49.59 -18.03 -29.73
N LYS H 123 -48.34 -18.01 -29.30
CA LYS H 123 -47.64 -16.75 -29.14
C LYS H 123 -46.83 -16.45 -30.39
N LEU H 124 -46.80 -15.19 -30.79
CA LEU H 124 -46.06 -14.76 -31.98
C LEU H 124 -44.71 -14.21 -31.58
N TYR H 125 -43.67 -14.62 -32.29
CA TYR H 125 -42.33 -14.07 -32.10
C TYR H 125 -41.91 -13.30 -33.33
N ILE H 126 -41.62 -12.01 -33.17
CA ILE H 126 -41.18 -11.20 -34.29
C ILE H 126 -40.02 -10.31 -33.84
N GLN H 127 -39.09 -10.07 -34.77
CA GLN H 127 -37.94 -9.21 -34.47
C GLN H 127 -38.43 -7.80 -34.17
N LEU H 128 -37.89 -7.21 -33.11
CA LEU H 128 -38.25 -5.84 -32.79
C LEU H 128 -38.01 -4.91 -33.99
N ASP H 129 -36.91 -5.11 -34.73
CA ASP H 129 -36.60 -4.23 -35.87
C ASP H 129 -37.64 -4.33 -36.97
N GLU H 130 -38.24 -5.52 -37.16
CA GLU H 130 -39.32 -5.67 -38.12
C GLU H 130 -40.52 -4.82 -37.74
N TYR H 131 -40.96 -4.93 -36.49
CA TYR H 131 -42.13 -4.18 -36.04
C TYR H 131 -41.88 -2.68 -36.09
N THR H 132 -40.73 -2.21 -35.62
CA THR H 132 -40.47 -0.77 -35.63
C THR H 132 -40.27 -0.26 -37.04
N GLY H 133 -39.59 -1.07 -37.88
CA GLY H 133 -39.41 -0.71 -39.29
C GLY H 133 -40.73 -0.47 -40.00
N TRP H 134 -41.67 -1.40 -39.85
CA TRP H 134 -42.96 -1.19 -40.51
C TRP H 134 -43.73 -0.03 -39.88
N SER H 135 -43.65 0.15 -38.56
CA SER H 135 -44.32 1.31 -37.96
C SER H 135 -43.84 2.61 -38.60
N LYS H 136 -42.51 2.78 -38.71
CA LYS H 136 -41.93 3.97 -39.35
C LYS H 136 -42.33 4.06 -40.81
N ALA H 137 -42.21 2.95 -41.54
CA ALA H 137 -42.47 2.98 -42.96
C ALA H 137 -43.90 3.39 -43.26
N VAL H 138 -44.86 2.83 -42.53
CA VAL H 138 -46.27 3.19 -42.76
C VAL H 138 -46.51 4.68 -42.50
N CYS H 139 -45.99 5.22 -41.38
CA CYS H 139 -46.21 6.65 -41.10
C CYS H 139 -45.57 7.53 -42.16
N SER H 140 -44.35 7.17 -42.56
CA SER H 140 -43.63 7.94 -43.59
C SER H 140 -44.40 7.96 -44.90
N SER H 141 -45.03 6.84 -45.26
CA SER H 141 -45.72 6.77 -46.54
C SER H 141 -46.92 7.69 -46.60
N HIS H 142 -47.58 7.94 -45.46
CA HIS H 142 -48.74 8.83 -45.51
C HIS H 142 -48.36 10.33 -45.71
N GLN H 143 -47.09 10.67 -45.95
CA GLN H 143 -46.71 12.00 -46.40
C GLN H 143 -47.01 12.22 -47.88
N HIS H 144 -47.22 11.14 -48.64
CA HIS H 144 -47.59 11.24 -50.04
C HIS H 144 -49.07 11.52 -50.18
N GLU H 145 -49.40 12.37 -51.16
CA GLU H 145 -50.76 12.88 -51.31
C GLU H 145 -51.70 11.87 -51.97
N THR H 146 -51.18 10.95 -52.77
CA THR H 146 -51.99 9.98 -53.50
C THR H 146 -51.69 8.56 -53.03
N GLU H 147 -52.65 7.63 -53.27
CA GLU H 147 -52.43 6.22 -52.93
C GLU H 147 -51.48 5.53 -53.91
N GLU H 148 -51.39 5.99 -55.15
CA GLU H 148 -50.45 5.38 -56.08
C GLU H 148 -49.00 5.58 -55.61
N GLU H 149 -48.70 6.72 -55.00
CA GLU H 149 -47.37 6.95 -54.47
C GLU H 149 -47.07 6.10 -53.23
N LYS H 150 -48.07 5.43 -52.66
CA LYS H 150 -47.84 4.54 -51.53
C LYS H 150 -47.81 3.06 -51.92
N GLU H 151 -48.14 2.75 -53.17
CA GLU H 151 -48.43 1.38 -53.58
C GLU H 151 -47.28 0.44 -53.30
N TRP H 152 -46.05 0.85 -53.63
CA TRP H 152 -44.92 -0.05 -53.44
C TRP H 152 -44.77 -0.43 -51.97
N VAL H 153 -44.95 0.52 -51.07
CA VAL H 153 -44.81 0.24 -49.64
C VAL H 153 -45.79 -0.85 -49.23
N PHE H 154 -47.00 -0.83 -49.80
CA PHE H 154 -48.06 -1.72 -49.36
C PHE H 154 -48.26 -2.93 -50.25
N THR H 155 -47.36 -3.18 -51.22
CA THR H 155 -47.57 -4.29 -52.13
C THR H 155 -47.71 -5.61 -51.38
N SER H 156 -46.98 -5.77 -50.28
CA SER H 156 -47.04 -6.99 -49.49
C SER H 156 -47.37 -6.73 -48.03
N PHE H 157 -47.82 -5.52 -47.68
CA PHE H 157 -47.99 -5.16 -46.29
C PHE H 157 -49.41 -4.65 -46.07
N ASP H 158 -50.05 -5.18 -45.04
CA ASP H 158 -51.43 -4.87 -44.70
C ASP H 158 -51.47 -3.96 -43.48
N PRO H 159 -51.91 -2.71 -43.59
CA PRO H 159 -51.98 -1.88 -42.38
C PRO H 159 -52.80 -2.50 -41.26
N ALA H 160 -53.79 -3.35 -41.58
CA ALA H 160 -54.53 -4.05 -40.51
C ALA H 160 -53.64 -5.00 -39.71
N ASP H 161 -52.55 -5.49 -40.30
CA ASP H 161 -51.65 -6.36 -39.54
C ASP H 161 -50.82 -5.57 -38.54
N LEU H 162 -50.54 -4.30 -38.81
CA LEU H 162 -49.93 -3.46 -37.81
C LEU H 162 -50.85 -3.32 -36.59
N ILE H 163 -52.15 -3.14 -36.83
CA ILE H 163 -53.12 -3.01 -35.74
C ILE H 163 -53.27 -4.32 -34.99
N ARG H 164 -53.35 -5.45 -35.73
CA ARG H 164 -53.48 -6.73 -35.05
C ARG H 164 -52.28 -7.02 -34.15
N ALA H 165 -51.06 -6.72 -34.63
CA ALA H 165 -49.86 -6.95 -33.84
C ALA H 165 -49.87 -6.13 -32.55
N ALA H 166 -50.25 -4.85 -32.64
CA ALA H 166 -50.41 -4.03 -31.44
C ALA H 166 -51.43 -4.63 -30.49
N GLN H 167 -52.53 -5.16 -31.04
CA GLN H 167 -53.50 -5.84 -30.19
C GLN H 167 -52.85 -7.00 -29.46
N GLY H 168 -52.05 -7.79 -30.17
CA GLY H 168 -51.39 -8.94 -29.56
C GLY H 168 -50.33 -8.56 -28.55
N ILE H 169 -49.61 -7.47 -28.80
CA ILE H 169 -48.63 -7.00 -27.82
C ILE H 169 -49.32 -6.69 -26.49
N SER H 170 -50.37 -5.88 -26.53
CA SER H 170 -51.05 -5.55 -25.29
C SER H 170 -51.75 -6.78 -24.69
N ASP H 171 -52.20 -7.73 -25.53
CA ASP H 171 -52.79 -8.97 -25.04
C ASP H 171 -51.78 -9.91 -24.39
N GLY H 172 -50.48 -9.69 -24.57
CA GLY H 172 -49.49 -10.66 -24.17
C GLY H 172 -49.28 -11.80 -25.15
N ARG H 173 -49.84 -11.73 -26.36
CA ARG H 173 -49.68 -12.80 -27.35
C ARG H 173 -48.52 -12.59 -28.29
N VAL H 174 -47.98 -11.38 -28.35
CA VAL H 174 -46.87 -11.07 -29.25
C VAL H 174 -45.62 -10.90 -28.40
N LYS H 175 -44.52 -11.53 -28.83
CA LYS H 175 -43.24 -11.43 -28.14
C LYS H 175 -42.19 -10.95 -29.14
N PHE H 176 -41.35 -10.03 -28.68
CA PHE H 176 -40.27 -9.50 -29.49
C PHE H 176 -39.00 -10.32 -29.28
N ILE H 177 -38.33 -10.59 -30.38
CA ILE H 177 -36.95 -11.04 -30.38
C ILE H 177 -36.11 -9.85 -30.79
N THR H 178 -34.92 -9.70 -30.21
CA THR H 178 -34.00 -8.64 -30.61
C THR H 178 -32.67 -9.28 -31.02
N GLY H 179 -32.49 -9.56 -32.30
CA GLY H 179 -31.26 -10.21 -32.71
C GLY H 179 -31.37 -11.72 -32.70
N ASP H 180 -30.27 -12.40 -32.39
CA ASP H 180 -30.26 -13.87 -32.38
C ASP H 180 -30.71 -14.40 -31.03
N GLU H 181 -31.46 -15.50 -31.05
CA GLU H 181 -32.00 -16.06 -29.81
C GLU H 181 -32.47 -17.51 -30.05
N GLU H 182 -32.11 -18.40 -29.12
CA GLU H 182 -32.68 -19.74 -29.11
C GLU H 182 -34.02 -19.68 -28.39
N ILE H 183 -35.11 -19.57 -29.16
CA ILE H 183 -36.42 -19.36 -28.56
C ILE H 183 -37.03 -20.66 -28.11
N LEU H 184 -36.86 -21.72 -28.88
CA LEU H 184 -37.25 -23.06 -28.48
C LEU H 184 -36.06 -23.99 -28.56
N PRO H 185 -36.10 -25.13 -27.86
CA PRO H 185 -34.95 -26.05 -27.85
C PRO H 185 -34.54 -26.52 -29.24
N GLY H 186 -33.37 -26.09 -29.70
CA GLY H 186 -32.91 -26.46 -31.02
C GLY H 186 -33.40 -25.58 -32.14
N ILE H 187 -34.16 -24.52 -31.85
CA ILE H 187 -34.61 -23.57 -32.85
C ILE H 187 -34.01 -22.21 -32.48
N THR H 188 -33.11 -21.72 -33.33
CA THR H 188 -32.45 -20.43 -33.14
C THR H 188 -32.93 -19.44 -34.18
N ALA H 189 -33.41 -18.29 -33.71
CA ALA H 189 -33.77 -17.19 -34.58
C ALA H 189 -32.52 -16.41 -34.95
N ARG H 190 -32.43 -16.02 -36.23
CA ARG H 190 -31.31 -15.24 -36.76
C ARG H 190 -31.84 -13.96 -37.38
N LEU H 191 -31.54 -12.83 -36.76
CA LEU H 191 -31.94 -11.56 -37.34
C LEU H 191 -31.11 -11.30 -38.58
N ALA H 192 -31.79 -10.96 -39.67
CA ALA H 192 -31.12 -10.57 -40.91
C ALA H 192 -31.60 -9.16 -41.21
N LYS H 193 -30.98 -8.19 -40.53
CA LYS H 193 -31.45 -6.82 -40.65
C LYS H 193 -31.36 -6.35 -42.10
N ASP H 194 -32.47 -5.78 -42.59
CA ASP H 194 -32.51 -5.20 -43.94
C ASP H 194 -32.12 -6.23 -45.00
N SER H 195 -32.72 -7.42 -44.92
CA SER H 195 -32.57 -8.43 -45.97
C SER H 195 -33.80 -8.45 -46.88
N HIS H 196 -34.83 -9.33 -46.64
CA HIS H 196 -36.10 -9.22 -47.38
C HIS H 196 -36.85 -7.98 -46.91
N THR H 197 -36.83 -7.73 -45.59
CA THR H 197 -37.51 -6.61 -44.95
C THR H 197 -36.66 -6.12 -43.78
N PHE H 198 -37.15 -5.06 -43.11
CA PHE H 198 -36.41 -4.40 -42.01
C PHE H 198 -35.81 -5.39 -41.01
N GLY H 199 -36.61 -6.31 -40.52
CA GLY H 199 -36.09 -7.27 -39.57
C GLY H 199 -36.47 -8.70 -39.85
N SER H 200 -36.43 -9.14 -41.12
CA SER H 200 -36.63 -10.56 -41.40
C SER H 200 -35.71 -11.37 -40.51
N GLN H 201 -36.19 -12.52 -40.10
CA GLN H 201 -35.36 -13.46 -39.38
C GLN H 201 -35.54 -14.84 -39.99
N TRP H 202 -34.47 -15.60 -39.98
CA TRP H 202 -34.57 -16.98 -40.40
C TRP H 202 -34.29 -17.88 -39.21
N PHE H 203 -34.64 -19.15 -39.35
CA PHE H 203 -34.63 -20.06 -38.22
C PHE H 203 -33.78 -21.28 -38.55
N GLU H 204 -32.83 -21.53 -37.68
CA GLU H 204 -31.94 -22.66 -37.73
C GLU H 204 -32.53 -23.73 -36.80
N VAL H 205 -32.86 -24.89 -37.37
CA VAL H 205 -33.52 -25.97 -36.64
C VAL H 205 -32.59 -27.17 -36.57
N ASN H 206 -32.25 -27.59 -35.35
CA ASN H 206 -31.32 -28.68 -35.12
C ASN H 206 -32.09 -29.99 -34.88
N THR H 207 -31.87 -30.96 -35.75
CA THR H 207 -32.47 -32.28 -35.61
C THR H 207 -31.37 -33.34 -35.55
N HIS H 208 -31.78 -34.57 -35.25
CA HIS H 208 -30.85 -35.70 -35.25
C HIS H 208 -30.31 -35.99 -36.65
N ASN H 209 -31.02 -35.55 -37.69
CA ASN H 209 -30.58 -35.67 -39.07
C ASN H 209 -29.86 -34.40 -39.56
N GLY H 210 -29.40 -33.54 -38.66
CA GLY H 210 -28.67 -32.37 -39.06
C GLY H 210 -29.57 -31.15 -39.13
N PRO H 211 -29.01 -30.01 -39.56
CA PRO H 211 -29.77 -28.76 -39.53
C PRO H 211 -30.67 -28.57 -40.73
N PHE H 212 -31.78 -27.89 -40.47
CA PHE H 212 -32.69 -27.39 -41.49
C PHE H 212 -32.84 -25.89 -41.24
N ILE H 213 -33.14 -25.16 -42.32
CA ILE H 213 -33.30 -23.71 -42.26
C ILE H 213 -34.65 -23.31 -42.82
N ALA H 214 -35.44 -22.58 -42.02
CA ALA H 214 -36.64 -21.92 -42.50
C ALA H 214 -36.26 -20.50 -42.87
N ALA H 215 -36.16 -20.23 -44.17
CA ALA H 215 -35.51 -19.00 -44.64
C ALA H 215 -36.44 -17.80 -44.77
N GLY H 216 -37.75 -17.99 -44.62
CA GLY H 216 -38.62 -16.89 -44.97
C GLY H 216 -38.45 -16.51 -46.43
N ASP H 217 -38.74 -15.25 -46.74
CA ASP H 217 -38.61 -14.82 -48.13
C ASP H 217 -37.22 -14.27 -48.45
N ILE H 218 -36.27 -14.31 -47.51
CA ILE H 218 -34.87 -14.06 -47.86
C ILE H 218 -34.48 -14.98 -49.02
N VAL H 219 -34.96 -16.22 -48.99
CA VAL H 219 -34.82 -17.14 -50.11
C VAL H 219 -36.20 -17.46 -50.68
N TYR H 220 -36.61 -16.70 -51.70
CA TYR H 220 -37.83 -17.01 -52.43
C TYR H 220 -37.74 -18.38 -53.08
N TRP H 221 -36.63 -18.60 -53.77
CA TRP H 221 -36.39 -19.73 -54.65
C TRP H 221 -35.00 -20.28 -54.33
N TYR H 222 -34.86 -21.59 -54.50
CA TYR H 222 -33.53 -22.19 -54.39
C TYR H 222 -32.53 -21.48 -55.27
N SER H 223 -32.96 -21.06 -56.47
CA SER H 223 -32.01 -20.46 -57.40
C SER H 223 -31.46 -19.14 -56.85
N ASN H 224 -32.19 -18.45 -55.96
CA ASN H 224 -31.62 -17.28 -55.30
C ASN H 224 -30.27 -17.62 -54.65
N ILE H 225 -30.25 -18.68 -53.86
CA ILE H 225 -29.06 -19.01 -53.08
C ILE H 225 -28.09 -19.94 -53.84
N GLU H 226 -28.58 -20.75 -54.78
CA GLU H 226 -27.67 -21.58 -55.57
C GLU H 226 -26.89 -20.72 -56.56
N ARG H 227 -27.57 -19.79 -57.20
CA ARG H 227 -26.92 -18.89 -58.13
C ARG H 227 -26.46 -17.60 -57.47
N MET H 228 -26.73 -17.41 -56.16
CA MET H 228 -26.34 -16.20 -55.44
C MET H 228 -26.85 -14.96 -56.17
N TRP H 229 -28.16 -14.94 -56.40
CA TRP H 229 -28.81 -13.92 -57.24
C TRP H 229 -30.13 -13.47 -56.60
N PRO H 230 -30.15 -12.33 -55.92
CA PRO H 230 -31.36 -11.92 -55.16
C PRO H 230 -32.52 -11.55 -56.07
N PRO H 231 -33.75 -11.55 -55.54
CA PRO H 231 -34.95 -11.47 -56.37
C PRO H 231 -35.21 -10.08 -56.93
N GLY H 232 -36.10 -10.02 -57.93
CA GLY H 232 -36.46 -8.74 -58.50
C GLY H 232 -37.32 -7.89 -57.59
N TYR H 233 -38.10 -8.51 -56.71
CA TYR H 233 -38.90 -7.81 -55.73
C TYR H 233 -38.40 -8.18 -54.35
N HIS H 234 -38.07 -7.17 -53.55
CA HIS H 234 -37.77 -7.33 -52.14
C HIS H 234 -37.80 -5.94 -51.53
N GLN H 235 -37.83 -5.87 -50.21
CA GLN H 235 -37.94 -4.56 -49.58
C GLN H 235 -36.80 -4.33 -48.61
N GLY H 236 -35.60 -4.79 -48.99
CA GLY H 236 -34.41 -4.62 -48.18
C GLY H 236 -33.12 -4.40 -48.96
N ASN H 237 -32.02 -4.99 -48.50
CA ASN H 237 -30.71 -4.72 -49.07
C ASN H 237 -30.20 -5.96 -49.82
N ALA H 238 -29.96 -5.81 -51.12
CA ALA H 238 -29.59 -6.96 -51.95
C ALA H 238 -28.25 -7.56 -51.54
N PHE H 239 -27.25 -6.74 -51.23
CA PHE H 239 -25.97 -7.28 -50.76
C PHE H 239 -26.08 -7.88 -49.36
N ASN H 240 -26.99 -7.38 -48.51
CA ASN H 240 -27.25 -8.06 -47.23
C ASN H 240 -27.77 -9.46 -47.47
N GLN H 241 -28.65 -9.62 -48.45
CA GLN H 241 -29.12 -10.96 -48.78
C GLN H 241 -27.96 -11.84 -49.23
N ILE H 242 -27.06 -11.30 -50.06
CA ILE H 242 -25.85 -12.04 -50.45
C ILE H 242 -25.14 -12.58 -49.21
N ASP H 243 -24.91 -11.72 -48.22
CA ASP H 243 -24.22 -12.16 -46.99
C ASP H 243 -25.03 -13.21 -46.24
N VAL H 244 -26.35 -13.05 -46.15
CA VAL H 244 -27.14 -14.07 -45.48
C VAL H 244 -27.05 -15.39 -46.22
N TYR H 245 -27.12 -15.35 -47.54
CA TYR H 245 -26.97 -16.60 -48.30
C TYR H 245 -25.71 -17.34 -47.89
N ARG H 246 -24.60 -16.61 -47.73
CA ARG H 246 -23.36 -17.27 -47.35
C ARG H 246 -23.44 -17.89 -45.96
N GLN H 247 -24.06 -17.18 -45.00
CA GLN H 247 -24.25 -17.73 -43.67
C GLN H 247 -25.05 -19.03 -43.71
N MET H 248 -26.17 -19.01 -44.43
CA MET H 248 -27.04 -20.18 -44.54
C MET H 248 -26.30 -21.34 -45.20
N ARG H 249 -25.64 -21.05 -46.33
CA ARG H 249 -24.90 -22.11 -47.01
C ARG H 249 -23.91 -22.77 -46.07
N SER H 250 -23.28 -21.97 -45.21
CA SER H 250 -22.31 -22.49 -44.26
C SER H 250 -22.97 -23.43 -43.26
N VAL H 251 -24.14 -23.07 -42.76
CA VAL H 251 -24.85 -23.88 -41.78
C VAL H 251 -25.15 -25.27 -42.32
N VAL H 252 -25.65 -25.35 -43.56
CA VAL H 252 -26.08 -26.60 -44.13
C VAL H 252 -25.03 -27.25 -45.02
N LYS H 253 -23.80 -26.74 -45.01
CA LYS H 253 -22.72 -27.33 -45.82
C LYS H 253 -23.15 -27.55 -47.26
N ASN H 254 -23.86 -26.57 -47.81
CA ASN H 254 -24.26 -26.56 -49.20
C ASN H 254 -25.20 -27.72 -49.56
N LYS H 255 -25.83 -28.37 -48.59
CA LYS H 255 -26.93 -29.27 -48.95
C LYS H 255 -28.18 -28.41 -49.01
N PHE H 256 -28.43 -27.87 -50.20
CA PHE H 256 -29.44 -26.84 -50.36
C PHE H 256 -30.84 -27.35 -50.04
N GLU H 257 -31.11 -28.65 -50.22
CA GLU H 257 -32.46 -29.10 -49.90
C GLU H 257 -32.81 -28.91 -48.43
N ARG H 258 -31.81 -28.63 -47.58
CA ARG H 258 -32.03 -28.37 -46.17
C ARG H 258 -32.55 -26.95 -45.93
N ILE H 259 -32.59 -26.11 -46.97
CA ILE H 259 -33.12 -24.76 -46.86
C ILE H 259 -34.55 -24.77 -47.39
N ILE H 260 -35.48 -24.26 -46.59
CA ILE H 260 -36.88 -24.16 -46.98
C ILE H 260 -37.14 -22.79 -47.59
N PRO H 261 -37.24 -22.67 -48.91
CA PRO H 261 -37.52 -21.36 -49.51
C PRO H 261 -38.97 -20.94 -49.35
N GLY H 262 -39.21 -19.65 -49.59
CA GLY H 262 -40.51 -19.07 -49.31
C GLY H 262 -41.60 -19.48 -50.28
N HIS H 263 -41.27 -19.55 -51.58
CA HIS H 263 -42.30 -19.63 -52.62
C HIS H 263 -41.82 -20.43 -53.84
N ASP H 264 -41.21 -21.59 -53.62
CA ASP H 264 -40.59 -22.31 -54.72
C ASP H 264 -41.26 -23.68 -54.90
N ALA H 265 -41.91 -23.88 -56.05
CA ALA H 265 -42.49 -25.20 -56.30
C ALA H 265 -41.41 -26.26 -56.34
N GLU H 266 -40.15 -25.85 -56.51
CA GLU H 266 -39.06 -26.82 -56.54
C GLU H 266 -38.94 -27.57 -55.22
N ILE H 267 -39.49 -27.06 -54.11
CA ILE H 267 -39.40 -27.77 -52.84
C ILE H 267 -40.13 -29.11 -52.91
N TRP H 268 -41.20 -29.19 -53.70
CA TRP H 268 -41.93 -30.45 -53.83
C TRP H 268 -41.13 -31.51 -54.59
N ASN H 269 -40.12 -31.12 -55.36
CA ASN H 269 -39.28 -32.08 -56.07
C ASN H 269 -38.13 -32.61 -55.24
N ARG H 270 -37.88 -32.06 -54.06
CA ARG H 270 -36.69 -32.42 -53.30
C ARG H 270 -36.99 -33.15 -52.00
N HIS H 271 -38.26 -33.33 -51.66
CA HIS H 271 -38.65 -33.96 -50.42
C HIS H 271 -39.86 -34.85 -50.68
N ASN H 272 -39.98 -35.88 -49.84
CA ASN H 272 -41.16 -36.75 -49.82
C ASN H 272 -42.42 -35.88 -49.77
N THR H 273 -43.19 -35.87 -50.87
CA THR H 273 -44.30 -34.96 -51.07
C THR H 273 -45.52 -35.70 -51.58
N TRP H 274 -46.70 -35.35 -51.06
CA TRP H 274 -47.97 -35.80 -51.59
C TRP H 274 -48.93 -34.62 -51.66
N THR H 275 -50.04 -34.82 -52.36
CA THR H 275 -50.98 -33.74 -52.62
C THR H 275 -52.33 -33.97 -51.94
N ALA H 276 -52.98 -32.86 -51.65
CA ALA H 276 -54.34 -32.82 -51.14
C ALA H 276 -55.33 -32.87 -52.30
N PRO H 277 -56.62 -33.05 -52.02
CA PRO H 277 -57.60 -33.11 -53.12
C PRO H 277 -57.51 -31.94 -54.08
N ASN H 278 -57.33 -30.71 -53.58
CA ASN H 278 -57.32 -29.53 -54.44
C ASN H 278 -55.98 -29.32 -55.16
N GLY H 279 -54.92 -29.99 -54.73
CA GLY H 279 -53.63 -29.89 -55.38
C GLY H 279 -52.54 -29.43 -54.45
N ASN H 280 -52.92 -28.75 -53.36
CA ASN H 280 -51.93 -28.25 -52.42
C ASN H 280 -51.10 -29.39 -51.87
N GLN H 281 -49.79 -29.15 -51.79
CA GLN H 281 -48.77 -30.15 -51.53
C GLN H 281 -48.47 -30.25 -50.04
N ILE H 282 -47.92 -31.39 -49.66
CA ILE H 282 -47.45 -31.66 -48.32
C ILE H 282 -46.07 -32.30 -48.43
N ALA H 283 -45.06 -31.64 -47.87
CA ALA H 283 -43.69 -32.12 -47.88
C ALA H 283 -43.31 -32.56 -46.48
N GLU H 284 -42.88 -33.81 -46.34
CA GLU H 284 -42.39 -34.33 -45.06
C GLU H 284 -40.88 -34.18 -45.08
N LEU H 285 -40.38 -33.01 -44.64
CA LEU H 285 -38.95 -32.76 -44.69
C LEU H 285 -38.18 -33.61 -43.68
N ASN H 286 -38.72 -33.81 -42.48
CA ASN H 286 -37.99 -34.55 -41.46
C ASN H 286 -38.96 -35.16 -40.45
N LEU H 287 -38.58 -36.32 -39.93
CA LEU H 287 -39.33 -37.04 -38.90
C LEU H 287 -38.39 -37.43 -37.78
N LYS H 288 -38.66 -36.94 -36.58
CA LYS H 288 -37.83 -37.31 -35.43
C LYS H 288 -38.06 -38.78 -35.06
N ASP H 289 -37.00 -39.43 -34.58
CA ASP H 289 -37.09 -40.78 -34.04
C ASP H 289 -38.40 -41.03 -33.31
N GLY H 290 -39.16 -42.01 -33.78
CA GLY H 290 -40.38 -42.45 -33.14
C GLY H 290 -41.65 -41.89 -33.75
N ASP H 291 -41.54 -40.93 -34.68
CA ASP H 291 -42.73 -40.42 -35.36
C ASP H 291 -42.98 -41.25 -36.59
N THR H 292 -44.25 -41.45 -36.87
CA THR H 292 -44.65 -42.22 -38.03
C THR H 292 -44.92 -41.23 -39.15
N SER H 293 -44.63 -41.66 -40.38
CA SER H 293 -44.81 -40.76 -41.50
C SER H 293 -46.29 -40.46 -41.65
N ARG H 294 -46.59 -39.27 -42.16
CA ARG H 294 -47.97 -38.90 -42.40
C ARG H 294 -48.39 -39.22 -43.83
N ARG H 295 -47.50 -39.80 -44.62
CA ARG H 295 -47.81 -40.11 -46.01
C ARG H 295 -48.74 -41.32 -46.06
N PRO H 296 -49.98 -41.17 -46.54
CA PRO H 296 -50.94 -42.28 -46.63
C PRO H 296 -50.48 -43.36 -47.60
N PRO I 8 -11.00 -28.63 -28.48
CA PRO I 8 -10.28 -27.67 -29.32
C PRO I 8 -9.32 -28.34 -30.26
N ARG I 9 -8.91 -27.62 -31.30
CA ARG I 9 -8.01 -28.19 -32.27
C ARG I 9 -6.58 -28.29 -31.81
N ASP I 10 -6.00 -29.47 -31.95
CA ASP I 10 -4.59 -29.71 -31.64
C ASP I 10 -3.73 -29.14 -32.76
N THR I 11 -2.97 -28.08 -32.47
CA THR I 11 -2.14 -27.39 -33.45
C THR I 11 -0.68 -27.40 -33.00
N ASP I 12 0.23 -27.29 -33.97
CA ASP I 12 1.66 -27.21 -33.67
C ASP I 12 2.38 -26.52 -34.83
N TRP I 13 3.38 -25.70 -34.49
CA TRP I 13 4.05 -24.87 -35.49
C TRP I 13 5.55 -24.79 -35.21
N SER I 14 6.34 -24.94 -36.26
CA SER I 14 7.75 -24.57 -36.23
C SER I 14 7.85 -23.11 -36.63
N ILE I 15 8.78 -22.37 -36.02
CA ILE I 15 8.87 -20.92 -36.15
C ILE I 15 10.33 -20.53 -36.35
N TRP I 16 10.62 -19.80 -37.43
CA TRP I 16 11.94 -19.25 -37.67
C TRP I 16 11.79 -17.77 -37.92
N SER I 17 12.65 -16.95 -37.31
CA SER I 17 12.70 -15.54 -37.67
C SER I 17 13.95 -15.30 -38.50
N LEU I 18 13.78 -14.70 -39.68
CA LEU I 18 14.87 -14.62 -40.66
C LEU I 18 15.15 -13.16 -41.01
N ALA I 19 16.40 -12.74 -40.80
CA ALA I 19 16.85 -11.43 -41.26
C ALA I 19 17.10 -11.50 -42.75
N TYR I 20 16.40 -10.68 -43.52
CA TYR I 20 16.68 -10.53 -44.95
C TYR I 20 17.41 -9.23 -45.25
N CYS I 21 17.58 -8.38 -44.26
CA CYS I 21 18.25 -7.09 -44.46
C CYS I 21 18.57 -6.54 -43.08
N GLN I 22 19.41 -5.50 -43.06
CA GLN I 22 19.81 -4.77 -41.87
C GLN I 22 19.72 -3.26 -42.14
N VAL I 23 19.49 -2.50 -41.08
CA VAL I 23 19.33 -1.04 -41.14
C VAL I 23 20.07 -0.41 -39.97
N ASP I 24 20.86 0.64 -40.25
CA ASP I 24 21.51 1.44 -39.24
C ASP I 24 20.58 2.62 -38.91
N MET I 25 20.15 2.73 -37.66
CA MET I 25 19.05 3.63 -37.32
C MET I 25 19.22 4.20 -35.92
N ALA I 26 18.83 5.47 -35.74
CA ALA I 26 18.85 6.10 -34.43
C ALA I 26 18.06 5.25 -33.43
N LYS I 27 18.60 5.15 -32.21
CA LYS I 27 17.96 4.29 -31.22
C LYS I 27 16.58 4.80 -30.82
N ASP I 28 16.39 6.14 -30.76
CA ASP I 28 15.10 6.71 -30.34
C ASP I 28 13.97 6.42 -31.33
N PHE I 29 14.30 6.27 -32.61
CA PHE I 29 13.32 5.86 -33.60
C PHE I 29 12.58 4.61 -33.14
N PHE I 30 13.32 3.57 -32.73
CA PHE I 30 12.71 2.32 -32.29
C PHE I 30 12.43 2.27 -30.79
N GLY I 31 13.25 2.90 -29.97
CA GLY I 31 13.19 2.63 -28.55
C GLY I 31 12.42 3.68 -27.78
N GLY I 32 12.28 4.88 -28.33
CA GLY I 32 11.48 5.90 -27.70
C GLY I 32 12.23 7.18 -27.47
N ALA I 33 11.54 8.32 -27.60
CA ALA I 33 12.14 9.59 -27.23
C ALA I 33 12.34 9.62 -25.72
N GLY I 34 13.30 10.44 -25.28
CA GLY I 34 13.64 10.50 -23.87
C GLY I 34 14.51 9.33 -23.48
N ILE I 35 13.94 8.12 -23.42
CA ILE I 35 14.71 7.00 -22.89
C ILE I 35 15.92 6.71 -23.79
N PHE I 36 15.74 6.79 -25.11
CA PHE I 36 16.83 6.55 -26.06
C PHE I 36 17.20 7.79 -26.87
N SER I 37 16.82 9.00 -26.43
CA SER I 37 17.22 10.19 -27.16
C SER I 37 18.74 10.38 -27.11
N ASN I 38 19.29 10.83 -28.23
CA ASN I 38 20.70 11.17 -28.36
C ASN I 38 21.64 10.02 -27.93
N SER I 39 21.26 8.80 -28.29
CA SER I 39 22.02 7.59 -27.96
C SER I 39 22.72 6.99 -29.17
N GLY I 40 22.86 7.74 -30.27
CA GLY I 40 23.52 7.22 -31.46
C GLY I 40 22.63 6.29 -32.26
N THR I 41 23.28 5.47 -33.09
CA THR I 41 22.60 4.51 -33.94
C THR I 41 23.07 3.10 -33.63
N CYS I 42 22.40 2.13 -34.24
CA CYS I 42 22.81 0.74 -34.10
C CYS I 42 22.27 -0.01 -35.31
N ILE I 43 22.80 -1.23 -35.51
CA ILE I 43 22.31 -2.11 -36.57
C ILE I 43 21.08 -2.82 -36.01
N ASN I 44 20.01 -2.89 -36.82
CA ASN I 44 18.73 -3.52 -36.50
C ASN I 44 18.33 -4.40 -37.66
N PRO I 45 17.81 -5.58 -37.38
CA PRO I 45 17.45 -6.52 -38.45
C PRO I 45 16.14 -6.15 -39.13
N MET I 46 16.06 -6.46 -40.42
CA MET I 46 14.80 -6.50 -41.18
C MET I 46 14.42 -7.98 -41.30
N ILE I 47 13.20 -8.30 -40.88
CA ILE I 47 12.87 -9.66 -40.49
C ILE I 47 11.53 -10.06 -41.08
N TYR I 48 11.43 -11.32 -41.48
CA TYR I 48 10.11 -11.93 -41.57
C TYR I 48 10.20 -13.30 -40.94
N THR I 49 9.04 -13.85 -40.61
CA THR I 49 8.96 -15.03 -39.78
C THR I 49 8.25 -16.13 -40.57
N LEU I 50 8.88 -17.29 -40.61
CA LEU I 50 8.36 -18.45 -41.30
C LEU I 50 7.72 -19.37 -40.28
N LEU I 51 6.46 -19.74 -40.52
CA LEU I 51 5.75 -20.70 -39.70
C LEU I 51 5.33 -21.88 -40.56
N VAL I 52 5.64 -23.10 -40.11
CA VAL I 52 5.32 -24.34 -40.80
C VAL I 52 4.58 -25.22 -39.82
N GLY I 53 3.39 -25.64 -40.19
CA GLY I 53 2.59 -26.50 -39.32
C GLY I 53 1.10 -26.28 -39.57
N GLY I 54 0.34 -26.28 -38.48
CA GLY I 54 -1.10 -26.24 -38.54
C GLY I 54 -1.69 -27.34 -37.67
N GLU I 55 -2.84 -27.87 -38.04
CA GLU I 55 -3.45 -28.90 -37.23
C GLU I 55 -2.59 -30.16 -37.24
N VAL I 56 -2.27 -30.66 -36.05
CA VAL I 56 -1.51 -31.90 -35.92
C VAL I 56 -2.24 -33.03 -36.63
N GLY I 57 -1.51 -33.79 -37.44
CA GLY I 57 -2.09 -34.81 -38.31
C GLY I 57 -2.95 -34.29 -39.43
N GLY I 58 -2.90 -33.00 -39.73
CA GLY I 58 -3.73 -32.46 -40.79
C GLY I 58 -2.92 -31.72 -41.84
N LYS I 59 -3.54 -30.76 -42.53
CA LYS I 59 -2.82 -30.05 -43.58
C LYS I 59 -1.67 -29.28 -42.97
N GLN I 60 -0.50 -29.37 -43.60
CA GLN I 60 0.66 -28.61 -43.17
C GLN I 60 0.80 -27.37 -44.04
N HIS I 61 0.73 -26.20 -43.41
CA HIS I 61 0.83 -24.90 -44.07
C HIS I 61 2.25 -24.37 -43.97
N VAL I 62 2.63 -23.61 -44.98
CA VAL I 62 3.89 -22.87 -44.99
C VAL I 62 3.50 -21.39 -45.02
N VAL I 63 3.77 -20.70 -43.93
CA VAL I 63 3.22 -19.37 -43.68
C VAL I 63 4.35 -18.39 -43.43
N LEU I 64 4.19 -17.18 -43.94
CA LEU I 64 5.08 -16.05 -43.65
C LEU I 64 4.29 -15.01 -42.87
N VAL I 65 4.86 -14.53 -41.78
CA VAL I 65 4.38 -13.28 -41.18
C VAL I 65 5.24 -12.18 -41.79
N ASP I 66 4.62 -11.39 -42.67
CA ASP I 66 5.33 -10.38 -43.45
C ASP I 66 6.27 -10.99 -44.50
N CYS I 67 6.78 -10.17 -45.41
CA CYS I 67 7.62 -10.71 -46.47
C CYS I 67 8.68 -9.72 -46.93
N GLY I 68 8.95 -8.66 -46.17
CA GLY I 68 10.02 -7.74 -46.51
C GLY I 68 9.66 -6.86 -47.70
N PHE I 69 10.62 -6.04 -48.11
CA PHE I 69 10.50 -5.21 -49.29
C PHE I 69 11.42 -5.69 -50.41
N GLN I 70 11.27 -5.07 -51.58
CA GLN I 70 11.97 -5.48 -52.77
C GLN I 70 13.33 -4.80 -52.88
N ASN I 71 14.16 -5.34 -53.76
CA ASN I 71 15.45 -4.75 -54.09
C ASN I 71 15.16 -3.59 -55.04
N ASP I 72 14.71 -2.47 -54.48
CA ASP I 72 14.25 -1.35 -55.29
C ASP I 72 14.76 -0.06 -54.66
N HIS I 73 14.11 1.04 -55.04
CA HIS I 73 14.50 2.39 -54.60
C HIS I 73 14.51 2.55 -53.07
N TRP I 74 13.81 1.68 -52.34
CA TRP I 74 13.80 1.78 -50.87
C TRP I 74 15.18 1.56 -50.29
N LEU I 75 16.04 0.80 -50.97
CA LEU I 75 17.39 0.55 -50.47
C LEU I 75 18.17 1.84 -50.23
N THR I 76 17.85 2.91 -50.95
CA THR I 76 18.51 4.20 -50.77
C THR I 76 17.78 5.14 -49.81
N ARG I 77 16.57 4.79 -49.37
CA ARG I 77 15.82 5.70 -48.51
C ARG I 77 16.30 5.65 -47.07
N TYR I 78 16.87 4.53 -46.65
CA TYR I 78 17.43 4.35 -45.33
C TYR I 78 18.81 3.72 -45.49
N ALA I 79 19.52 3.59 -44.38
CA ALA I 79 20.89 3.09 -44.42
C ALA I 79 20.82 1.55 -44.32
N PHE I 80 20.36 0.96 -45.41
CA PHE I 80 20.20 -0.49 -45.49
C PHE I 80 21.49 -1.16 -45.96
N SER I 81 21.62 -2.42 -45.61
CA SER I 81 22.76 -3.21 -46.06
C SER I 81 22.37 -4.67 -46.04
N SER I 82 23.01 -5.45 -46.92
CA SER I 82 22.93 -6.90 -46.86
C SER I 82 21.56 -7.42 -47.27
N TRP I 83 20.89 -6.74 -48.20
CA TRP I 83 19.59 -7.22 -48.66
C TRP I 83 19.72 -8.58 -49.35
N GLU I 84 18.80 -9.46 -49.07
CA GLU I 84 18.81 -10.79 -49.66
C GLU I 84 17.43 -11.16 -50.19
N ASP I 85 17.47 -11.95 -51.24
CA ASP I 85 16.31 -12.48 -51.93
C ASP I 85 15.62 -13.54 -51.08
N PRO I 86 14.31 -13.70 -51.22
CA PRO I 86 13.62 -14.79 -50.51
C PRO I 86 14.12 -16.18 -50.88
N LYS I 87 14.56 -16.42 -52.14
CA LYS I 87 15.13 -17.72 -52.49
C LYS I 87 16.38 -18.03 -51.66
N ASP I 88 17.24 -17.04 -51.39
CA ASP I 88 18.41 -17.29 -50.55
C ASP I 88 18.01 -17.44 -49.07
N VAL I 89 17.12 -16.55 -48.58
CA VAL I 89 16.76 -16.54 -47.16
C VAL I 89 16.00 -17.80 -46.76
N LEU I 90 14.99 -18.17 -47.55
CA LEU I 90 14.22 -19.37 -47.21
C LEU I 90 14.99 -20.65 -47.54
N GLY I 91 15.86 -20.61 -48.55
CA GLY I 91 16.63 -21.79 -48.88
C GLY I 91 17.44 -22.30 -47.70
N ARG I 92 17.95 -21.39 -46.86
CA ARG I 92 18.79 -21.79 -45.74
C ARG I 92 18.03 -22.59 -44.69
N VAL I 93 16.71 -22.49 -44.66
CA VAL I 93 15.88 -23.31 -43.79
C VAL I 93 15.09 -24.36 -44.56
N GLY I 94 15.40 -24.56 -45.85
CA GLY I 94 14.85 -25.66 -46.61
C GLY I 94 13.53 -25.44 -47.33
N PHE I 95 13.21 -24.20 -47.71
CA PHE I 95 11.97 -23.90 -48.40
C PHE I 95 12.30 -22.97 -49.56
N SER I 96 11.33 -22.77 -50.42
CA SER I 96 11.44 -21.83 -51.53
C SER I 96 10.22 -20.93 -51.52
N PRO I 97 10.30 -19.75 -52.16
CA PRO I 97 9.14 -18.84 -52.14
C PRO I 97 7.87 -19.45 -52.68
N GLU I 98 7.95 -20.42 -53.61
CA GLU I 98 6.77 -21.10 -54.14
C GLU I 98 6.07 -21.98 -53.11
N ASP I 99 6.75 -22.31 -52.02
CA ASP I 99 6.15 -23.14 -50.98
C ASP I 99 5.16 -22.38 -50.14
N VAL I 100 5.28 -21.06 -50.07
CA VAL I 100 4.53 -20.26 -49.12
C VAL I 100 3.09 -20.16 -49.58
N ASP I 101 2.16 -20.69 -48.78
CA ASP I 101 0.78 -20.60 -49.20
C ASP I 101 0.04 -19.42 -48.59
N THR I 102 0.62 -18.76 -47.58
CA THR I 102 -0.05 -17.67 -46.88
C THR I 102 0.97 -16.64 -46.40
N ILE I 103 0.67 -15.36 -46.61
CA ILE I 103 1.42 -14.25 -46.02
C ILE I 103 0.47 -13.44 -45.12
N LEU I 104 0.76 -13.43 -43.82
CA LEU I 104 0.01 -12.59 -42.86
C LEU I 104 0.72 -11.25 -42.70
N VAL I 105 0.07 -10.16 -43.05
CA VAL I 105 0.73 -8.86 -43.03
C VAL I 105 0.27 -8.08 -41.80
N THR I 106 1.23 -7.83 -40.91
CA THR I 106 0.98 -7.06 -39.71
C THR I 106 0.48 -5.66 -40.05
N HIS I 107 1.03 -5.05 -41.09
CA HIS I 107 0.64 -3.71 -41.53
C HIS I 107 1.29 -3.43 -42.89
N MET I 108 0.83 -2.38 -43.55
CA MET I 108 1.17 -2.14 -44.95
C MET I 108 2.40 -1.23 -45.13
N HIS I 109 3.26 -1.10 -44.12
CA HIS I 109 4.53 -0.43 -44.39
C HIS I 109 5.35 -1.21 -45.43
N PHE I 110 6.18 -0.47 -46.19
CA PHE I 110 6.85 -1.06 -47.36
C PHE I 110 7.65 -2.30 -46.98
N ASP I 111 8.27 -2.29 -45.82
CA ASP I 111 9.13 -3.39 -45.44
C ASP I 111 8.36 -4.60 -44.85
N HIS I 112 7.02 -4.61 -44.84
CA HIS I 112 6.31 -5.79 -44.39
C HIS I 112 5.43 -6.42 -45.46
N MET I 113 5.10 -5.70 -46.50
CA MET I 113 4.31 -6.26 -47.57
C MET I 113 4.88 -5.97 -48.95
N GLY I 114 6.00 -5.23 -49.04
CA GLY I 114 6.52 -4.77 -50.33
C GLY I 114 6.82 -5.87 -51.35
N ASN I 115 7.34 -7.01 -50.89
CA ASN I 115 7.84 -8.06 -51.78
C ASN I 115 6.89 -9.25 -51.90
N PHE I 116 5.58 -9.07 -51.69
CA PHE I 116 4.71 -10.25 -51.60
C PHE I 116 4.56 -10.94 -52.96
N GLU I 117 4.72 -10.19 -54.06
CA GLU I 117 4.65 -10.85 -55.36
C GLU I 117 5.84 -11.75 -55.62
N ALA I 118 6.85 -11.73 -54.75
CA ALA I 118 7.89 -12.76 -54.90
C ALA I 118 7.39 -14.14 -54.46
N PHE I 119 6.16 -14.25 -53.95
CA PHE I 119 5.58 -15.51 -53.48
C PHE I 119 4.34 -15.81 -54.32
N PRO I 120 4.50 -16.44 -55.49
CA PRO I 120 3.40 -16.48 -56.47
C PRO I 120 2.20 -17.33 -56.05
N ASN I 121 2.35 -18.21 -55.06
CA ASN I 121 1.30 -19.11 -54.59
C ASN I 121 0.66 -18.69 -53.27
N ALA I 122 1.02 -17.51 -52.75
CA ALA I 122 0.60 -17.13 -51.41
C ALA I 122 -0.62 -16.22 -51.43
N LYS I 123 -1.54 -16.45 -50.50
CA LYS I 123 -2.63 -15.53 -50.21
C LYS I 123 -2.18 -14.50 -49.18
N LEU I 124 -2.61 -13.26 -49.36
CA LEU I 124 -2.29 -12.17 -48.45
C LEU I 124 -3.49 -11.87 -47.54
N TYR I 125 -3.24 -11.77 -46.25
CA TYR I 125 -4.26 -11.39 -45.26
C TYR I 125 -3.90 -10.04 -44.66
N ILE I 126 -4.80 -9.07 -44.81
CA ILE I 126 -4.63 -7.70 -44.36
C ILE I 126 -5.91 -7.26 -43.65
N GLN I 127 -5.77 -6.43 -42.60
CA GLN I 127 -6.95 -5.86 -41.94
C GLN I 127 -7.63 -4.86 -42.86
N LEU I 128 -8.95 -4.95 -42.96
CA LEU I 128 -9.69 -3.95 -43.73
C LEU I 128 -9.38 -2.53 -43.26
N ASP I 129 -9.27 -2.31 -41.94
CA ASP I 129 -8.98 -0.95 -41.44
C ASP I 129 -7.60 -0.46 -41.89
N GLU I 130 -6.63 -1.35 -42.04
CA GLU I 130 -5.33 -0.97 -42.58
C GLU I 130 -5.45 -0.48 -44.03
N TYR I 131 -6.14 -1.27 -44.87
CA TYR I 131 -6.30 -0.90 -46.28
C TYR I 131 -7.05 0.41 -46.41
N THR I 132 -8.13 0.55 -45.66
CA THR I 132 -8.97 1.74 -45.73
C THR I 132 -8.25 2.97 -45.20
N GLY I 133 -7.58 2.82 -44.05
CA GLY I 133 -6.80 3.92 -43.51
C GLY I 133 -5.78 4.45 -44.50
N TRP I 134 -4.98 3.55 -45.09
CA TRP I 134 -3.96 4.06 -46.00
C TRP I 134 -4.59 4.69 -47.24
N SER I 135 -5.66 4.10 -47.78
CA SER I 135 -6.31 4.72 -48.93
C SER I 135 -6.72 6.15 -48.63
N LYS I 136 -7.39 6.36 -47.49
CA LYS I 136 -7.80 7.71 -47.10
C LYS I 136 -6.59 8.61 -46.91
N ALA I 137 -5.55 8.11 -46.21
CA ALA I 137 -4.38 8.93 -45.90
C ALA I 137 -3.62 9.32 -47.16
N VAL I 138 -3.42 8.38 -48.08
CA VAL I 138 -2.73 8.77 -49.30
C VAL I 138 -3.52 9.86 -50.00
N CYS I 139 -4.83 9.69 -50.10
CA CYS I 139 -5.64 10.70 -50.78
C CYS I 139 -5.60 12.04 -50.04
N SER I 140 -5.72 12.04 -48.70
CA SER I 140 -5.69 13.32 -47.97
C SER I 140 -4.37 14.07 -48.16
N SER I 141 -3.25 13.34 -48.26
CA SER I 141 -1.96 13.99 -48.35
C SER I 141 -1.81 14.81 -49.62
N HIS I 142 -2.52 14.46 -50.67
CA HIS I 142 -2.33 15.26 -51.90
C HIS I 142 -2.97 16.64 -51.82
N GLN I 143 -3.49 17.09 -50.67
CA GLN I 143 -3.91 18.48 -50.50
C GLN I 143 -2.73 19.41 -50.22
N HIS I 144 -1.57 18.87 -49.85
CA HIS I 144 -0.39 19.67 -49.66
C HIS I 144 0.28 19.96 -51.00
N GLU I 145 0.78 21.20 -51.12
CA GLU I 145 1.29 21.66 -52.42
C GLU I 145 2.70 21.16 -52.71
N THR I 146 3.47 20.86 -51.67
CA THR I 146 4.86 20.45 -51.79
C THR I 146 5.07 19.01 -51.32
N GLU I 147 6.17 18.43 -51.80
CA GLU I 147 6.52 17.07 -51.41
C GLU I 147 7.06 17.01 -49.98
N GLU I 148 7.65 18.09 -49.48
CA GLU I 148 8.13 18.12 -48.09
C GLU I 148 6.99 18.02 -47.08
N GLU I 149 5.83 18.58 -47.40
CA GLU I 149 4.71 18.46 -46.47
C GLU I 149 4.15 17.05 -46.43
N LYS I 150 4.48 16.21 -47.40
CA LYS I 150 3.99 14.83 -47.43
C LYS I 150 4.99 13.83 -46.86
N GLU I 151 6.21 14.25 -46.54
CA GLU I 151 7.22 13.24 -46.24
C GLU I 151 6.79 12.31 -45.10
N TRP I 152 6.23 12.86 -44.02
CA TRP I 152 5.98 12.01 -42.86
C TRP I 152 4.99 10.91 -43.15
N VAL I 153 3.88 11.20 -43.85
CA VAL I 153 2.94 10.12 -44.13
C VAL I 153 3.56 9.04 -45.01
N PHE I 154 4.50 9.39 -45.92
CA PHE I 154 5.12 8.39 -46.79
C PHE I 154 6.49 7.91 -46.29
N THR I 155 6.87 8.21 -45.04
CA THR I 155 8.19 7.76 -44.57
C THR I 155 8.35 6.26 -44.67
N SER I 156 7.28 5.50 -44.48
CA SER I 156 7.35 4.04 -44.50
C SER I 156 6.31 3.44 -45.41
N PHE I 157 5.69 4.24 -46.26
CA PHE I 157 4.57 3.77 -47.07
C PHE I 157 4.81 4.10 -48.53
N ASP I 158 4.60 3.11 -49.38
CA ASP I 158 4.80 3.19 -50.82
C ASP I 158 3.45 3.18 -51.52
N PRO I 159 3.01 4.28 -52.15
CA PRO I 159 1.70 4.26 -52.81
C PRO I 159 1.56 3.13 -53.84
N ALA I 160 2.67 2.62 -54.38
CA ALA I 160 2.59 1.45 -55.25
C ALA I 160 2.05 0.21 -54.54
N ASP I 161 2.23 0.11 -53.21
CA ASP I 161 1.69 -1.03 -52.50
C ASP I 161 0.18 -0.94 -52.38
N LEU I 162 -0.35 0.27 -52.38
CA LEU I 162 -1.79 0.42 -52.50
C LEU I 162 -2.27 -0.17 -53.81
N ILE I 163 -1.52 0.08 -54.90
CA ILE I 163 -1.94 -0.41 -56.20
C ILE I 163 -1.85 -1.94 -56.27
N ARG I 164 -0.75 -2.49 -55.76
CA ARG I 164 -0.58 -3.94 -55.76
C ARG I 164 -1.68 -4.62 -54.94
N ALA I 165 -2.05 -4.03 -53.81
CA ALA I 165 -3.12 -4.58 -52.97
C ALA I 165 -4.46 -4.62 -53.71
N ALA I 166 -4.83 -3.53 -54.38
CA ALA I 166 -6.06 -3.55 -55.17
C ALA I 166 -6.00 -4.59 -56.28
N GLN I 167 -4.85 -4.72 -56.96
CA GLN I 167 -4.70 -5.79 -57.94
C GLN I 167 -4.88 -7.15 -57.28
N GLY I 168 -4.29 -7.33 -56.09
CA GLY I 168 -4.45 -8.59 -55.39
C GLY I 168 -5.90 -8.86 -54.99
N ILE I 169 -6.62 -7.81 -54.58
CA ILE I 169 -8.03 -7.97 -54.27
C ILE I 169 -8.81 -8.42 -55.49
N SER I 170 -8.58 -7.75 -56.62
CA SER I 170 -9.32 -8.13 -57.82
C SER I 170 -8.93 -9.51 -58.29
N ASP I 171 -7.67 -9.90 -58.07
CA ASP I 171 -7.17 -11.22 -58.42
C ASP I 171 -7.66 -12.33 -57.50
N GLY I 172 -8.20 -11.98 -56.31
CA GLY I 172 -8.50 -13.00 -55.33
C GLY I 172 -7.32 -13.50 -54.52
N ARG I 173 -6.16 -12.81 -54.58
CA ARG I 173 -4.98 -13.15 -53.80
C ARG I 173 -4.89 -12.42 -52.47
N VAL I 174 -5.68 -11.37 -52.28
CA VAL I 174 -5.67 -10.61 -51.04
C VAL I 174 -6.99 -10.85 -50.35
N LYS I 175 -6.93 -11.14 -49.05
CA LYS I 175 -8.11 -11.34 -48.22
C LYS I 175 -8.07 -10.38 -47.04
N PHE I 176 -9.23 -9.85 -46.72
CA PHE I 176 -9.41 -8.97 -45.58
C PHE I 176 -9.75 -9.76 -44.33
N ILE I 177 -9.14 -9.38 -43.23
CA ILE I 177 -9.61 -9.71 -41.89
C ILE I 177 -10.27 -8.46 -41.34
N THR I 178 -11.36 -8.65 -40.61
CA THR I 178 -12.10 -7.57 -39.96
C THR I 178 -12.18 -7.91 -38.48
N GLY I 179 -11.26 -7.38 -37.70
CA GLY I 179 -11.25 -7.73 -36.29
C GLY I 179 -10.37 -8.95 -36.04
N ASP I 180 -10.75 -9.75 -35.05
CA ASP I 180 -10.01 -10.93 -34.64
C ASP I 180 -10.50 -12.15 -35.38
N GLU I 181 -9.58 -13.03 -35.75
CA GLU I 181 -9.99 -14.18 -36.51
C GLU I 181 -8.89 -15.22 -36.46
N GLU I 182 -9.29 -16.47 -36.24
CA GLU I 182 -8.37 -17.60 -36.32
C GLU I 182 -8.21 -17.92 -37.80
N ILE I 183 -7.12 -17.43 -38.39
CA ILE I 183 -6.95 -17.51 -39.83
C ILE I 183 -6.50 -18.90 -40.27
N LEU I 184 -5.57 -19.49 -39.54
CA LEU I 184 -5.11 -20.86 -39.71
C LEU I 184 -5.23 -21.58 -38.38
N PRO I 185 -5.23 -22.92 -38.39
CA PRO I 185 -5.39 -23.64 -37.12
C PRO I 185 -4.29 -23.27 -36.13
N GLY I 186 -4.66 -22.63 -35.02
CA GLY I 186 -3.69 -22.20 -34.03
C GLY I 186 -3.08 -20.84 -34.29
N ILE I 187 -3.49 -20.10 -35.31
CA ILE I 187 -2.99 -18.75 -35.54
C ILE I 187 -4.17 -17.80 -35.48
N THR I 188 -4.18 -16.93 -34.49
CA THR I 188 -5.26 -15.96 -34.31
C THR I 188 -4.73 -14.58 -34.64
N ALA I 189 -5.38 -13.92 -35.58
CA ALA I 189 -5.03 -12.53 -35.86
C ALA I 189 -5.78 -11.62 -34.89
N ARG I 190 -5.06 -10.63 -34.35
CA ARG I 190 -5.60 -9.69 -33.37
C ARG I 190 -5.49 -8.28 -33.94
N LEU I 191 -6.63 -7.67 -34.20
CA LEU I 191 -6.63 -6.28 -34.65
C LEU I 191 -6.21 -5.33 -33.52
N ALA I 192 -5.25 -4.48 -33.81
CA ALA I 192 -4.86 -3.42 -32.86
C ALA I 192 -5.06 -2.08 -33.57
N LYS I 193 -6.32 -1.65 -33.61
CA LYS I 193 -6.69 -0.45 -34.35
C LYS I 193 -5.90 0.77 -33.88
N ASP I 194 -5.33 1.50 -34.84
CA ASP I 194 -4.62 2.75 -34.53
C ASP I 194 -3.53 2.51 -33.49
N SER I 195 -2.76 1.44 -33.64
CA SER I 195 -1.65 1.24 -32.72
C SER I 195 -0.36 1.71 -33.37
N HIS I 196 0.38 0.82 -34.06
CA HIS I 196 1.48 1.28 -34.91
C HIS I 196 0.96 1.99 -36.15
N THR I 197 -0.14 1.49 -36.73
CA THR I 197 -0.79 2.10 -37.88
C THR I 197 -2.28 1.85 -37.74
N PHE I 198 -3.04 2.34 -38.73
CA PHE I 198 -4.49 2.27 -38.72
C PHE I 198 -5.03 0.91 -38.33
N GLY I 199 -4.56 -0.16 -38.99
CA GLY I 199 -5.10 -1.48 -38.76
C GLY I 199 -4.01 -2.50 -38.57
N SER I 200 -2.97 -2.13 -37.79
CA SER I 200 -1.96 -3.12 -37.41
C SER I 200 -2.65 -4.34 -36.80
N GLN I 201 -2.10 -5.52 -37.06
CA GLN I 201 -2.57 -6.73 -36.41
C GLN I 201 -1.38 -7.54 -35.91
N TRP I 202 -1.57 -8.24 -34.80
CA TRP I 202 -0.55 -9.19 -34.34
C TRP I 202 -1.14 -10.59 -34.36
N PHE I 203 -0.29 -11.59 -34.19
CA PHE I 203 -0.71 -12.98 -34.39
C PHE I 203 -0.29 -13.81 -33.19
N GLU I 204 -1.25 -14.54 -32.60
CA GLU I 204 -1.00 -15.51 -31.54
C GLU I 204 -0.83 -16.88 -32.15
N VAL I 205 0.29 -17.53 -31.86
CA VAL I 205 0.62 -18.83 -32.45
C VAL I 205 0.64 -19.86 -31.34
N ASN I 206 -0.23 -20.87 -31.45
CA ASN I 206 -0.33 -21.90 -30.43
C ASN I 206 0.42 -23.14 -30.86
N THR I 207 1.44 -23.50 -30.08
CA THR I 207 2.26 -24.66 -30.33
C THR I 207 2.22 -25.59 -29.13
N HIS I 208 2.77 -26.78 -29.34
CA HIS I 208 2.92 -27.75 -28.27
C HIS I 208 3.88 -27.26 -27.19
N ASN I 209 4.73 -26.29 -27.50
CA ASN I 209 5.56 -25.62 -26.52
C ASN I 209 4.97 -24.29 -26.02
N GLY I 210 3.67 -24.05 -26.21
CA GLY I 210 3.05 -22.84 -25.72
C GLY I 210 2.87 -21.73 -26.75
N PRO I 211 2.46 -20.55 -26.28
CA PRO I 211 2.15 -19.45 -27.20
C PRO I 211 3.37 -18.64 -27.65
N PHE I 212 3.30 -18.17 -28.88
CA PHE I 212 4.26 -17.21 -29.41
C PHE I 212 3.49 -16.07 -30.07
N ILE I 213 4.12 -14.90 -30.10
CA ILE I 213 3.47 -13.74 -30.67
C ILE I 213 4.37 -13.14 -31.73
N ALA I 214 3.82 -12.96 -32.93
CA ALA I 214 4.44 -12.14 -33.97
C ALA I 214 3.81 -10.77 -33.85
N ALA I 215 4.55 -9.81 -33.28
CA ALA I 215 3.99 -8.52 -32.87
C ALA I 215 3.95 -7.47 -33.97
N GLY I 216 4.59 -7.71 -35.12
CA GLY I 216 4.73 -6.65 -36.12
C GLY I 216 5.58 -5.53 -35.56
N ASP I 217 5.26 -4.30 -35.95
CA ASP I 217 5.99 -3.15 -35.41
C ASP I 217 5.30 -2.52 -34.19
N ILE I 218 4.20 -3.10 -33.71
CA ILE I 218 3.64 -2.67 -32.44
C ILE I 218 4.74 -2.72 -31.39
N VAL I 219 5.55 -3.78 -31.43
CA VAL I 219 6.74 -3.94 -30.61
C VAL I 219 7.96 -3.93 -31.54
N TYR I 220 8.54 -2.74 -31.73
CA TYR I 220 9.79 -2.62 -32.46
C TYR I 220 10.90 -3.41 -31.78
N TRP I 221 11.03 -3.20 -30.47
CA TRP I 221 12.14 -3.66 -29.62
C TRP I 221 11.55 -4.25 -28.35
N TYR I 222 12.22 -5.28 -27.82
CA TYR I 222 11.79 -5.85 -26.55
C TYR I 222 11.59 -4.76 -25.51
N SER I 223 12.45 -3.73 -25.53
CA SER I 223 12.39 -2.69 -24.51
C SER I 223 11.08 -1.88 -24.56
N ASN I 224 10.45 -1.75 -25.73
CA ASN I 224 9.14 -1.10 -25.79
C ASN I 224 8.16 -1.70 -24.82
N ILE I 225 8.07 -3.04 -24.83
CA ILE I 225 7.09 -3.77 -24.04
C ILE I 225 7.62 -4.10 -22.64
N GLU I 226 8.94 -4.20 -22.47
CA GLU I 226 9.51 -4.45 -21.15
C GLU I 226 9.44 -3.18 -20.28
N ARG I 227 9.71 -2.01 -20.88
CA ARG I 227 9.66 -0.71 -20.24
C ARG I 227 8.32 -0.01 -20.40
N MET I 228 7.40 -0.55 -21.22
CA MET I 228 6.11 0.10 -21.48
C MET I 228 6.31 1.54 -21.97
N TRP I 229 7.09 1.67 -23.05
CA TRP I 229 7.55 2.96 -23.56
C TRP I 229 7.48 2.88 -25.08
N PRO I 230 6.44 3.44 -25.69
CA PRO I 230 6.26 3.31 -27.15
C PRO I 230 7.33 4.06 -27.93
N PRO I 231 7.51 3.74 -29.21
CA PRO I 231 8.67 4.23 -29.97
C PRO I 231 8.59 5.72 -30.29
N GLY I 232 9.74 6.27 -30.70
CA GLY I 232 9.78 7.66 -31.11
C GLY I 232 9.13 7.90 -32.45
N TYR I 233 9.11 6.89 -33.30
CA TYR I 233 8.42 6.97 -34.58
C TYR I 233 7.38 5.87 -34.64
N HIS I 234 6.12 6.27 -34.83
CA HIS I 234 5.03 5.36 -35.11
C HIS I 234 3.93 6.21 -35.73
N GLN I 235 2.95 5.55 -36.31
CA GLN I 235 1.93 6.27 -37.03
C GLN I 235 0.54 5.94 -36.50
N GLY I 236 0.43 5.77 -35.18
CA GLY I 236 -0.85 5.51 -34.53
C GLY I 236 -0.88 6.17 -33.16
N ASN I 237 -1.46 5.47 -32.19
CA ASN I 237 -1.79 6.03 -30.89
C ASN I 237 -0.94 5.36 -29.80
N ALA I 238 -0.13 6.16 -29.10
CA ALA I 238 0.80 5.61 -28.12
C ALA I 238 0.09 4.91 -26.98
N PHE I 239 -1.02 5.47 -26.48
CA PHE I 239 -1.75 4.79 -25.42
C PHE I 239 -2.43 3.51 -25.90
N ASN I 240 -2.85 3.46 -27.18
CA ASN I 240 -3.31 2.19 -27.76
C ASN I 240 -2.21 1.14 -27.74
N GLN I 241 -0.98 1.55 -28.04
CA GLN I 241 0.13 0.60 -27.96
C GLN I 241 0.32 0.10 -26.53
N ILE I 242 0.23 1.00 -25.54
CA ILE I 242 0.27 0.58 -24.13
C ILE I 242 -0.74 -0.52 -23.87
N ASP I 243 -1.98 -0.34 -24.35
CA ASP I 243 -3.00 -1.37 -24.11
C ASP I 243 -2.64 -2.69 -24.79
N VAL I 244 -2.10 -2.63 -26.01
CA VAL I 244 -1.68 -3.85 -26.71
C VAL I 244 -0.57 -4.55 -25.96
N TYR I 245 0.41 -3.79 -25.43
CA TYR I 245 1.47 -4.42 -24.64
C TYR I 245 0.91 -5.23 -23.48
N ARG I 246 -0.11 -4.71 -22.79
CA ARG I 246 -0.69 -5.45 -21.67
C ARG I 246 -1.37 -6.73 -22.15
N GLN I 247 -2.11 -6.65 -23.27
CA GLN I 247 -2.73 -7.84 -23.84
C GLN I 247 -1.68 -8.89 -24.19
N MET I 248 -0.59 -8.46 -24.84
CA MET I 248 0.49 -9.37 -25.23
C MET I 248 1.14 -10.02 -24.02
N ARG I 249 1.48 -9.21 -22.99
CA ARG I 249 2.07 -9.74 -21.76
C ARG I 249 1.19 -10.82 -21.17
N SER I 250 -0.13 -10.63 -21.22
CA SER I 250 -1.04 -11.58 -20.65
C SER I 250 -0.95 -12.92 -21.38
N VAL I 251 -0.92 -12.90 -22.72
CA VAL I 251 -0.83 -14.12 -23.51
C VAL I 251 0.43 -14.92 -23.16
N VAL I 252 1.58 -14.24 -23.06
CA VAL I 252 2.84 -14.96 -22.84
C VAL I 252 3.25 -14.97 -21.38
N LYS I 253 2.37 -14.54 -20.48
CA LYS I 253 2.67 -14.53 -19.04
C LYS I 253 4.00 -13.84 -18.74
N ASN I 254 4.27 -12.72 -19.43
CA ASN I 254 5.50 -11.97 -19.23
C ASN I 254 6.79 -12.73 -19.60
N LYS I 255 6.70 -13.81 -20.39
CA LYS I 255 7.88 -14.47 -21.00
C LYS I 255 8.17 -13.74 -22.31
N PHE I 256 8.93 -12.65 -22.21
CA PHE I 256 9.06 -11.71 -23.32
C PHE I 256 9.73 -12.37 -24.52
N GLU I 257 10.59 -13.36 -24.31
CA GLU I 257 11.22 -14.02 -25.45
C GLU I 257 10.20 -14.73 -26.34
N ARG I 258 8.95 -14.87 -25.88
CA ARG I 258 7.87 -15.39 -26.73
C ARG I 258 7.31 -14.37 -27.71
N ILE I 259 7.70 -13.11 -27.59
CA ILE I 259 7.25 -12.07 -28.49
C ILE I 259 8.35 -11.85 -29.52
N ILE I 260 7.96 -11.87 -30.79
CA ILE I 260 8.88 -11.60 -31.89
C ILE I 260 8.79 -10.12 -32.22
N PRO I 261 9.75 -9.29 -31.83
CA PRO I 261 9.71 -7.87 -32.21
C PRO I 261 10.08 -7.63 -33.67
N GLY I 262 9.76 -6.42 -34.14
CA GLY I 262 9.89 -6.11 -35.56
C GLY I 262 11.32 -5.91 -36.03
N HIS I 263 12.15 -5.27 -35.20
CA HIS I 263 13.44 -4.75 -35.66
C HIS I 263 14.49 -4.76 -34.55
N ASP I 264 14.58 -5.86 -33.80
CA ASP I 264 15.43 -5.85 -32.61
C ASP I 264 16.50 -6.95 -32.69
N ALA I 265 17.77 -6.53 -32.75
CA ALA I 265 18.87 -7.49 -32.78
C ALA I 265 18.95 -8.34 -31.51
N GLU I 266 18.32 -7.90 -30.40
CA GLU I 266 18.30 -8.72 -29.20
C GLU I 266 17.64 -10.07 -29.42
N ILE I 267 16.83 -10.20 -30.46
CA ILE I 267 16.21 -11.48 -30.72
C ILE I 267 17.27 -12.54 -31.00
N TRP I 268 18.41 -12.15 -31.60
CA TRP I 268 19.44 -13.16 -31.83
C TRP I 268 20.10 -13.60 -30.52
N ASN I 269 20.00 -12.81 -29.43
CA ASN I 269 20.55 -13.20 -28.14
C ASN I 269 19.61 -14.05 -27.30
N ARG I 270 18.36 -14.23 -27.71
CA ARG I 270 17.38 -14.90 -26.89
C ARG I 270 16.92 -16.23 -27.46
N HIS I 271 17.38 -16.61 -28.64
CA HIS I 271 16.94 -17.86 -29.25
C HIS I 271 18.14 -18.49 -29.95
N ASN I 272 18.03 -19.80 -30.19
CA ASN I 272 19.00 -20.58 -30.97
C ASN I 272 19.20 -19.90 -32.33
N THR I 273 20.36 -19.26 -32.52
CA THR I 273 20.62 -18.43 -33.70
C THR I 273 21.93 -18.82 -34.38
N TRP I 274 21.90 -18.84 -35.70
CA TRP I 274 23.13 -18.95 -36.47
C TRP I 274 23.10 -17.95 -37.62
N THR I 275 24.25 -17.75 -38.23
CA THR I 275 24.42 -16.71 -39.23
C THR I 275 24.71 -17.29 -40.62
N ALA I 276 24.25 -16.56 -41.63
CA ALA I 276 24.51 -16.86 -43.02
C ALA I 276 25.83 -16.23 -43.44
N PRO I 277 26.34 -16.54 -44.64
CA PRO I 277 27.63 -15.99 -45.05
C PRO I 277 27.74 -14.47 -44.94
N ASN I 278 26.70 -13.73 -45.35
CA ASN I 278 26.79 -12.28 -45.32
C ASN I 278 26.55 -11.69 -43.93
N GLY I 279 26.04 -12.45 -42.98
CA GLY I 279 25.84 -11.96 -41.62
C GLY I 279 24.41 -12.05 -41.15
N ASN I 280 23.45 -12.11 -42.09
CA ASN I 280 22.04 -12.16 -41.73
C ASN I 280 21.76 -13.39 -40.86
N GLN I 281 20.98 -13.19 -39.82
CA GLN I 281 20.77 -14.18 -38.78
C GLN I 281 19.55 -15.06 -39.08
N ILE I 282 19.54 -16.22 -38.45
CA ILE I 282 18.43 -17.17 -38.51
C ILE I 282 18.17 -17.59 -37.08
N ALA I 283 17.00 -17.24 -36.55
CA ALA I 283 16.60 -17.63 -35.21
C ALA I 283 15.60 -18.75 -35.33
N GLU I 284 15.88 -19.87 -34.67
CA GLU I 284 14.98 -21.01 -34.65
C GLU I 284 14.24 -20.95 -33.32
N LEU I 285 13.03 -20.38 -33.35
CA LEU I 285 12.26 -20.08 -32.15
C LEU I 285 11.61 -21.34 -31.58
N ASN I 286 11.08 -22.20 -32.45
CA ASN I 286 10.38 -23.40 -32.02
C ASN I 286 10.40 -24.45 -33.12
N LEU I 287 10.41 -25.71 -32.72
CA LEU I 287 10.33 -26.82 -33.65
C LEU I 287 9.13 -27.67 -33.25
N LYS I 288 8.19 -27.85 -34.17
CA LYS I 288 7.05 -28.68 -33.88
C LYS I 288 7.47 -30.15 -33.77
N ASP I 289 6.74 -30.89 -32.94
CA ASP I 289 6.92 -32.32 -32.73
C ASP I 289 7.29 -33.05 -34.02
N GLY I 290 8.47 -33.68 -34.02
CA GLY I 290 8.94 -34.49 -35.12
C GLY I 290 9.84 -33.76 -36.10
N ASP I 291 10.02 -32.46 -35.91
CA ASP I 291 10.81 -31.63 -36.79
C ASP I 291 12.23 -31.54 -36.26
N THR I 292 13.20 -31.50 -37.17
CA THR I 292 14.60 -31.44 -36.78
C THR I 292 15.17 -30.05 -37.04
N SER I 293 16.14 -29.65 -36.23
CA SER I 293 16.68 -28.29 -36.32
C SER I 293 17.35 -28.08 -37.68
N ARG I 294 17.35 -26.82 -38.13
CA ARG I 294 17.98 -26.43 -39.39
C ARG I 294 19.38 -25.88 -39.20
N ARG I 295 19.92 -25.94 -37.99
CA ARG I 295 21.27 -25.44 -37.78
C ARG I 295 22.27 -26.39 -38.41
N PRO I 296 23.27 -25.85 -39.15
CA PRO I 296 24.36 -26.57 -39.84
C PRO I 296 25.11 -27.55 -38.94
N ASP J 10 -18.58 41.06 -32.52
CA ASP J 10 -17.43 41.95 -32.63
C ASP J 10 -16.52 41.85 -31.39
N THR J 11 -15.41 41.11 -31.51
CA THR J 11 -14.51 40.81 -30.42
C THR J 11 -13.10 41.26 -30.74
N ASP J 12 -12.30 41.48 -29.70
CA ASP J 12 -10.92 41.93 -29.85
C ASP J 12 -10.12 41.50 -28.63
N TRP J 13 -8.87 41.10 -28.86
CA TRP J 13 -8.04 40.58 -27.79
C TRP J 13 -6.59 40.99 -27.99
N SER J 14 -5.95 41.42 -26.91
CA SER J 14 -4.49 41.51 -26.85
C SER J 14 -3.92 40.17 -26.40
N ILE J 15 -2.74 39.83 -26.93
CA ILE J 15 -2.14 38.50 -26.74
C ILE J 15 -0.66 38.64 -26.43
N TRP J 16 -0.23 38.08 -25.28
CA TRP J 16 1.18 37.97 -24.89
C TRP J 16 1.50 36.51 -24.56
N SER J 17 2.63 36.02 -25.07
CA SER J 17 3.15 34.72 -24.69
C SER J 17 4.33 34.92 -23.76
N LEU J 18 4.29 34.27 -22.61
CA LEU J 18 5.22 34.61 -21.54
C LEU J 18 5.99 33.36 -21.16
N ALA J 19 7.32 33.45 -21.21
CA ALA J 19 8.13 32.38 -20.66
C ALA J 19 8.13 32.50 -19.13
N TYR J 20 7.82 31.41 -18.43
CA TYR J 20 8.00 31.40 -16.99
C TYR J 20 9.15 30.48 -16.56
N CYS J 21 9.71 29.70 -17.48
CA CYS J 21 10.77 28.71 -17.22
C CYS J 21 11.40 28.31 -18.56
N GLN J 22 12.53 27.60 -18.49
CA GLN J 22 13.21 27.05 -19.67
C GLN J 22 13.62 25.60 -19.41
N VAL J 23 13.65 24.80 -20.47
CA VAL J 23 13.98 23.38 -20.35
C VAL J 23 15.01 23.00 -21.41
N ASP J 24 16.07 22.31 -20.99
CA ASP J 24 17.08 21.79 -21.91
C ASP J 24 16.66 20.38 -22.27
N MET J 25 16.40 20.14 -23.55
CA MET J 25 15.71 18.94 -23.99
C MET J 25 16.25 18.51 -25.34
N ALA J 26 16.34 17.19 -25.53
CA ALA J 26 16.68 16.62 -26.83
C ALA J 26 15.71 17.13 -27.90
N LYS J 27 16.25 17.41 -29.08
CA LYS J 27 15.43 17.98 -30.15
C LYS J 27 14.38 16.99 -30.67
N ASP J 28 14.74 15.69 -30.77
CA ASP J 28 13.80 14.72 -31.34
C ASP J 28 12.53 14.62 -30.51
N PHE J 29 12.66 14.84 -29.19
CA PHE J 29 11.51 14.89 -28.28
C PHE J 29 10.40 15.81 -28.80
N PHE J 30 10.75 17.06 -29.14
CA PHE J 30 9.78 18.03 -29.61
C PHE J 30 9.60 17.98 -31.13
N GLY J 31 10.63 17.61 -31.87
CA GLY J 31 10.59 17.82 -33.31
C GLY J 31 10.30 16.61 -34.15
N GLY J 32 10.53 15.40 -33.63
CA GLY J 32 10.22 14.22 -34.41
C GLY J 32 11.40 13.28 -34.47
N ALA J 33 11.11 11.98 -34.44
CA ALA J 33 12.15 10.95 -34.46
C ALA J 33 12.91 10.89 -35.78
N GLY J 34 12.30 11.24 -36.89
CA GLY J 34 13.10 11.10 -38.10
C GLY J 34 14.03 12.29 -38.31
N ILE J 35 13.37 13.41 -38.51
CA ILE J 35 13.98 14.67 -38.90
C ILE J 35 14.96 15.16 -37.83
N PHE J 36 14.70 14.91 -36.55
CA PHE J 36 15.54 15.47 -35.48
C PHE J 36 16.23 14.42 -34.61
N SER J 37 16.35 13.18 -35.06
CA SER J 37 17.07 12.18 -34.28
C SER J 37 18.56 12.52 -34.20
N ASN J 38 19.14 12.28 -33.02
CA ASN J 38 20.56 12.48 -32.77
C ASN J 38 21.03 13.88 -33.18
N SER J 39 20.18 14.89 -32.92
CA SER J 39 20.49 16.28 -33.22
C SER J 39 20.89 17.05 -31.97
N GLY J 40 21.25 16.34 -30.91
CA GLY J 40 21.62 17.02 -29.71
C GLY J 40 20.39 17.56 -29.00
N THR J 41 20.65 18.54 -28.15
CA THR J 41 19.69 19.21 -27.30
C THR J 41 19.66 20.71 -27.59
N CYS J 42 18.67 21.40 -27.01
CA CYS J 42 18.56 22.85 -27.09
C CYS J 42 17.67 23.34 -25.96
N ILE J 43 17.66 24.66 -25.77
CA ILE J 43 16.80 25.30 -24.76
C ILE J 43 15.44 25.54 -25.37
N ASN J 44 14.39 25.24 -24.61
CA ASN J 44 13.00 25.40 -25.03
C ASN J 44 12.24 26.16 -23.95
N PRO J 45 11.41 27.15 -24.32
CA PRO J 45 10.68 27.92 -23.31
C PRO J 45 9.49 27.13 -22.77
N MET J 46 9.20 27.37 -21.49
CA MET J 46 7.94 26.97 -20.85
C MET J 46 7.06 28.20 -20.79
N ILE J 47 5.87 28.11 -21.35
CA ILE J 47 5.10 29.28 -21.76
C ILE J 47 3.67 29.15 -21.26
N TYR J 48 3.09 30.27 -20.86
CA TYR J 48 1.65 30.39 -20.91
C TYR J 48 1.31 31.73 -21.58
N THR J 49 0.08 31.84 -22.06
CA THR J 49 -0.32 32.93 -22.93
C THR J 49 -1.43 33.73 -22.27
N LEU J 50 -1.22 35.05 -22.21
CA LEU J 50 -2.16 35.98 -21.59
C LEU J 50 -3.02 36.60 -22.67
N LEU J 51 -4.32 36.52 -22.48
CA LEU J 51 -5.30 37.11 -23.38
C LEU J 51 -6.15 38.08 -22.58
N VAL J 52 -6.23 39.33 -23.05
CA VAL J 52 -6.97 40.41 -22.40
C VAL J 52 -7.87 41.04 -23.44
N GLY J 53 -9.17 41.05 -23.18
CA GLY J 53 -10.12 41.59 -24.12
C GLY J 53 -11.48 40.91 -23.96
N GLY J 54 -12.12 40.63 -25.10
CA GLY J 54 -13.49 40.14 -25.15
C GLY J 54 -14.34 40.93 -26.13
N GLU J 55 -15.64 41.05 -25.87
CA GLU J 55 -16.50 41.82 -26.77
C GLU J 55 -16.15 43.30 -26.72
N VAL J 56 -15.94 43.91 -27.88
CA VAL J 56 -15.60 45.33 -27.90
C VAL J 56 -16.73 46.13 -27.29
N GLY J 57 -16.41 46.93 -26.27
CA GLY J 57 -17.39 47.66 -25.51
C GLY J 57 -17.99 46.92 -24.33
N GLY J 58 -17.76 45.61 -24.23
CA GLY J 58 -18.30 44.81 -23.15
C GLY J 58 -17.25 44.52 -22.09
N LYS J 59 -17.53 43.51 -21.27
CA LYS J 59 -16.60 43.19 -20.20
C LYS J 59 -15.24 42.81 -20.77
N GLN J 60 -14.20 43.14 -20.02
CA GLN J 60 -12.83 42.88 -20.43
C GLN J 60 -12.27 41.76 -19.56
N HIS J 61 -12.15 40.57 -20.14
CA HIS J 61 -11.66 39.42 -19.42
C HIS J 61 -10.14 39.37 -19.44
N VAL J 62 -9.58 38.78 -18.38
CA VAL J 62 -8.16 38.47 -18.30
C VAL J 62 -8.06 36.95 -18.26
N VAL J 63 -7.52 36.37 -19.34
CA VAL J 63 -7.56 34.92 -19.58
C VAL J 63 -6.14 34.41 -19.78
N LEU J 64 -5.86 33.27 -19.20
CA LEU J 64 -4.60 32.54 -19.38
C LEU J 64 -4.92 31.26 -20.14
N VAL J 65 -4.17 30.99 -21.19
CA VAL J 65 -4.12 29.65 -21.76
C VAL J 65 -2.97 28.93 -21.08
N ASP J 66 -3.30 27.96 -20.22
CA ASP J 66 -2.34 27.22 -19.40
C ASP J 66 -1.72 28.13 -18.34
N CYS J 67 -1.01 27.53 -17.36
CA CYS J 67 -0.50 28.35 -16.28
C CYS J 67 0.79 27.83 -15.66
N GLY J 68 1.51 26.94 -16.33
CA GLY J 68 2.79 26.48 -15.82
C GLY J 68 2.69 25.53 -14.64
N PHE J 69 3.84 25.14 -14.12
CA PHE J 69 3.92 24.28 -12.93
C PHE J 69 4.49 25.06 -11.74
N GLN J 70 4.49 24.41 -10.58
CA GLN J 70 4.99 25.04 -9.36
C GLN J 70 6.46 24.74 -9.24
N ASN J 71 7.17 25.50 -8.39
CA ASN J 71 8.57 25.16 -8.13
C ASN J 71 8.58 24.03 -7.10
N ASP J 72 8.44 22.81 -7.60
CA ASP J 72 8.35 21.64 -6.74
C ASP J 72 9.26 20.57 -7.35
N HIS J 73 8.98 19.31 -7.00
CA HIS J 73 9.84 18.20 -7.42
C HIS J 73 10.06 18.17 -8.93
N TRP J 74 9.15 18.75 -9.72
CA TRP J 74 9.30 18.71 -11.19
C TRP J 74 10.57 19.43 -11.65
N LEU J 75 11.04 20.44 -10.89
CA LEU J 75 12.27 21.14 -11.26
C LEU J 75 13.48 20.22 -11.30
N THR J 76 13.45 19.13 -10.55
CA THR J 76 14.53 18.17 -10.58
C THR J 76 14.29 17.02 -11.54
N ARG J 77 13.11 16.93 -12.15
CA ARG J 77 12.77 15.82 -13.04
C ARG J 77 13.12 16.08 -14.51
N TYR J 78 13.67 17.24 -14.83
CA TYR J 78 14.03 17.62 -16.19
C TYR J 78 15.01 18.76 -16.02
N ALA J 79 15.69 19.12 -17.11
CA ALA J 79 16.79 20.08 -17.01
C ALA J 79 16.19 21.49 -17.14
N PHE J 80 15.47 21.87 -16.07
CA PHE J 80 14.78 23.16 -15.96
C PHE J 80 15.74 24.23 -15.42
N SER J 81 15.46 25.47 -15.78
CA SER J 81 16.23 26.60 -15.28
C SER J 81 15.37 27.84 -15.41
N SER J 82 15.64 28.82 -14.54
CA SER J 82 15.04 30.15 -14.62
C SER J 82 13.54 30.15 -14.31
N TRP J 83 13.09 29.25 -13.45
CA TRP J 83 11.68 29.22 -13.06
C TRP J 83 11.27 30.51 -12.37
N GLU J 84 10.10 31.03 -12.76
CA GLU J 84 9.60 32.28 -12.20
C GLU J 84 8.14 32.15 -11.78
N ASP J 85 7.81 32.90 -10.73
CA ASP J 85 6.49 32.97 -10.12
C ASP J 85 5.52 33.74 -11.02
N PRO J 86 4.24 33.38 -11.03
CA PRO J 86 3.26 34.17 -11.81
C PRO J 86 3.23 35.65 -11.43
N LYS J 87 3.44 35.99 -10.14
CA LYS J 87 3.47 37.40 -9.77
C LYS J 87 4.52 38.17 -10.58
N ASP J 88 5.71 37.58 -10.78
CA ASP J 88 6.77 38.26 -11.53
C ASP J 88 6.46 38.26 -13.01
N VAL J 89 6.03 37.11 -13.56
CA VAL J 89 5.78 36.99 -15.00
C VAL J 89 4.64 37.91 -15.42
N LEU J 90 3.54 37.90 -14.67
CA LEU J 90 2.42 38.77 -15.05
C LEU J 90 2.72 40.21 -14.70
N GLY J 91 3.53 40.45 -13.67
CA GLY J 91 3.86 41.82 -13.31
C GLY J 91 4.50 42.58 -14.46
N ARG J 92 5.35 41.93 -15.25
CA ARG J 92 6.06 42.63 -16.31
C ARG J 92 5.13 43.15 -17.41
N VAL J 93 3.94 42.59 -17.56
CA VAL J 93 2.99 43.12 -18.55
C VAL J 93 1.81 43.82 -17.88
N GLY J 94 1.90 44.13 -16.58
CA GLY J 94 0.89 44.98 -15.97
C GLY J 94 -0.32 44.25 -15.39
N PHE J 95 -0.15 43.02 -14.93
CA PHE J 95 -1.24 42.25 -14.35
C PHE J 95 -0.72 41.50 -13.14
N SER J 96 -1.65 40.99 -12.36
CA SER J 96 -1.32 40.17 -11.20
C SER J 96 -2.10 38.87 -11.30
N PRO J 97 -1.69 37.84 -10.56
CA PRO J 97 -2.44 36.57 -10.62
C PRO J 97 -3.91 36.74 -10.23
N GLU J 98 -4.25 37.71 -9.37
CA GLU J 98 -5.65 37.95 -8.98
C GLU J 98 -6.52 38.50 -10.11
N ASP J 99 -5.92 39.11 -11.14
CA ASP J 99 -6.71 39.61 -12.26
C ASP J 99 -7.27 38.49 -13.12
N VAL J 100 -6.68 37.30 -13.07
CA VAL J 100 -6.97 36.26 -14.05
C VAL J 100 -8.30 35.60 -13.66
N ASP J 101 -9.33 35.78 -14.50
CA ASP J 101 -10.63 35.17 -14.24
C ASP J 101 -10.86 33.83 -14.95
N THR J 102 -10.04 33.45 -15.94
CA THR J 102 -10.25 32.20 -16.69
C THR J 102 -8.90 31.58 -17.02
N ILE J 103 -8.78 30.26 -16.80
CA ILE J 103 -7.63 29.47 -17.28
C ILE J 103 -8.16 28.41 -18.24
N LEU J 104 -7.76 28.52 -19.49
CA LEU J 104 -8.10 27.55 -20.53
C LEU J 104 -6.99 26.51 -20.55
N VAL J 105 -7.33 25.25 -20.28
CA VAL J 105 -6.32 24.23 -20.10
C VAL J 105 -6.23 23.41 -21.39
N THR J 106 -5.09 23.52 -22.10
CA THR J 106 -4.93 22.74 -23.33
C THR J 106 -4.94 21.25 -23.03
N HIS J 107 -4.32 20.85 -21.93
CA HIS J 107 -4.26 19.44 -21.54
C HIS J 107 -3.72 19.43 -20.12
N MET J 108 -3.84 18.28 -19.46
CA MET J 108 -3.58 18.20 -18.03
C MET J 108 -2.15 17.76 -17.67
N HIS J 109 -1.21 17.84 -18.59
CA HIS J 109 0.19 17.63 -18.22
C HIS J 109 0.63 18.66 -17.16
N PHE J 110 1.57 18.23 -16.31
CA PHE J 110 1.91 19.02 -15.14
C PHE J 110 2.28 20.45 -15.52
N ASP J 111 2.96 20.62 -16.66
CA ASP J 111 3.46 21.96 -16.97
C ASP J 111 2.40 22.87 -17.60
N HIS J 112 1.15 22.45 -17.71
CA HIS J 112 0.13 23.34 -18.22
C HIS J 112 -1.02 23.61 -17.25
N MET J 113 -1.12 22.83 -16.15
CA MET J 113 -2.16 23.05 -15.15
C MET J 113 -1.65 22.98 -13.72
N GLY J 114 -0.36 22.71 -13.51
CA GLY J 114 0.17 22.48 -12.18
C GLY J 114 -0.12 23.62 -11.22
N ASN J 115 0.18 24.84 -11.63
CA ASN J 115 0.11 26.03 -10.78
C ASN J 115 -1.25 26.76 -10.81
N PHE J 116 -2.37 26.08 -11.11
CA PHE J 116 -3.61 26.83 -11.27
C PHE J 116 -4.14 27.39 -9.94
N GLU J 117 -3.75 26.80 -8.80
CA GLU J 117 -4.18 27.36 -7.52
C GLU J 117 -3.48 28.67 -7.20
N ALA J 118 -2.49 29.07 -7.97
CA ALA J 118 -1.90 30.38 -7.74
C ALA J 118 -2.80 31.52 -8.20
N PHE J 119 -3.95 31.22 -8.83
CA PHE J 119 -4.86 32.23 -9.39
C PHE J 119 -6.22 32.09 -8.71
N PRO J 120 -6.44 32.78 -7.60
CA PRO J 120 -7.60 32.45 -6.74
C PRO J 120 -8.97 32.77 -7.37
N ASN J 121 -9.03 33.60 -8.42
CA ASN J 121 -10.29 33.98 -9.03
C ASN J 121 -10.53 33.27 -10.37
N ALA J 122 -9.67 32.34 -10.76
CA ALA J 122 -9.77 31.78 -12.09
C ALA J 122 -10.64 30.52 -12.07
N LYS J 123 -11.51 30.44 -13.08
CA LYS J 123 -12.21 29.21 -13.41
C LYS J 123 -11.36 28.41 -14.39
N LEU J 124 -11.30 27.10 -14.19
CA LEU J 124 -10.55 26.19 -15.04
C LEU J 124 -11.48 25.53 -16.05
N TYR J 125 -11.10 25.56 -17.32
CA TYR J 125 -11.85 24.86 -18.35
C TYR J 125 -11.00 23.71 -18.87
N ILE J 126 -11.53 22.49 -18.75
CA ILE J 126 -10.82 21.28 -19.17
C ILE J 126 -11.80 20.45 -19.99
N GLN J 127 -11.30 19.78 -21.03
CA GLN J 127 -12.15 18.84 -21.75
C GLN J 127 -12.53 17.66 -20.85
N LEU J 128 -13.80 17.27 -20.86
CA LEU J 128 -14.20 16.08 -20.11
C LEU J 128 -13.34 14.87 -20.50
N ASP J 129 -13.05 14.70 -21.79
CA ASP J 129 -12.25 13.55 -22.24
C ASP J 129 -10.83 13.56 -21.66
N GLU J 130 -10.23 14.74 -21.50
CA GLU J 130 -8.90 14.79 -20.88
C GLU J 130 -8.97 14.26 -19.45
N TYR J 131 -9.93 14.77 -18.67
CA TYR J 131 -10.07 14.36 -17.28
C TYR J 131 -10.39 12.88 -17.17
N THR J 132 -11.35 12.39 -17.94
CA THR J 132 -11.69 10.98 -17.79
C THR J 132 -10.57 10.10 -18.31
N GLY J 133 -9.95 10.47 -19.44
CA GLY J 133 -8.81 9.73 -19.95
C GLY J 133 -7.69 9.59 -18.94
N TRP J 134 -7.32 10.70 -18.28
CA TRP J 134 -6.23 10.58 -17.30
C TRP J 134 -6.68 9.81 -16.05
N SER J 135 -7.92 9.98 -15.61
CA SER J 135 -8.37 9.20 -14.46
C SER J 135 -8.23 7.69 -14.74
N LYS J 136 -8.68 7.25 -15.91
CA LYS J 136 -8.57 5.84 -16.29
C LYS J 136 -7.11 5.43 -16.45
N ALA J 137 -6.32 6.25 -17.16
CA ALA J 137 -4.93 5.88 -17.41
C ALA J 137 -4.15 5.74 -16.11
N VAL J 138 -4.36 6.66 -15.15
CA VAL J 138 -3.63 6.51 -13.90
C VAL J 138 -3.98 5.19 -13.26
N CYS J 139 -5.27 4.85 -13.23
CA CYS J 139 -5.67 3.58 -12.61
C CYS J 139 -5.12 2.37 -13.35
N SER J 140 -5.19 2.38 -14.68
CA SER J 140 -4.68 1.22 -15.44
C SER J 140 -3.20 0.99 -15.20
N SER J 141 -2.39 2.05 -15.14
CA SER J 141 -0.96 1.83 -14.98
C SER J 141 -0.65 1.21 -13.61
N HIS J 142 -1.50 1.52 -12.59
CA HIS J 142 -1.27 0.90 -11.30
C HIS J 142 -1.64 -0.60 -11.31
N GLN J 143 -1.92 -1.21 -12.47
CA GLN J 143 -1.87 -2.66 -12.59
C GLN J 143 -0.44 -3.20 -12.87
N HIS J 144 0.51 -2.35 -13.30
CA HIS J 144 1.89 -2.80 -13.48
C HIS J 144 2.56 -2.85 -12.12
N GLU J 145 3.32 -3.92 -11.87
CA GLU J 145 3.89 -4.16 -10.55
C GLU J 145 5.10 -3.30 -10.26
N THR J 146 5.74 -2.77 -11.28
CA THR J 146 6.95 -2.00 -11.08
C THR J 146 6.67 -0.52 -11.38
N GLU J 147 7.42 0.33 -10.69
CA GLU J 147 7.36 1.75 -11.00
C GLU J 147 8.07 2.07 -12.30
N GLU J 148 9.02 1.21 -12.68
CA GLU J 148 9.74 1.38 -13.94
C GLU J 148 8.81 1.21 -15.13
N GLU J 149 7.86 0.27 -15.03
CA GLU J 149 6.87 0.08 -16.10
C GLU J 149 5.85 1.21 -16.14
N LYS J 150 5.80 2.06 -15.11
CA LYS J 150 4.86 3.18 -15.12
C LYS J 150 5.49 4.46 -15.65
N GLU J 151 6.79 4.44 -15.96
CA GLU J 151 7.50 5.69 -16.18
C GLU J 151 6.91 6.48 -17.33
N TRP J 152 6.60 5.83 -18.46
CA TRP J 152 6.12 6.56 -19.62
C TRP J 152 4.79 7.26 -19.34
N VAL J 153 3.87 6.57 -18.67
CA VAL J 153 2.56 7.15 -18.37
C VAL J 153 2.71 8.42 -17.53
N PHE J 154 3.66 8.45 -16.60
CA PHE J 154 3.81 9.57 -15.68
C PHE J 154 4.90 10.54 -16.11
N THR J 155 5.39 10.40 -17.34
CA THR J 155 6.48 11.24 -17.82
C THR J 155 6.13 12.73 -17.73
N SER J 156 4.88 13.09 -18.03
CA SER J 156 4.46 14.47 -17.98
C SER J 156 3.22 14.64 -17.12
N PHE J 157 2.86 13.65 -16.31
CA PHE J 157 1.58 13.73 -15.63
C PHE J 157 1.78 13.56 -14.13
N ASP J 158 1.21 14.48 -13.40
CA ASP J 158 1.37 14.50 -11.95
C ASP J 158 0.04 14.04 -11.35
N PRO J 159 0.00 12.85 -10.76
CA PRO J 159 -1.25 12.39 -10.13
C PRO J 159 -1.76 13.37 -9.07
N ALA J 160 -0.89 14.21 -8.48
CA ALA J 160 -1.37 15.23 -7.55
C ALA J 160 -2.29 16.22 -8.25
N ASP J 161 -2.14 16.38 -9.56
CA ASP J 161 -3.06 17.25 -10.31
C ASP J 161 -4.45 16.64 -10.45
N LEU J 162 -4.58 15.32 -10.39
CA LEU J 162 -5.90 14.71 -10.32
C LEU J 162 -6.63 15.13 -9.05
N ILE J 163 -5.90 15.15 -7.92
CA ILE J 163 -6.51 15.52 -6.65
C ILE J 163 -6.90 16.99 -6.66
N ARG J 164 -6.02 17.86 -7.19
CA ARG J 164 -6.30 19.28 -7.32
C ARG J 164 -7.51 19.53 -8.22
N ALA J 165 -7.60 18.78 -9.33
CA ALA J 165 -8.74 18.94 -10.22
C ALA J 165 -10.05 18.60 -9.51
N ALA J 166 -10.05 17.48 -8.79
CA ALA J 166 -11.25 17.07 -8.06
C ALA J 166 -11.63 18.10 -7.00
N GLN J 167 -10.64 18.65 -6.30
CA GLN J 167 -10.88 19.72 -5.32
C GLN J 167 -11.50 20.93 -6.00
N GLY J 168 -11.00 21.29 -7.19
CA GLY J 168 -11.56 22.43 -7.92
C GLY J 168 -12.98 22.19 -8.39
N ILE J 169 -13.30 20.95 -8.74
CA ILE J 169 -14.68 20.60 -9.09
C ILE J 169 -15.61 20.83 -7.89
N SER J 170 -15.22 20.35 -6.70
CA SER J 170 -16.07 20.50 -5.51
C SER J 170 -16.24 21.97 -5.13
N ASP J 171 -15.18 22.76 -5.31
CA ASP J 171 -15.14 24.21 -5.06
C ASP J 171 -15.98 25.00 -6.05
N GLY J 172 -16.43 24.40 -7.15
CA GLY J 172 -17.09 25.16 -8.17
C GLY J 172 -16.17 25.95 -9.07
N ARG J 173 -14.86 25.70 -8.99
CA ARG J 173 -13.90 26.44 -9.81
C ARG J 173 -13.50 25.73 -11.10
N VAL J 174 -13.85 24.46 -11.28
CA VAL J 174 -13.50 23.71 -12.48
C VAL J 174 -14.75 23.55 -13.35
N LYS J 175 -14.60 23.77 -14.67
CA LYS J 175 -15.71 23.61 -15.60
C LYS J 175 -15.30 22.65 -16.71
N PHE J 176 -16.16 21.72 -17.04
CA PHE J 176 -15.89 20.79 -18.12
C PHE J 176 -16.42 21.33 -19.45
N ILE J 177 -15.61 21.20 -20.47
CA ILE J 177 -16.03 21.36 -21.87
C ILE J 177 -16.11 19.96 -22.49
N THR J 178 -17.14 19.76 -23.30
CA THR J 178 -17.35 18.51 -24.05
C THR J 178 -17.44 18.91 -25.52
N GLY J 179 -16.34 18.78 -26.25
CA GLY J 179 -16.33 19.14 -27.65
C GLY J 179 -15.96 20.57 -27.94
N ASP J 180 -16.49 21.13 -29.01
CA ASP J 180 -16.21 22.50 -29.39
C ASP J 180 -17.21 23.43 -28.71
N GLU J 181 -16.73 24.61 -28.31
CA GLU J 181 -17.57 25.58 -27.63
C GLU J 181 -16.90 26.95 -27.62
N GLU J 182 -17.66 28.00 -27.94
CA GLU J 182 -17.18 29.37 -27.77
C GLU J 182 -17.39 29.75 -26.30
N ILE J 183 -16.33 29.64 -25.50
CA ILE J 183 -16.44 29.80 -24.04
C ILE J 183 -16.41 31.26 -23.62
N LEU J 184 -15.59 32.08 -24.26
CA LEU J 184 -15.58 33.53 -24.08
C LEU J 184 -15.79 34.21 -25.42
N PRO J 185 -16.20 35.50 -25.42
CA PRO J 185 -16.51 36.16 -26.70
C PRO J 185 -15.33 36.16 -27.67
N GLY J 186 -15.44 35.45 -28.78
CA GLY J 186 -14.36 35.41 -29.75
C GLY J 186 -13.29 34.37 -29.50
N ILE J 187 -13.44 33.52 -28.49
CA ILE J 187 -12.51 32.44 -28.20
C ILE J 187 -13.28 31.14 -28.27
N THR J 188 -12.92 30.28 -29.23
CA THR J 188 -13.55 28.98 -29.42
C THR J 188 -12.60 27.86 -29.02
N ALA J 189 -13.05 27.00 -28.10
CA ALA J 189 -12.30 25.80 -27.79
C ALA J 189 -12.57 24.73 -28.87
N ARG J 190 -11.51 24.04 -29.28
CA ARG J 190 -11.57 23.00 -30.30
C ARG J 190 -11.04 21.71 -29.68
N LEU J 191 -11.90 20.71 -29.53
CA LEU J 191 -11.46 19.41 -29.02
C LEU J 191 -10.67 18.68 -30.11
N ALA J 192 -9.48 18.20 -29.75
CA ALA J 192 -8.67 17.36 -30.63
C ALA J 192 -8.48 16.04 -29.91
N LYS J 193 -9.50 15.18 -30.02
CA LYS J 193 -9.52 13.93 -29.26
C LYS J 193 -8.33 13.04 -29.64
N ASP J 194 -7.62 12.53 -28.64
CA ASP J 194 -6.49 11.64 -28.87
C ASP J 194 -5.47 12.27 -29.82
N SER J 195 -5.15 13.54 -29.59
CA SER J 195 -4.12 14.20 -30.40
C SER J 195 -2.80 14.20 -29.64
N HIS J 196 -2.49 15.29 -28.92
CA HIS J 196 -1.38 15.24 -27.98
C HIS J 196 -1.72 14.35 -26.78
N THR J 197 -2.97 14.40 -26.34
CA THR J 197 -3.44 13.62 -25.19
C THR J 197 -4.91 13.30 -25.42
N PHE J 198 -5.48 12.52 -24.50
CA PHE J 198 -6.86 12.06 -24.60
C PHE J 198 -7.83 13.15 -25.06
N GLY J 199 -7.78 14.31 -24.38
CA GLY J 199 -8.66 15.42 -24.69
C GLY J 199 -7.95 16.74 -24.84
N SER J 200 -6.79 16.79 -25.53
CA SER J 200 -6.17 18.07 -25.83
C SER J 200 -7.19 18.98 -26.49
N GLN J 201 -7.13 20.28 -26.19
CA GLN J 201 -7.95 21.22 -26.91
C GLN J 201 -7.10 22.41 -27.31
N TRP J 202 -7.42 23.00 -28.47
CA TRP J 202 -6.76 24.23 -28.87
C TRP J 202 -7.79 25.33 -28.95
N PHE J 203 -7.30 26.56 -29.02
CA PHE J 203 -8.18 27.70 -28.91
C PHE J 203 -7.97 28.63 -30.09
N GLU J 204 -9.08 28.96 -30.74
CA GLU J 204 -9.15 29.92 -31.82
C GLU J 204 -9.53 31.29 -31.25
N VAL J 205 -8.69 32.29 -31.45
CA VAL J 205 -8.90 33.64 -30.90
C VAL J 205 -9.13 34.61 -32.06
N ASN J 206 -10.30 35.24 -32.10
CA ASN J 206 -10.66 36.15 -33.18
C ASN J 206 -10.46 37.59 -32.74
N THR J 207 -9.55 38.29 -33.40
CA THR J 207 -9.27 39.69 -33.11
C THR J 207 -9.49 40.53 -34.35
N HIS J 208 -9.44 41.85 -34.15
CA HIS J 208 -9.58 42.75 -35.29
C HIS J 208 -8.45 42.54 -36.29
N ASN J 209 -7.33 41.97 -35.84
CA ASN J 209 -6.22 41.64 -36.72
C ASN J 209 -6.29 40.20 -37.23
N GLY J 210 -7.45 39.55 -37.13
CA GLY J 210 -7.57 38.21 -37.63
C GLY J 210 -7.37 37.16 -36.56
N PRO J 211 -7.31 35.90 -37.00
CA PRO J 211 -7.25 34.78 -36.05
C PRO J 211 -5.86 34.47 -35.54
N PHE J 212 -5.80 34.04 -34.26
CA PHE J 212 -4.64 33.43 -33.63
C PHE J 212 -5.05 32.10 -33.02
N ILE J 213 -4.11 31.17 -32.95
CA ILE J 213 -4.38 29.82 -32.45
C ILE J 213 -3.42 29.58 -31.30
N ALA J 214 -3.97 29.21 -30.14
CA ALA J 214 -3.16 28.70 -29.03
C ALA J 214 -3.21 27.17 -29.12
N ALA J 215 -2.09 26.55 -29.52
CA ALA J 215 -2.10 25.15 -29.94
C ALA J 215 -1.88 24.15 -28.81
N GLY J 216 -1.52 24.60 -27.61
CA GLY J 216 -1.09 23.64 -26.62
C GLY J 216 0.12 22.88 -27.12
N ASP J 217 0.24 21.64 -26.69
CA ASP J 217 1.35 20.83 -27.17
C ASP J 217 1.02 20.01 -28.43
N ILE J 218 -0.17 20.15 -29.01
CA ILE J 218 -0.40 19.56 -30.33
C ILE J 218 0.69 20.02 -31.30
N VAL J 219 1.03 21.31 -31.24
CA VAL J 219 2.15 21.87 -31.97
C VAL J 219 3.21 22.27 -30.95
N TYR J 220 4.13 21.35 -30.67
CA TYR J 220 5.30 21.65 -29.85
C TYR J 220 6.13 22.76 -30.48
N TRP J 221 6.41 22.60 -31.79
CA TRP J 221 7.34 23.42 -32.54
C TRP J 221 6.69 23.78 -33.86
N TYR J 222 6.99 24.99 -34.35
CA TYR J 222 6.53 25.37 -35.69
C TYR J 222 6.83 24.30 -36.73
N SER J 223 7.99 23.64 -36.63
CA SER J 223 8.30 22.66 -37.65
C SER J 223 7.32 21.48 -37.63
N ASN J 224 6.71 21.17 -36.47
CA ASN J 224 5.68 20.13 -36.46
C ASN J 224 4.63 20.43 -37.52
N ILE J 225 4.15 21.67 -37.57
CA ILE J 225 3.05 21.98 -38.44
C ILE J 225 3.53 22.43 -39.83
N GLU J 226 4.76 22.98 -39.93
CA GLU J 226 5.29 23.40 -41.21
C GLU J 226 5.78 22.22 -42.03
N ARG J 227 6.46 21.27 -41.40
CA ARG J 227 6.91 20.06 -42.04
C ARG J 227 5.85 18.95 -41.98
N MET J 228 4.71 19.18 -41.32
CA MET J 228 3.68 18.16 -41.18
C MET J 228 4.29 16.86 -40.62
N TRP J 229 4.94 17.03 -39.48
CA TRP J 229 5.78 15.98 -38.88
C TRP J 229 5.60 15.95 -37.36
N PRO J 230 4.85 15.00 -36.83
CA PRO J 230 4.53 14.98 -35.39
C PRO J 230 5.76 14.71 -34.54
N PRO J 231 5.68 15.01 -33.24
CA PRO J 231 6.86 14.94 -32.38
C PRO J 231 7.26 13.51 -32.06
N GLY J 232 8.48 13.39 -31.55
CA GLY J 232 8.98 12.10 -31.13
C GLY J 232 8.34 11.62 -29.85
N TYR J 233 7.91 12.56 -29.00
CA TYR J 233 7.17 12.24 -27.78
C TYR J 233 5.81 12.91 -27.82
N HIS J 234 4.76 12.10 -27.66
CA HIS J 234 3.40 12.57 -27.48
C HIS J 234 2.62 11.37 -26.93
N GLN J 235 1.44 11.64 -26.44
CA GLN J 235 0.69 10.57 -25.81
C GLN J 235 -0.68 10.42 -26.46
N GLY J 236 -0.70 10.59 -27.79
CA GLY J 236 -1.93 10.39 -28.54
C GLY J 236 -1.70 9.75 -29.90
N ASN J 237 -2.43 10.23 -30.90
CA ASN J 237 -2.45 9.59 -32.20
C ASN J 237 -1.79 10.55 -33.21
N ALA J 238 -0.70 10.09 -33.83
CA ALA J 238 0.11 10.93 -34.71
C ALA J 238 -0.69 11.40 -35.95
N PHE J 239 -1.48 10.50 -36.55
CA PHE J 239 -2.29 10.92 -37.69
C PHE J 239 -3.40 11.87 -37.27
N ASN J 240 -3.94 11.74 -36.05
CA ASN J 240 -4.90 12.75 -35.58
C ASN J 240 -4.25 14.13 -35.51
N GLN J 241 -3.00 14.19 -35.04
CA GLN J 241 -2.29 15.45 -35.05
C GLN J 241 -2.15 15.98 -36.48
N ILE J 242 -1.80 15.09 -37.44
CA ILE J 242 -1.76 15.49 -38.85
C ILE J 242 -3.07 16.16 -39.23
N ASP J 243 -4.21 15.53 -38.88
CA ASP J 243 -5.50 16.13 -39.20
C ASP J 243 -5.68 17.49 -38.51
N VAL J 244 -5.28 17.60 -37.23
CA VAL J 244 -5.43 18.88 -36.53
C VAL J 244 -4.54 19.95 -37.16
N TYR J 245 -3.31 19.58 -37.54
CA TYR J 245 -2.44 20.52 -38.23
C TYR J 245 -3.16 21.10 -39.45
N ARG J 246 -3.87 20.25 -40.19
CA ARG J 246 -4.59 20.76 -41.36
C ARG J 246 -5.72 21.70 -40.97
N GLN J 247 -6.48 21.37 -39.92
CA GLN J 247 -7.51 22.31 -39.45
C GLN J 247 -6.90 23.65 -39.06
N MET J 248 -5.79 23.63 -38.32
CA MET J 248 -5.16 24.89 -37.89
C MET J 248 -4.64 25.67 -39.08
N ARG J 249 -3.96 25.01 -40.03
CA ARG J 249 -3.46 25.71 -41.22
C ARG J 249 -4.59 26.42 -41.94
N SER J 250 -5.74 25.77 -42.02
CA SER J 250 -6.88 26.35 -42.71
C SER J 250 -7.42 27.59 -41.98
N VAL J 251 -7.50 27.53 -40.65
CA VAL J 251 -8.02 28.67 -39.87
C VAL J 251 -7.16 29.92 -40.11
N VAL J 252 -5.82 29.77 -40.09
CA VAL J 252 -4.89 30.90 -40.20
C VAL J 252 -4.33 31.07 -41.61
N LYS J 253 -4.89 30.39 -42.60
CA LYS J 253 -4.48 30.55 -43.99
C LYS J 253 -2.96 30.42 -44.14
N ASN J 254 -2.40 29.42 -43.44
CA ASN J 254 -0.98 29.07 -43.51
C ASN J 254 -0.05 30.18 -43.02
N LYS J 255 -0.56 31.17 -42.27
CA LYS J 255 0.28 32.17 -41.60
C LYS J 255 0.73 31.57 -40.28
N PHE J 256 1.88 30.87 -40.31
CA PHE J 256 2.29 30.04 -39.18
C PHE J 256 2.58 30.87 -37.94
N GLU J 257 2.96 32.14 -38.11
CA GLU J 257 3.23 32.96 -36.93
C GLU J 257 1.96 33.20 -36.12
N ARG J 258 0.77 32.95 -36.69
CA ARG J 258 -0.46 33.12 -35.92
C ARG J 258 -0.71 31.95 -34.97
N ILE J 259 0.10 30.90 -35.05
CA ILE J 259 -0.01 29.72 -34.18
C ILE J 259 0.98 29.87 -33.05
N ILE J 260 0.51 29.70 -31.81
CA ILE J 260 1.38 29.74 -30.64
C ILE J 260 1.76 28.32 -30.29
N PRO J 261 2.99 27.89 -30.56
CA PRO J 261 3.40 26.53 -30.19
C PRO J 261 3.70 26.47 -28.71
N GLY J 262 3.75 25.24 -28.22
CA GLY J 262 3.90 25.03 -26.79
C GLY J 262 5.29 25.29 -26.25
N HIS J 263 6.34 24.93 -27.02
CA HIS J 263 7.68 24.88 -26.44
C HIS J 263 8.77 25.25 -27.43
N ASP J 264 8.57 26.28 -28.22
CA ASP J 264 9.47 26.57 -29.33
C ASP J 264 10.14 27.93 -29.17
N ALA J 265 11.48 27.94 -29.05
CA ALA J 265 12.21 29.21 -28.96
C ALA J 265 12.01 30.07 -30.22
N GLU J 266 11.64 29.48 -31.36
CA GLU J 266 11.41 30.28 -32.56
C GLU J 266 10.34 31.35 -32.39
N ILE J 267 9.43 31.18 -31.41
CA ILE J 267 8.37 32.17 -31.24
C ILE J 267 8.95 33.54 -30.96
N TRP J 268 10.09 33.58 -30.27
CA TRP J 268 10.67 34.89 -29.98
C TRP J 268 11.19 35.55 -31.24
N ASN J 269 11.49 34.79 -32.30
CA ASN J 269 11.96 35.39 -33.55
C ASN J 269 10.86 35.86 -34.48
N ARG J 270 9.60 35.56 -34.19
CA ARG J 270 8.53 35.84 -35.13
C ARG J 270 7.59 36.93 -34.64
N HIS J 271 7.82 37.47 -33.44
CA HIS J 271 6.97 38.49 -32.85
C HIS J 271 7.82 39.52 -32.15
N ASN J 272 7.20 40.66 -31.82
CA ASN J 272 7.81 41.66 -30.94
C ASN J 272 8.10 41.04 -29.57
N THR J 273 9.38 40.88 -29.24
CA THR J 273 9.83 40.15 -28.05
C THR J 273 10.91 40.95 -27.34
N TRP J 274 10.83 40.97 -26.02
CA TRP J 274 11.88 41.49 -25.17
C TRP J 274 12.09 40.49 -24.03
N THR J 275 13.11 40.73 -23.25
CA THR J 275 13.50 39.76 -22.24
C THR J 275 13.38 40.33 -20.84
N ALA J 276 13.18 39.43 -19.89
CA ALA J 276 13.18 39.76 -18.48
C ALA J 276 14.61 39.74 -17.97
N PRO J 277 14.84 40.21 -16.75
CA PRO J 277 16.24 40.25 -16.24
C PRO J 277 16.94 38.90 -16.32
N ASN J 278 16.24 37.81 -15.98
CA ASN J 278 16.85 36.48 -15.98
C ASN J 278 16.96 35.85 -17.37
N GLY J 279 16.31 36.40 -18.39
CA GLY J 279 16.38 35.87 -19.74
C GLY J 279 15.03 35.45 -20.29
N ASN J 280 14.05 35.16 -19.42
CA ASN J 280 12.74 34.70 -19.87
C ASN J 280 12.08 35.76 -20.77
N GLN J 281 11.50 35.28 -21.86
CA GLN J 281 11.06 36.17 -22.92
C GLN J 281 9.61 36.59 -22.70
N ILE J 282 9.27 37.72 -23.33
CA ILE J 282 7.91 38.23 -23.39
C ILE J 282 7.66 38.56 -24.84
N ALA J 283 6.62 37.95 -25.42
CA ALA J 283 6.25 38.19 -26.82
C ALA J 283 4.90 38.86 -26.90
N GLU J 284 4.84 40.02 -27.56
CA GLU J 284 3.60 40.74 -27.83
C GLU J 284 3.08 40.33 -29.19
N LEU J 285 2.20 39.33 -29.22
CA LEU J 285 1.69 38.84 -30.50
C LEU J 285 0.67 39.79 -31.08
N ASN J 286 -0.17 40.39 -30.23
CA ASN J 286 -1.22 41.23 -30.77
C ASN J 286 -1.67 42.24 -29.74
N LEU J 287 -2.03 43.42 -30.23
CA LEU J 287 -2.55 44.49 -29.41
C LEU J 287 -3.89 44.89 -29.99
N LYS J 288 -4.95 44.72 -29.22
CA LYS J 288 -6.27 45.15 -29.70
C LYS J 288 -6.32 46.66 -29.80
N ASP J 289 -7.05 47.13 -30.79
CA ASP J 289 -7.32 48.54 -30.99
C ASP J 289 -7.47 49.28 -29.66
N GLY J 290 -6.62 50.26 -29.40
CA GLY J 290 -6.71 51.09 -28.22
C GLY J 290 -5.79 50.72 -27.08
N ASP J 291 -5.04 49.63 -27.21
CA ASP J 291 -4.05 49.22 -26.21
C ASP J 291 -2.68 49.76 -26.58
N THR J 292 -1.92 50.14 -25.59
CA THR J 292 -0.56 50.59 -25.83
C THR J 292 0.39 49.45 -25.47
N SER J 293 1.51 49.38 -26.18
CA SER J 293 2.41 48.25 -26.03
C SER J 293 3.01 48.19 -24.62
N ARG J 294 3.30 46.98 -24.17
CA ARG J 294 3.97 46.76 -22.89
C ARG J 294 5.49 46.76 -23.01
N ARG J 295 6.04 46.93 -24.20
CA ARG J 295 7.49 46.87 -24.33
C ARG J 295 8.12 48.02 -23.55
N PRO J 296 9.12 47.75 -22.72
CA PRO J 296 9.89 48.84 -22.12
C PRO J 296 10.89 49.40 -23.14
N ASP J 297 11.35 50.62 -22.88
CA ASP J 297 12.11 51.35 -23.91
C ASP J 297 13.62 51.10 -23.87
N ARG K 9 -14.52 -23.35 -13.01
CA ARG K 9 -13.59 -23.10 -11.91
C ARG K 9 -14.27 -23.03 -10.52
N ASP K 10 -13.76 -23.82 -9.56
CA ASP K 10 -14.45 -24.14 -8.31
C ASP K 10 -14.28 -23.01 -7.26
N THR K 11 -15.35 -22.27 -6.99
CA THR K 11 -15.32 -21.16 -6.05
C THR K 11 -16.33 -21.36 -4.93
N ASP K 12 -16.06 -20.75 -3.78
CA ASP K 12 -16.94 -20.83 -2.62
C ASP K 12 -16.68 -19.61 -1.72
N TRP K 13 -17.76 -19.06 -1.14
CA TRP K 13 -17.72 -17.83 -0.35
C TRP K 13 -18.66 -17.95 0.85
N SER K 14 -18.21 -17.46 2.00
CA SER K 14 -19.07 -17.15 3.14
C SER K 14 -19.57 -15.71 3.03
N ILE K 15 -20.81 -15.49 3.49
CA ILE K 15 -21.48 -14.21 3.27
C ILE K 15 -22.16 -13.77 4.56
N TRP K 16 -21.82 -12.56 5.04
CA TRP K 16 -22.51 -11.95 6.17
C TRP K 16 -22.96 -10.56 5.79
N SER K 17 -24.20 -10.22 6.13
CA SER K 17 -24.66 -8.84 6.02
C SER K 17 -24.67 -8.22 7.40
N LEU K 18 -23.98 -7.09 7.55
CA LEU K 18 -23.72 -6.50 8.84
C LEU K 18 -24.28 -5.09 8.87
N ALA K 19 -25.17 -4.83 9.83
CA ALA K 19 -25.64 -3.47 10.06
C ALA K 19 -24.61 -2.70 10.88
N TYR K 20 -24.38 -1.45 10.51
CA TYR K 20 -23.49 -0.57 11.26
C TYR K 20 -24.21 0.70 11.72
N CYS K 21 -25.49 0.86 11.41
CA CYS K 21 -26.27 2.06 11.70
C CYS K 21 -27.73 1.79 11.32
N GLN K 22 -28.62 2.65 11.82
CA GLN K 22 -30.06 2.56 11.54
C GLN K 22 -30.58 3.94 11.16
N VAL K 23 -31.63 3.96 10.35
CA VAL K 23 -32.21 5.21 9.84
C VAL K 23 -33.72 5.15 9.89
N ASP K 24 -34.33 6.22 10.36
CA ASP K 24 -35.77 6.43 10.36
C ASP K 24 -36.14 7.24 9.12
N MET K 25 -36.97 6.66 8.25
CA MET K 25 -37.19 7.23 6.93
C MET K 25 -38.62 7.00 6.49
N ALA K 26 -39.18 7.99 5.77
CA ALA K 26 -40.48 7.81 5.15
C ALA K 26 -40.48 6.61 4.22
N LYS K 27 -41.55 5.83 4.25
CA LYS K 27 -41.62 4.58 3.50
C LYS K 27 -41.64 4.79 1.98
N ASP K 28 -42.25 5.88 1.50
CA ASP K 28 -42.28 6.08 0.05
C ASP K 28 -40.88 6.27 -0.53
N PHE K 29 -39.94 6.79 0.27
CA PHE K 29 -38.53 6.92 -0.11
C PHE K 29 -37.95 5.61 -0.63
N PHE K 30 -38.08 4.53 0.16
CA PHE K 30 -37.53 3.23 -0.22
C PHE K 30 -38.48 2.38 -1.03
N GLY K 31 -39.79 2.49 -0.79
CA GLY K 31 -40.71 1.51 -1.30
C GLY K 31 -41.48 1.93 -2.53
N GLY K 32 -41.58 3.24 -2.78
CA GLY K 32 -42.23 3.75 -3.98
C GLY K 32 -43.27 4.82 -3.69
N ALA K 33 -43.33 5.84 -4.55
CA ALA K 33 -44.29 6.92 -4.37
C ALA K 33 -45.72 6.47 -4.60
N GLY K 34 -45.93 5.47 -5.42
CA GLY K 34 -47.31 5.05 -5.61
C GLY K 34 -47.85 4.33 -4.38
N ILE K 35 -47.31 3.12 -4.19
CA ILE K 35 -47.79 2.15 -3.22
C ILE K 35 -47.61 2.61 -1.76
N PHE K 36 -46.57 3.38 -1.45
CA PHE K 36 -46.26 3.71 -0.06
C PHE K 36 -46.41 5.20 0.27
N SER K 37 -47.17 5.96 -0.51
CA SER K 37 -47.33 7.37 -0.19
C SER K 37 -48.11 7.55 1.12
N ASN K 38 -47.69 8.53 1.92
CA ASN K 38 -48.38 8.87 3.17
C ASN K 38 -48.54 7.68 4.11
N SER K 39 -47.51 6.83 4.23
CA SER K 39 -47.57 5.64 5.08
C SER K 39 -46.74 5.77 6.36
N GLY K 40 -46.33 6.97 6.74
CA GLY K 40 -45.48 7.12 7.91
C GLY K 40 -44.03 6.75 7.64
N THR K 41 -43.32 6.46 8.73
CA THR K 41 -41.92 6.09 8.66
C THR K 41 -41.68 4.74 9.32
N CYS K 42 -40.45 4.24 9.16
CA CYS K 42 -40.01 3.00 9.80
C CYS K 42 -38.47 3.04 9.89
N ILE K 43 -37.91 2.11 10.67
CA ILE K 43 -36.47 2.00 10.87
C ILE K 43 -35.89 1.11 9.77
N ASN K 44 -34.76 1.53 9.19
CA ASN K 44 -34.12 0.77 8.11
C ASN K 44 -32.65 0.60 8.41
N PRO K 45 -32.10 -0.59 8.19
CA PRO K 45 -30.69 -0.82 8.49
C PRO K 45 -29.77 -0.15 7.47
N MET K 46 -28.60 0.27 7.95
CA MET K 46 -27.47 0.65 7.10
C MET K 46 -26.47 -0.51 7.13
N ILE K 47 -26.11 -1.02 5.97
CA ILE K 47 -25.54 -2.36 5.84
C ILE K 47 -24.32 -2.33 4.92
N TYR K 48 -23.28 -3.10 5.24
CA TYR K 48 -22.32 -3.58 4.26
C TYR K 48 -22.15 -5.09 4.44
N THR K 49 -21.65 -5.75 3.40
CA THR K 49 -21.65 -7.21 3.34
C THR K 49 -20.22 -7.74 3.26
N LEU K 50 -19.89 -8.71 4.11
CA LEU K 50 -18.56 -9.32 4.14
C LEU K 50 -18.57 -10.64 3.40
N LEU K 51 -17.64 -10.81 2.45
CA LEU K 51 -17.46 -12.05 1.71
C LEU K 51 -16.04 -12.55 1.93
N VAL K 52 -15.91 -13.82 2.31
CA VAL K 52 -14.60 -14.42 2.55
C VAL K 52 -14.57 -15.73 1.78
N GLY K 53 -13.59 -15.87 0.90
CA GLY K 53 -13.47 -17.09 0.12
C GLY K 53 -12.74 -16.84 -1.20
N GLY K 54 -13.23 -17.49 -2.25
CA GLY K 54 -12.58 -17.51 -3.54
C GLY K 54 -12.48 -18.92 -4.09
N GLU K 55 -11.42 -19.18 -4.85
CA GLU K 55 -11.19 -20.51 -5.42
C GLU K 55 -10.78 -21.50 -4.32
N VAL K 56 -11.46 -22.65 -4.26
CA VAL K 56 -11.10 -23.64 -3.24
C VAL K 56 -9.63 -24.02 -3.40
N GLY K 57 -8.89 -24.01 -2.29
CA GLY K 57 -7.48 -24.35 -2.28
C GLY K 57 -6.55 -23.30 -2.83
N GLY K 58 -7.02 -22.07 -3.04
CA GLY K 58 -6.19 -20.98 -3.54
C GLY K 58 -6.29 -19.83 -2.55
N LYS K 59 -5.81 -18.64 -2.89
CA LYS K 59 -5.88 -17.56 -1.91
C LYS K 59 -7.33 -17.27 -1.56
N GLN K 60 -7.59 -17.17 -0.26
CA GLN K 60 -8.85 -16.64 0.23
C GLN K 60 -8.74 -15.12 0.31
N HIS K 61 -9.80 -14.46 -0.11
CA HIS K 61 -9.89 -13.00 -0.04
C HIS K 61 -10.89 -12.64 1.06
N VAL K 62 -10.65 -11.49 1.67
CA VAL K 62 -11.58 -10.86 2.61
C VAL K 62 -12.05 -9.58 1.93
N VAL K 63 -13.30 -9.56 1.48
CA VAL K 63 -13.78 -8.50 0.61
C VAL K 63 -15.06 -7.94 1.23
N LEU K 64 -15.24 -6.62 1.11
CA LEU K 64 -16.45 -5.94 1.55
C LEU K 64 -17.21 -5.40 0.35
N VAL K 65 -18.51 -5.65 0.31
CA VAL K 65 -19.39 -4.94 -0.60
C VAL K 65 -19.87 -3.69 0.14
N ASP K 66 -19.36 -2.54 -0.26
CA ASP K 66 -19.65 -1.26 0.39
C ASP K 66 -19.02 -1.20 1.78
N CYS K 67 -18.98 -0.01 2.39
CA CYS K 67 -18.27 0.11 3.66
C CYS K 67 -18.84 1.18 4.58
N GLY K 68 -20.06 1.69 4.34
CA GLY K 68 -20.69 2.66 5.22
C GLY K 68 -20.08 4.05 5.13
N PHE K 69 -20.60 4.96 5.96
CA PHE K 69 -20.07 6.31 6.09
C PHE K 69 -19.43 6.51 7.46
N GLN K 70 -18.80 7.66 7.63
CA GLN K 70 -18.09 8.01 8.86
C GLN K 70 -19.03 8.65 9.88
N ASN K 71 -18.56 8.69 11.11
CA ASN K 71 -19.22 9.41 12.21
C ASN K 71 -18.94 10.90 12.03
N ASP K 72 -19.65 11.52 11.08
CA ASP K 72 -19.35 12.90 10.70
C ASP K 72 -20.67 13.66 10.56
N HIS K 73 -20.64 14.78 9.82
CA HIS K 73 -21.83 15.62 9.68
C HIS K 73 -23.02 14.87 9.10
N TRP K 74 -22.80 13.76 8.37
CA TRP K 74 -23.90 12.97 7.81
C TRP K 74 -24.80 12.40 8.91
N LEU K 75 -24.27 12.14 10.10
CA LEU K 75 -25.15 11.70 11.19
C LEU K 75 -26.23 12.71 11.45
N THR K 76 -26.03 13.96 11.06
CA THR K 76 -27.02 15.01 11.28
C THR K 76 -27.95 15.25 10.10
N ARG K 77 -27.66 14.74 8.89
CA ARG K 77 -28.54 15.04 7.76
C ARG K 77 -29.69 14.05 7.60
N TYR K 78 -29.87 13.13 8.54
CA TYR K 78 -30.94 12.15 8.49
C TYR K 78 -31.11 11.58 9.88
N ALA K 79 -32.20 10.84 10.07
CA ALA K 79 -32.55 10.37 11.41
C ALA K 79 -31.84 9.03 11.63
N PHE K 80 -30.52 9.13 11.81
CA PHE K 80 -29.65 8.00 12.08
C PHE K 80 -29.56 7.70 13.58
N SER K 81 -29.29 6.44 13.89
CA SER K 81 -29.10 6.02 15.28
C SER K 81 -28.21 4.78 15.27
N SER K 82 -27.49 4.57 16.38
CA SER K 82 -26.74 3.35 16.63
C SER K 82 -25.55 3.19 15.70
N TRP K 83 -24.92 4.29 15.30
CA TRP K 83 -23.76 4.17 14.43
C TRP K 83 -22.62 3.45 15.14
N GLU K 84 -21.97 2.53 14.42
CA GLU K 84 -20.88 1.73 14.95
C GLU K 84 -19.70 1.75 13.98
N ASP K 85 -18.52 1.72 14.57
CA ASP K 85 -17.25 1.74 13.88
C ASP K 85 -17.00 0.39 13.20
N PRO K 86 -16.25 0.38 12.08
CA PRO K 86 -15.87 -0.91 11.47
C PRO K 86 -15.10 -1.84 12.41
N LYS K 87 -14.31 -1.30 13.34
CA LYS K 87 -13.65 -2.16 14.33
C LYS K 87 -14.68 -2.98 15.10
N ASP K 88 -15.80 -2.36 15.47
CA ASP K 88 -16.83 -3.07 16.23
C ASP K 88 -17.60 -4.05 15.32
N VAL K 89 -18.05 -3.58 14.16
CA VAL K 89 -18.95 -4.37 13.30
C VAL K 89 -18.26 -5.63 12.78
N LEU K 90 -17.02 -5.51 12.26
CA LEU K 90 -16.30 -6.68 11.75
C LEU K 90 -15.71 -7.54 12.86
N GLY K 91 -15.35 -6.93 13.98
CA GLY K 91 -14.83 -7.72 15.09
C GLY K 91 -15.79 -8.82 15.53
N ARG K 92 -17.10 -8.54 15.48
CA ARG K 92 -18.08 -9.51 15.95
C ARG K 92 -18.12 -10.76 15.10
N VAL K 93 -17.66 -10.69 13.85
CA VAL K 93 -17.60 -11.86 12.96
C VAL K 93 -16.17 -12.35 12.77
N GLY K 94 -15.23 -11.90 13.60
CA GLY K 94 -13.89 -12.46 13.60
C GLY K 94 -12.90 -11.83 12.66
N PHE K 95 -13.07 -10.55 12.32
CA PHE K 95 -12.16 -9.85 11.40
C PHE K 95 -11.90 -8.43 11.92
N SER K 96 -10.91 -7.76 11.33
CA SER K 96 -10.61 -6.37 11.61
C SER K 96 -10.54 -5.60 10.30
N PRO K 97 -10.70 -4.28 10.35
CA PRO K 97 -10.67 -3.52 9.08
C PRO K 97 -9.38 -3.73 8.29
N GLU K 98 -8.27 -4.06 8.97
CA GLU K 98 -6.99 -4.30 8.29
C GLU K 98 -7.02 -5.57 7.45
N ASP K 99 -7.89 -6.53 7.78
CA ASP K 99 -7.99 -7.79 7.06
C ASP K 99 -8.59 -7.63 5.67
N VAL K 100 -9.34 -6.55 5.42
CA VAL K 100 -10.14 -6.41 4.22
C VAL K 100 -9.22 -6.00 3.08
N ASP K 101 -9.10 -6.87 2.06
CA ASP K 101 -8.22 -6.53 0.95
C ASP K 101 -8.93 -5.90 -0.24
N THR K 102 -10.26 -5.97 -0.32
CA THR K 102 -10.99 -5.42 -1.46
C THR K 102 -12.32 -4.85 -1.00
N ILE K 103 -12.67 -3.66 -1.48
CA ILE K 103 -13.98 -3.07 -1.23
C ILE K 103 -14.66 -2.90 -2.57
N LEU K 104 -15.76 -3.62 -2.78
CA LEU K 104 -16.55 -3.48 -3.99
C LEU K 104 -17.62 -2.43 -3.74
N VAL K 105 -17.56 -1.33 -4.48
CA VAL K 105 -18.43 -0.18 -4.27
C VAL K 105 -19.57 -0.27 -5.27
N THR K 106 -20.78 -0.48 -4.78
CA THR K 106 -21.93 -0.51 -5.68
C THR K 106 -22.18 0.85 -6.30
N HIS K 107 -22.00 1.92 -5.55
CA HIS K 107 -22.18 3.28 -6.06
C HIS K 107 -21.59 4.23 -5.04
N MET K 108 -21.39 5.49 -5.47
CA MET K 108 -20.61 6.44 -4.70
C MET K 108 -21.43 7.32 -3.76
N HIS K 109 -22.65 6.92 -3.42
CA HIS K 109 -23.38 7.60 -2.36
C HIS K 109 -22.61 7.48 -1.05
N PHE K 110 -22.77 8.50 -0.18
CA PHE K 110 -21.95 8.64 1.02
C PHE K 110 -21.99 7.39 1.91
N ASP K 111 -23.13 6.72 1.98
CA ASP K 111 -23.24 5.57 2.88
C ASP K 111 -22.73 4.26 2.29
N HIS K 112 -22.14 4.27 1.10
CA HIS K 112 -21.54 3.06 0.57
C HIS K 112 -20.04 3.15 0.35
N MET K 113 -19.49 4.37 0.32
CA MET K 113 -18.05 4.55 0.13
C MET K 113 -17.48 5.56 1.11
N GLY K 114 -18.33 6.11 1.99
CA GLY K 114 -17.90 7.19 2.86
C GLY K 114 -16.66 6.85 3.65
N ASN K 115 -16.68 5.69 4.32
CA ASN K 115 -15.66 5.28 5.27
C ASN K 115 -14.56 4.39 4.66
N PHE K 116 -14.25 4.48 3.36
CA PHE K 116 -13.32 3.47 2.84
C PHE K 116 -11.92 3.65 3.39
N GLU K 117 -11.55 4.87 3.78
CA GLU K 117 -10.20 5.02 4.34
C GLU K 117 -10.04 4.35 5.70
N ALA K 118 -11.11 3.88 6.33
CA ALA K 118 -10.95 3.09 7.55
C ALA K 118 -10.41 1.68 7.28
N PHE K 119 -10.18 1.31 6.03
CA PHE K 119 -9.67 -0.01 5.63
C PHE K 119 -8.35 0.21 4.88
N PRO K 120 -7.23 0.29 5.60
CA PRO K 120 -6.00 0.82 4.98
C PRO K 120 -5.39 -0.08 3.93
N ASN K 121 -5.75 -1.37 3.89
CA ASN K 121 -5.18 -2.33 2.96
C ASN K 121 -6.13 -2.66 1.82
N ALA K 122 -7.25 -1.97 1.72
CA ALA K 122 -8.29 -2.36 0.77
C ALA K 122 -8.13 -1.57 -0.53
N LYS K 123 -8.32 -2.28 -1.64
CA LYS K 123 -8.46 -1.68 -2.96
C LYS K 123 -9.94 -1.49 -3.26
N LEU K 124 -10.27 -0.37 -3.89
CA LEU K 124 -11.65 -0.02 -4.25
C LEU K 124 -11.93 -0.36 -5.70
N TYR K 125 -13.08 -0.98 -5.96
CA TYR K 125 -13.55 -1.24 -7.31
C TYR K 125 -14.82 -0.42 -7.54
N ILE K 126 -14.77 0.46 -8.54
CA ILE K 126 -15.84 1.39 -8.87
C ILE K 126 -16.05 1.32 -10.38
N GLN K 127 -17.30 1.41 -10.83
CA GLN K 127 -17.55 1.52 -12.27
C GLN K 127 -17.05 2.88 -12.75
N LEU K 128 -16.31 2.89 -13.87
CA LEU K 128 -15.85 4.14 -14.46
C LEU K 128 -17.02 5.10 -14.68
N ASP K 129 -18.16 4.57 -15.14
CA ASP K 129 -19.34 5.40 -15.39
C ASP K 129 -19.87 6.01 -14.10
N GLU K 130 -19.68 5.34 -12.97
CA GLU K 130 -20.07 5.95 -11.70
C GLU K 130 -19.20 7.17 -11.40
N TYR K 131 -17.87 7.01 -11.53
CA TYR K 131 -16.94 8.08 -11.21
C TYR K 131 -17.09 9.28 -12.15
N THR K 132 -17.23 9.05 -13.46
CA THR K 132 -17.36 10.16 -14.39
C THR K 132 -18.73 10.81 -14.27
N GLY K 133 -19.77 10.00 -14.07
CA GLY K 133 -21.10 10.57 -13.85
C GLY K 133 -21.10 11.58 -12.72
N TRP K 134 -20.52 11.23 -11.57
CA TRP K 134 -20.51 12.15 -10.42
C TRP K 134 -19.59 13.34 -10.64
N SER K 135 -18.44 13.14 -11.31
CA SER K 135 -17.57 14.28 -11.63
C SER K 135 -18.33 15.32 -12.48
N LYS K 136 -19.01 14.84 -13.52
CA LYS K 136 -19.81 15.72 -14.36
C LYS K 136 -20.93 16.38 -13.56
N ALA K 137 -21.65 15.58 -12.75
CA ALA K 137 -22.80 16.10 -12.02
C ALA K 137 -22.39 17.18 -11.03
N VAL K 138 -21.34 16.94 -10.25
CA VAL K 138 -20.92 17.96 -9.28
C VAL K 138 -20.53 19.24 -10.01
N CYS K 139 -19.75 19.12 -11.08
CA CYS K 139 -19.29 20.30 -11.82
C CYS K 139 -20.47 21.07 -12.42
N SER K 140 -21.42 20.35 -13.03
CA SER K 140 -22.62 20.96 -13.60
C SER K 140 -23.44 21.68 -12.53
N SER K 141 -23.46 21.12 -11.31
CA SER K 141 -24.34 21.71 -10.29
C SER K 141 -23.91 23.13 -9.93
N HIS K 142 -22.61 23.45 -10.05
CA HIS K 142 -22.13 24.80 -9.68
C HIS K 142 -22.49 25.85 -10.67
N GLN K 143 -23.33 25.57 -11.66
CA GLN K 143 -23.92 26.61 -12.49
C GLN K 143 -25.12 27.29 -11.84
N HIS K 144 -25.72 26.68 -10.81
CA HIS K 144 -26.82 27.29 -10.10
C HIS K 144 -26.32 28.25 -9.03
N GLU K 145 -26.99 29.40 -8.92
CA GLU K 145 -26.50 30.50 -8.09
C GLU K 145 -26.73 30.28 -6.60
N THR K 146 -27.70 29.46 -6.22
CA THR K 146 -28.05 29.20 -4.83
C THR K 146 -27.76 27.75 -4.44
N GLU K 147 -27.63 27.54 -3.14
CA GLU K 147 -27.44 26.18 -2.62
C GLU K 147 -28.74 25.38 -2.62
N GLU K 148 -29.90 26.04 -2.55
CA GLU K 148 -31.17 25.31 -2.58
C GLU K 148 -31.34 24.59 -3.92
N GLU K 149 -30.87 25.19 -5.01
CA GLU K 149 -30.95 24.54 -6.31
C GLU K 149 -30.02 23.34 -6.42
N LYS K 150 -29.06 23.18 -5.50
CA LYS K 150 -28.15 22.05 -5.55
C LYS K 150 -28.52 20.89 -4.62
N GLU K 151 -29.52 21.05 -3.75
CA GLU K 151 -29.72 20.06 -2.69
C GLU K 151 -29.98 18.68 -3.27
N TRP K 152 -30.83 18.58 -4.28
CA TRP K 152 -31.21 17.25 -4.75
C TRP K 152 -29.98 16.47 -5.22
N VAL K 153 -29.07 17.15 -5.93
CA VAL K 153 -27.86 16.49 -6.40
C VAL K 153 -27.05 15.92 -5.23
N PHE K 154 -26.99 16.64 -4.10
CA PHE K 154 -26.15 16.25 -2.98
C PHE K 154 -26.89 15.53 -1.85
N THR K 155 -28.14 15.14 -2.07
CA THR K 155 -28.88 14.49 -0.98
C THR K 155 -28.16 13.25 -0.45
N SER K 156 -27.49 12.51 -1.32
CA SER K 156 -26.79 11.30 -0.91
C SER K 156 -25.32 11.32 -1.32
N PHE K 157 -24.79 12.46 -1.74
CA PHE K 157 -23.46 12.48 -2.29
C PHE K 157 -22.63 13.56 -1.63
N ASP K 158 -21.43 13.18 -1.21
CA ASP K 158 -20.51 14.06 -0.52
C ASP K 158 -19.39 14.46 -1.46
N PRO K 159 -19.27 15.73 -1.87
CA PRO K 159 -18.16 16.10 -2.78
C PRO K 159 -16.80 15.72 -2.20
N ALA K 160 -16.69 15.60 -0.87
CA ALA K 160 -15.44 15.13 -0.25
C ALA K 160 -15.09 13.71 -0.67
N ASP K 161 -16.09 12.88 -1.01
CA ASP K 161 -15.82 11.54 -1.50
C ASP K 161 -15.27 11.58 -2.92
N LEU K 162 -15.63 12.60 -3.70
CA LEU K 162 -14.98 12.83 -4.97
C LEU K 162 -13.48 13.06 -4.78
N ILE K 163 -13.11 13.85 -3.77
CA ILE K 163 -11.70 14.11 -3.53
C ILE K 163 -10.98 12.89 -2.97
N ARG K 164 -11.60 12.18 -2.01
CA ARG K 164 -10.96 10.97 -1.48
C ARG K 164 -10.75 9.92 -2.56
N ALA K 165 -11.72 9.77 -3.48
CA ALA K 165 -11.58 8.85 -4.59
C ALA K 165 -10.40 9.25 -5.50
N ALA K 166 -10.26 10.54 -5.81
CA ALA K 166 -9.12 10.98 -6.60
C ALA K 166 -7.81 10.70 -5.87
N GLN K 167 -7.78 10.95 -4.56
CA GLN K 167 -6.58 10.62 -3.78
C GLN K 167 -6.29 9.12 -3.86
N GLY K 168 -7.33 8.28 -3.78
CA GLY K 168 -7.14 6.84 -3.90
C GLY K 168 -6.66 6.44 -5.29
N ILE K 169 -7.15 7.14 -6.31
CA ILE K 169 -6.60 6.94 -7.66
C ILE K 169 -5.11 7.28 -7.66
N SER K 170 -4.75 8.44 -7.11
CA SER K 170 -3.35 8.84 -7.11
C SER K 170 -2.49 7.86 -6.30
N ASP K 171 -3.05 7.30 -5.23
CA ASP K 171 -2.38 6.30 -4.39
C ASP K 171 -2.25 4.92 -5.04
N GLY K 172 -2.96 4.64 -6.14
CA GLY K 172 -2.99 3.29 -6.69
C GLY K 172 -3.93 2.32 -5.98
N ARG K 173 -4.78 2.80 -5.09
CA ARG K 173 -5.71 1.94 -4.37
C ARG K 173 -7.09 1.82 -5.02
N VAL K 174 -7.39 2.59 -6.06
CA VAL K 174 -8.68 2.54 -6.74
C VAL K 174 -8.52 1.85 -8.09
N LYS K 175 -9.43 0.92 -8.41
CA LYS K 175 -9.40 0.26 -9.70
C LYS K 175 -10.76 0.43 -10.38
N PHE K 176 -10.75 0.80 -11.65
CA PHE K 176 -11.98 0.99 -12.43
C PHE K 176 -12.38 -0.30 -13.14
N ILE K 177 -13.66 -0.61 -13.06
CA ILE K 177 -14.31 -1.62 -13.89
C ILE K 177 -15.11 -0.89 -14.96
N THR K 178 -15.14 -1.43 -16.17
CA THR K 178 -15.96 -0.90 -17.27
C THR K 178 -16.86 -2.03 -17.77
N GLY K 179 -18.10 -2.07 -17.27
CA GLY K 179 -19.03 -3.12 -17.64
C GLY K 179 -18.96 -4.31 -16.70
N ASP K 180 -19.19 -5.51 -17.21
CA ASP K 180 -19.19 -6.71 -16.41
C ASP K 180 -17.80 -7.31 -16.31
N GLU K 181 -17.50 -7.85 -15.14
CA GLU K 181 -16.18 -8.43 -14.93
C GLU K 181 -16.14 -9.33 -13.70
N GLU K 182 -15.56 -10.52 -13.87
CA GLU K 182 -15.26 -11.38 -12.74
C GLU K 182 -13.95 -10.89 -12.10
N ILE K 183 -14.10 -10.09 -11.05
CA ILE K 183 -12.96 -9.40 -10.44
C ILE K 183 -12.22 -10.30 -9.48
N LEU K 184 -12.96 -11.10 -8.71
CA LEU K 184 -12.41 -12.13 -7.85
C LEU K 184 -13.02 -13.47 -8.24
N PRO K 185 -12.36 -14.59 -7.91
CA PRO K 185 -12.87 -15.89 -8.36
C PRO K 185 -14.29 -16.17 -7.87
N GLY K 186 -15.27 -16.21 -8.77
CA GLY K 186 -16.64 -16.43 -8.40
C GLY K 186 -17.42 -15.17 -8.05
N ILE K 187 -16.82 -13.99 -8.21
CA ILE K 187 -17.53 -12.74 -7.99
C ILE K 187 -17.50 -11.96 -9.29
N THR K 188 -18.66 -11.79 -9.89
CA THR K 188 -18.80 -11.04 -11.13
C THR K 188 -19.52 -9.73 -10.88
N ALA K 189 -18.88 -8.62 -11.23
CA ALA K 189 -19.52 -7.32 -11.19
C ALA K 189 -20.38 -7.13 -12.44
N ARG K 190 -21.59 -6.59 -12.24
CA ARG K 190 -22.57 -6.34 -13.29
C ARG K 190 -22.88 -4.86 -13.31
N LEU K 191 -22.49 -4.19 -14.40
CA LEU K 191 -22.84 -2.78 -14.57
C LEU K 191 -24.33 -2.64 -14.81
N ALA K 192 -24.98 -1.76 -14.07
CA ALA K 192 -26.37 -1.41 -14.30
C ALA K 192 -26.39 0.10 -14.53
N LYS K 193 -26.01 0.49 -15.74
CA LYS K 193 -25.85 1.90 -16.08
C LYS K 193 -27.16 2.67 -15.87
N ASP K 194 -27.08 3.82 -15.19
CA ASP K 194 -28.27 4.65 -14.97
C ASP K 194 -29.40 3.84 -14.31
N SER K 195 -29.05 3.09 -13.25
CA SER K 195 -30.04 2.36 -12.45
C SER K 195 -30.37 3.15 -11.16
N HIS K 196 -29.74 2.86 -9.99
CA HIS K 196 -29.87 3.74 -8.82
C HIS K 196 -29.12 5.05 -9.08
N THR K 197 -27.96 4.96 -9.78
CA THR K 197 -27.09 6.08 -10.13
C THR K 197 -26.38 5.76 -11.46
N PHE K 198 -25.57 6.73 -11.94
CA PHE K 198 -24.90 6.66 -13.25
C PHE K 198 -24.25 5.32 -13.52
N GLY K 199 -23.45 4.81 -12.59
CA GLY K 199 -22.76 3.56 -12.79
C GLY K 199 -22.93 2.57 -11.63
N SER K 200 -24.15 2.46 -11.10
CA SER K 200 -24.40 1.44 -10.10
C SER K 200 -23.97 0.10 -10.65
N GLN K 201 -23.43 -0.73 -9.77
CA GLN K 201 -23.11 -2.11 -10.13
C GLN K 201 -23.61 -3.05 -9.04
N TRP K 202 -24.04 -4.22 -9.45
CA TRP K 202 -24.38 -5.26 -8.51
C TRP K 202 -23.40 -6.42 -8.67
N PHE K 203 -23.38 -7.32 -7.68
CA PHE K 203 -22.36 -8.35 -7.62
C PHE K 203 -23.01 -9.72 -7.47
N GLU K 204 -22.63 -10.60 -8.39
CA GLU K 204 -23.07 -11.99 -8.44
C GLU K 204 -22.02 -12.86 -7.77
N VAL K 205 -22.41 -13.55 -6.70
CA VAL K 205 -21.49 -14.35 -5.88
C VAL K 205 -21.84 -15.83 -6.03
N ASN K 206 -20.89 -16.60 -6.55
CA ASN K 206 -21.07 -18.02 -6.81
C ASN K 206 -20.53 -18.81 -5.63
N THR K 207 -21.42 -19.55 -4.96
CA THR K 207 -21.07 -20.41 -3.84
C THR K 207 -21.50 -21.84 -4.15
N HIS K 208 -21.10 -22.76 -3.27
CA HIS K 208 -21.56 -24.14 -3.41
C HIS K 208 -23.06 -24.28 -3.16
N ASN K 209 -23.68 -23.31 -2.46
CA ASN K 209 -25.12 -23.27 -2.25
C ASN K 209 -25.85 -22.45 -3.32
N GLY K 210 -25.21 -22.18 -4.45
CA GLY K 210 -25.85 -21.42 -5.51
C GLY K 210 -25.48 -19.95 -5.45
N PRO K 211 -26.11 -19.15 -6.29
CA PRO K 211 -25.75 -17.72 -6.37
C PRO K 211 -26.40 -16.84 -5.30
N PHE K 212 -25.68 -15.79 -4.94
CA PHE K 212 -26.20 -14.69 -4.12
C PHE K 212 -25.93 -13.38 -4.84
N ILE K 213 -26.76 -12.38 -4.57
CA ILE K 213 -26.66 -11.10 -5.24
C ILE K 213 -26.53 -10.01 -4.20
N ALA K 214 -25.46 -9.23 -4.30
CA ALA K 214 -25.32 -7.99 -3.54
C ALA K 214 -25.82 -6.88 -4.44
N ALA K 215 -27.04 -6.40 -4.17
CA ALA K 215 -27.75 -5.56 -5.12
C ALA K 215 -27.41 -4.08 -5.02
N GLY K 216 -26.70 -3.67 -3.96
CA GLY K 216 -26.57 -2.24 -3.70
C GLY K 216 -27.95 -1.67 -3.47
N ASP K 217 -28.12 -0.39 -3.81
CA ASP K 217 -29.40 0.28 -3.66
C ASP K 217 -30.29 0.15 -4.90
N ILE K 218 -29.86 -0.60 -5.93
CA ILE K 218 -30.80 -0.93 -6.99
C ILE K 218 -32.06 -1.56 -6.41
N VAL K 219 -31.90 -2.41 -5.40
CA VAL K 219 -33.01 -2.98 -4.64
C VAL K 219 -32.91 -2.43 -3.20
N TYR K 220 -33.64 -1.35 -2.91
CA TYR K 220 -33.70 -0.85 -1.53
C TYR K 220 -34.32 -1.90 -0.62
N TRP K 221 -35.46 -2.43 -1.04
CA TRP K 221 -36.34 -3.27 -0.24
C TRP K 221 -36.72 -4.47 -1.08
N TYR K 222 -36.94 -5.61 -0.43
CA TYR K 222 -37.46 -6.75 -1.16
C TYR K 222 -38.69 -6.35 -1.97
N SER K 223 -39.49 -5.43 -1.43
CA SER K 223 -40.74 -5.03 -2.10
C SER K 223 -40.49 -4.42 -3.47
N ASN K 224 -39.35 -3.74 -3.67
CA ASN K 224 -39.01 -3.22 -5.01
C ASN K 224 -39.05 -4.33 -6.07
N ILE K 225 -38.36 -5.43 -5.83
CA ILE K 225 -38.20 -6.47 -6.85
C ILE K 225 -39.32 -7.51 -6.81
N GLU K 226 -39.96 -7.71 -5.64
CA GLU K 226 -41.09 -8.63 -5.59
C GLU K 226 -42.34 -8.03 -6.22
N ARG K 227 -42.57 -6.73 -6.01
CA ARG K 227 -43.68 -6.00 -6.63
C ARG K 227 -43.30 -5.27 -7.94
N MET K 228 -42.05 -5.34 -8.37
CA MET K 228 -41.64 -4.65 -9.61
C MET K 228 -42.04 -3.18 -9.58
N TRP K 229 -41.62 -2.50 -8.52
CA TRP K 229 -42.04 -1.14 -8.21
C TRP K 229 -40.85 -0.37 -7.67
N PRO K 230 -40.16 0.40 -8.52
CA PRO K 230 -38.92 1.08 -8.09
C PRO K 230 -39.20 2.16 -7.05
N PRO K 231 -38.17 2.60 -6.34
CA PRO K 231 -38.37 3.43 -5.14
C PRO K 231 -38.80 4.85 -5.48
N GLY K 232 -39.29 5.55 -4.44
CA GLY K 232 -39.65 6.95 -4.61
C GLY K 232 -38.44 7.87 -4.77
N TYR K 233 -37.29 7.48 -4.23
CA TYR K 233 -36.05 8.21 -4.37
C TYR K 233 -34.99 7.36 -5.02
N HIS K 234 -34.45 7.84 -6.12
CA HIS K 234 -33.27 7.28 -6.75
C HIS K 234 -32.74 8.34 -7.70
N GLN K 235 -31.52 8.15 -8.16
CA GLN K 235 -30.91 9.17 -9.01
C GLN K 235 -30.55 8.56 -10.36
N GLY K 236 -31.43 7.70 -10.85
CA GLY K 236 -31.26 7.05 -12.12
C GLY K 236 -32.55 6.90 -12.90
N ASN K 237 -32.71 5.76 -13.56
CA ASN K 237 -33.78 5.55 -14.54
C ASN K 237 -34.64 4.41 -14.03
N ALA K 238 -35.92 4.71 -13.75
CA ALA K 238 -36.76 3.71 -13.09
C ALA K 238 -36.97 2.47 -13.97
N PHE K 239 -37.13 2.66 -15.29
CA PHE K 239 -37.30 1.51 -16.18
C PHE K 239 -36.02 0.69 -16.33
N ASN K 240 -34.83 1.30 -16.22
CA ASN K 240 -33.63 0.47 -16.17
C ASN K 240 -33.66 -0.44 -14.94
N GLN K 241 -34.12 0.10 -13.80
CA GLN K 241 -34.24 -0.73 -12.59
C GLN K 241 -35.20 -1.89 -12.82
N ILE K 242 -36.35 -1.63 -13.44
CA ILE K 242 -37.25 -2.72 -13.81
C ILE K 242 -36.48 -3.81 -14.56
N ASP K 243 -35.65 -3.40 -15.53
CA ASP K 243 -34.91 -4.39 -16.32
C ASP K 243 -33.87 -5.12 -15.47
N VAL K 244 -33.15 -4.40 -14.60
CA VAL K 244 -32.20 -5.08 -13.71
C VAL K 244 -32.94 -6.04 -12.76
N TYR K 245 -34.12 -5.65 -12.27
CA TYR K 245 -34.87 -6.58 -11.42
C TYR K 245 -35.08 -7.91 -12.14
N ARG K 246 -35.40 -7.86 -13.44
CA ARG K 246 -35.60 -9.08 -14.21
C ARG K 246 -34.31 -9.88 -14.33
N GLN K 247 -33.19 -9.22 -14.62
CA GLN K 247 -31.91 -9.94 -14.64
C GLN K 247 -31.63 -10.61 -13.30
N MET K 248 -31.84 -9.89 -12.19
CA MET K 248 -31.59 -10.47 -10.87
C MET K 248 -32.48 -11.66 -10.59
N ARG K 249 -33.79 -11.52 -10.87
CA ARG K 249 -34.68 -12.65 -10.65
C ARG K 249 -34.19 -13.89 -11.39
N SER K 250 -33.71 -13.73 -12.63
CA SER K 250 -33.26 -14.90 -13.38
C SER K 250 -32.04 -15.55 -12.73
N VAL K 251 -31.07 -14.76 -12.26
CA VAL K 251 -29.88 -15.38 -11.68
C VAL K 251 -30.25 -16.26 -10.50
N VAL K 252 -31.16 -15.80 -9.65
CA VAL K 252 -31.53 -16.53 -8.45
C VAL K 252 -32.84 -17.32 -8.62
N LYS K 253 -33.35 -17.44 -9.85
CA LYS K 253 -34.61 -18.17 -10.11
C LYS K 253 -35.71 -17.73 -9.14
N ASN K 254 -35.82 -16.43 -8.93
CA ASN K 254 -36.87 -15.82 -8.12
C ASN K 254 -36.80 -16.21 -6.64
N LYS K 255 -35.66 -16.72 -6.16
CA LYS K 255 -35.47 -16.98 -4.73
C LYS K 255 -35.02 -15.67 -4.09
N PHE K 256 -36.00 -14.86 -3.68
CA PHE K 256 -35.72 -13.47 -3.32
C PHE K 256 -34.77 -13.36 -2.15
N GLU K 257 -34.76 -14.35 -1.26
CA GLU K 257 -33.85 -14.32 -0.12
C GLU K 257 -32.37 -14.40 -0.55
N ARG K 258 -32.08 -14.80 -1.79
CA ARG K 258 -30.69 -14.82 -2.23
C ARG K 258 -30.20 -13.42 -2.63
N ILE K 259 -31.10 -12.45 -2.71
CA ILE K 259 -30.75 -11.07 -3.06
C ILE K 259 -30.62 -10.27 -1.76
N ILE K 260 -29.51 -9.55 -1.63
CA ILE K 260 -29.24 -8.69 -0.47
C ILE K 260 -29.69 -7.26 -0.81
N PRO K 261 -30.82 -6.80 -0.26
CA PRO K 261 -31.28 -5.42 -0.52
C PRO K 261 -30.48 -4.41 0.28
N GLY K 262 -30.61 -3.14 -0.13
CA GLY K 262 -29.80 -2.09 0.47
C GLY K 262 -30.20 -1.65 1.86
N HIS K 263 -31.50 -1.55 2.13
CA HIS K 263 -31.97 -0.87 3.35
C HIS K 263 -33.28 -1.46 3.87
N ASP K 264 -33.36 -2.78 3.97
CA ASP K 264 -34.62 -3.43 4.32
C ASP K 264 -34.46 -4.22 5.61
N ALA K 265 -35.20 -3.83 6.64
CA ALA K 265 -35.16 -4.62 7.86
C ALA K 265 -35.67 -6.05 7.62
N GLU K 266 -36.42 -6.30 6.52
CA GLU K 266 -36.91 -7.67 6.30
C GLU K 266 -35.79 -8.69 6.08
N ILE K 267 -34.56 -8.25 5.76
CA ILE K 267 -33.45 -9.19 5.57
C ILE K 267 -33.17 -10.01 6.84
N TRP K 268 -33.42 -9.44 8.04
CA TRP K 268 -33.19 -10.16 9.28
C TRP K 268 -34.19 -11.29 9.47
N ASN K 269 -35.34 -11.21 8.82
CA ASN K 269 -36.35 -12.26 8.92
C ASN K 269 -36.14 -13.40 7.94
N ARG K 270 -35.17 -13.30 7.04
CA ARG K 270 -35.03 -14.30 6.00
C ARG K 270 -33.73 -15.09 6.14
N HIS K 271 -32.90 -14.76 7.12
CA HIS K 271 -31.62 -15.41 7.30
C HIS K 271 -31.35 -15.61 8.78
N ASN K 272 -30.35 -16.43 9.06
CA ASN K 272 -29.86 -16.67 10.40
C ASN K 272 -29.27 -15.39 10.99
N THR K 273 -29.99 -14.75 11.92
CA THR K 273 -29.64 -13.45 12.45
C THR K 273 -29.51 -13.45 13.96
N TRP K 274 -28.49 -12.74 14.45
CA TRP K 274 -28.34 -12.42 15.86
C TRP K 274 -27.98 -10.93 15.95
N THR K 275 -28.09 -10.41 17.16
CA THR K 275 -27.95 -8.99 17.40
C THR K 275 -26.72 -8.66 18.25
N ALA K 276 -26.21 -7.45 18.07
CA ALA K 276 -25.14 -6.88 18.89
C ALA K 276 -25.74 -6.18 20.11
N PRO K 277 -24.91 -5.74 21.07
CA PRO K 277 -25.48 -5.08 22.27
C PRO K 277 -26.43 -3.92 21.95
N ASN K 278 -26.11 -3.06 20.97
CA ASN K 278 -26.97 -1.91 20.67
C ASN K 278 -28.13 -2.24 19.71
N GLY K 279 -28.38 -3.51 19.39
CA GLY K 279 -29.45 -3.89 18.49
C GLY K 279 -29.04 -4.14 17.04
N ASN K 280 -27.91 -3.60 16.58
CA ASN K 280 -27.48 -3.82 15.19
C ASN K 280 -27.34 -5.32 14.85
N GLN K 281 -27.82 -5.72 13.69
CA GLN K 281 -27.98 -7.14 13.35
C GLN K 281 -26.77 -7.73 12.59
N ILE K 282 -26.69 -9.07 12.65
CA ILE K 282 -25.72 -9.87 11.88
C ILE K 282 -26.49 -10.99 11.19
N ALA K 283 -26.42 -11.03 9.85
CA ALA K 283 -27.08 -12.06 9.07
C ALA K 283 -26.02 -12.93 8.40
N GLU K 284 -26.06 -14.22 8.71
CA GLU K 284 -25.17 -15.22 8.10
C GLU K 284 -25.92 -15.81 6.91
N LEU K 285 -25.67 -15.26 5.72
CA LEU K 285 -26.38 -15.73 4.54
C LEU K 285 -25.82 -17.07 4.06
N ASN K 286 -24.50 -17.24 4.09
CA ASN K 286 -23.92 -18.49 3.60
C ASN K 286 -22.59 -18.78 4.28
N LEU K 287 -22.31 -20.07 4.42
CA LEU K 287 -21.08 -20.58 5.00
C LEU K 287 -20.48 -21.54 4.00
N LYS K 288 -19.26 -21.25 3.55
CA LYS K 288 -18.57 -22.11 2.60
C LYS K 288 -18.20 -23.43 3.25
N ASP K 289 -18.24 -24.49 2.44
CA ASP K 289 -17.86 -25.83 2.88
C ASP K 289 -16.68 -25.79 3.85
N GLY K 290 -16.90 -26.27 5.07
CA GLY K 290 -15.84 -26.36 6.06
C GLY K 290 -15.77 -25.21 7.03
N ASP K 291 -16.63 -24.21 6.87
CA ASP K 291 -16.65 -23.01 7.68
C ASP K 291 -17.70 -23.17 8.79
N THR K 292 -17.39 -22.62 9.98
CA THR K 292 -18.25 -22.67 11.16
C THR K 292 -19.00 -21.36 11.36
N SER K 293 -20.15 -21.47 12.02
CA SER K 293 -21.04 -20.34 12.21
C SER K 293 -20.42 -19.22 13.03
N ARG K 294 -20.94 -18.01 12.78
CA ARG K 294 -20.54 -16.77 13.41
C ARG K 294 -19.17 -16.33 12.91
N ARG K 295 -18.43 -17.25 12.29
CA ARG K 295 -17.01 -17.07 11.91
C ARG K 295 -16.62 -15.62 11.69
N ARG L 9 -38.13 34.08 -39.60
CA ARG L 9 -39.59 34.08 -39.73
C ARG L 9 -40.33 34.69 -38.53
N ASP L 10 -41.42 35.40 -38.81
CA ASP L 10 -42.19 36.16 -37.81
C ASP L 10 -43.35 35.30 -37.32
N THR L 11 -43.23 34.78 -36.10
CA THR L 11 -44.26 33.90 -35.56
C THR L 11 -44.87 34.51 -34.31
N ASP L 12 -46.14 34.19 -34.09
CA ASP L 12 -46.87 34.72 -32.95
C ASP L 12 -47.97 33.74 -32.61
N TRP L 13 -48.19 33.52 -31.32
CA TRP L 13 -49.13 32.51 -30.86
C TRP L 13 -49.88 33.03 -29.64
N SER L 14 -51.19 32.80 -29.62
CA SER L 14 -51.95 32.91 -28.39
C SER L 14 -51.93 31.54 -27.71
N ILE L 15 -51.92 31.54 -26.37
CA ILE L 15 -51.71 30.34 -25.58
C ILE L 15 -52.71 30.31 -24.44
N TRP L 16 -53.52 29.25 -24.36
CA TRP L 16 -54.41 29.04 -23.22
C TRP L 16 -54.13 27.67 -22.62
N SER L 17 -54.01 27.62 -21.29
CA SER L 17 -53.93 26.37 -20.55
C SER L 17 -55.29 26.11 -19.86
N LEU L 18 -55.88 24.95 -20.16
CA LEU L 18 -57.26 24.62 -19.81
C LEU L 18 -57.30 23.35 -18.97
N ALA L 19 -57.87 23.44 -17.78
CA ALA L 19 -58.14 22.23 -17.01
C ALA L 19 -59.36 21.52 -17.60
N TYR L 20 -59.34 20.20 -17.56
CA TYR L 20 -60.50 19.45 -18.01
C TYR L 20 -60.92 18.46 -16.94
N CYS L 21 -60.19 18.40 -15.83
CA CYS L 21 -60.39 17.46 -14.75
C CYS L 21 -59.52 17.92 -13.57
N GLN L 22 -59.75 17.31 -12.40
CA GLN L 22 -58.93 17.55 -11.22
C GLN L 22 -58.61 16.20 -10.60
N VAL L 23 -57.46 16.11 -9.91
CA VAL L 23 -57.02 14.88 -9.26
C VAL L 23 -56.52 15.19 -7.85
N ASP L 24 -56.99 14.40 -6.87
CA ASP L 24 -56.53 14.42 -5.48
C ASP L 24 -55.39 13.40 -5.34
N MET L 25 -54.20 13.87 -4.99
CA MET L 25 -53.00 13.04 -5.09
C MET L 25 -52.00 13.36 -3.99
N ALA L 26 -51.30 12.33 -3.53
CA ALA L 26 -50.21 12.50 -2.59
C ALA L 26 -49.19 13.50 -3.13
N LYS L 27 -48.71 14.40 -2.25
CA LYS L 27 -47.83 15.47 -2.69
C LYS L 27 -46.47 14.93 -3.16
N ASP L 28 -45.96 13.88 -2.51
CA ASP L 28 -44.66 13.32 -2.89
C ASP L 28 -44.68 12.78 -4.30
N PHE L 29 -45.85 12.34 -4.77
CA PHE L 29 -46.00 11.85 -6.13
C PHE L 29 -45.48 12.87 -7.15
N PHE L 30 -45.96 14.12 -7.07
CA PHE L 30 -45.60 15.19 -8.00
C PHE L 30 -44.37 15.97 -7.58
N GLY L 31 -44.12 16.11 -6.27
CA GLY L 31 -43.13 17.05 -5.80
C GLY L 31 -41.82 16.44 -5.38
N GLY L 32 -41.81 15.15 -5.07
CA GLY L 32 -40.55 14.51 -4.76
C GLY L 32 -40.55 13.81 -3.42
N ALA L 33 -39.89 12.65 -3.36
CA ALA L 33 -39.71 11.99 -2.09
C ALA L 33 -38.73 12.81 -1.24
N GLY L 34 -38.89 12.72 0.08
CA GLY L 34 -38.07 13.53 0.96
C GLY L 34 -38.70 14.89 1.24
N ILE L 35 -38.67 15.81 0.27
CA ILE L 35 -39.17 17.15 0.57
C ILE L 35 -40.68 17.14 0.81
N PHE L 36 -41.43 16.32 0.07
CA PHE L 36 -42.89 16.30 0.18
C PHE L 36 -43.41 14.96 0.71
N SER L 37 -42.55 14.11 1.25
CA SER L 37 -43.01 12.81 1.75
C SER L 37 -43.83 12.98 3.04
N ASN L 38 -44.87 12.15 3.17
CA ASN L 38 -45.77 12.19 4.34
C ASN L 38 -46.34 13.60 4.56
N SER L 39 -46.65 14.28 3.45
CA SER L 39 -47.16 15.66 3.45
C SER L 39 -48.64 15.75 3.09
N GLY L 40 -49.38 14.64 3.16
CA GLY L 40 -50.79 14.63 2.77
C GLY L 40 -50.99 14.67 1.26
N THR L 41 -52.21 15.05 0.85
CA THR L 41 -52.59 15.12 -0.56
C THR L 41 -53.06 16.55 -0.90
N CYS L 42 -53.31 16.78 -2.19
CA CYS L 42 -53.87 18.05 -2.62
C CYS L 42 -54.53 17.86 -3.99
N ILE L 43 -55.34 18.86 -4.37
CA ILE L 43 -56.04 18.86 -5.64
C ILE L 43 -55.07 19.39 -6.71
N ASN L 44 -55.00 18.71 -7.85
CA ASN L 44 -54.10 19.07 -8.94
C ASN L 44 -54.89 19.09 -10.25
N PRO L 45 -54.69 20.09 -11.10
CA PRO L 45 -55.44 20.15 -12.36
C PRO L 45 -54.92 19.13 -13.37
N MET L 46 -55.84 18.63 -14.20
CA MET L 46 -55.50 17.92 -15.45
C MET L 46 -55.68 18.89 -16.62
N ILE L 47 -54.63 19.09 -17.39
CA ILE L 47 -54.48 20.27 -18.23
C ILE L 47 -54.09 19.84 -19.64
N TYR L 48 -54.67 20.49 -20.65
CA TYR L 48 -54.05 20.58 -21.96
C TYR L 48 -54.06 22.04 -22.40
N THR L 49 -53.20 22.34 -23.36
CA THR L 49 -52.87 23.71 -23.73
C THR L 49 -53.24 23.93 -25.19
N LEU L 50 -54.00 24.99 -25.45
CA LEU L 50 -54.42 25.37 -26.79
C LEU L 50 -53.50 26.46 -27.32
N LEU L 51 -53.01 26.28 -28.55
CA LEU L 51 -52.15 27.25 -29.21
C LEU L 51 -52.81 27.66 -30.51
N VAL L 52 -52.95 28.96 -30.72
CA VAL L 52 -53.59 29.47 -31.93
C VAL L 52 -52.67 30.53 -32.52
N GLY L 53 -52.30 30.36 -33.77
CA GLY L 53 -51.41 31.29 -34.41
C GLY L 53 -50.58 30.60 -35.48
N GLY L 54 -49.31 30.97 -35.53
CA GLY L 54 -48.42 30.51 -36.56
C GLY L 54 -47.65 31.67 -37.16
N GLU L 55 -47.32 31.57 -38.44
CA GLU L 55 -46.61 32.65 -39.09
C GLU L 55 -47.50 33.87 -39.23
N VAL L 56 -46.97 35.03 -38.81
CA VAL L 56 -47.70 36.28 -38.92
C VAL L 56 -48.00 36.52 -40.39
N GLY L 57 -49.29 36.63 -40.71
CA GLY L 57 -49.76 36.83 -42.07
C GLY L 57 -49.85 35.58 -42.91
N GLY L 58 -49.76 34.40 -42.30
CA GLY L 58 -49.86 33.15 -43.02
C GLY L 58 -50.94 32.28 -42.42
N LYS L 59 -50.90 30.98 -42.69
CA LYS L 59 -51.93 30.09 -42.17
C LYS L 59 -52.00 30.21 -40.65
N GLN L 60 -53.22 30.25 -40.14
CA GLN L 60 -53.46 30.27 -38.70
C GLN L 60 -53.83 28.86 -38.26
N HIS L 61 -52.94 28.24 -37.46
CA HIS L 61 -53.15 26.90 -36.91
C HIS L 61 -53.80 26.94 -35.53
N VAL L 62 -54.56 25.88 -35.25
CA VAL L 62 -55.14 25.59 -33.94
C VAL L 62 -54.48 24.31 -33.43
N VAL L 63 -53.68 24.42 -32.37
CA VAL L 63 -52.81 23.35 -31.89
C VAL L 63 -53.11 23.04 -30.45
N LEU L 64 -53.10 21.75 -30.13
CA LEU L 64 -53.21 21.27 -28.77
C LEU L 64 -51.92 20.57 -28.40
N VAL L 65 -51.33 20.95 -27.28
CA VAL L 65 -50.31 20.12 -26.64
C VAL L 65 -51.05 19.22 -25.67
N ASP L 66 -51.15 17.94 -26.01
CA ASP L 66 -51.87 16.92 -25.24
C ASP L 66 -53.39 17.14 -25.33
N CYS L 67 -54.17 16.15 -24.91
CA CYS L 67 -55.62 16.27 -25.07
C CYS L 67 -56.41 15.52 -24.00
N GLY L 68 -55.79 15.16 -22.88
CA GLY L 68 -56.52 14.54 -21.79
C GLY L 68 -56.88 13.09 -22.12
N PHE L 69 -57.60 12.47 -21.17
CA PHE L 69 -58.14 11.13 -21.32
C PHE L 69 -59.66 11.22 -21.47
N GLN L 70 -60.28 10.10 -21.79
CA GLN L 70 -61.71 10.12 -22.00
C GLN L 70 -62.45 9.77 -20.72
N ASN L 71 -63.76 9.98 -20.76
CA ASN L 71 -64.65 9.61 -19.67
C ASN L 71 -64.88 8.09 -19.70
N ASP L 72 -63.91 7.36 -19.16
CA ASP L 72 -63.90 5.88 -19.19
C ASP L 72 -63.42 5.37 -17.82
N HIS L 73 -62.92 4.13 -17.79
CA HIS L 73 -62.49 3.49 -16.54
C HIS L 73 -61.41 4.25 -15.77
N TRP L 74 -60.60 5.08 -16.44
CA TRP L 74 -59.54 5.80 -15.71
C TRP L 74 -60.11 6.69 -14.62
N LEU L 75 -61.36 7.15 -14.77
CA LEU L 75 -61.95 7.99 -13.74
C LEU L 75 -62.01 7.29 -12.40
N THR L 76 -62.01 5.97 -12.38
CA THR L 76 -62.07 5.21 -11.15
C THR L 76 -60.69 4.78 -10.61
N ARG L 77 -59.62 4.90 -11.37
CA ARG L 77 -58.33 4.42 -10.88
C ARG L 77 -57.55 5.47 -10.10
N TYR L 78 -58.16 6.62 -9.84
CA TYR L 78 -57.54 7.72 -9.11
C TYR L 78 -58.67 8.64 -8.68
N ALA L 79 -58.35 9.55 -7.77
CA ALA L 79 -59.37 10.40 -7.16
C ALA L 79 -59.54 11.64 -8.04
N PHE L 80 -60.16 11.37 -9.20
CA PHE L 80 -60.50 12.33 -10.24
C PHE L 80 -61.84 12.98 -9.92
N SER L 81 -61.99 14.21 -10.41
CA SER L 81 -63.25 14.93 -10.22
C SER L 81 -63.36 15.98 -11.32
N SER L 82 -64.60 16.33 -11.63
CA SER L 82 -64.91 17.47 -12.48
C SER L 82 -64.49 17.26 -13.93
N TRP L 83 -64.56 16.02 -14.42
CA TRP L 83 -64.23 15.76 -15.81
C TRP L 83 -65.20 16.48 -16.74
N GLU L 84 -64.65 17.14 -17.77
CA GLU L 84 -65.41 17.88 -18.77
C GLU L 84 -64.97 17.48 -20.18
N ASP L 85 -65.93 17.48 -21.09
CA ASP L 85 -65.68 17.13 -22.49
C ASP L 85 -64.89 18.22 -23.19
N PRO L 86 -64.07 17.85 -24.19
CA PRO L 86 -63.36 18.86 -24.99
C PRO L 86 -64.26 19.92 -25.57
N LYS L 87 -65.50 19.58 -25.93
CA LYS L 87 -66.42 20.62 -26.42
C LYS L 87 -66.64 21.71 -25.38
N ASP L 88 -66.73 21.36 -24.10
CA ASP L 88 -66.89 22.42 -23.09
C ASP L 88 -65.58 23.19 -22.89
N VAL L 89 -64.47 22.46 -22.76
CA VAL L 89 -63.20 23.10 -22.45
C VAL L 89 -62.78 24.04 -23.56
N LEU L 90 -62.86 23.59 -24.82
CA LEU L 90 -62.45 24.46 -25.92
C LEU L 90 -63.53 25.47 -26.26
N GLY L 91 -64.81 25.15 -26.02
CA GLY L 91 -65.86 26.13 -26.26
C GLY L 91 -65.71 27.39 -25.43
N ARG L 92 -65.23 27.27 -24.19
CA ARG L 92 -65.15 28.46 -23.36
C ARG L 92 -64.13 29.48 -23.88
N VAL L 93 -63.17 29.06 -24.73
CA VAL L 93 -62.23 30.00 -25.33
C VAL L 93 -62.52 30.22 -26.82
N GLY L 94 -63.68 29.80 -27.31
CA GLY L 94 -64.10 30.14 -28.66
C GLY L 94 -63.67 29.17 -29.75
N PHE L 95 -63.46 27.90 -29.43
CA PHE L 95 -63.08 26.88 -30.42
C PHE L 95 -63.87 25.61 -30.16
N SER L 96 -63.79 24.69 -31.12
CA SER L 96 -64.42 23.38 -31.03
C SER L 96 -63.40 22.31 -31.38
N PRO L 97 -63.65 21.05 -30.99
CA PRO L 97 -62.68 19.99 -31.30
C PRO L 97 -62.36 19.85 -32.78
N GLU L 98 -63.30 20.15 -33.68
CA GLU L 98 -63.10 20.02 -35.12
C GLU L 98 -62.16 21.07 -35.68
N ASP L 99 -61.87 22.14 -34.94
CA ASP L 99 -60.94 23.17 -35.40
C ASP L 99 -59.47 22.78 -35.23
N VAL L 100 -59.17 21.80 -34.37
CA VAL L 100 -57.79 21.44 -34.05
C VAL L 100 -57.19 20.66 -35.21
N ASP L 101 -56.14 21.19 -35.83
CA ASP L 101 -55.48 20.48 -36.91
C ASP L 101 -54.23 19.72 -36.46
N THR L 102 -53.73 19.98 -35.24
CA THR L 102 -52.52 19.34 -34.74
C THR L 102 -52.64 19.10 -33.24
N ILE L 103 -52.29 17.89 -32.81
CA ILE L 103 -52.12 17.55 -31.40
C ILE L 103 -50.68 17.12 -31.19
N LEU L 104 -49.93 17.90 -30.41
CA LEU L 104 -48.56 17.58 -30.05
C LEU L 104 -48.56 16.77 -28.75
N VAL L 105 -48.04 15.54 -28.80
CA VAL L 105 -48.15 14.61 -27.68
C VAL L 105 -46.84 14.66 -26.90
N THR L 106 -46.89 15.16 -25.64
CA THR L 106 -45.67 15.20 -24.84
C THR L 106 -45.17 13.79 -24.56
N HIS L 107 -46.10 12.87 -24.27
CA HIS L 107 -45.79 11.50 -23.91
C HIS L 107 -47.09 10.71 -23.96
N MET L 108 -46.98 9.38 -23.94
CA MET L 108 -48.11 8.50 -24.22
C MET L 108 -48.83 8.01 -22.96
N HIS L 109 -48.65 8.68 -21.82
CA HIS L 109 -49.47 8.37 -20.65
C HIS L 109 -50.94 8.64 -20.96
N PHE L 110 -51.83 7.89 -20.31
CA PHE L 110 -53.26 7.91 -20.66
C PHE L 110 -53.82 9.33 -20.67
N ASP L 111 -53.41 10.19 -19.71
CA ASP L 111 -54.02 11.51 -19.57
C ASP L 111 -53.45 12.59 -20.52
N HIS L 112 -52.65 12.22 -21.51
CA HIS L 112 -52.22 13.20 -22.51
C HIS L 112 -52.56 12.80 -23.96
N MET L 113 -52.74 11.51 -24.23
CA MET L 113 -53.11 11.07 -25.55
C MET L 113 -54.45 10.35 -25.57
N GLY L 114 -54.98 10.03 -24.41
CA GLY L 114 -56.21 9.27 -24.31
C GLY L 114 -57.40 9.61 -25.17
N ASN L 115 -57.75 10.86 -25.24
CA ASN L 115 -58.91 11.28 -26.00
C ASN L 115 -58.54 11.91 -27.33
N PHE L 116 -57.45 11.48 -27.95
CA PHE L 116 -57.08 12.16 -29.19
C PHE L 116 -58.09 11.94 -30.32
N GLU L 117 -58.85 10.86 -30.30
CA GLU L 117 -59.84 10.62 -31.34
C GLU L 117 -61.05 11.54 -31.26
N ALA L 118 -61.17 12.34 -30.20
CA ALA L 118 -62.21 13.37 -30.09
C ALA L 118 -61.95 14.55 -31.03
N PHE L 119 -60.82 14.57 -31.74
CA PHE L 119 -60.47 15.68 -32.63
C PHE L 119 -60.29 15.09 -34.03
N PRO L 120 -61.38 14.93 -34.78
CA PRO L 120 -61.31 14.12 -36.02
C PRO L 120 -60.45 14.74 -37.13
N ASN L 121 -60.09 16.02 -37.05
CA ASN L 121 -59.30 16.65 -38.10
C ASN L 121 -57.84 16.87 -37.70
N ALA L 122 -57.42 16.37 -36.56
CA ALA L 122 -56.11 16.66 -36.02
C ALA L 122 -55.11 15.55 -36.36
N LYS L 123 -53.88 15.94 -36.68
CA LYS L 123 -52.77 15.00 -36.79
C LYS L 123 -52.03 14.92 -35.45
N LEU L 124 -51.61 13.71 -35.08
CA LEU L 124 -50.91 13.45 -33.82
C LEU L 124 -49.40 13.33 -34.05
N TYR L 125 -48.61 14.04 -33.24
CA TYR L 125 -47.14 14.01 -33.30
C TYR L 125 -46.58 13.35 -32.05
N ILE L 126 -45.87 12.25 -32.25
CA ILE L 126 -45.29 11.51 -31.14
C ILE L 126 -43.83 11.23 -31.46
N GLN L 127 -42.98 11.28 -30.43
CA GLN L 127 -41.60 10.89 -30.65
C GLN L 127 -41.58 9.41 -30.98
N LEU L 128 -40.79 9.06 -31.99
CA LEU L 128 -40.63 7.64 -32.30
C LEU L 128 -40.14 6.88 -31.08
N ASP L 129 -39.21 7.48 -30.32
CA ASP L 129 -38.65 6.81 -29.16
C ASP L 129 -39.72 6.52 -28.11
N GLU L 130 -40.75 7.38 -28.01
CA GLU L 130 -41.86 7.12 -27.10
C GLU L 130 -42.66 5.90 -27.55
N TYR L 131 -43.04 5.88 -28.83
CA TYR L 131 -43.85 4.79 -29.32
C TYR L 131 -43.12 3.46 -29.22
N THR L 132 -41.84 3.41 -29.60
CA THR L 132 -41.12 2.14 -29.56
C THR L 132 -40.83 1.71 -28.12
N GLY L 133 -40.49 2.66 -27.24
CA GLY L 133 -40.31 2.34 -25.83
C GLY L 133 -41.52 1.69 -25.19
N TRP L 134 -42.70 2.27 -25.42
CA TRP L 134 -43.90 1.67 -24.80
C TRP L 134 -44.26 0.32 -25.44
N SER L 135 -44.06 0.19 -26.75
CA SER L 135 -44.27 -1.10 -27.40
C SER L 135 -43.40 -2.17 -26.75
N LYS L 136 -42.14 -1.85 -26.55
CA LYS L 136 -41.23 -2.80 -25.90
C LYS L 136 -41.62 -3.03 -24.44
N ALA L 137 -41.92 -1.94 -23.71
CA ALA L 137 -42.23 -2.10 -22.28
C ALA L 137 -43.44 -2.97 -22.06
N VAL L 138 -44.51 -2.76 -22.85
CA VAL L 138 -45.73 -3.55 -22.66
C VAL L 138 -45.44 -5.01 -22.93
N CYS L 139 -44.74 -5.30 -24.02
CA CYS L 139 -44.46 -6.67 -24.39
C CYS L 139 -43.60 -7.36 -23.33
N SER L 140 -42.54 -6.70 -22.87
CA SER L 140 -41.70 -7.29 -21.83
C SER L 140 -42.48 -7.55 -20.54
N SER L 141 -43.46 -6.68 -20.22
CA SER L 141 -44.18 -6.84 -18.95
C SER L 141 -44.98 -8.14 -18.91
N HIS L 142 -45.38 -8.66 -20.06
CA HIS L 142 -46.16 -9.90 -20.08
C HIS L 142 -45.33 -11.14 -19.81
N GLN L 143 -44.04 -11.00 -19.47
CA GLN L 143 -43.24 -12.13 -18.98
C GLN L 143 -43.52 -12.46 -17.52
N HIS L 144 -44.11 -11.52 -16.77
CA HIS L 144 -44.46 -11.78 -15.38
C HIS L 144 -45.79 -12.54 -15.30
N GLU L 145 -45.86 -13.49 -14.36
CA GLU L 145 -46.99 -14.42 -14.30
C GLU L 145 -48.24 -13.81 -13.68
N THR L 146 -48.09 -12.78 -12.86
CA THR L 146 -49.22 -12.12 -12.22
C THR L 146 -49.34 -10.68 -12.72
N GLU L 147 -50.55 -10.13 -12.60
CA GLU L 147 -50.80 -8.74 -12.98
C GLU L 147 -50.22 -7.77 -11.97
N GLU L 148 -50.05 -8.18 -10.72
CA GLU L 148 -49.44 -7.31 -9.72
C GLU L 148 -47.99 -6.97 -10.08
N GLU L 149 -47.28 -7.90 -10.70
CA GLU L 149 -45.92 -7.62 -11.16
C GLU L 149 -45.91 -6.68 -12.35
N LYS L 150 -47.04 -6.48 -13.01
CA LYS L 150 -47.16 -5.55 -14.13
C LYS L 150 -47.70 -4.20 -13.72
N GLU L 151 -48.13 -4.06 -12.47
CA GLU L 151 -48.88 -2.87 -12.06
C GLU L 151 -48.08 -1.59 -12.26
N TRP L 152 -46.80 -1.57 -11.87
CA TRP L 152 -46.06 -0.31 -11.97
C TRP L 152 -45.94 0.15 -13.41
N VAL L 153 -45.70 -0.78 -14.34
CA VAL L 153 -45.58 -0.40 -15.75
C VAL L 153 -46.85 0.30 -16.22
N PHE L 154 -48.02 -0.13 -15.71
CA PHE L 154 -49.31 0.34 -16.22
C PHE L 154 -49.97 1.43 -15.35
N THR L 155 -49.26 2.00 -14.38
CA THR L 155 -49.87 3.02 -13.51
C THR L 155 -50.43 4.21 -14.32
N SER L 156 -49.78 4.55 -15.42
CA SER L 156 -50.22 5.66 -16.26
C SER L 156 -50.39 5.26 -17.71
N PHE L 157 -50.42 3.96 -18.01
CA PHE L 157 -50.38 3.58 -19.42
C PHE L 157 -51.50 2.60 -19.71
N ASP L 158 -52.25 2.91 -20.76
CA ASP L 158 -53.42 2.14 -21.17
C ASP L 158 -53.01 1.34 -22.41
N PRO L 159 -52.97 0.00 -22.36
CA PRO L 159 -52.66 -0.77 -23.57
C PRO L 159 -53.61 -0.46 -24.74
N ALA L 160 -54.82 0.02 -24.46
CA ALA L 160 -55.71 0.49 -25.53
C ALA L 160 -55.13 1.70 -26.26
N ASP L 161 -54.26 2.47 -25.61
CA ASP L 161 -53.66 3.60 -26.31
C ASP L 161 -52.58 3.16 -27.30
N LEU L 162 -51.93 2.01 -27.04
CA LEU L 162 -51.05 1.44 -28.07
C LEU L 162 -51.82 1.12 -29.33
N ILE L 163 -53.02 0.52 -29.17
CA ILE L 163 -53.81 0.11 -30.32
C ILE L 163 -54.35 1.33 -31.07
N ARG L 164 -54.85 2.34 -30.33
CA ARG L 164 -55.31 3.57 -30.98
C ARG L 164 -54.19 4.22 -31.77
N ALA L 165 -52.98 4.23 -31.21
CA ALA L 165 -51.83 4.78 -31.92
C ALA L 165 -51.56 3.98 -33.20
N ALA L 166 -51.58 2.65 -33.10
CA ALA L 166 -51.41 1.82 -34.30
C ALA L 166 -52.52 2.08 -35.32
N GLN L 167 -53.78 2.19 -34.87
CA GLN L 167 -54.83 2.55 -35.82
C GLN L 167 -54.51 3.89 -36.48
N GLY L 168 -54.08 4.86 -35.68
CA GLY L 168 -53.78 6.17 -36.24
C GLY L 168 -52.61 6.15 -37.19
N ILE L 169 -51.62 5.31 -36.89
CA ILE L 169 -50.48 5.17 -37.81
C ILE L 169 -50.96 4.69 -39.18
N SER L 170 -51.72 3.59 -39.22
CA SER L 170 -52.20 3.10 -40.50
C SER L 170 -53.22 4.04 -41.13
N ASP L 171 -53.90 4.88 -40.32
CA ASP L 171 -54.81 5.91 -40.83
C ASP L 171 -54.12 7.10 -41.50
N GLY L 172 -52.83 7.31 -41.28
CA GLY L 172 -52.23 8.57 -41.69
C GLY L 172 -52.46 9.73 -40.74
N ARG L 173 -53.00 9.48 -39.55
CA ARG L 173 -53.25 10.51 -38.54
C ARG L 173 -52.10 10.69 -37.57
N VAL L 174 -51.17 9.75 -37.51
CA VAL L 174 -50.04 9.81 -36.60
C VAL L 174 -48.78 10.11 -37.41
N LYS L 175 -47.98 11.04 -36.93
CA LYS L 175 -46.67 11.37 -37.51
C LYS L 175 -45.63 11.24 -36.41
N PHE L 176 -44.50 10.65 -36.76
CA PHE L 176 -43.39 10.49 -35.84
C PHE L 176 -42.44 11.67 -35.92
N ILE L 177 -41.99 12.12 -34.77
CA ILE L 177 -40.87 13.04 -34.67
C ILE L 177 -39.66 12.25 -34.19
N THR L 178 -38.50 12.56 -34.74
CA THR L 178 -37.28 11.87 -34.38
C THR L 178 -36.30 12.95 -33.96
N GLY L 179 -36.25 13.24 -32.66
CA GLY L 179 -35.37 14.28 -32.20
C GLY L 179 -36.03 15.64 -32.18
N ASP L 180 -35.24 16.67 -32.43
CA ASP L 180 -35.74 18.03 -32.42
C ASP L 180 -36.27 18.40 -33.80
N GLU L 181 -37.34 19.18 -33.82
CA GLU L 181 -37.90 19.57 -35.10
C GLU L 181 -38.88 20.73 -34.91
N GLU L 182 -38.79 21.75 -35.76
CA GLU L 182 -39.80 22.79 -35.78
C GLU L 182 -40.98 22.29 -36.61
N ILE L 183 -42.02 21.79 -35.94
CA ILE L 183 -43.13 21.16 -36.65
C ILE L 183 -44.09 22.20 -37.20
N LEU L 184 -44.32 23.28 -36.46
CA LEU L 184 -45.10 24.43 -36.90
C LEU L 184 -44.26 25.69 -36.82
N PRO L 185 -44.61 26.75 -37.56
CA PRO L 185 -43.78 27.97 -37.51
C PRO L 185 -43.74 28.59 -36.11
N GLY L 186 -42.55 28.56 -35.50
CA GLY L 186 -42.34 29.05 -34.15
C GLY L 186 -42.52 28.04 -33.02
N ILE L 187 -42.81 26.77 -33.32
CA ILE L 187 -42.96 25.71 -32.34
C ILE L 187 -41.90 24.66 -32.62
N THR L 188 -40.99 24.47 -31.68
CA THR L 188 -39.96 23.44 -31.81
C THR L 188 -40.19 22.32 -30.81
N ALA L 189 -40.27 21.09 -31.33
CA ALA L 189 -40.34 19.91 -30.49
C ALA L 189 -38.92 19.59 -30.03
N ARG L 190 -38.79 19.24 -28.75
CA ARG L 190 -37.52 18.92 -28.11
C ARG L 190 -37.61 17.52 -27.53
N LEU L 191 -36.86 16.58 -28.09
CA LEU L 191 -36.82 15.24 -27.51
C LEU L 191 -36.11 15.24 -26.15
N ALA L 192 -36.75 14.67 -25.14
CA ALA L 192 -36.10 14.51 -23.83
C ALA L 192 -36.06 13.00 -23.55
N LYS L 193 -35.13 12.32 -24.22
CA LYS L 193 -35.07 10.86 -24.14
C LYS L 193 -34.88 10.42 -22.70
N ASP L 194 -35.71 9.47 -22.25
CA ASP L 194 -35.60 8.90 -20.91
C ASP L 194 -35.66 10.00 -19.83
N SER L 195 -36.62 10.94 -19.97
CA SER L 195 -36.86 11.95 -18.94
C SER L 195 -38.06 11.54 -18.06
N HIS L 196 -39.29 12.03 -18.35
CA HIS L 196 -40.52 11.51 -17.70
C HIS L 196 -40.83 10.12 -18.21
N THR L 197 -40.61 9.90 -19.50
CA THR L 197 -40.84 8.63 -20.17
C THR L 197 -39.78 8.49 -21.28
N PHE L 198 -39.83 7.33 -21.96
CA PHE L 198 -38.87 7.00 -23.02
C PHE L 198 -38.67 8.15 -24.01
N GLY L 199 -39.74 8.69 -24.56
CA GLY L 199 -39.57 9.71 -25.57
C GLY L 199 -40.37 10.95 -25.29
N SER L 200 -40.41 11.38 -24.03
CA SER L 200 -41.04 12.64 -23.71
C SER L 200 -40.43 13.73 -24.59
N GLN L 201 -41.26 14.66 -25.01
CA GLN L 201 -40.77 15.84 -25.72
C GLN L 201 -41.41 17.07 -25.11
N TRP L 202 -40.67 18.17 -25.14
CA TRP L 202 -41.22 19.45 -24.77
C TRP L 202 -41.20 20.38 -25.98
N PHE L 203 -41.93 21.48 -25.87
CA PHE L 203 -42.22 22.36 -26.99
C PHE L 203 -41.82 23.79 -26.65
N GLU L 204 -41.04 24.40 -27.54
CA GLU L 204 -40.66 25.80 -27.45
C GLU L 204 -41.60 26.63 -28.33
N VAL L 205 -42.29 27.60 -27.74
CA VAL L 205 -43.25 28.41 -28.50
C VAL L 205 -42.75 29.84 -28.51
N ASN L 206 -42.43 30.35 -29.71
CA ASN L 206 -41.90 31.71 -29.85
C ASN L 206 -43.00 32.67 -30.22
N THR L 207 -43.26 33.64 -29.34
CA THR L 207 -44.28 34.64 -29.56
C THR L 207 -43.62 36.02 -29.57
N HIS L 208 -44.42 37.04 -29.93
CA HIS L 208 -43.92 38.40 -29.88
C HIS L 208 -43.61 38.85 -28.45
N ASN L 209 -44.17 38.19 -27.44
CA ASN L 209 -43.85 38.48 -26.05
C ASN L 209 -42.79 37.55 -25.48
N GLY L 210 -42.00 36.89 -26.33
CA GLY L 210 -40.92 36.03 -25.89
C GLY L 210 -41.31 34.57 -25.87
N PRO L 211 -40.41 33.72 -25.38
CA PRO L 211 -40.64 32.27 -25.47
C PRO L 211 -41.49 31.73 -24.33
N PHE L 212 -42.27 30.69 -24.65
CA PHE L 212 -43.00 29.87 -23.70
C PHE L 212 -42.64 28.42 -23.92
N ILE L 213 -42.76 27.63 -22.85
CA ILE L 213 -42.45 26.20 -22.88
C ILE L 213 -43.64 25.41 -22.36
N ALA L 214 -44.13 24.47 -23.16
CA ALA L 214 -45.08 23.45 -22.68
C ALA L 214 -44.26 22.22 -22.32
N ALA L 215 -44.08 21.98 -21.02
CA ALA L 215 -43.09 21.04 -20.53
C ALA L 215 -43.58 19.59 -20.44
N GLY L 216 -44.88 19.34 -20.62
CA GLY L 216 -45.39 18.01 -20.35
C GLY L 216 -45.21 17.66 -18.89
N ASP L 217 -45.04 16.37 -18.59
CA ASP L 217 -44.85 15.99 -17.19
C ASP L 217 -43.38 15.96 -16.77
N ILE L 218 -42.44 16.31 -17.66
CA ILE L 218 -41.07 16.53 -17.20
C ILE L 218 -41.08 17.49 -16.02
N VAL L 219 -41.91 18.55 -16.10
CA VAL L 219 -42.15 19.47 -14.98
C VAL L 219 -43.60 19.30 -14.52
N TYR L 220 -43.81 18.43 -13.53
CA TYR L 220 -45.14 18.30 -12.91
C TYR L 220 -45.58 19.61 -12.29
N TRP L 221 -44.70 20.20 -11.48
CA TRP L 221 -44.95 21.33 -10.60
C TRP L 221 -43.84 22.34 -10.79
N TYR L 222 -44.18 23.63 -10.68
CA TYR L 222 -43.14 24.65 -10.70
C TYR L 222 -42.02 24.30 -9.73
N SER L 223 -42.36 23.67 -8.60
CA SER L 223 -41.39 23.35 -7.57
C SER L 223 -40.30 22.38 -8.08
N ASN L 224 -40.66 21.46 -8.99
CA ASN L 224 -39.65 20.57 -9.59
C ASN L 224 -38.50 21.37 -10.18
N ILE L 225 -38.84 22.39 -10.97
CA ILE L 225 -37.83 23.12 -11.71
C ILE L 225 -37.26 24.28 -10.90
N GLU L 226 -38.01 24.81 -9.92
CA GLU L 226 -37.51 25.87 -9.05
C GLU L 226 -36.55 25.36 -7.99
N ARG L 227 -36.86 24.21 -7.39
CA ARG L 227 -36.01 23.54 -6.42
C ARG L 227 -35.06 22.53 -7.06
N MET L 228 -35.11 22.30 -8.37
CA MET L 228 -34.27 21.32 -9.05
C MET L 228 -34.38 19.97 -8.34
N TRP L 229 -35.61 19.50 -8.21
CA TRP L 229 -35.94 18.32 -7.40
C TRP L 229 -36.98 17.49 -8.15
N PRO L 230 -36.56 16.41 -8.80
CA PRO L 230 -37.48 15.62 -9.65
C PRO L 230 -38.54 14.90 -8.83
N PRO L 231 -39.62 14.45 -9.46
CA PRO L 231 -40.77 13.92 -8.71
C PRO L 231 -40.52 12.54 -8.11
N GLY L 232 -41.44 12.17 -7.19
CA GLY L 232 -41.38 10.84 -6.59
C GLY L 232 -41.88 9.76 -7.53
N TYR L 233 -42.74 10.12 -8.47
CA TYR L 233 -43.20 9.20 -9.50
C TYR L 233 -42.81 9.75 -10.86
N HIS L 234 -42.10 8.94 -11.64
CA HIS L 234 -41.79 9.21 -13.04
C HIS L 234 -41.31 7.88 -13.61
N GLN L 235 -41.25 7.80 -14.95
CA GLN L 235 -40.85 6.54 -15.58
C GLN L 235 -39.62 6.73 -16.45
N GLY L 236 -38.71 7.59 -15.99
CA GLY L 236 -37.49 7.87 -16.75
C GLY L 236 -36.29 8.08 -15.87
N ASN L 237 -35.45 9.04 -16.21
CA ASN L 237 -34.16 9.22 -15.54
C ASN L 237 -34.16 10.55 -14.80
N ALA L 238 -33.98 10.50 -13.47
CA ALA L 238 -34.09 11.72 -12.65
C ALA L 238 -33.01 12.73 -13.02
N PHE L 239 -31.77 12.29 -13.23
CA PHE L 239 -30.72 13.22 -13.64
C PHE L 239 -30.93 13.76 -15.07
N ASN L 240 -31.56 13.00 -15.98
CA ASN L 240 -31.93 13.59 -17.28
C ASN L 240 -32.94 14.71 -17.10
N GLN L 241 -33.90 14.54 -16.19
CA GLN L 241 -34.84 15.62 -15.91
C GLN L 241 -34.08 16.85 -15.42
N ILE L 242 -33.07 16.65 -14.56
CA ILE L 242 -32.24 17.77 -14.12
C ILE L 242 -31.66 18.51 -15.32
N ASP L 243 -31.10 17.76 -16.30
CA ASP L 243 -30.49 18.40 -17.47
C ASP L 243 -31.53 19.17 -18.28
N VAL L 244 -32.71 18.58 -18.46
CA VAL L 244 -33.77 19.28 -19.17
C VAL L 244 -34.21 20.52 -18.39
N TYR L 245 -34.28 20.43 -17.07
CA TYR L 245 -34.62 21.62 -16.28
C TYR L 245 -33.69 22.78 -16.61
N ARG L 246 -32.38 22.50 -16.71
CA ARG L 246 -31.46 23.58 -17.05
C ARG L 246 -31.69 24.09 -18.47
N GLN L 247 -31.96 23.20 -19.41
CA GLN L 247 -32.25 23.64 -20.78
C GLN L 247 -33.44 24.58 -20.79
N MET L 248 -34.50 24.19 -20.09
CA MET L 248 -35.72 25.00 -20.04
C MET L 248 -35.43 26.35 -19.39
N ARG L 249 -34.71 26.34 -18.28
CA ARG L 249 -34.38 27.60 -17.61
C ARG L 249 -33.65 28.54 -18.58
N SER L 250 -32.73 28.00 -19.38
CA SER L 250 -31.97 28.84 -20.31
C SER L 250 -32.87 29.47 -21.37
N VAL L 251 -33.81 28.69 -21.93
CA VAL L 251 -34.68 29.22 -22.98
C VAL L 251 -35.44 30.45 -22.46
N VAL L 252 -36.02 30.34 -21.27
CA VAL L 252 -36.89 31.39 -20.72
C VAL L 252 -36.14 32.33 -19.77
N LYS L 253 -34.81 32.27 -19.72
CA LYS L 253 -34.04 33.19 -18.88
C LYS L 253 -34.58 33.20 -17.46
N ASN L 254 -34.95 32.03 -16.97
CA ASN L 254 -35.41 31.81 -15.59
C ASN L 254 -36.71 32.50 -15.26
N LYS L 255 -37.50 32.86 -16.28
CA LYS L 255 -38.86 33.37 -16.07
C LYS L 255 -39.78 32.15 -15.94
N PHE L 256 -39.93 31.66 -14.70
CA PHE L 256 -40.58 30.37 -14.46
C PHE L 256 -42.05 30.35 -14.86
N GLU L 257 -42.74 31.49 -14.83
CA GLU L 257 -44.13 31.53 -15.27
C GLU L 257 -44.27 31.21 -16.77
N ARG L 258 -43.18 31.26 -17.52
CA ARG L 258 -43.18 30.93 -18.94
C ARG L 258 -43.18 29.44 -19.21
N ILE L 259 -42.96 28.61 -18.20
CA ILE L 259 -42.97 27.15 -18.32
C ILE L 259 -44.33 26.66 -17.85
N ILE L 260 -44.98 25.84 -18.66
CA ILE L 260 -46.28 25.27 -18.32
C ILE L 260 -46.08 23.90 -17.68
N PRO L 261 -46.23 23.78 -16.37
CA PRO L 261 -46.10 22.46 -15.73
C PRO L 261 -47.31 21.59 -16.02
N GLY L 262 -47.14 20.28 -15.78
CA GLY L 262 -48.18 19.33 -16.15
C GLY L 262 -49.39 19.33 -15.22
N HIS L 263 -49.17 19.49 -13.92
CA HIS L 263 -50.23 19.20 -12.94
C HIS L 263 -50.14 20.10 -11.72
N ASP L 264 -49.98 21.39 -11.92
CA ASP L 264 -49.67 22.29 -10.82
C ASP L 264 -50.76 23.33 -10.66
N ALA L 265 -51.49 23.27 -9.53
CA ALA L 265 -52.51 24.28 -9.25
C ALA L 265 -51.92 25.69 -9.17
N GLU L 266 -50.59 25.83 -8.94
CA GLU L 266 -49.98 27.16 -8.91
C GLU L 266 -50.07 27.88 -10.25
N ILE L 267 -50.30 27.17 -11.36
CA ILE L 267 -50.35 27.88 -12.64
C ILE L 267 -51.48 28.91 -12.64
N TRP L 268 -52.56 28.64 -11.91
CA TRP L 268 -53.67 29.59 -11.80
C TRP L 268 -53.30 30.84 -11.00
N ASN L 269 -52.28 30.78 -10.15
CA ASN L 269 -51.84 31.93 -9.38
C ASN L 269 -50.84 32.82 -10.09
N ARG L 270 -50.35 32.40 -11.25
CA ARG L 270 -49.28 33.11 -11.93
C ARG L 270 -49.70 33.69 -13.29
N HIS L 271 -50.92 33.44 -13.74
CA HIS L 271 -51.38 33.91 -15.03
C HIS L 271 -52.83 34.38 -14.93
N ASN L 272 -53.20 35.25 -15.85
CA ASN L 272 -54.57 35.67 -16.06
C ASN L 272 -55.51 34.45 -16.07
N THR L 273 -56.30 34.26 -15.01
CA THR L 273 -57.14 33.08 -14.82
C THR L 273 -58.55 33.44 -14.40
N TRP L 274 -59.52 32.71 -14.95
CA TRP L 274 -60.92 32.69 -14.54
C TRP L 274 -61.37 31.22 -14.51
N THR L 275 -62.52 30.97 -13.92
CA THR L 275 -63.02 29.62 -13.72
C THR L 275 -64.27 29.35 -14.55
N ALA L 276 -64.49 28.07 -14.85
CA ALA L 276 -65.69 27.62 -15.53
C ALA L 276 -66.77 27.35 -14.50
N PRO L 277 -68.00 27.13 -14.95
CA PRO L 277 -69.10 26.93 -13.98
C PRO L 277 -68.80 25.85 -12.93
N ASN L 278 -68.21 24.73 -13.32
CA ASN L 278 -67.92 23.62 -12.42
C ASN L 278 -66.66 23.81 -11.60
N GLY L 279 -65.83 24.81 -11.90
CA GLY L 279 -64.63 25.08 -11.12
C GLY L 279 -63.34 24.99 -11.92
N ASN L 280 -63.35 24.25 -13.04
CA ASN L 280 -62.14 24.11 -13.85
C ASN L 280 -61.65 25.48 -14.32
N GLN L 281 -60.34 25.64 -14.32
CA GLN L 281 -59.71 26.93 -14.57
C GLN L 281 -59.38 27.10 -16.05
N ILE L 282 -59.25 28.37 -16.44
CA ILE L 282 -58.79 28.81 -17.76
C ILE L 282 -57.70 29.82 -17.51
N ALA L 283 -56.50 29.55 -18.02
CA ALA L 283 -55.39 30.49 -17.89
C ALA L 283 -55.05 31.02 -19.29
N GLU L 284 -55.11 32.34 -19.43
CA GLU L 284 -54.73 33.02 -20.67
C GLU L 284 -53.26 33.39 -20.51
N LEU L 285 -52.39 32.51 -21.01
CA LEU L 285 -50.95 32.69 -20.84
C LEU L 285 -50.43 33.82 -21.73
N ASN L 286 -50.89 33.86 -23.00
CA ASN L 286 -50.42 34.82 -23.97
C ASN L 286 -51.49 35.08 -25.02
N LEU L 287 -51.46 36.30 -25.55
CA LEU L 287 -52.35 36.74 -26.63
C LEU L 287 -51.49 37.31 -27.74
N LYS L 288 -51.57 36.72 -28.93
CA LYS L 288 -50.80 37.27 -30.05
C LYS L 288 -51.38 38.61 -30.44
N ASP L 289 -50.50 39.54 -30.83
CA ASP L 289 -50.87 40.86 -31.32
C ASP L 289 -52.17 40.81 -32.13
N GLY L 290 -53.20 41.51 -31.65
CA GLY L 290 -54.46 41.63 -32.35
C GLY L 290 -55.58 40.72 -31.87
N ASP L 291 -55.30 39.84 -30.92
CA ASP L 291 -56.28 38.94 -30.33
C ASP L 291 -56.88 39.57 -29.09
N THR L 292 -58.16 39.35 -28.92
CA THR L 292 -58.87 39.85 -27.76
C THR L 292 -59.01 38.75 -26.71
N SER L 293 -59.07 39.18 -25.46
CA SER L 293 -59.13 38.25 -24.35
C SER L 293 -60.43 37.47 -24.40
N ARG L 294 -60.40 36.27 -23.85
CA ARG L 294 -61.56 35.41 -23.76
C ARG L 294 -62.16 35.45 -22.36
N ARG L 295 -61.55 36.21 -21.46
CA ARG L 295 -62.07 36.36 -20.11
C ARG L 295 -63.45 37.01 -20.17
N PRO L 296 -64.43 36.49 -19.39
CA PRO L 296 -65.75 37.11 -19.26
C PRO L 296 -65.80 38.12 -18.09
C1 GOL M . 23.70 1.90 66.14
O1 GOL M . 22.81 1.17 66.96
C2 GOL M . 25.17 1.70 66.62
O2 GOL M . 26.05 1.93 65.55
C3 GOL M . 25.35 2.68 67.83
O3 GOL M . 24.60 2.16 68.90
H11 GOL M . 23.50 2.85 66.15
H12 GOL M . 23.65 1.63 65.21
HO1 GOL M . 23.15 1.20 67.75
H2 GOL M . 25.34 0.80 66.94
HO2 GOL M . 26.80 1.58 65.74
H31 GOL M . 25.07 3.57 67.55
H32 GOL M . 26.30 2.75 68.02
HO3 GOL M . 24.91 1.39 69.07
ZN ZN N . 27.13 3.96 63.96
ZN ZN O . 25.29 1.98 61.58
C1 GOL P . 23.85 -23.39 60.41
O1 GOL P . 23.50 -24.01 59.19
C2 GOL P . 25.29 -23.85 60.72
O2 GOL P . 26.01 -22.89 61.43
C3 GOL P . 25.15 -25.16 61.62
O3 GOL P . 24.90 -24.77 62.99
H11 GOL P . 23.27 -23.63 61.15
H12 GOL P . 23.83 -22.41 60.36
HO1 GOL P . 23.97 -23.59 58.57
H2 GOL P . 25.73 -24.02 59.88
HO2 GOL P . 26.27 -23.25 62.16
H31 GOL P . 25.96 -25.69 61.53
H32 GOL P . 24.44 -25.72 61.26
HO3 GOL P . 25.61 -24.96 63.45
ZN ZN Q . 21.66 -24.71 58.00
ZN ZN R . 23.01 -21.82 56.18
C1 GOL S . 0.11 25.26 32.86
O1 GOL S . -0.48 24.21 33.58
C2 GOL S . 1.55 25.48 33.42
O2 GOL S . 1.57 26.64 34.19
C3 GOL S . 1.96 24.20 34.25
O3 GOL S . 2.32 23.22 33.31
H11 GOL S . -0.38 26.08 32.93
H12 GOL S . 0.17 25.07 31.91
HO1 GOL S . -0.79 23.69 33.02
H2 GOL S . 2.19 25.56 32.70
HO2 GOL S . 1.81 26.42 34.98
H31 GOL S . 1.21 23.95 34.82
H32 GOL S . 2.67 24.44 34.86
HO3 GOL S . 1.63 22.71 33.24
ZN ZN T . -0.04 20.02 34.24
ZN ZN U . 3.20 18.91 33.94
ZN ZN V . 19.80 21.76 12.46
ZN ZN W . 18.62 18.94 14.40
C1 GOL X . 15.29 22.12 11.34
O1 GOL X . 14.44 22.25 10.24
C2 GOL X . 15.56 23.51 11.90
O2 GOL X . 16.16 23.37 13.17
C3 GOL X . 16.52 24.32 11.02
O3 GOL X . 15.77 25.23 10.27
H11 GOL X . 16.12 21.71 11.07
H12 GOL X . 14.86 21.58 12.02
HO1 GOL X . 14.88 22.12 9.52
H2 GOL X . 14.73 24.00 12.00
HO2 GOL X . 15.87 22.67 13.53
H31 GOL X . 17.15 24.81 11.58
H32 GOL X . 16.99 23.73 10.43
HO3 GOL X . 15.79 25.01 9.45
C1 GOL Y . 26.03 -20.96 0.02
O1 GOL Y . 25.51 -22.24 0.22
C2 GOL Y . 26.50 -20.38 1.40
O2 GOL Y . 27.34 -19.30 1.25
C3 GOL Y . 25.17 -20.14 2.11
O3 GOL Y . 25.49 -19.57 3.32
H11 GOL Y . 25.39 -20.35 -0.37
H12 GOL Y . 26.80 -20.96 -0.58
HO1 GOL Y . 24.63 -22.12 0.26
H2 GOL Y . 27.03 -20.99 1.95
HO2 GOL Y . 26.87 -18.68 0.91
H31 GOL Y . 24.61 -19.58 1.55
H32 GOL Y . 24.69 -20.97 2.19
HO3 GOL Y . 25.74 -18.78 3.12
ZN ZN Z . 21.41 -20.44 3.89
ZN ZN AA . 23.20 -18.45 6.39
C1 GOL BA . 43.94 -30.32 18.50
O1 GOL BA . 43.94 -31.58 19.07
C2 GOL BA . 43.54 -29.31 19.63
O2 GOL BA . 43.95 -28.02 19.32
C3 GOL BA . 42.00 -29.48 19.82
O3 GOL BA . 41.52 -28.21 20.03
H11 GOL BA . 43.30 -30.23 17.76
H12 GOL BA . 44.80 -30.07 18.12
HO1 GOL BA . 43.91 -32.14 18.42
H2 GOL BA . 43.98 -29.53 20.48
HO2 GOL BA . 43.41 -27.49 19.67
H31 GOL BA . 41.83 -30.09 20.55
H32 GOL BA . 41.63 -29.91 19.03
HO3 GOL BA . 41.63 -27.78 19.29
ZN ZN CA . 44.62 -25.76 21.54
ZN ZN DA . 41.14 -24.67 22.12
C1 GOL EA . -26.96 -0.42 -67.90
O1 GOL EA . -26.51 -1.34 -68.88
C2 GOL EA . -26.25 -0.77 -66.55
O2 GOL EA . -27.04 -0.55 -65.43
C3 GOL EA . -25.87 -2.27 -66.71
O3 GOL EA . -26.16 -2.86 -65.46
H11 GOL EA . -27.92 -0.45 -67.77
H12 GOL EA . -26.77 0.51 -68.13
HO1 GOL EA . -26.79 -1.07 -69.62
H2 GOL EA . -25.45 -0.21 -66.42
HO2 GOL EA . -27.20 0.27 -65.41
H31 GOL EA . -24.94 -2.35 -66.98
H32 GOL EA . -26.38 -2.65 -67.45
HO3 GOL EA . -25.58 -2.55 -64.93
C1 GOL FA . -39.52 5.25 -71.70
O1 GOL FA . -39.11 4.52 -72.84
C2 GOL FA . -39.58 4.36 -70.41
O2 GOL FA . -39.43 5.19 -69.28
C3 GOL FA . -40.93 3.60 -70.53
O3 GOL FA . -41.65 3.89 -69.37
H11 GOL FA . -40.40 5.64 -71.83
H12 GOL FA . -38.93 6.00 -71.53
HO1 GOL FA . -38.88 3.75 -72.59
H2 GOL FA . -38.87 3.70 -70.35
HO2 GOL FA . -38.62 5.07 -68.99
H31 GOL FA . -40.74 2.65 -70.63
H32 GOL FA . -41.38 3.87 -71.34
HO3 GOL FA . -41.07 3.87 -68.75
ZN ZN GA . -25.89 2.94 -64.90
ZN ZN HA . -25.70 1.51 -61.67
C1 GOL IA . -47.59 -12.32 -53.02
O1 GOL IA . -47.03 -13.55 -53.46
C2 GOL IA . -46.35 -11.39 -52.94
O2 GOL IA . -46.65 -10.02 -53.10
C3 GOL IA . -45.74 -11.60 -51.49
O3 GOL IA . -44.59 -12.45 -51.56
H11 GOL IA . -48.04 -12.38 -52.16
H12 GOL IA . -48.26 -11.96 -53.62
HO1 GOL IA . -47.64 -13.99 -53.82
H2 GOL IA . -45.75 -11.65 -53.65
HO2 GOL IA . -47.13 -9.77 -52.45
H31 GOL IA . -46.44 -11.97 -50.92
H32 GOL IA . -45.54 -10.73 -51.12
HO3 GOL IA . -43.92 -11.93 -51.62
ZN ZN JA . -44.02 -14.36 -48.91
ZN ZN KA . -42.12 -11.42 -48.23
C1 GOL LA . 13.20 1.67 -41.60
O1 GOL LA . 13.71 0.65 -40.79
C2 GOL LA . 11.83 2.05 -40.97
O2 GOL LA . 11.04 2.67 -41.92
C3 GOL LA . 11.23 0.71 -40.42
O3 GOL LA . 9.85 0.94 -40.24
H11 GOL LA . 13.07 1.39 -42.52
H12 GOL LA . 13.77 2.45 -41.65
HO1 GOL LA . 14.40 0.35 -41.18
H2 GOL LA . 11.92 2.68 -40.24
HO2 GOL LA . 11.54 3.16 -42.40
H31 GOL LA . 11.69 0.47 -39.61
H32 GOL LA . 11.43 -0.01 -41.05
HO3 GOL LA . 9.70 1.73 -40.54
ZN ZN MA . 9.03 -2.37 -39.93
ZN ZN NA . 6.22 -0.25 -39.58
C1 GOL OA . 8.10 19.37 -21.55
O1 GOL OA . 9.10 20.31 -21.38
C2 GOL OA . 8.53 18.17 -20.64
O2 GOL OA . 9.24 18.62 -19.50
C3 GOL OA . 7.19 17.49 -20.27
O3 GOL OA . 6.32 17.55 -21.40
H11 GOL OA . 8.02 19.07 -22.48
H12 GOL OA . 7.23 19.69 -21.30
HO1 GOL OA . 9.81 19.86 -21.17
H2 GOL OA . 9.12 17.55 -21.09
HO2 GOL OA . 8.90 18.22 -18.81
H31 GOL OA . 6.82 17.94 -19.49
H32 GOL OA . 7.38 16.59 -19.99
HO3 GOL OA . 6.78 17.38 -22.08
ZN ZN PA . 4.05 21.06 -22.42
ZN ZN QA . 2.32 18.18 -22.99
C1 GOL RA . -29.78 6.12 0.96
O1 GOL RA . -29.82 7.08 -0.10
C2 GOL RA . -29.73 6.99 2.19
O2 GOL RA . -30.32 8.27 1.90
C3 GOL RA . -30.46 6.23 3.31
O3 GOL RA . -30.73 7.27 4.19
H11 GOL RA . -29.01 5.53 0.92
H12 GOL RA . -30.56 5.54 0.98
HO1 GOL RA . -29.06 7.48 -0.11
H2 GOL RA . -28.80 7.13 2.48
HO2 GOL RA . -29.93 8.87 2.34
H31 GOL RA . -29.91 5.53 3.67
H32 GOL RA . -31.25 5.78 2.96
HO3 GOL RA . -29.97 7.53 4.47
ZN ZN SA . -27.78 3.45 0.42
ZN ZN TA . -27.91 5.02 -2.85
C1 GOL UA . -50.19 11.46 -13.94
O1 GOL UA . -49.80 10.06 -14.01
C2 GOL UA . -51.18 11.63 -12.74
O2 GOL UA . -52.09 12.66 -12.97
C3 GOL UA . -51.84 10.22 -12.59
O3 GOL UA . -53.15 10.44 -12.08
H11 GOL UA . -50.61 11.75 -14.75
H12 GOL UA . -49.42 12.04 -13.81
HO1 GOL UA . -50.05 9.76 -14.77
H2 GOL UA . -50.71 11.89 -11.94
HO2 GOL UA . -52.86 12.36 -12.81
H31 GOL UA . -51.29 9.68 -12.01
H32 GOL UA . -51.84 9.77 -13.45
HO3 GOL UA . -53.22 9.92 -11.41
ZN ZN VA . -49.77 13.74 -16.75
ZN ZN WA . -46.91 11.46 -17.20
#